data_8U8A
#
_entry.id   8U8A
#
_cell.length_a   1.00
_cell.length_b   1.00
_cell.length_c   1.00
_cell.angle_alpha   90.00
_cell.angle_beta   90.00
_cell.angle_gamma   90.00
#
_symmetry.space_group_name_H-M   'P 1'
#
loop_
_entity.id
_entity.type
_entity.pdbx_description
1 polymer 'Leucine-rich repeat serine/threonine-protein kinase 2'
2 non-polymer '3-(imidazo[1,2-b]pyridazin-3-ylethynyl)-4-methyl-N-{4-[(4-methylpiperazin-1-yl)methyl]-3-(trifluoromethyl)phenyl}benzam ide'
3 non-polymer "GUANOSINE-5'-DIPHOSPHATE"
#
_entity_poly.entity_id   1
_entity_poly.type   'polypeptide(L)'
_entity_poly.pdbx_seq_one_letter_code
;MASGSCQGCEEDEETLKKLIVRLNNVQEGKQIETLVQILEDLLVFTYSEHASKLFQGKNIHVPLLIVLDSYMRVASVQQV
GWSLLCKLIEVCPGTMQSLMGPQDVGNDWEVLGVHQLILKMLTVHNASVNLSVIGLKTLDLLLTSGKITLLILDEESDIF
MLIFDAMHSFPANDEVQKLGCKALHVLFERVSEEQLTEFVENKDYMILLSALTNFKDEEEIVLHVLHCLHSLAIPCNNVE
VLMSGNVRCYNIVVEAMKAFPMSERIQEVSCCLLHRLTLGNFFNILVLNEVHEFVVKAVQQYPENAALQISALSCLALLT
ETIFLNQDLEEKNENQENDDEGEEDKLFWLEACYKALTWHRKNKHVQEAACWALNNLLMYQNSLHEKIGDEDGHFPAHRE
VMLSMLMHSSSKEVFQASANALSTLLEQNVNFRKILLSKGIHLNVLELMQKHIHSPEVAESGCKMLNHLFEGSNTSLDIM
AAVVPKILTVMKRHETSLPVQLEALRAILHFIVPGMPEESREDTEFHHKLNMVKKQCFKNDIHKLVLAALNRFIGNPGIQ
KCGLKVISSIVHFPDALEMLSLEGAMDSVLHTLQMYPDDQEIQCLGLSLIGYLITKKNVFIGTGHLLAKILVSSLYRFKD
VAEIQTKGFQTILAILKLSASFSKLLVHHSFDLVIFHQMSSNIMEQKDQQFLNLCCKCFAKVAMDDYLKNVMLERACDQN
NSIMVECLLLLGADANQAKEGSSLICQVCEKESSPKLVELLLNSGSREQDVRKALTISIGKGDSQIISLLLRRLALDVAN
NSICLGGFCIGKVEPSWLGPLFPDKTSNLRKQTNIASTLARMVIRYQMKSAVEEGTASGSDGNFSEDVLSKFDEWTFIPD
SSMDSVFAQSDDLDSEGSEGSFLVKKKSNSISVGEFYRDAVLQRCSPNLQRHSNSLGPIFDHEDLLKRKRKILSSDDSLR
SSKLQSHMRHSDSISSLASEREYITSLDLSANELRDIDALSQKCCISVHLEHLEKLELHQNALTSFPQQLCETLKSLTHL
DLHSNKFTSFPSYLLKMSCIANLDVSRNDIGPSVVLDPTVKCPTLKQFNLSYNQLSFVPENLTDVVEKLEQLILEGNKIS
GICSPLRLKELKILNLSKNHISSLSENFLEACPKVESFSARMNFLAAMPFLPPSMTILKLSQNKFSCIPEAILNLPHLRS
LDMSSNDIQYLPGPAHWKSLNLRELLFSHNQISILDLSEKAYLWSRVEKLHLSHNKLKEIPPEIGCLENLTSLDVSYNLE
LRSFPNEMGKLSKIWDLPLDELHLNFDFKHIGCKAKDIIRFLQQRLKKAVPYNRMKLMIVGNTGSGKTTLLQQLMKTKKS
DLGMQSATVGIDVKDWPIQIRDKRKRDLVLNVWDFAGREEFYSTHPHFMTQRALYLAVYDLSKGQAEVDAMKPWLFNIKA
RASSSPVILVGTHLDVSDEKQRKACMSKITKELLNKRGFPAIRDYHFVNATEESDALAKLRKTIINESLNFKIRDQLVVG
QLIPDCYVELEKIILSERKNVPIEFPVIDRKRLLQLVRENQLQLDENELPHAVHFLNESGVLLHFQDPALQLSDLYFVEP
KWLCKIMAQILTVKVEGCPKHPKGIISRRDVEKFLSKKRKFPKNYMTQYFKLLEKFQIALPIGEEYLLVPSSLSDHRPVI
ELPHCENSEIIIRLYEMPYFPMGFWSRLINRLLEISPYMLSGRERALRPNRMYWRQGIYLNWSPEAYCLVGSEVLDNHPE
SFLKITVPSCRKGCILLGQVVDHIDSLMEEWFPGLLEIDICGEGETLLKKWALYSFNDGEEHQKILLDDLMKKAEEGDLL
VNPDQPRLTIPISQIAPDLILADLPRNIMLNNDELEFEQAPEFLLGDGSFGSVYRAAYEGEEVAVKIFNKHTSLRLLRQE
LVVLCHLHHPSLISLLAAGIRPRMLVMELASKGSLDRLLQQDKASLTRTLQHRIALHVADGLRYLHSAMIIYRDLKPHNV
LLFTLYPNAAIIAKIADYGIAQYCCRMGIKTSEGTPGFRAPEVARGNVIYNQQADVYSFGLLLYDILTTGGRIVEGLKFP
NEFDELEIQGKLPDPVKEYGCAPWPMVEKLIKQCLKENPQERPTSAQVFDILNSAELVCLTRRILLPKNVIVECMVATHH
NSRNASIWLGCGHTDRGQLSFLDLNTEGYTSEEVADSRILCLALVHLPVEKESWIVSGTQSGTLLVINTEDGKKRHTLEK
MTDSVTCLYCNSFSKQSKQKNFLLVGTADGKLAIFEDKTVKLKGAAPLKILNIGNVSTPLMCLSESTNSTERNVMWGGCG
TKIFSFSNDFTIQKLIETRTSQLFSYAAFSDSNIITVVVDTALYIAKQNSPVVEVWDKKTEKLCGLIDCVHFLREVTVKE
NKESKHKMSYSGRVKTLCLQKNTALWIGTGGGHILLLDLSTRRLIRVIYNFCNSVRVMMTAQLGSLKNVMLVLGYNRKNT
EGTQKQKEIQSCLTVWDINLPHEVQNLEKHIEVRKELAEKMRRTSVE
;
_entity_poly.pdbx_strand_id   B,C
#
loop_
_chem_comp.id
_chem_comp.type
_chem_comp.name
_chem_comp.formula
0LI non-polymer '3-(imidazo[1,2-b]pyridazin-3-ylethynyl)-4-methyl-N-{4-[(4-methylpiperazin-1-yl)methyl]-3-(trifluoromethyl)phenyl}benzam ide' 'C29 H27 F3 N6 O'
GDP RNA linking GUANOSINE-5'-DIPHOSPHATE 'C10 H15 N5 O11 P2'
#
# COMPACT_ATOMS: atom_id res chain seq x y z
N GLY A 558 12.93 -60.07 11.63
CA GLY A 558 13.36 -60.76 10.43
C GLY A 558 12.22 -61.41 9.68
N ILE A 559 11.18 -61.80 10.42
CA ILE A 559 10.00 -62.44 9.83
C ILE A 559 9.19 -61.50 8.96
N GLN A 560 9.48 -60.19 9.00
CA GLN A 560 8.74 -59.23 8.21
C GLN A 560 8.92 -59.43 6.71
N LYS A 561 9.99 -60.09 6.27
CA LYS A 561 10.18 -60.36 4.85
C LYS A 561 9.13 -61.34 4.34
N CYS A 562 9.04 -62.52 4.99
CA CYS A 562 8.01 -63.47 4.60
C CYS A 562 6.61 -62.96 4.93
N GLY A 563 6.49 -62.10 5.94
CA GLY A 563 5.22 -61.44 6.19
C GLY A 563 4.79 -60.57 5.03
N LEU A 564 5.73 -59.80 4.47
CA LEU A 564 5.43 -59.02 3.28
C LEU A 564 5.19 -59.92 2.08
N LYS A 565 5.78 -61.12 2.07
CA LYS A 565 5.47 -62.10 1.04
C LYS A 565 3.99 -62.53 1.12
N VAL A 566 3.52 -62.82 2.34
CA VAL A 566 2.11 -63.14 2.53
C VAL A 566 1.24 -61.94 2.16
N ILE A 567 1.72 -60.73 2.45
CA ILE A 567 0.99 -59.52 2.05
C ILE A 567 0.88 -59.45 0.53
N SER A 568 1.98 -59.69 -0.17
CA SER A 568 1.96 -59.74 -1.63
C SER A 568 1.00 -60.81 -2.13
N SER A 569 0.86 -61.89 -1.37
CA SER A 569 -0.11 -62.93 -1.72
C SER A 569 -1.54 -62.43 -1.56
N ILE A 570 -1.82 -61.62 -0.52
CA ILE A 570 -3.20 -61.25 -0.24
C ILE A 570 -3.67 -60.02 -1.02
N VAL A 571 -2.75 -59.17 -1.51
CA VAL A 571 -3.16 -57.98 -2.26
C VAL A 571 -3.90 -58.31 -3.55
N HIS A 572 -3.74 -59.53 -4.08
CA HIS A 572 -4.46 -59.90 -5.29
C HIS A 572 -5.93 -60.12 -5.04
N PHE A 573 -6.33 -60.34 -3.78
CA PHE A 573 -7.73 -60.56 -3.48
C PHE A 573 -8.50 -59.25 -3.60
N PRO A 574 -9.75 -59.29 -4.08
CA PRO A 574 -10.56 -58.07 -4.14
C PRO A 574 -10.85 -57.52 -2.75
N ASP A 575 -10.93 -56.19 -2.68
CA ASP A 575 -11.22 -55.45 -1.45
C ASP A 575 -10.19 -55.79 -0.36
N ALA A 576 -8.93 -55.46 -0.65
CA ALA A 576 -7.85 -55.68 0.31
C ALA A 576 -7.90 -54.71 1.49
N LEU A 577 -8.74 -53.69 1.41
CA LEU A 577 -8.88 -52.71 2.50
C LEU A 577 -9.90 -53.19 3.52
N GLY A 584 -5.75 -48.93 7.95
CA GLY A 584 -5.09 -49.20 6.68
C GLY A 584 -3.75 -49.90 6.83
N ALA A 585 -3.47 -50.82 5.91
CA ALA A 585 -2.22 -51.57 5.94
C ALA A 585 -1.05 -50.80 5.34
N MET A 586 -1.28 -49.63 4.76
CA MET A 586 -0.20 -48.85 4.14
C MET A 586 0.77 -48.32 5.18
N ASP A 587 0.26 -47.85 6.32
CA ASP A 587 1.14 -47.33 7.37
C ASP A 587 2.05 -48.43 7.91
N SER A 588 1.53 -49.65 8.03
CA SER A 588 2.33 -50.76 8.55
C SER A 588 3.50 -51.07 7.62
N VAL A 589 3.21 -51.35 6.34
CA VAL A 589 4.27 -51.67 5.40
C VAL A 589 5.21 -50.50 5.21
N LEU A 590 4.70 -49.26 5.35
CA LEU A 590 5.57 -48.09 5.29
C LEU A 590 6.55 -48.08 6.45
N HIS A 591 6.08 -48.39 7.66
CA HIS A 591 6.96 -48.46 8.82
C HIS A 591 7.98 -49.57 8.66
N THR A 592 7.58 -50.70 8.09
CA THR A 592 8.54 -51.79 7.85
C THR A 592 9.59 -51.39 6.83
N LEU A 593 9.16 -50.76 5.72
CA LEU A 593 10.10 -50.30 4.71
C LEU A 593 11.07 -49.27 5.28
N GLN A 594 10.57 -48.37 6.12
CA GLN A 594 11.47 -47.44 6.81
C GLN A 594 12.39 -48.18 7.78
N MET A 595 11.95 -49.32 8.29
CA MET A 595 12.79 -50.14 9.16
C MET A 595 13.74 -51.01 8.36
N TYR A 596 13.23 -51.70 7.35
CA TYR A 596 14.04 -52.58 6.52
C TYR A 596 14.30 -51.92 5.18
N PRO A 597 15.52 -51.44 4.91
CA PRO A 597 15.77 -50.69 3.67
C PRO A 597 15.84 -51.55 2.41
N ASP A 598 16.49 -52.71 2.49
CA ASP A 598 16.86 -53.46 1.29
C ASP A 598 15.82 -54.51 0.90
N ASP A 599 15.55 -55.46 1.79
CA ASP A 599 14.76 -56.63 1.42
C ASP A 599 13.28 -56.25 1.23
N GLN A 600 12.73 -55.47 2.16
CA GLN A 600 11.34 -55.07 2.06
C GLN A 600 11.08 -54.21 0.81
N GLU A 601 12.02 -53.32 0.49
CA GLU A 601 11.87 -52.48 -0.71
C GLU A 601 11.86 -53.31 -1.98
N ILE A 602 12.53 -54.46 -1.99
CA ILE A 602 12.52 -55.35 -3.15
C ILE A 602 11.12 -55.84 -3.46
N GLN A 603 10.26 -55.95 -2.44
CA GLN A 603 8.88 -56.36 -2.63
C GLN A 603 7.89 -55.23 -2.39
N CYS A 604 8.38 -54.02 -2.16
CA CYS A 604 7.52 -52.85 -1.96
C CYS A 604 6.73 -52.47 -3.21
N LEU A 605 6.97 -53.12 -4.35
CA LEU A 605 6.14 -52.93 -5.52
C LEU A 605 4.68 -53.27 -5.26
N GLY A 606 4.40 -54.11 -4.27
CA GLY A 606 3.04 -54.43 -3.88
C GLY A 606 2.24 -53.25 -3.37
N LEU A 607 2.90 -52.12 -3.09
CA LEU A 607 2.21 -50.91 -2.64
C LEU A 607 1.25 -50.43 -3.73
N SER A 608 -0.04 -50.61 -3.49
CA SER A 608 -1.07 -50.20 -4.42
C SER A 608 -1.62 -48.83 -4.01
N LEU A 609 -2.73 -48.43 -4.61
CA LEU A 609 -3.38 -47.17 -4.28
C LEU A 609 -3.97 -47.28 -2.88
N ILE A 610 -3.25 -46.72 -1.91
CA ILE A 610 -3.70 -46.69 -0.53
C ILE A 610 -3.58 -45.27 -0.01
N GLY A 611 -4.49 -44.89 0.88
CA GLY A 611 -4.52 -43.54 1.41
C GLY A 611 -5.28 -42.53 0.57
N TYR A 612 -5.85 -42.95 -0.55
CA TYR A 612 -6.63 -42.06 -1.40
C TYR A 612 -7.89 -42.75 -1.90
N THR A 623 -1.70 -38.43 2.55
CA THR A 623 -1.28 -37.05 2.34
C THR A 623 0.02 -36.76 3.07
N GLY A 624 0.58 -37.78 3.71
CA GLY A 624 1.82 -37.63 4.43
C GLY A 624 3.00 -37.49 3.48
N HIS A 625 3.74 -36.37 3.58
CA HIS A 625 4.92 -36.19 2.75
C HIS A 625 6.02 -37.20 3.11
N LEU A 626 6.02 -37.67 4.36
CA LEU A 626 7.00 -38.67 4.79
C LEU A 626 6.91 -39.95 3.98
N LEU A 627 5.71 -40.34 3.53
CA LEU A 627 5.57 -41.55 2.74
C LEU A 627 6.26 -41.41 1.38
N ALA A 628 6.01 -40.29 0.69
CA ALA A 628 6.67 -40.05 -0.59
C ALA A 628 8.17 -39.90 -0.41
N LYS A 629 8.59 -39.20 0.65
CA LYS A 629 10.01 -39.09 0.93
C LYS A 629 10.64 -40.45 1.15
N ILE A 630 9.94 -41.34 1.86
CA ILE A 630 10.44 -42.69 2.09
C ILE A 630 10.53 -43.45 0.78
N LEU A 631 9.53 -43.29 -0.09
CA LEU A 631 9.54 -43.97 -1.38
C LEU A 631 10.73 -43.54 -2.23
N VAL A 632 10.92 -42.24 -2.38
CA VAL A 632 12.00 -41.75 -3.23
C VAL A 632 13.35 -42.05 -2.59
N SER A 633 13.45 -41.97 -1.26
CA SER A 633 14.71 -42.27 -0.59
C SER A 633 15.05 -43.75 -0.69
N SER A 634 14.03 -44.62 -0.66
CA SER A 634 14.29 -46.05 -0.87
C SER A 634 14.77 -46.31 -2.29
N LEU A 635 14.15 -45.63 -3.26
CA LEU A 635 14.59 -45.78 -4.65
C LEU A 635 16.04 -45.31 -4.81
N TYR A 636 16.39 -44.20 -4.18
CA TYR A 636 17.71 -43.59 -4.39
C TYR A 636 18.80 -44.26 -3.56
N ARG A 637 18.46 -44.81 -2.39
CA ARG A 637 19.45 -45.39 -1.49
C ARG A 637 20.22 -46.53 -2.16
N PHE A 638 19.54 -47.35 -2.95
CA PHE A 638 20.22 -48.37 -3.73
C PHE A 638 20.52 -47.84 -5.13
N LYS A 639 19.48 -47.47 -5.88
CA LYS A 639 19.57 -46.88 -7.21
C LYS A 639 20.38 -47.72 -8.20
N ASP A 640 20.59 -49.01 -7.90
CA ASP A 640 21.39 -49.86 -8.77
C ASP A 640 20.78 -51.23 -8.98
N VAL A 641 19.55 -51.47 -8.51
CA VAL A 641 18.85 -52.72 -8.73
C VAL A 641 17.80 -52.49 -9.81
N ALA A 642 17.96 -53.21 -10.92
CA ALA A 642 17.15 -53.00 -12.13
C ALA A 642 15.65 -53.07 -11.84
N GLU A 643 15.23 -54.06 -11.07
CA GLU A 643 13.80 -54.31 -10.92
C GLU A 643 13.12 -53.28 -10.02
N ILE A 644 13.78 -52.86 -8.94
CA ILE A 644 13.14 -51.95 -8.01
C ILE A 644 12.95 -50.59 -8.64
N GLN A 645 13.84 -50.20 -9.57
CA GLN A 645 13.69 -48.93 -10.27
C GLN A 645 12.41 -48.90 -11.09
N THR A 646 12.20 -49.93 -11.92
CA THR A 646 11.00 -50.01 -12.74
C THR A 646 9.75 -50.16 -11.88
N LYS A 647 9.82 -50.95 -10.81
CA LYS A 647 8.68 -51.13 -9.93
C LYS A 647 8.29 -49.81 -9.28
N GLY A 648 9.26 -49.10 -8.71
CA GLY A 648 8.99 -47.83 -8.09
C GLY A 648 8.52 -46.78 -9.08
N PHE A 649 9.00 -46.86 -10.32
CA PHE A 649 8.53 -45.93 -11.34
C PHE A 649 7.08 -46.20 -11.70
N GLN A 650 6.70 -47.47 -11.81
CA GLN A 650 5.28 -47.81 -12.01
C GLN A 650 4.44 -47.31 -10.82
N THR A 651 4.96 -47.47 -9.60
CA THR A 651 4.22 -47.04 -8.41
C THR A 651 4.02 -45.53 -8.40
N ILE A 652 5.09 -44.78 -8.65
CA ILE A 652 4.99 -43.33 -8.62
C ILE A 652 4.11 -42.85 -9.77
N LEU A 653 4.15 -43.53 -10.93
CA LEU A 653 3.25 -43.19 -12.02
C LEU A 653 1.80 -43.38 -11.62
N ALA A 654 1.50 -44.49 -10.95
CA ALA A 654 0.14 -44.73 -10.48
C ALA A 654 -0.32 -43.65 -9.50
N ILE A 655 0.55 -43.31 -8.54
CA ILE A 655 0.09 -42.39 -7.50
C ILE A 655 -0.02 -40.96 -8.06
N LEU A 656 0.84 -40.58 -9.01
CA LEU A 656 0.67 -39.27 -9.63
C LEU A 656 -0.57 -39.23 -10.52
N LYS A 657 -0.91 -40.36 -11.15
CA LYS A 657 -2.19 -40.44 -11.85
C LYS A 657 -3.34 -40.31 -10.86
N LEU A 658 -3.15 -40.74 -9.62
CA LEU A 658 -4.18 -40.59 -8.61
C LEU A 658 -4.32 -39.13 -8.18
N SER A 659 -3.19 -38.43 -8.03
CA SER A 659 -3.23 -37.04 -7.58
C SER A 659 -2.11 -36.26 -8.24
N ALA A 660 -2.46 -35.14 -8.88
CA ALA A 660 -1.48 -34.27 -9.51
C ALA A 660 -0.68 -33.46 -8.49
N SER A 661 -1.23 -33.25 -7.30
CA SER A 661 -0.49 -32.57 -6.24
C SER A 661 0.73 -33.37 -5.78
N PHE A 662 0.75 -34.68 -6.07
CA PHE A 662 1.91 -35.50 -5.76
C PHE A 662 3.15 -35.03 -6.51
N SER A 663 2.96 -34.51 -7.73
CA SER A 663 4.10 -34.04 -8.53
C SER A 663 4.84 -32.90 -7.85
N LYS A 664 4.09 -31.98 -7.21
CA LYS A 664 4.71 -30.86 -6.52
C LYS A 664 5.67 -31.34 -5.44
N LEU A 665 5.15 -32.12 -4.49
CA LEU A 665 5.99 -32.65 -3.42
C LEU A 665 7.08 -33.57 -3.96
N LEU A 666 6.82 -34.25 -5.08
CA LEU A 666 7.78 -35.16 -5.67
C LEU A 666 9.01 -34.39 -6.14
N VAL A 667 8.81 -33.40 -7.00
CA VAL A 667 9.91 -32.56 -7.46
C VAL A 667 10.46 -31.72 -6.31
N HIS A 668 9.69 -31.57 -5.23
CA HIS A 668 10.13 -30.80 -4.08
C HIS A 668 11.21 -31.55 -3.29
N HIS A 669 10.97 -32.83 -3.02
CA HIS A 669 11.85 -33.53 -2.07
C HIS A 669 13.14 -34.02 -2.71
N SER A 670 13.04 -35.02 -3.60
CA SER A 670 14.27 -35.60 -4.14
C SER A 670 14.20 -36.07 -5.58
N PHE A 671 13.12 -35.78 -6.34
CA PHE A 671 12.89 -36.42 -7.64
C PHE A 671 14.07 -36.21 -8.59
N ASP A 672 14.67 -35.02 -8.58
CA ASP A 672 15.77 -34.73 -9.48
C ASP A 672 16.98 -35.61 -9.19
N LEU A 673 17.32 -35.76 -7.89
CA LEU A 673 18.55 -36.44 -7.49
C LEU A 673 18.59 -37.88 -8.00
N VAL A 674 17.43 -38.51 -8.16
CA VAL A 674 17.36 -39.87 -8.66
C VAL A 674 17.08 -39.90 -10.16
N ILE A 675 16.27 -38.97 -10.67
CA ILE A 675 15.87 -39.00 -12.06
C ILE A 675 17.06 -38.67 -12.98
N PHE A 676 17.76 -37.58 -12.67
CA PHE A 676 18.93 -37.23 -13.48
C PHE A 676 19.99 -38.31 -13.39
N HIS A 677 20.15 -38.91 -12.20
CA HIS A 677 21.14 -39.97 -12.03
C HIS A 677 20.81 -41.18 -12.87
N GLN A 678 19.55 -41.59 -12.91
CA GLN A 678 19.20 -42.79 -13.67
C GLN A 678 19.18 -42.52 -15.17
N MET A 679 18.72 -41.35 -15.59
CA MET A 679 18.64 -41.04 -17.01
C MET A 679 19.98 -40.62 -17.60
N SER A 680 20.95 -40.26 -16.77
CA SER A 680 22.27 -39.88 -17.28
C SER A 680 23.32 -40.97 -17.10
N SER A 681 22.99 -42.06 -16.42
CA SER A 681 23.93 -43.16 -16.21
C SER A 681 23.82 -44.17 -17.36
N ASN A 682 24.10 -43.66 -18.57
CA ASN A 682 24.07 -44.44 -19.81
C ASN A 682 22.72 -45.13 -20.00
N ILE A 683 21.65 -44.35 -19.84
CA ILE A 683 20.30 -44.88 -20.02
C ILE A 683 20.08 -45.31 -21.47
N MET A 684 20.78 -44.69 -22.41
CA MET A 684 20.72 -45.09 -23.80
C MET A 684 21.63 -46.30 -24.02
N GLU A 685 21.62 -46.80 -25.26
CA GLU A 685 22.44 -47.95 -25.69
C GLU A 685 22.15 -49.20 -24.86
N GLN A 686 20.92 -49.31 -24.36
CA GLN A 686 20.49 -50.47 -23.58
C GLN A 686 19.10 -50.87 -24.03
N LYS A 687 18.84 -52.19 -24.06
CA LYS A 687 17.54 -52.72 -24.49
C LYS A 687 16.52 -52.59 -23.36
N ASP A 688 16.30 -51.34 -22.95
CA ASP A 688 15.35 -51.01 -21.89
C ASP A 688 14.27 -50.09 -22.45
N GLN A 689 13.73 -50.43 -23.62
CA GLN A 689 12.78 -49.55 -24.30
C GLN A 689 11.53 -49.29 -23.46
N GLN A 690 11.00 -50.33 -22.81
CA GLN A 690 9.86 -50.13 -21.91
C GLN A 690 10.26 -49.29 -20.70
N PHE A 691 11.47 -49.50 -20.18
CA PHE A 691 11.97 -48.70 -19.07
C PHE A 691 12.01 -47.22 -19.43
N LEU A 692 12.67 -46.89 -20.54
CA LEU A 692 12.70 -45.52 -21.01
C LEU A 692 11.29 -44.99 -21.25
N ASN A 693 10.39 -45.83 -21.77
CA ASN A 693 9.02 -45.41 -22.02
C ASN A 693 8.35 -44.97 -20.72
N LEU A 694 8.51 -45.76 -19.66
CA LEU A 694 7.92 -45.39 -18.37
C LEU A 694 8.55 -44.13 -17.81
N CYS A 695 9.88 -43.99 -17.93
CA CYS A 695 10.53 -42.78 -17.44
C CYS A 695 10.05 -41.54 -18.19
N CYS A 696 9.87 -41.65 -19.51
CA CYS A 696 9.36 -40.52 -20.27
C CYS A 696 7.89 -40.25 -19.98
N LYS A 697 7.10 -41.28 -19.68
CA LYS A 697 5.73 -41.06 -19.25
C LYS A 697 5.70 -40.27 -17.95
N CYS A 698 6.55 -40.65 -16.99
CA CYS A 698 6.67 -39.89 -15.74
C CYS A 698 7.14 -38.46 -16.00
N PHE A 699 8.08 -38.29 -16.94
CA PHE A 699 8.55 -36.96 -17.32
C PHE A 699 7.40 -36.09 -17.83
N ALA A 700 6.65 -36.60 -18.80
CA ALA A 700 5.51 -35.87 -19.34
C ALA A 700 4.47 -35.61 -18.26
N LYS A 701 4.37 -36.50 -17.27
CA LYS A 701 3.44 -36.29 -16.17
C LYS A 701 3.88 -35.13 -15.28
N VAL A 702 5.16 -35.05 -14.95
CA VAL A 702 5.65 -33.94 -14.12
C VAL A 702 5.90 -32.69 -14.94
N ALA A 703 5.83 -32.79 -16.28
CA ALA A 703 6.05 -31.64 -17.14
C ALA A 703 4.98 -30.57 -16.99
N MET A 704 3.79 -30.93 -16.50
CA MET A 704 2.77 -29.93 -16.26
C MET A 704 3.21 -28.97 -15.16
N ASP A 705 2.53 -27.82 -15.08
CA ASP A 705 2.87 -26.75 -14.15
C ASP A 705 4.32 -26.31 -14.33
N ASP A 706 4.56 -25.70 -15.50
CA ASP A 706 5.90 -25.36 -16.00
C ASP A 706 6.79 -24.65 -14.99
N TYR A 707 6.22 -24.05 -13.95
CA TYR A 707 7.03 -23.57 -12.83
C TYR A 707 7.90 -24.70 -12.29
N LEU A 708 7.34 -25.89 -12.17
CA LEU A 708 8.13 -27.04 -11.76
C LEU A 708 9.24 -27.33 -12.76
N LYS A 709 8.99 -27.14 -14.06
CA LYS A 709 10.05 -27.30 -15.05
C LYS A 709 11.17 -26.29 -14.81
N ASN A 710 10.82 -25.06 -14.46
CA ASN A 710 11.83 -24.06 -14.13
C ASN A 710 12.64 -24.48 -12.91
N VAL A 711 11.98 -25.07 -11.92
CA VAL A 711 12.70 -25.60 -10.76
C VAL A 711 13.66 -26.71 -11.19
N MET A 712 13.20 -27.60 -12.06
CA MET A 712 14.05 -28.68 -12.55
C MET A 712 15.26 -28.13 -13.28
N LEU A 713 15.06 -27.06 -14.06
CA LEU A 713 16.17 -26.44 -14.78
C LEU A 713 17.16 -25.85 -13.81
N GLU A 714 16.67 -25.14 -12.79
CA GLU A 714 17.56 -24.57 -11.78
C GLU A 714 18.37 -25.65 -11.09
N ARG A 715 17.73 -26.76 -10.74
CA ARG A 715 18.46 -27.84 -10.07
C ARG A 715 19.41 -28.55 -11.03
N ALA A 716 19.05 -28.65 -12.31
CA ALA A 716 19.92 -29.28 -13.29
C ALA A 716 21.11 -28.43 -13.64
N CYS A 717 21.00 -27.12 -13.45
CA CYS A 717 22.13 -26.22 -13.65
C CYS A 717 22.99 -26.10 -12.41
N ASP A 718 22.40 -26.23 -11.21
CA ASP A 718 23.18 -26.24 -9.97
C ASP A 718 24.21 -27.36 -9.99
N GLN A 719 23.87 -28.49 -10.59
CA GLN A 719 24.83 -29.55 -10.87
C GLN A 719 25.31 -29.42 -12.31
N ASN A 720 26.43 -30.06 -12.61
CA ASN A 720 27.05 -29.97 -13.93
C ASN A 720 26.60 -31.16 -14.77
N ASN A 721 25.35 -31.10 -15.25
CA ASN A 721 24.76 -32.16 -16.09
C ASN A 721 24.14 -31.52 -17.33
N SER A 722 24.96 -31.29 -18.34
CA SER A 722 24.48 -30.67 -19.57
C SER A 722 23.70 -31.62 -20.46
N ILE A 723 23.56 -32.89 -20.06
CA ILE A 723 22.89 -33.87 -20.90
C ILE A 723 21.37 -33.66 -20.88
N MET A 724 20.82 -33.27 -19.73
CA MET A 724 19.38 -33.11 -19.60
C MET A 724 18.89 -31.67 -19.65
N VAL A 725 19.78 -30.70 -19.39
CA VAL A 725 19.41 -29.30 -19.52
C VAL A 725 18.88 -29.00 -20.92
N GLU A 726 19.50 -29.61 -21.94
CA GLU A 726 19.04 -29.42 -23.31
C GLU A 726 17.61 -29.92 -23.48
N CYS A 727 17.30 -31.09 -22.89
CA CYS A 727 15.95 -31.60 -22.94
C CYS A 727 14.96 -30.65 -22.28
N LEU A 728 15.31 -30.13 -21.10
CA LEU A 728 14.42 -29.18 -20.43
C LEU A 728 14.20 -27.93 -21.28
N LEU A 729 15.26 -27.46 -21.95
CA LEU A 729 15.12 -26.27 -22.79
C LEU A 729 14.24 -26.56 -24.00
N LEU A 730 14.38 -27.76 -24.57
CA LEU A 730 13.58 -28.08 -25.76
C LEU A 730 12.11 -28.23 -25.37
N LEU A 731 11.85 -28.83 -24.21
CA LEU A 731 10.47 -28.91 -23.73
C LEU A 731 9.92 -27.55 -23.38
N GLY A 732 10.79 -26.55 -23.18
CA GLY A 732 10.33 -25.22 -22.89
C GLY A 732 10.53 -24.82 -21.45
N ALA A 733 11.61 -24.09 -21.19
CA ALA A 733 11.92 -23.63 -19.85
C ALA A 733 12.46 -22.21 -19.95
N ASP A 734 11.92 -21.32 -19.13
CA ASP A 734 12.31 -19.91 -19.16
C ASP A 734 13.72 -19.81 -18.60
N ALA A 735 14.72 -19.80 -19.48
CA ALA A 735 16.11 -19.65 -19.05
C ALA A 735 16.38 -18.30 -18.39
N ASN A 736 15.46 -17.35 -18.50
CA ASN A 736 15.56 -16.07 -17.82
C ASN A 736 14.72 -16.05 -16.55
N GLN A 737 14.59 -17.19 -15.87
CA GLN A 737 13.68 -17.31 -14.73
C GLN A 737 14.19 -16.52 -13.54
N ALA A 738 15.37 -16.88 -13.04
CA ALA A 738 15.90 -16.24 -11.85
C ALA A 738 16.57 -14.91 -12.19
N SER A 742 20.31 -12.78 -9.35
CA SER A 742 21.26 -13.74 -9.86
C SER A 742 20.59 -14.71 -10.83
N SER A 743 20.60 -14.36 -12.12
CA SER A 743 19.96 -15.19 -13.14
C SER A 743 20.71 -16.50 -13.30
N LEU A 744 20.18 -17.37 -14.16
CA LEU A 744 20.72 -18.72 -14.31
C LEU A 744 22.16 -18.67 -14.82
N ILE A 745 22.41 -17.86 -15.86
CA ILE A 745 23.72 -17.89 -16.53
C ILE A 745 24.82 -17.44 -15.57
N CYS A 746 24.54 -16.45 -14.73
CA CYS A 746 25.51 -16.01 -13.73
C CYS A 746 25.77 -17.09 -12.69
N GLN A 747 24.72 -17.85 -12.33
CA GLN A 747 24.88 -18.94 -11.38
C GLN A 747 25.77 -20.03 -11.97
N VAL A 748 25.46 -20.47 -13.19
CA VAL A 748 26.23 -21.51 -13.86
C VAL A 748 27.68 -21.08 -14.01
N CYS A 749 27.91 -19.83 -14.39
CA CYS A 749 29.27 -19.39 -14.63
C CYS A 749 30.04 -19.14 -13.33
N GLU A 750 29.36 -18.81 -12.24
CA GLU A 750 30.03 -18.56 -10.97
C GLU A 750 30.76 -19.80 -10.48
N LYS A 751 30.03 -20.90 -10.32
CA LYS A 751 30.64 -22.18 -10.03
C LYS A 751 31.31 -22.75 -11.28
N GLU A 752 32.26 -23.65 -11.08
CA GLU A 752 32.95 -24.29 -12.19
C GLU A 752 31.97 -25.14 -12.99
N SER A 753 31.77 -24.77 -14.26
CA SER A 753 30.83 -25.46 -15.13
C SER A 753 31.52 -25.88 -16.41
N SER A 754 30.75 -26.49 -17.30
CA SER A 754 31.21 -27.00 -18.57
C SER A 754 30.80 -26.07 -19.70
N PRO A 755 31.65 -25.95 -20.73
CA PRO A 755 31.30 -25.12 -21.89
C PRO A 755 29.99 -25.51 -22.55
N LYS A 756 29.62 -26.79 -22.53
CA LYS A 756 28.38 -27.21 -23.17
C LYS A 756 27.17 -26.58 -22.48
N LEU A 757 27.19 -26.50 -21.15
CA LEU A 757 26.05 -25.97 -20.42
C LEU A 757 25.84 -24.48 -20.70
N VAL A 758 26.91 -23.69 -20.58
CA VAL A 758 26.81 -22.26 -20.86
C VAL A 758 26.44 -22.03 -22.31
N GLU A 759 26.94 -22.87 -23.22
CA GLU A 759 26.56 -22.76 -24.62
C GLU A 759 25.06 -22.99 -24.79
N LEU A 760 24.53 -24.04 -24.17
CA LEU A 760 23.10 -24.33 -24.30
C LEU A 760 22.26 -23.23 -23.67
N LEU A 761 22.78 -22.57 -22.65
CA LEU A 761 22.03 -21.48 -22.04
C LEU A 761 22.07 -20.21 -22.88
N LEU A 762 23.20 -19.97 -23.56
CA LEU A 762 23.30 -18.80 -24.43
C LEU A 762 22.47 -18.98 -25.70
N ASN A 763 22.41 -20.20 -26.23
CA ASN A 763 21.64 -20.44 -27.44
C ASN A 763 20.16 -20.20 -27.21
N SER A 764 19.65 -20.63 -26.06
CA SER A 764 18.30 -20.26 -25.67
C SER A 764 18.32 -18.82 -25.18
N GLY A 765 17.13 -18.21 -25.16
CA GLY A 765 17.03 -16.80 -24.84
C GLY A 765 17.42 -16.53 -23.39
N SER A 766 18.27 -15.52 -23.19
CA SER A 766 18.66 -15.07 -21.88
C SER A 766 19.03 -13.60 -21.97
N ARG A 767 18.56 -12.80 -21.01
CA ARG A 767 18.66 -11.35 -21.07
C ARG A 767 20.10 -10.90 -21.27
N GLU A 768 20.28 -9.83 -22.05
CA GLU A 768 21.62 -9.34 -22.36
C GLU A 768 22.35 -8.85 -21.12
N GLN A 769 21.64 -8.18 -20.21
CA GLN A 769 22.25 -7.73 -18.98
C GLN A 769 22.77 -8.91 -18.15
N ASP A 770 22.01 -10.00 -18.12
CA ASP A 770 22.47 -11.20 -17.43
C ASP A 770 23.75 -11.75 -18.06
N VAL A 771 23.82 -11.77 -19.39
CA VAL A 771 25.01 -12.26 -20.06
C VAL A 771 26.21 -11.36 -19.76
N ARG A 772 25.96 -10.05 -19.70
CA ARG A 772 27.04 -9.11 -19.39
C ARG A 772 27.56 -9.34 -17.97
N LYS A 773 26.64 -9.52 -17.01
CA LYS A 773 27.06 -9.82 -15.65
C LYS A 773 27.82 -11.14 -15.59
N ALA A 774 27.40 -12.13 -16.38
CA ALA A 774 28.13 -13.39 -16.43
C ALA A 774 29.51 -13.22 -17.03
N LEU A 775 29.65 -12.32 -18.00
CA LEU A 775 30.97 -12.03 -18.57
C LEU A 775 31.86 -11.42 -17.51
N THR A 776 31.34 -10.46 -16.75
CA THR A 776 32.12 -9.90 -15.64
C THR A 776 32.55 -10.99 -14.65
N ILE A 777 31.62 -11.88 -14.32
CA ILE A 777 31.93 -12.98 -13.40
C ILE A 777 33.08 -13.82 -13.94
N SER A 778 32.94 -14.31 -15.18
CA SER A 778 33.98 -15.16 -15.77
C SER A 778 35.27 -14.40 -15.99
N ILE A 779 35.22 -13.07 -16.09
CA ILE A 779 36.45 -12.28 -16.10
C ILE A 779 37.13 -12.37 -14.75
N GLY A 780 36.34 -12.30 -13.67
CA GLY A 780 36.90 -12.45 -12.33
C GLY A 780 37.62 -13.76 -12.13
N LYS A 781 36.93 -14.88 -12.38
CA LYS A 781 37.53 -16.21 -12.30
C LYS A 781 38.04 -16.55 -13.69
N GLY A 782 39.29 -16.20 -13.98
CA GLY A 782 39.85 -16.30 -15.31
C GLY A 782 39.77 -17.67 -15.97
N ASP A 783 38.93 -17.78 -16.99
CA ASP A 783 38.73 -19.03 -17.71
C ASP A 783 38.47 -18.68 -19.17
N SER A 784 39.46 -18.94 -20.04
CA SER A 784 39.38 -18.51 -21.42
C SER A 784 38.18 -19.09 -22.13
N GLN A 785 37.80 -20.33 -21.78
CA GLN A 785 36.77 -21.04 -22.52
C GLN A 785 35.41 -20.35 -22.39
N ILE A 786 34.99 -20.07 -21.15
CA ILE A 786 33.68 -19.44 -20.95
C ILE A 786 33.72 -17.99 -21.43
N ILE A 787 34.88 -17.34 -21.32
CA ILE A 787 35.02 -15.97 -21.83
C ILE A 787 34.76 -15.95 -23.33
N SER A 788 35.41 -16.84 -24.08
CA SER A 788 35.17 -16.91 -25.51
C SER A 788 33.73 -17.30 -25.82
N LEU A 789 33.17 -18.23 -25.05
CA LEU A 789 31.78 -18.62 -25.24
C LEU A 789 30.84 -17.44 -25.13
N LEU A 790 31.13 -16.53 -24.19
CA LEU A 790 30.27 -15.38 -24.00
C LEU A 790 30.52 -14.30 -25.06
N LEU A 791 31.79 -14.02 -25.35
CA LEU A 791 32.11 -13.01 -26.35
C LEU A 791 31.60 -13.40 -27.72
N ARG A 792 31.45 -14.70 -28.00
CA ARG A 792 30.86 -15.12 -29.26
C ARG A 792 29.38 -14.79 -29.33
N ARG A 793 28.77 -14.38 -28.23
CA ARG A 793 27.39 -13.99 -28.20
C ARG A 793 27.22 -12.49 -28.06
N LEU A 794 28.06 -11.86 -27.24
CA LEU A 794 27.91 -10.44 -26.99
C LEU A 794 28.46 -9.58 -28.13
N ALA A 795 29.62 -9.95 -28.68
CA ALA A 795 30.39 -9.05 -29.50
C ALA A 795 30.91 -9.73 -30.76
N LEU A 796 30.03 -10.38 -31.52
CA LEU A 796 30.43 -10.93 -32.80
C LEU A 796 29.28 -10.90 -33.78
N ASP A 797 29.50 -10.28 -34.94
CA ASP A 797 28.51 -10.21 -36.01
C ASP A 797 29.18 -10.76 -37.27
N VAL A 798 28.76 -11.96 -37.68
CA VAL A 798 29.42 -12.61 -38.80
C VAL A 798 29.08 -11.94 -40.12
N ALA A 799 27.93 -11.28 -40.20
CA ALA A 799 27.57 -10.57 -41.42
C ALA A 799 28.56 -9.45 -41.73
N ASN A 800 28.88 -8.62 -40.73
CA ASN A 800 29.82 -7.53 -40.91
C ASN A 800 31.28 -7.96 -40.90
N ASN A 801 31.58 -9.15 -40.38
CA ASN A 801 32.95 -9.60 -40.11
C ASN A 801 33.64 -8.63 -39.14
N SER A 802 33.08 -8.51 -37.94
CA SER A 802 33.59 -7.55 -36.97
C SER A 802 33.39 -8.05 -35.55
N ILE A 803 34.41 -7.86 -34.73
CA ILE A 803 34.31 -8.02 -33.28
C ILE A 803 33.98 -6.66 -32.69
N CYS A 804 33.00 -6.61 -31.81
CA CYS A 804 32.47 -5.33 -31.37
C CYS A 804 32.63 -5.12 -29.87
N LEU A 805 33.83 -5.39 -29.33
CA LEU A 805 34.09 -5.27 -27.91
C LEU A 805 34.25 -3.80 -27.49
N GLY A 806 33.15 -3.06 -27.61
CA GLY A 806 33.21 -1.65 -27.28
C GLY A 806 32.44 -1.29 -26.03
N GLY A 807 33.17 -0.90 -24.98
CA GLY A 807 32.54 -0.48 -23.75
C GLY A 807 32.19 -1.58 -22.78
N PHE A 808 32.88 -2.71 -22.83
CA PHE A 808 32.59 -3.81 -21.94
C PHE A 808 33.40 -3.77 -20.64
N CYS A 809 34.33 -2.82 -20.53
CA CYS A 809 35.18 -2.67 -19.35
C CYS A 809 35.95 -3.95 -19.01
N ILE A 810 36.39 -4.66 -20.06
CA ILE A 810 37.32 -5.77 -19.88
C ILE A 810 38.69 -5.19 -19.60
N GLY A 811 39.08 -5.15 -18.33
CA GLY A 811 40.30 -4.48 -17.90
C GLY A 811 41.57 -4.95 -18.58
N LYS A 812 41.52 -6.06 -19.31
CA LYS A 812 42.68 -6.59 -20.00
C LYS A 812 42.20 -7.18 -21.31
N VAL A 813 43.09 -7.87 -22.01
CA VAL A 813 42.74 -8.55 -23.24
C VAL A 813 43.74 -9.67 -23.47
N GLU A 814 43.25 -10.87 -23.76
CA GLU A 814 44.11 -12.02 -23.95
C GLU A 814 43.79 -12.69 -25.28
N PRO A 815 44.81 -13.14 -26.01
CA PRO A 815 44.55 -13.81 -27.29
C PRO A 815 43.80 -15.12 -27.13
N SER A 816 43.90 -15.78 -25.98
CA SER A 816 43.18 -17.03 -25.78
C SER A 816 41.68 -16.84 -25.71
N TRP A 817 41.21 -15.60 -25.57
CA TRP A 817 39.79 -15.29 -25.53
C TRP A 817 39.29 -15.00 -26.94
N LEU A 818 39.94 -14.09 -27.65
CA LEU A 818 39.58 -13.77 -29.02
C LEU A 818 39.92 -14.88 -30.00
N GLY A 819 40.46 -15.99 -29.55
CA GLY A 819 40.83 -17.08 -30.42
C GLY A 819 39.65 -17.66 -31.17
N PRO A 820 38.70 -18.28 -30.47
CA PRO A 820 37.54 -18.87 -31.14
C PRO A 820 36.59 -17.87 -31.76
N LEU A 821 36.75 -16.57 -31.47
CA LEU A 821 35.91 -15.57 -32.11
C LEU A 821 36.23 -15.47 -33.59
N PHE A 822 37.51 -15.51 -33.95
CA PHE A 822 37.90 -15.48 -35.33
C PHE A 822 37.47 -16.78 -36.01
N PRO A 823 37.16 -16.74 -37.32
CA PRO A 823 36.53 -17.90 -37.97
C PRO A 823 37.29 -19.21 -37.78
N ASP A 824 38.62 -19.20 -37.92
CA ASP A 824 39.47 -20.38 -37.76
C ASP A 824 38.95 -21.53 -38.65
N LYS A 825 39.08 -21.31 -39.97
CA LYS A 825 38.44 -22.13 -40.99
C LYS A 825 38.71 -23.63 -40.88
N THR A 826 39.70 -24.02 -40.07
CA THR A 826 39.96 -25.43 -39.83
C THR A 826 38.76 -26.11 -39.16
N SER A 827 38.02 -25.36 -38.35
CA SER A 827 36.86 -25.91 -37.65
C SER A 827 35.77 -26.31 -38.64
N ASN A 828 34.96 -27.29 -38.23
CA ASN A 828 33.90 -27.82 -39.07
C ASN A 828 32.65 -27.99 -38.22
N LEU A 829 31.65 -28.66 -38.79
CA LEU A 829 30.39 -28.94 -38.10
C LEU A 829 30.26 -30.45 -37.89
N ARG A 830 29.92 -30.84 -36.67
CA ARG A 830 29.76 -32.24 -36.33
C ARG A 830 28.72 -32.38 -35.23
N LYS A 831 27.72 -33.23 -35.46
CA LYS A 831 26.71 -33.52 -34.46
C LYS A 831 27.29 -34.50 -33.45
N GLN A 832 27.67 -33.98 -32.28
CA GLN A 832 28.30 -34.83 -31.27
C GLN A 832 27.32 -35.84 -30.69
N THR A 833 26.10 -35.41 -30.40
CA THR A 833 25.09 -36.30 -29.86
C THR A 833 23.71 -35.82 -30.28
N ASN A 834 22.74 -36.72 -30.18
CA ASN A 834 21.37 -36.40 -30.51
C ASN A 834 20.39 -36.99 -29.51
N ILE A 835 20.88 -37.67 -28.46
CA ILE A 835 20.00 -38.36 -27.51
C ILE A 835 19.05 -37.39 -26.82
N ALA A 836 19.50 -36.16 -26.58
CA ALA A 836 18.66 -35.19 -25.87
C ALA A 836 17.48 -34.77 -26.73
N SER A 837 17.71 -34.52 -28.01
CA SER A 837 16.63 -34.07 -28.89
C SER A 837 15.61 -35.18 -29.11
N THR A 838 16.06 -36.42 -29.30
CA THR A 838 15.13 -37.53 -29.47
C THR A 838 14.36 -37.80 -28.17
N LEU A 839 15.05 -37.74 -27.03
CA LEU A 839 14.38 -37.84 -25.74
C LEU A 839 13.30 -36.77 -25.60
N ALA A 840 13.62 -35.54 -26.01
CA ALA A 840 12.64 -34.46 -25.94
C ALA A 840 11.47 -34.72 -26.87
N ARG A 841 11.75 -35.27 -28.06
CA ARG A 841 10.69 -35.56 -29.01
C ARG A 841 9.74 -36.61 -28.45
N MET A 842 10.28 -37.67 -27.85
CA MET A 842 9.41 -38.73 -27.34
C MET A 842 8.68 -38.31 -26.07
N VAL A 843 9.29 -37.48 -25.21
CA VAL A 843 8.52 -37.02 -24.05
C VAL A 843 7.44 -36.04 -24.49
N ILE A 844 7.69 -35.26 -25.54
CA ILE A 844 6.65 -34.37 -26.06
C ILE A 844 5.52 -35.18 -26.68
N ARG A 845 5.86 -36.25 -27.40
CA ARG A 845 4.84 -37.14 -27.94
C ARG A 845 4.02 -37.78 -26.84
N TYR A 846 4.68 -38.19 -25.75
CA TYR A 846 3.95 -38.81 -24.64
C TYR A 846 3.06 -37.80 -23.93
N GLN A 847 3.52 -36.56 -23.79
CA GLN A 847 2.69 -35.51 -23.21
C GLN A 847 1.47 -35.24 -24.09
N MET A 848 1.67 -35.19 -25.40
CA MET A 848 0.55 -34.98 -26.32
C MET A 848 -0.44 -36.13 -26.25
N LYS A 849 0.07 -37.37 -26.15
CA LYS A 849 -0.81 -38.53 -26.05
C LYS A 849 -1.56 -38.55 -24.73
N SER A 850 -0.92 -38.11 -23.64
CA SER A 850 -1.61 -38.02 -22.36
C SER A 850 -2.66 -36.93 -22.37
N ALA A 851 -2.41 -35.85 -23.11
CA ALA A 851 -3.43 -34.80 -23.25
C ALA A 851 -4.59 -35.30 -24.10
N VAL A 852 -4.30 -36.09 -25.14
CA VAL A 852 -5.36 -36.64 -25.97
C VAL A 852 -6.15 -37.71 -25.24
N GLU A 853 -5.48 -38.49 -24.38
CA GLU A 853 -6.14 -39.56 -23.64
C GLU A 853 -7.07 -39.01 -22.57
N ARG A 981 38.13 -18.40 -46.04
CA ARG A 981 37.94 -17.00 -46.38
C ARG A 981 37.04 -16.31 -45.38
N GLU A 982 36.68 -15.06 -45.69
CA GLU A 982 35.80 -14.23 -44.86
C GLU A 982 36.41 -14.02 -43.47
N TYR A 983 37.62 -13.44 -43.47
CA TYR A 983 38.26 -13.10 -42.21
C TYR A 983 37.51 -11.98 -41.50
N ILE A 984 37.92 -11.69 -40.28
CA ILE A 984 37.36 -10.58 -39.52
C ILE A 984 38.14 -9.33 -39.89
N THR A 985 37.45 -8.30 -40.37
CA THR A 985 38.10 -7.07 -40.82
C THR A 985 37.83 -5.89 -39.91
N SER A 986 37.61 -6.15 -38.62
CA SER A 986 37.43 -5.09 -37.64
C SER A 986 37.63 -5.67 -36.27
N LEU A 987 38.11 -4.84 -35.35
CA LEU A 987 38.30 -5.27 -33.97
C LEU A 987 38.19 -4.03 -33.11
N ASP A 988 37.01 -3.83 -32.55
CA ASP A 988 36.73 -2.67 -31.70
C ASP A 988 37.09 -3.06 -30.28
N LEU A 989 38.13 -2.46 -29.73
CA LEU A 989 38.47 -2.61 -28.33
C LEU A 989 38.32 -1.30 -27.58
N SER A 990 37.57 -0.38 -28.16
CA SER A 990 37.45 0.96 -27.61
C SER A 990 36.70 0.93 -26.28
N ALA A 991 37.17 1.75 -25.35
CA ALA A 991 36.47 2.03 -24.09
C ALA A 991 36.33 0.77 -23.23
N ASN A 992 37.35 -0.08 -23.25
CA ASN A 992 37.40 -1.23 -22.38
C ASN A 992 38.29 -1.02 -21.17
N GLU A 993 38.70 0.22 -20.91
CA GLU A 993 39.56 0.58 -19.79
C GLU A 993 40.87 -0.22 -19.79
N LEU A 994 41.38 -0.53 -20.98
CA LEU A 994 42.67 -1.21 -21.11
C LEU A 994 43.80 -0.36 -20.53
N ARG A 995 44.94 -1.00 -20.34
CA ARG A 995 46.12 -0.33 -19.84
C ARG A 995 47.37 -0.71 -20.61
N ASP A 996 47.30 -1.70 -21.49
CA ASP A 996 48.35 -2.18 -22.36
C ASP A 996 47.73 -3.26 -23.24
N ILE A 997 48.38 -3.53 -24.35
CA ILE A 997 47.96 -4.61 -25.24
C ILE A 997 49.17 -5.51 -25.49
N ASP A 998 50.13 -5.47 -24.57
CA ASP A 998 51.35 -6.25 -24.71
C ASP A 998 51.09 -7.75 -24.83
N ALA A 999 49.95 -8.24 -24.33
CA ALA A 999 49.63 -9.66 -24.39
C ALA A 999 49.32 -10.16 -25.79
N LEU A 1000 49.42 -9.31 -26.81
CA LEU A 1000 49.20 -9.70 -28.20
C LEU A 1000 50.57 -9.72 -28.88
N SER A 1001 51.25 -10.86 -28.80
CA SER A 1001 52.60 -11.02 -29.32
C SER A 1001 52.85 -12.51 -29.53
N GLN A 1002 53.08 -12.90 -30.79
CA GLN A 1002 53.18 -14.30 -31.19
C GLN A 1002 51.99 -15.10 -30.64
N LYS A 1003 50.81 -14.52 -30.81
CA LYS A 1003 49.62 -14.94 -30.10
C LYS A 1003 49.19 -16.37 -30.46
N CYS A 1004 48.35 -16.94 -29.61
CA CYS A 1004 47.81 -18.28 -29.83
C CYS A 1004 46.77 -18.22 -30.92
N CYS A 1005 47.18 -18.49 -32.17
CA CYS A 1005 46.32 -18.59 -33.34
C CYS A 1005 45.67 -17.27 -33.71
N ILE A 1006 45.99 -16.20 -32.98
CA ILE A 1006 45.48 -14.88 -33.34
C ILE A 1006 46.46 -14.12 -34.23
N SER A 1007 47.73 -14.54 -34.27
CA SER A 1007 48.71 -13.85 -35.09
C SER A 1007 48.39 -13.99 -36.57
N VAL A 1008 48.02 -15.20 -37.01
CA VAL A 1008 47.72 -15.41 -38.41
C VAL A 1008 46.44 -14.68 -38.81
N HIS A 1009 45.60 -14.32 -37.84
CA HIS A 1009 44.36 -13.61 -38.13
C HIS A 1009 44.52 -12.11 -38.10
N LEU A 1010 45.44 -11.58 -37.30
CA LEU A 1010 45.68 -10.14 -37.28
C LEU A 1010 46.28 -9.64 -38.57
N GLU A 1011 46.92 -10.50 -39.36
CA GLU A 1011 47.48 -10.09 -40.64
C GLU A 1011 46.43 -9.63 -41.63
N HIS A 1012 45.16 -9.93 -41.39
CA HIS A 1012 44.08 -9.54 -42.29
C HIS A 1012 43.12 -8.53 -41.67
N LEU A 1013 43.52 -7.87 -40.59
CA LEU A 1013 42.68 -6.85 -39.98
C LEU A 1013 42.78 -5.56 -40.78
N GLU A 1014 41.63 -4.92 -41.02
CA GLU A 1014 41.60 -3.66 -41.76
C GLU A 1014 41.02 -2.52 -40.95
N LYS A 1015 40.93 -2.66 -39.63
CA LYS A 1015 40.50 -1.59 -38.73
C LYS A 1015 40.73 -2.05 -37.31
N LEU A 1016 41.17 -1.13 -36.45
CA LEU A 1016 41.43 -1.48 -35.05
C LEU A 1016 41.14 -0.24 -34.21
N GLU A 1017 39.91 -0.17 -33.69
CA GLU A 1017 39.51 0.95 -32.83
C GLU A 1017 40.00 0.68 -31.41
N LEU A 1018 40.97 1.47 -30.97
CA LEU A 1018 41.54 1.35 -29.63
C LEU A 1018 41.35 2.62 -28.82
N HIS A 1019 40.37 3.43 -29.18
CA HIS A 1019 40.23 4.74 -28.58
C HIS A 1019 39.50 4.68 -27.26
N GLN A 1020 39.62 5.77 -26.51
CA GLN A 1020 39.05 5.94 -25.18
C GLN A 1020 39.54 4.92 -24.17
N ASN A 1021 40.66 4.26 -24.45
CA ASN A 1021 41.34 3.43 -23.47
C ASN A 1021 42.39 4.25 -22.76
N ALA A 1022 43.26 3.61 -22.00
CA ALA A 1022 44.43 4.27 -21.43
C ALA A 1022 45.66 3.43 -21.72
N LEU A 1023 46.20 3.58 -22.92
CA LEU A 1023 47.45 2.95 -23.30
C LEU A 1023 48.58 3.95 -23.09
N THR A 1024 49.80 3.49 -23.31
CA THR A 1024 50.92 4.42 -23.28
C THR A 1024 51.83 4.21 -24.48
N SER A 1025 51.87 2.99 -25.03
CA SER A 1025 52.67 2.70 -26.21
C SER A 1025 51.88 1.82 -27.15
N PHE A 1026 52.49 1.52 -28.29
CA PHE A 1026 51.97 0.53 -29.24
C PHE A 1026 53.06 -0.49 -29.53
N PRO A 1027 52.90 -1.75 -29.12
CA PRO A 1027 53.96 -2.74 -29.29
C PRO A 1027 54.38 -2.91 -30.74
N GLN A 1028 55.69 -2.80 -30.98
CA GLN A 1028 56.21 -2.79 -32.34
C GLN A 1028 55.93 -4.11 -33.06
N GLN A 1029 56.08 -5.24 -32.34
CA GLN A 1029 55.74 -6.52 -32.93
C GLN A 1029 54.32 -6.54 -33.45
N LEU A 1030 53.41 -5.82 -32.78
CA LEU A 1030 52.05 -5.71 -33.31
C LEU A 1030 52.03 -4.84 -34.56
N CYS A 1031 52.86 -3.80 -34.60
CA CYS A 1031 52.93 -2.94 -35.78
C CYS A 1031 53.33 -3.74 -37.01
N GLU A 1032 54.32 -4.61 -36.87
CA GLU A 1032 54.73 -5.40 -38.03
C GLU A 1032 53.81 -6.58 -38.28
N THR A 1033 53.11 -7.08 -37.25
CA THR A 1033 52.17 -8.17 -37.46
C THR A 1033 50.94 -7.70 -38.24
N LEU A 1034 50.45 -6.51 -37.94
CA LEU A 1034 49.25 -5.96 -38.57
C LEU A 1034 49.58 -5.52 -39.99
N LYS A 1035 49.81 -6.48 -40.87
CA LYS A 1035 50.30 -6.23 -42.21
C LYS A 1035 49.21 -5.80 -43.18
N SER A 1036 47.98 -5.53 -42.72
CA SER A 1036 46.97 -5.08 -43.66
C SER A 1036 46.05 -4.00 -43.12
N LEU A 1037 46.43 -3.27 -42.08
CA LEU A 1037 45.57 -2.24 -41.53
C LEU A 1037 45.41 -1.08 -42.50
N THR A 1038 44.30 -0.42 -42.40
CA THR A 1038 44.12 0.87 -43.05
C THR A 1038 43.65 1.92 -42.06
N HIS A 1039 42.80 1.57 -41.11
CA HIS A 1039 42.29 2.52 -40.13
C HIS A 1039 42.74 2.13 -38.74
N LEU A 1040 43.57 2.95 -38.13
CA LEU A 1040 44.03 2.76 -36.76
C LEU A 1040 43.57 3.95 -35.94
N ASP A 1041 42.97 3.69 -34.78
CA ASP A 1041 42.43 4.74 -33.93
C ASP A 1041 43.05 4.65 -32.56
N LEU A 1042 43.61 5.76 -32.10
CA LEU A 1042 44.31 5.78 -30.82
C LEU A 1042 43.95 6.99 -29.98
N HIS A 1043 42.82 7.63 -30.24
CA HIS A 1043 42.56 8.89 -29.57
C HIS A 1043 41.94 8.67 -28.21
N SER A 1044 42.11 9.67 -27.34
CA SER A 1044 41.73 9.67 -25.94
C SER A 1044 42.49 8.66 -25.09
N ASN A 1045 43.57 8.11 -25.60
CA ASN A 1045 44.47 7.31 -24.78
C ASN A 1045 45.38 8.26 -24.00
N LYS A 1046 46.42 7.72 -23.39
CA LYS A 1046 47.40 8.53 -22.66
C LYS A 1046 48.77 8.30 -23.26
N PHE A 1047 49.06 9.01 -24.36
CA PHE A 1047 50.34 8.88 -25.02
C PHE A 1047 51.25 10.04 -24.65
N THR A 1048 52.54 9.82 -24.85
CA THR A 1048 53.52 10.84 -24.52
C THR A 1048 54.50 11.14 -25.62
N SER A 1049 54.72 10.25 -26.57
CA SER A 1049 55.55 10.52 -27.72
C SER A 1049 55.07 9.64 -28.86
N PHE A 1050 55.03 10.21 -30.05
CA PHE A 1050 54.54 9.50 -31.22
C PHE A 1050 55.44 8.32 -31.56
N PRO A 1051 54.92 7.09 -31.56
CA PRO A 1051 55.73 5.96 -32.00
C PRO A 1051 55.95 6.01 -33.50
N SER A 1052 57.16 6.38 -33.92
CA SER A 1052 57.43 6.59 -35.33
C SER A 1052 57.24 5.33 -36.15
N TYR A 1053 57.49 4.18 -35.56
CA TYR A 1053 57.37 2.93 -36.30
C TYR A 1053 55.93 2.58 -36.67
N LEU A 1054 54.95 3.31 -36.13
CA LEU A 1054 53.58 3.16 -36.61
C LEU A 1054 53.49 3.37 -38.11
N LEU A 1055 54.29 4.27 -38.65
CA LEU A 1055 54.33 4.55 -40.08
C LEU A 1055 55.10 3.50 -40.89
N LYS A 1056 55.47 2.37 -40.27
CA LYS A 1056 56.06 1.27 -41.02
C LYS A 1056 55.02 0.27 -41.49
N MET A 1057 53.79 0.34 -40.99
CA MET A 1057 52.73 -0.57 -41.40
C MET A 1057 52.53 -0.51 -42.90
N SER A 1058 52.31 -1.67 -43.51
CA SER A 1058 52.36 -1.79 -44.96
C SER A 1058 51.30 -0.96 -45.65
N CYS A 1059 50.12 -0.83 -45.05
CA CYS A 1059 49.01 -0.20 -45.75
C CYS A 1059 48.26 0.81 -44.89
N ILE A 1060 48.88 1.34 -43.84
CA ILE A 1060 48.21 2.31 -42.98
C ILE A 1060 47.83 3.54 -43.78
N ALA A 1061 46.57 3.96 -43.63
CA ALA A 1061 46.04 5.04 -44.46
C ALA A 1061 45.21 6.04 -43.69
N ASN A 1062 45.00 5.83 -42.39
CA ASN A 1062 44.27 6.78 -41.56
C ASN A 1062 44.78 6.58 -40.15
N LEU A 1063 45.75 7.38 -39.74
CA LEU A 1063 46.27 7.34 -38.38
C LEU A 1063 45.64 8.47 -37.58
N ASP A 1064 45.25 8.15 -36.37
CA ASP A 1064 44.55 9.10 -35.51
C ASP A 1064 45.16 8.99 -34.13
N VAL A 1065 46.06 9.90 -33.80
CA VAL A 1065 46.55 10.05 -32.44
C VAL A 1065 46.17 11.46 -32.00
N SER A 1066 44.98 11.58 -31.44
CA SER A 1066 44.46 12.87 -31.05
C SER A 1066 44.00 12.78 -29.61
N ARG A 1067 43.86 13.93 -28.98
CA ARG A 1067 43.42 14.09 -27.60
C ARG A 1067 44.31 13.37 -26.58
N ASN A 1068 45.46 12.86 -27.01
CA ASN A 1068 46.48 12.37 -26.09
C ASN A 1068 47.33 13.54 -25.63
N ASP A 1069 48.24 13.26 -24.70
CA ASP A 1069 49.21 14.25 -24.26
C ASP A 1069 50.54 14.05 -24.97
N ILE A 1070 50.51 14.08 -26.29
CA ILE A 1070 51.73 13.95 -27.09
C ILE A 1070 52.45 15.29 -27.12
N GLY A 1071 53.76 15.27 -27.05
CA GLY A 1071 54.51 16.50 -27.11
C GLY A 1071 55.95 16.35 -26.70
N PRO A 1072 56.70 17.45 -26.75
CA PRO A 1072 56.30 18.79 -27.18
C PRO A 1072 56.56 18.98 -28.66
N SER A 1073 57.03 17.95 -29.35
CA SER A 1073 57.35 18.04 -30.77
C SER A 1073 57.41 16.65 -31.35
N VAL A 1074 56.78 16.45 -32.49
CA VAL A 1074 56.80 15.17 -33.19
C VAL A 1074 57.87 15.27 -34.28
N VAL A 1075 58.82 14.35 -34.24
CA VAL A 1075 59.89 14.29 -35.24
C VAL A 1075 59.83 12.94 -35.91
N LEU A 1076 59.30 12.90 -37.14
CA LEU A 1076 59.20 11.67 -37.89
C LEU A 1076 60.55 11.34 -38.51
N ASP A 1077 61.00 10.10 -38.34
CA ASP A 1077 62.36 9.75 -38.70
C ASP A 1077 62.49 9.66 -40.21
N PRO A 1078 63.49 10.32 -40.81
CA PRO A 1078 63.59 10.37 -42.28
C PRO A 1078 63.75 9.01 -42.95
N THR A 1079 64.28 8.02 -42.23
CA THR A 1079 64.45 6.68 -42.80
C THR A 1079 63.13 5.98 -43.06
N VAL A 1080 62.03 6.48 -42.49
CA VAL A 1080 60.72 5.87 -42.63
C VAL A 1080 59.99 6.58 -43.76
N LYS A 1081 59.48 5.82 -44.71
CA LYS A 1081 58.75 6.36 -45.85
C LYS A 1081 57.36 5.75 -45.86
N CYS A 1082 56.35 6.56 -45.56
CA CYS A 1082 54.98 6.09 -45.52
C CYS A 1082 54.16 6.74 -46.63
N PRO A 1083 54.19 6.18 -47.84
CA PRO A 1083 53.47 6.81 -48.96
C PRO A 1083 51.99 6.48 -49.01
N THR A 1084 51.47 5.70 -48.07
CA THR A 1084 50.07 5.34 -48.07
C THR A 1084 49.25 6.08 -47.03
N LEU A 1085 49.86 6.98 -46.27
CA LEU A 1085 49.15 7.66 -45.19
C LEU A 1085 48.41 8.84 -45.79
N LYS A 1086 47.09 8.69 -45.96
CA LYS A 1086 46.26 9.71 -46.56
C LYS A 1086 45.39 10.45 -45.54
N GLN A 1087 45.82 10.48 -44.29
CA GLN A 1087 45.19 11.25 -43.22
C GLN A 1087 46.08 11.19 -42.00
N PHE A 1088 46.02 12.25 -41.19
CA PHE A 1088 46.89 12.35 -40.03
C PHE A 1088 46.26 13.34 -39.07
N ASN A 1089 45.80 12.88 -37.92
CA ASN A 1089 45.07 13.68 -36.95
C ASN A 1089 45.88 13.73 -35.67
N LEU A 1090 46.58 14.83 -35.44
CA LEU A 1090 47.35 15.04 -34.21
C LEU A 1090 46.71 16.13 -33.36
N SER A 1091 45.39 16.17 -33.35
CA SER A 1091 44.70 17.26 -32.69
C SER A 1091 44.74 17.11 -31.18
N TYR A 1092 44.55 18.24 -30.50
CA TYR A 1092 44.36 18.31 -29.05
C TYR A 1092 45.48 17.61 -28.27
N ASN A 1093 46.67 17.54 -28.85
CA ASN A 1093 47.85 17.13 -28.11
C ASN A 1093 48.53 18.37 -27.54
N GLN A 1094 49.76 18.22 -27.06
CA GLN A 1094 50.56 19.36 -26.64
C GLN A 1094 51.71 19.65 -27.59
N LEU A 1095 51.50 19.50 -28.89
CA LEU A 1095 52.51 19.88 -29.86
C LEU A 1095 52.83 21.36 -29.74
N SER A 1096 54.10 21.70 -29.90
CA SER A 1096 54.52 23.09 -29.95
C SER A 1096 55.21 23.43 -31.27
N PHE A 1097 55.15 22.53 -32.24
CA PHE A 1097 55.62 22.79 -33.60
C PHE A 1097 54.73 22.01 -34.54
N VAL A 1098 54.94 22.22 -35.83
CA VAL A 1098 54.38 21.31 -36.83
C VAL A 1098 55.22 20.04 -36.75
N PRO A 1099 54.66 18.86 -36.99
CA PRO A 1099 55.47 17.65 -37.06
C PRO A 1099 56.57 17.76 -38.12
N GLU A 1100 57.82 17.66 -37.67
CA GLU A 1100 58.94 17.85 -38.57
C GLU A 1100 59.10 16.64 -39.46
N ASN A 1101 59.85 16.83 -40.55
CA ASN A 1101 60.13 15.80 -41.56
C ASN A 1101 58.85 15.21 -42.14
N LEU A 1102 57.78 16.00 -42.16
CA LEU A 1102 56.48 15.52 -42.63
C LEU A 1102 56.44 15.39 -44.14
N THR A 1103 57.31 16.10 -44.85
CA THR A 1103 57.31 16.04 -46.31
C THR A 1103 58.03 14.81 -46.82
N ASP A 1104 59.19 14.49 -46.24
CA ASP A 1104 59.96 13.34 -46.67
C ASP A 1104 59.31 12.04 -46.22
N VAL A 1105 58.58 12.05 -45.12
CA VAL A 1105 58.08 10.82 -44.54
C VAL A 1105 56.66 10.55 -45.00
N VAL A 1106 55.72 11.43 -44.67
CA VAL A 1106 54.33 11.29 -45.10
C VAL A 1106 54.23 12.04 -46.43
N GLU A 1107 54.57 11.34 -47.50
CA GLU A 1107 54.69 12.00 -48.80
C GLU A 1107 53.34 12.47 -49.32
N LYS A 1108 52.40 11.53 -49.48
CA LYS A 1108 51.08 11.84 -50.04
C LYS A 1108 50.07 11.92 -48.90
N LEU A 1109 50.04 13.08 -48.25
CA LEU A 1109 49.09 13.35 -47.18
C LEU A 1109 47.94 14.18 -47.73
N GLU A 1110 46.72 13.85 -47.31
CA GLU A 1110 45.54 14.59 -47.73
C GLU A 1110 45.06 15.55 -46.66
N GLN A 1111 44.80 15.05 -45.45
CA GLN A 1111 44.23 15.85 -44.37
C GLN A 1111 45.20 15.88 -43.20
N LEU A 1112 45.81 17.02 -42.96
CA LEU A 1112 46.69 17.23 -41.82
C LEU A 1112 45.95 18.09 -40.80
N ILE A 1113 45.48 17.47 -39.73
CA ILE A 1113 44.66 18.14 -38.73
C ILE A 1113 45.51 18.31 -37.48
N LEU A 1114 45.85 19.56 -37.15
CA LEU A 1114 46.64 19.88 -35.98
C LEU A 1114 45.89 20.83 -35.05
N GLU A 1115 44.57 20.68 -34.96
CA GLU A 1115 43.77 21.58 -34.16
C GLU A 1115 44.09 21.42 -32.67
N GLY A 1116 43.90 22.50 -31.92
CA GLY A 1116 43.94 22.42 -30.48
C GLY A 1116 45.31 22.43 -29.84
N ASN A 1117 46.35 22.05 -30.56
CA ASN A 1117 47.68 22.09 -30.01
C ASN A 1117 48.11 23.52 -29.74
N LYS A 1118 49.23 23.68 -29.05
CA LYS A 1118 49.79 24.99 -28.80
C LYS A 1118 50.98 25.21 -29.72
N ILE A 1119 50.69 25.57 -30.96
CA ILE A 1119 51.72 25.84 -31.95
C ILE A 1119 52.05 27.33 -31.94
N SER A 1120 53.33 27.64 -31.78
CA SER A 1120 53.74 29.03 -31.58
C SER A 1120 53.56 29.85 -32.84
N GLY A 1121 54.24 29.47 -33.92
CA GLY A 1121 54.14 30.19 -35.17
C GLY A 1121 55.00 29.55 -36.22
N ILE A 1122 54.43 29.35 -37.42
CA ILE A 1122 55.09 28.53 -38.43
C ILE A 1122 56.31 29.26 -38.97
N CYS A 1123 57.38 28.49 -39.22
CA CYS A 1123 58.58 29.00 -39.85
C CYS A 1123 59.09 28.12 -40.98
N SER A 1124 58.69 26.85 -41.02
CA SER A 1124 59.16 25.94 -42.05
C SER A 1124 58.04 25.67 -43.05
N PRO A 1125 58.28 25.84 -44.35
CA PRO A 1125 57.20 25.69 -45.33
C PRO A 1125 56.85 24.23 -45.56
N LEU A 1126 55.56 23.93 -45.51
CA LEU A 1126 55.08 22.60 -45.89
C LEU A 1126 55.34 22.34 -47.37
N ARG A 1127 55.61 21.08 -47.70
CA ARG A 1127 55.92 20.70 -49.07
C ARG A 1127 55.03 19.56 -49.54
N LEU A 1128 53.89 19.35 -48.89
CA LEU A 1128 53.01 18.25 -49.24
C LEU A 1128 52.31 18.57 -50.55
N LYS A 1129 52.81 17.98 -51.64
CA LYS A 1129 52.25 18.21 -52.96
C LYS A 1129 50.79 17.77 -53.08
N GLU A 1130 50.28 16.97 -52.16
CA GLU A 1130 48.95 16.39 -52.30
C GLU A 1130 48.01 16.76 -51.16
N LEU A 1131 48.36 17.75 -50.34
CA LEU A 1131 47.49 18.17 -49.25
C LEU A 1131 46.16 18.67 -49.80
N LYS A 1132 45.09 18.43 -49.05
CA LYS A 1132 43.79 18.89 -49.49
C LYS A 1132 43.03 19.61 -48.39
N ILE A 1133 43.30 19.29 -47.13
CA ILE A 1133 42.62 19.94 -46.01
C ILE A 1133 43.61 20.14 -44.89
N LEU A 1134 43.95 21.39 -44.60
CA LEU A 1134 44.78 21.75 -43.47
C LEU A 1134 43.89 22.35 -42.39
N ASN A 1135 44.28 22.21 -41.14
CA ASN A 1135 43.43 22.65 -40.03
C ASN A 1135 44.34 22.97 -38.85
N LEU A 1136 44.58 24.26 -38.63
CA LEU A 1136 45.40 24.71 -37.51
C LEU A 1136 44.59 25.56 -36.54
N SER A 1137 43.32 25.25 -36.37
CA SER A 1137 42.47 26.03 -35.51
C SER A 1137 42.89 25.85 -34.06
N LYS A 1138 42.54 26.85 -33.25
CA LYS A 1138 42.75 26.85 -31.80
C LYS A 1138 44.21 26.58 -31.46
N ASN A 1139 45.09 27.39 -32.04
CA ASN A 1139 46.52 27.30 -31.78
C ASN A 1139 47.02 28.67 -31.35
N HIS A 1140 48.32 28.84 -31.24
CA HIS A 1140 48.88 30.10 -30.78
C HIS A 1140 49.53 30.89 -31.90
N ILE A 1141 49.26 30.53 -33.15
CA ILE A 1141 49.90 31.20 -34.28
C ILE A 1141 49.52 32.67 -34.31
N SER A 1142 50.50 33.51 -34.61
CA SER A 1142 50.28 34.93 -34.77
C SER A 1142 50.65 35.45 -36.14
N SER A 1143 51.44 34.72 -36.91
CA SER A 1143 51.85 35.15 -38.24
C SER A 1143 52.41 33.94 -38.98
N LEU A 1144 51.85 33.67 -40.16
CA LEU A 1144 52.29 32.56 -40.99
C LEU A 1144 53.37 33.03 -41.94
N SER A 1145 54.40 32.21 -42.13
CA SER A 1145 55.52 32.59 -42.97
C SER A 1145 55.06 32.87 -44.40
N GLU A 1146 55.70 33.84 -45.03
CA GLU A 1146 55.22 34.40 -46.29
C GLU A 1146 55.26 33.42 -47.45
N ASN A 1147 55.87 32.27 -47.29
CA ASN A 1147 55.90 31.27 -48.35
C ASN A 1147 55.70 29.88 -47.77
N PHE A 1148 54.88 29.77 -46.73
CA PHE A 1148 54.74 28.49 -46.05
C PHE A 1148 53.77 27.55 -46.74
N LEU A 1149 52.84 28.08 -47.53
CA LEU A 1149 51.87 27.26 -48.22
C LEU A 1149 52.02 27.31 -49.74
N GLU A 1150 53.04 28.01 -50.24
CA GLU A 1150 53.22 28.15 -51.68
C GLU A 1150 53.53 26.83 -52.36
N ALA A 1151 54.19 25.91 -51.66
CA ALA A 1151 54.59 24.62 -52.24
C ALA A 1151 53.59 23.52 -51.99
N CYS A 1152 52.35 23.85 -51.61
CA CYS A 1152 51.23 22.91 -51.53
C CYS A 1152 50.14 23.40 -52.48
N PRO A 1153 50.15 22.95 -53.73
CA PRO A 1153 49.26 23.52 -54.74
C PRO A 1153 47.85 22.98 -54.74
N LYS A 1154 47.51 22.02 -53.89
CA LYS A 1154 46.17 21.41 -53.94
C LYS A 1154 45.30 21.76 -52.75
N VAL A 1155 45.71 22.72 -51.91
CA VAL A 1155 44.93 23.04 -50.72
C VAL A 1155 43.58 23.61 -51.12
N GLU A 1156 42.52 23.08 -50.51
CA GLU A 1156 41.16 23.56 -50.71
C GLU A 1156 40.57 24.13 -49.44
N SER A 1157 40.60 23.38 -48.35
CA SER A 1157 40.14 23.85 -47.07
C SER A 1157 41.34 24.29 -46.25
N PHE A 1158 41.15 25.36 -45.47
CA PHE A 1158 42.21 25.84 -44.59
C PHE A 1158 41.55 26.53 -43.41
N SER A 1159 41.59 25.90 -42.26
CA SER A 1159 40.96 26.43 -41.06
C SER A 1159 42.03 26.92 -40.12
N ALA A 1160 41.91 28.17 -39.69
CA ALA A 1160 42.88 28.77 -38.80
C ALA A 1160 42.18 29.60 -37.73
N ARG A 1161 41.08 29.08 -37.19
CA ARG A 1161 40.33 29.80 -36.18
C ARG A 1161 41.14 29.99 -34.91
N MET A 1162 40.63 30.87 -34.03
CA MET A 1162 41.12 31.05 -32.66
C MET A 1162 42.64 31.12 -32.55
N ASN A 1163 43.24 31.83 -33.49
CA ASN A 1163 44.65 32.19 -33.41
C ASN A 1163 44.75 33.70 -33.21
N PHE A 1164 45.98 34.21 -33.23
CA PHE A 1164 46.25 35.64 -33.22
C PHE A 1164 46.70 36.15 -34.59
N LEU A 1165 46.12 35.59 -35.64
CA LEU A 1165 46.49 35.95 -37.00
C LEU A 1165 46.13 37.40 -37.31
N ALA A 1166 47.01 38.11 -37.99
CA ALA A 1166 46.70 39.47 -38.39
C ALA A 1166 46.90 39.71 -39.86
N ALA A 1167 47.74 38.93 -40.53
CA ALA A 1167 47.98 39.05 -41.95
C ALA A 1167 47.98 37.67 -42.56
N MET A 1168 47.49 37.57 -43.79
CA MET A 1168 47.44 36.29 -44.46
C MET A 1168 48.42 36.29 -45.61
N PRO A 1169 49.37 35.35 -45.64
CA PRO A 1169 50.39 35.34 -46.70
C PRO A 1169 49.85 34.86 -48.03
N PHE A 1170 50.75 34.69 -49.01
CA PHE A 1170 50.37 34.16 -50.31
C PHE A 1170 49.77 32.77 -50.16
N LEU A 1171 48.64 32.57 -50.80
CA LEU A 1171 47.89 31.33 -50.74
C LEU A 1171 47.78 30.71 -52.12
N PRO A 1172 47.60 29.39 -52.20
CA PRO A 1172 47.42 28.77 -53.50
C PRO A 1172 46.07 29.14 -54.09
N PRO A 1173 45.97 29.24 -55.41
CA PRO A 1173 44.73 29.69 -56.04
C PRO A 1173 43.62 28.66 -56.01
N SER A 1174 43.89 27.43 -55.59
CA SER A 1174 42.87 26.40 -55.52
C SER A 1174 42.07 26.42 -54.23
N MET A 1175 42.40 27.32 -53.30
CA MET A 1175 41.71 27.34 -52.01
C MET A 1175 40.25 27.73 -52.21
N THR A 1176 39.35 26.84 -51.79
CA THR A 1176 37.91 27.01 -51.95
C THR A 1176 37.24 27.45 -50.66
N ILE A 1177 37.53 26.79 -49.55
CA ILE A 1177 37.02 27.16 -48.23
C ILE A 1177 38.14 27.83 -47.48
N LEU A 1178 37.81 28.86 -46.69
CA LEU A 1178 38.83 29.56 -45.94
C LEU A 1178 38.15 30.13 -44.69
N LYS A 1179 38.33 29.47 -43.57
CA LYS A 1179 37.66 29.80 -42.33
C LYS A 1179 38.68 30.38 -41.36
N LEU A 1180 38.85 31.70 -41.41
CA LEU A 1180 39.70 32.40 -40.45
C LEU A 1180 38.77 33.18 -39.55
N SER A 1181 38.42 32.62 -38.41
CA SER A 1181 37.52 33.30 -37.50
C SER A 1181 38.20 33.60 -36.17
N GLN A 1182 37.57 34.50 -35.42
CA GLN A 1182 37.96 34.86 -34.06
C GLN A 1182 39.43 35.22 -33.93
N ASN A 1183 40.07 35.70 -35.00
CA ASN A 1183 41.52 35.83 -34.97
C ASN A 1183 42.04 37.18 -35.48
N LYS A 1184 41.61 38.26 -34.84
CA LYS A 1184 42.25 39.59 -34.94
C LYS A 1184 42.62 40.13 -36.33
N PHE A 1185 41.70 40.11 -37.30
CA PHE A 1185 42.00 40.77 -38.58
C PHE A 1185 41.37 42.15 -38.59
N SER A 1186 42.24 43.18 -38.63
CA SER A 1186 41.79 44.57 -38.70
C SER A 1186 41.12 44.88 -40.03
N CYS A 1187 41.48 44.17 -41.08
CA CYS A 1187 40.91 44.40 -42.41
C CYS A 1187 41.08 43.14 -43.22
N ILE A 1188 40.20 42.95 -44.20
CA ILE A 1188 40.27 41.81 -45.10
C ILE A 1188 41.58 41.87 -45.85
N PRO A 1189 42.41 40.83 -45.81
CA PRO A 1189 43.70 40.87 -46.49
C PRO A 1189 43.55 40.96 -48.00
N GLU A 1190 44.56 41.53 -48.64
CA GLU A 1190 44.56 41.63 -50.10
C GLU A 1190 44.87 40.30 -50.76
N ALA A 1191 45.49 39.37 -50.03
CA ALA A 1191 45.84 38.07 -50.59
C ALA A 1191 44.63 37.16 -50.73
N ILE A 1192 43.53 37.47 -50.05
CA ILE A 1192 42.33 36.65 -50.13
C ILE A 1192 41.28 37.23 -51.07
N LEU A 1193 41.39 38.51 -51.42
CA LEU A 1193 40.48 39.09 -52.40
C LEU A 1193 40.83 38.69 -53.82
N ASN A 1194 41.95 38.01 -54.04
CA ASN A 1194 42.37 37.59 -55.37
C ASN A 1194 42.27 36.09 -55.57
N LEU A 1195 41.63 35.37 -54.66
CA LEU A 1195 41.48 33.93 -54.81
C LEU A 1195 40.54 33.65 -55.97
N PRO A 1196 40.96 32.89 -56.99
CA PRO A 1196 40.09 32.71 -58.17
C PRO A 1196 38.80 31.97 -57.88
N HIS A 1197 38.81 30.95 -57.03
CA HIS A 1197 37.61 30.17 -56.74
C HIS A 1197 37.46 30.06 -55.23
N LEU A 1198 36.82 31.06 -54.62
CA LEU A 1198 36.64 31.10 -53.17
C LEU A 1198 35.15 30.95 -52.88
N ARG A 1199 34.72 29.71 -52.65
CA ARG A 1199 33.31 29.45 -52.42
C ARG A 1199 32.86 30.04 -51.09
N SER A 1200 33.45 29.59 -49.99
CA SER A 1200 33.05 30.02 -48.67
C SER A 1200 34.15 30.83 -48.00
N LEU A 1201 33.74 31.76 -47.14
CA LEU A 1201 34.67 32.57 -46.36
C LEU A 1201 34.02 32.96 -45.06
N ASP A 1202 34.75 32.81 -43.96
CA ASP A 1202 34.27 33.16 -42.62
C ASP A 1202 35.35 33.99 -41.95
N MET A 1203 35.00 35.20 -41.53
CA MET A 1203 35.92 36.03 -40.77
C MET A 1203 35.19 36.66 -39.60
N SER A 1204 34.37 35.87 -38.92
CA SER A 1204 33.58 36.34 -37.81
C SER A 1204 34.47 36.72 -36.64
N SER A 1205 33.91 37.57 -35.76
CA SER A 1205 34.53 37.97 -34.49
C SER A 1205 35.94 38.50 -34.66
N ASN A 1206 36.24 39.04 -35.83
CA ASN A 1206 37.42 39.84 -36.04
C ASN A 1206 37.08 41.30 -35.74
N ASP A 1207 37.94 42.22 -36.14
CA ASP A 1207 37.62 43.64 -36.10
C ASP A 1207 37.74 44.15 -37.53
N ILE A 1208 36.68 43.98 -38.31
CA ILE A 1208 36.67 44.33 -39.73
C ILE A 1208 35.98 45.67 -39.89
N GLN A 1209 36.66 46.61 -40.53
CA GLN A 1209 36.12 47.97 -40.65
C GLN A 1209 35.23 48.11 -41.89
N TYR A 1210 35.68 47.62 -43.04
CA TYR A 1210 34.95 47.84 -44.28
C TYR A 1210 35.09 46.61 -45.17
N LEU A 1211 33.97 45.95 -45.48
CA LEU A 1211 34.24 44.93 -46.48
C LEU A 1211 34.06 45.52 -47.87
N PRO A 1212 34.90 45.13 -48.83
CA PRO A 1212 34.80 45.69 -50.16
C PRO A 1212 33.54 45.23 -50.88
N GLY A 1213 33.17 45.98 -51.90
CA GLY A 1213 32.03 45.64 -52.72
C GLY A 1213 32.37 44.50 -53.65
N PRO A 1214 31.34 43.94 -54.30
CA PRO A 1214 31.56 42.79 -55.19
C PRO A 1214 32.48 43.06 -56.36
N ALA A 1215 32.90 44.30 -56.60
CA ALA A 1215 33.79 44.57 -57.71
C ALA A 1215 35.24 44.25 -57.36
N HIS A 1216 35.59 44.34 -56.07
CA HIS A 1216 36.97 44.12 -55.66
C HIS A 1216 37.32 42.64 -55.56
N TRP A 1217 36.34 41.79 -55.34
CA TRP A 1217 36.61 40.36 -55.17
C TRP A 1217 36.76 39.70 -56.53
N LYS A 1218 37.81 38.86 -56.66
CA LYS A 1218 38.11 38.22 -57.93
C LYS A 1218 37.27 36.97 -58.19
N SER A 1219 36.78 36.31 -57.14
CA SER A 1219 36.10 35.05 -57.33
C SER A 1219 34.79 35.25 -58.09
N LEU A 1220 34.21 34.12 -58.51
CA LEU A 1220 32.90 34.10 -59.13
C LEU A 1220 31.95 33.11 -58.50
N ASN A 1221 32.44 32.20 -57.65
CA ASN A 1221 31.60 31.21 -57.01
C ASN A 1221 31.38 31.51 -55.53
N LEU A 1222 31.44 32.79 -55.16
CA LEU A 1222 31.17 33.20 -53.79
C LEU A 1222 29.78 32.72 -53.38
N ARG A 1223 29.73 31.82 -52.40
CA ARG A 1223 28.48 31.18 -52.05
C ARG A 1223 28.15 31.24 -50.57
N GLU A 1224 29.05 31.71 -49.72
CA GLU A 1224 28.75 31.85 -48.31
C GLU A 1224 29.75 32.83 -47.72
N LEU A 1225 29.25 33.93 -47.16
CA LEU A 1225 30.08 34.94 -46.53
C LEU A 1225 29.61 35.11 -45.10
N LEU A 1226 30.54 35.01 -44.16
CA LEU A 1226 30.25 35.13 -42.74
C LEU A 1226 31.11 36.24 -42.18
N PHE A 1227 30.47 37.29 -41.68
CA PHE A 1227 31.22 38.41 -41.11
C PHE A 1227 30.55 38.95 -39.87
N SER A 1228 29.86 38.09 -39.13
CA SER A 1228 29.22 38.50 -37.89
C SER A 1228 30.26 38.99 -36.88
N HIS A 1229 29.77 39.82 -35.95
CA HIS A 1229 30.58 40.36 -34.86
C HIS A 1229 31.80 41.11 -35.38
N ASN A 1230 31.55 42.00 -36.33
CA ASN A 1230 32.58 42.88 -36.85
C ASN A 1230 32.12 44.32 -36.71
N GLN A 1231 33.06 45.25 -36.82
CA GLN A 1231 32.74 46.68 -36.78
C GLN A 1231 32.49 47.21 -38.19
N ILE A 1232 31.46 46.67 -38.83
CA ILE A 1232 31.13 47.01 -40.22
C ILE A 1232 30.01 48.04 -40.20
N SER A 1233 30.19 49.13 -40.95
CA SER A 1233 29.23 50.22 -40.97
C SER A 1233 28.32 50.21 -42.19
N ILE A 1234 28.91 50.22 -43.39
CA ILE A 1234 28.15 50.40 -44.63
C ILE A 1234 28.44 49.22 -45.54
N LEU A 1235 27.46 48.33 -45.68
CA LEU A 1235 27.55 47.28 -46.69
C LEU A 1235 27.47 47.91 -48.08
N ASP A 1236 28.50 47.72 -48.89
CA ASP A 1236 28.59 48.37 -50.19
C ASP A 1236 28.17 47.38 -51.27
N LEU A 1237 27.17 47.76 -52.07
CA LEU A 1237 26.73 46.93 -53.18
C LEU A 1237 26.38 47.75 -54.41
N SER A 1238 26.93 48.96 -54.54
CA SER A 1238 26.50 49.86 -55.61
C SER A 1238 26.97 49.38 -56.97
N GLU A 1239 28.25 49.03 -57.08
CA GLU A 1239 28.87 48.72 -58.36
C GLU A 1239 28.93 47.22 -58.56
N LYS A 1240 28.34 46.76 -59.67
CA LYS A 1240 28.44 45.37 -60.12
C LYS A 1240 27.98 44.39 -59.04
N ALA A 1241 26.80 44.65 -58.49
CA ALA A 1241 26.26 43.77 -57.46
C ALA A 1241 25.83 42.41 -57.99
N TYR A 1242 25.84 42.21 -59.30
CA TYR A 1242 25.46 40.93 -59.87
C TYR A 1242 26.55 39.88 -59.74
N LEU A 1243 27.78 40.29 -59.42
CA LEU A 1243 28.86 39.32 -59.26
C LEU A 1243 28.60 38.39 -58.08
N TRP A 1244 27.85 38.85 -57.09
CA TRP A 1244 27.46 38.03 -55.96
C TRP A 1244 26.12 37.33 -56.16
N SER A 1245 25.70 37.14 -57.41
CA SER A 1245 24.39 36.55 -57.69
C SER A 1245 24.25 35.13 -57.19
N ARG A 1246 25.34 34.46 -56.82
CA ARG A 1246 25.30 33.09 -56.37
C ARG A 1246 25.39 32.96 -54.86
N VAL A 1247 25.51 34.08 -54.14
CA VAL A 1247 25.65 34.02 -52.68
C VAL A 1247 24.42 33.36 -52.08
N GLU A 1248 24.64 32.36 -51.23
CA GLU A 1248 23.56 31.64 -50.61
C GLU A 1248 23.51 31.80 -49.10
N LYS A 1249 24.40 32.60 -48.52
CA LYS A 1249 24.36 32.89 -47.09
C LYS A 1249 25.20 34.13 -46.84
N LEU A 1250 24.60 35.17 -46.29
CA LEU A 1250 25.30 36.42 -45.98
C LEU A 1250 24.93 36.81 -44.56
N HIS A 1251 25.87 36.65 -43.63
CA HIS A 1251 25.64 36.99 -42.24
C HIS A 1251 26.35 38.29 -41.92
N LEU A 1252 25.63 39.21 -41.29
CA LEU A 1252 26.22 40.47 -40.89
C LEU A 1252 25.75 40.88 -39.51
N SER A 1253 25.36 39.91 -38.68
CA SER A 1253 24.84 40.20 -37.36
C SER A 1253 25.90 40.85 -36.49
N HIS A 1254 25.44 41.60 -35.50
CA HIS A 1254 26.28 42.23 -34.48
C HIS A 1254 27.31 43.17 -35.11
N ASN A 1255 26.87 43.95 -36.07
CA ASN A 1255 27.70 44.99 -36.67
C ASN A 1255 27.04 46.35 -36.43
N LYS A 1256 27.64 47.38 -37.03
CA LYS A 1256 27.11 48.73 -36.99
C LYS A 1256 26.43 49.11 -38.30
N LEU A 1257 25.73 48.16 -38.93
CA LEU A 1257 25.06 48.43 -40.19
C LEU A 1257 24.01 49.52 -40.01
N LYS A 1258 23.93 50.43 -40.99
CA LYS A 1258 23.01 51.55 -40.93
C LYS A 1258 21.78 51.35 -41.81
N GLU A 1259 21.97 50.89 -43.04
CA GLU A 1259 20.84 50.72 -43.95
C GLU A 1259 21.19 49.67 -44.99
N ILE A 1260 20.30 48.69 -45.14
CA ILE A 1260 20.46 47.70 -46.21
C ILE A 1260 20.34 48.40 -47.56
N PRO A 1261 21.29 48.23 -48.46
CA PRO A 1261 21.24 48.95 -49.73
C PRO A 1261 20.03 48.53 -50.54
N PRO A 1262 19.47 49.44 -51.33
CA PRO A 1262 18.34 49.06 -52.20
C PRO A 1262 18.73 48.08 -53.29
N GLU A 1263 20.01 47.94 -53.59
CA GLU A 1263 20.45 46.97 -54.59
C GLU A 1263 20.53 45.55 -54.07
N ILE A 1264 20.18 45.31 -52.79
CA ILE A 1264 20.25 43.98 -52.21
C ILE A 1264 19.37 42.99 -52.96
N GLY A 1265 18.33 43.47 -53.64
CA GLY A 1265 17.48 42.60 -54.43
C GLY A 1265 18.19 41.94 -55.60
N CYS A 1266 19.39 42.40 -55.94
CA CYS A 1266 20.12 41.83 -57.06
C CYS A 1266 20.72 40.48 -56.69
N LEU A 1267 20.99 40.26 -55.40
CA LEU A 1267 21.50 38.97 -54.92
C LEU A 1267 20.38 37.95 -54.91
N GLU A 1268 19.91 37.58 -56.09
CA GLU A 1268 18.68 36.84 -56.29
C GLU A 1268 18.70 35.42 -55.75
N ASN A 1269 19.79 34.96 -55.16
CA ASN A 1269 19.89 33.57 -54.71
C ASN A 1269 20.12 33.43 -53.21
N LEU A 1270 19.91 34.48 -52.44
CA LEU A 1270 20.08 34.40 -50.99
C LEU A 1270 19.09 33.40 -50.40
N THR A 1271 19.59 32.57 -49.49
CA THR A 1271 18.73 31.70 -48.70
C THR A 1271 18.73 32.05 -47.23
N SER A 1272 19.72 32.79 -46.76
CA SER A 1272 19.74 33.31 -45.41
C SER A 1272 20.38 34.68 -45.42
N LEU A 1273 19.86 35.59 -44.60
CA LEU A 1273 20.46 36.91 -44.45
C LEU A 1273 20.28 37.33 -43.00
N ASP A 1274 21.38 37.38 -42.26
CA ASP A 1274 21.34 37.59 -40.81
C ASP A 1274 21.86 39.00 -40.53
N VAL A 1275 20.94 39.95 -40.47
CA VAL A 1275 21.27 41.33 -40.16
C VAL A 1275 20.78 41.66 -38.77
N SER A 1276 20.66 40.64 -37.92
CA SER A 1276 20.17 40.83 -36.57
C SER A 1276 21.17 41.65 -35.75
N TYR A 1277 20.72 42.05 -34.55
CA TYR A 1277 21.52 42.82 -33.59
C TYR A 1277 22.24 44.01 -34.22
N ASN A 1278 21.57 44.67 -35.16
CA ASN A 1278 22.02 45.94 -35.72
C ASN A 1278 21.06 47.02 -35.23
N LEU A 1279 21.37 47.59 -34.06
CA LEU A 1279 20.49 48.56 -33.43
C LEU A 1279 20.27 49.78 -34.31
N GLU A 1280 21.35 50.27 -34.94
CA GLU A 1280 21.24 51.43 -35.81
C GLU A 1280 20.39 51.16 -37.04
N LEU A 1281 20.23 49.90 -37.45
CA LEU A 1281 19.37 49.57 -38.57
C LEU A 1281 17.91 49.89 -38.22
N ARG A 1282 17.22 50.53 -39.16
CA ARG A 1282 15.87 51.03 -38.90
C ARG A 1282 14.81 50.28 -39.70
N SER A 1283 14.93 50.23 -41.02
CA SER A 1283 13.87 49.65 -41.83
C SER A 1283 14.45 48.94 -43.04
N PHE A 1284 13.73 47.94 -43.52
CA PHE A 1284 14.15 47.20 -44.70
C PHE A 1284 13.70 47.92 -45.95
N PRO A 1285 14.54 47.98 -46.98
CA PRO A 1285 14.11 48.55 -48.25
C PRO A 1285 13.11 47.64 -48.95
N ASN A 1286 12.24 48.26 -49.75
CA ASN A 1286 11.22 47.50 -50.47
C ASN A 1286 11.85 46.48 -51.41
N GLU A 1287 12.93 46.87 -52.09
CA GLU A 1287 13.54 46.04 -53.12
C GLU A 1287 13.97 44.67 -52.62
N MET A 1288 14.10 44.48 -51.31
CA MET A 1288 14.43 43.19 -50.72
C MET A 1288 13.38 42.13 -51.07
N GLY A 1289 12.18 42.53 -51.45
CA GLY A 1289 11.11 41.59 -51.69
C GLY A 1289 11.32 40.65 -52.85
N LYS A 1290 12.36 40.85 -53.66
CA LYS A 1290 12.63 39.99 -54.79
C LYS A 1290 13.47 38.77 -54.43
N LEU A 1291 14.02 38.71 -53.21
CA LEU A 1291 14.81 37.57 -52.74
C LEU A 1291 13.85 36.43 -52.39
N SER A 1292 13.22 35.88 -53.44
CA SER A 1292 12.17 34.90 -53.26
C SER A 1292 12.67 33.58 -52.66
N LYS A 1293 13.97 33.32 -52.69
CA LYS A 1293 14.50 32.06 -52.18
C LYS A 1293 14.91 32.14 -50.72
N ILE A 1294 14.77 33.28 -50.07
CA ILE A 1294 15.11 33.41 -48.66
C ILE A 1294 14.14 32.59 -47.83
N TRP A 1295 14.67 31.82 -46.88
CA TRP A 1295 13.85 31.10 -45.93
C TRP A 1295 14.23 31.37 -44.49
N ASP A 1296 15.30 32.12 -44.25
CA ASP A 1296 15.70 32.49 -42.89
C ASP A 1296 16.04 33.97 -42.87
N LEU A 1297 15.47 34.70 -41.92
CA LEU A 1297 15.68 36.14 -41.80
C LEU A 1297 15.51 36.52 -40.34
N PRO A 1298 16.53 36.27 -39.52
CA PRO A 1298 16.42 36.56 -38.09
C PRO A 1298 16.25 38.05 -37.83
N LEU A 1299 15.37 38.37 -36.87
CA LEU A 1299 15.02 39.75 -36.55
C LEU A 1299 15.17 40.04 -35.06
N ASP A 1300 15.95 39.22 -34.35
CA ASP A 1300 16.08 39.38 -32.91
C ASP A 1300 16.76 40.70 -32.56
N GLU A 1301 16.21 41.38 -31.54
CA GLU A 1301 16.74 42.64 -31.02
C GLU A 1301 16.92 43.68 -32.12
N LEU A 1302 15.96 43.72 -33.04
CA LEU A 1302 16.00 44.61 -34.20
C LEU A 1302 14.83 45.59 -34.08
N HIS A 1303 15.11 46.78 -33.53
CA HIS A 1303 14.08 47.79 -33.34
C HIS A 1303 13.73 48.41 -34.68
N LEU A 1304 12.77 47.81 -35.38
CA LEU A 1304 12.43 48.21 -36.74
C LEU A 1304 11.42 49.34 -36.76
N ASN A 1305 11.65 50.31 -37.64
CA ASN A 1305 10.66 51.36 -37.88
C ASN A 1305 9.45 50.80 -38.59
N PHE A 1306 9.67 50.14 -39.73
CA PHE A 1306 8.59 49.48 -40.46
C PHE A 1306 7.98 48.40 -39.58
N ASP A 1307 6.68 48.49 -39.36
CA ASP A 1307 6.00 47.59 -38.43
C ASP A 1307 5.64 46.29 -39.14
N PHE A 1308 6.17 45.18 -38.63
CA PHE A 1308 5.74 43.85 -39.05
C PHE A 1308 5.19 43.06 -37.87
N LYS A 1309 4.84 43.76 -36.78
CA LYS A 1309 4.21 43.10 -35.64
C LYS A 1309 2.92 42.42 -36.03
N HIS A 1310 2.24 42.90 -37.07
CA HIS A 1310 1.07 42.22 -37.59
C HIS A 1310 1.46 41.02 -38.44
N ILE A 1311 2.63 41.06 -39.09
CA ILE A 1311 3.09 39.94 -39.87
C ILE A 1311 3.60 38.81 -38.98
N GLY A 1312 4.48 39.15 -38.04
CA GLY A 1312 5.07 38.15 -37.18
C GLY A 1312 6.55 37.97 -37.43
N CYS A 1313 7.01 36.72 -37.49
CA CYS A 1313 8.43 36.43 -37.66
C CYS A 1313 8.73 35.54 -38.86
N LYS A 1314 7.73 35.01 -39.54
CA LYS A 1314 7.95 34.17 -40.71
C LYS A 1314 8.64 34.97 -41.81
N ALA A 1315 9.78 34.47 -42.27
CA ALA A 1315 10.59 35.21 -43.24
C ALA A 1315 9.88 35.33 -44.58
N LYS A 1316 9.27 34.24 -45.04
CA LYS A 1316 8.58 34.25 -46.33
C LYS A 1316 7.46 35.29 -46.33
N ASP A 1317 6.79 35.46 -45.19
CA ASP A 1317 5.75 36.49 -45.11
C ASP A 1317 6.33 37.88 -45.25
N ILE A 1318 7.46 38.15 -44.60
CA ILE A 1318 8.15 39.43 -44.75
C ILE A 1318 8.49 39.69 -46.20
N ILE A 1319 9.02 38.67 -46.87
CA ILE A 1319 9.45 38.83 -48.26
C ILE A 1319 8.26 39.09 -49.17
N ARG A 1320 7.18 38.32 -48.98
CA ARG A 1320 5.99 38.53 -49.80
C ARG A 1320 5.38 39.91 -49.55
N PHE A 1321 5.38 40.36 -48.30
CA PHE A 1321 4.89 41.68 -47.96
C PHE A 1321 5.67 42.76 -48.71
N LEU A 1322 7.00 42.69 -48.64
CA LEU A 1322 7.82 43.64 -49.38
C LEU A 1322 7.57 43.53 -50.87
N GLN A 1323 7.32 42.32 -51.36
CA GLN A 1323 7.05 42.13 -52.79
C GLN A 1323 5.77 42.82 -53.20
N GLN A 1324 4.76 42.80 -52.33
CA GLN A 1324 3.52 43.51 -52.64
C GLN A 1324 3.72 45.00 -52.54
N ARG A 1325 4.53 45.46 -51.58
CA ARG A 1325 4.81 46.88 -51.49
C ARG A 1325 5.64 47.38 -52.66
N LEU A 1326 6.29 46.49 -53.40
CA LEU A 1326 6.96 46.88 -54.63
C LEU A 1326 5.99 47.45 -55.64
N LYS A 1327 4.85 46.77 -55.85
CA LYS A 1327 3.89 47.19 -56.86
C LYS A 1327 3.33 48.57 -56.57
N LYS A 1328 2.90 48.80 -55.34
CA LYS A 1328 2.25 50.05 -54.97
C LYS A 1328 2.22 50.16 -53.46
N ALA A 1329 2.37 51.39 -52.96
CA ALA A 1329 2.32 51.65 -51.53
C ALA A 1329 1.57 52.96 -51.30
N VAL A 1330 0.51 52.90 -50.51
CA VAL A 1330 -0.30 54.08 -50.23
C VAL A 1330 -0.23 54.37 -48.73
N PRO A 1331 -0.34 55.61 -48.31
CA PRO A 1331 -0.33 55.90 -46.88
C PRO A 1331 -1.64 55.50 -46.25
N TYR A 1332 -1.57 54.88 -45.07
CA TYR A 1332 -2.74 54.41 -44.35
C TYR A 1332 -3.09 55.44 -43.30
N ASN A 1333 -4.13 56.22 -43.57
CA ASN A 1333 -4.57 57.26 -42.64
C ASN A 1333 -5.74 56.72 -41.83
N ARG A 1334 -5.42 55.91 -40.82
CA ARG A 1334 -6.45 55.30 -39.99
C ARG A 1334 -5.84 54.92 -38.66
N MET A 1335 -6.50 55.29 -37.57
CA MET A 1335 -6.02 55.02 -36.22
C MET A 1335 -7.21 54.91 -35.29
N LYS A 1336 -7.03 54.12 -34.22
CA LYS A 1336 -8.09 53.91 -33.25
C LYS A 1336 -8.05 54.98 -32.16
N LEU A 1337 -9.20 55.57 -31.87
CA LEU A 1337 -9.40 56.44 -30.73
C LEU A 1337 -10.27 55.73 -29.71
N MET A 1338 -9.78 55.55 -28.51
CA MET A 1338 -10.51 54.79 -27.51
C MET A 1338 -10.93 55.73 -26.40
N ILE A 1339 -12.22 55.69 -26.06
CA ILE A 1339 -12.78 56.57 -25.05
C ILE A 1339 -13.09 55.78 -23.80
N VAL A 1340 -12.13 55.74 -22.93
CA VAL A 1340 -12.22 55.07 -21.65
C VAL A 1340 -12.86 55.98 -20.62
N GLY A 1341 -13.38 55.40 -19.55
CA GLY A 1341 -13.95 56.18 -18.47
C GLY A 1341 -14.73 55.31 -17.52
N ASN A 1342 -15.30 55.97 -16.53
CA ASN A 1342 -16.13 55.35 -15.49
C ASN A 1342 -17.60 55.56 -15.82
N THR A 1343 -18.47 54.83 -15.12
CA THR A 1343 -19.90 54.89 -15.40
C THR A 1343 -20.44 56.29 -15.14
N GLY A 1344 -21.45 56.67 -15.91
CA GLY A 1344 -22.15 57.92 -15.70
C GLY A 1344 -21.42 59.17 -16.16
N SER A 1345 -20.10 59.12 -16.19
CA SER A 1345 -19.33 60.24 -16.72
C SER A 1345 -19.50 60.33 -18.22
N GLY A 1346 -19.62 61.56 -18.72
CA GLY A 1346 -20.03 61.77 -20.09
C GLY A 1346 -19.07 61.26 -21.14
N LYS A 1347 -19.43 60.17 -21.82
CA LYS A 1347 -18.65 59.66 -22.94
C LYS A 1347 -19.42 59.75 -24.24
N THR A 1348 -20.60 59.14 -24.32
CA THR A 1348 -21.36 59.19 -25.56
C THR A 1348 -21.86 60.59 -25.86
N THR A 1349 -22.13 61.40 -24.84
CA THR A 1349 -22.49 62.79 -25.12
C THR A 1349 -21.28 63.60 -25.59
N LEU A 1350 -20.13 63.38 -24.96
CA LEU A 1350 -18.91 64.02 -25.45
C LEU A 1350 -18.60 63.59 -26.87
N LEU A 1351 -18.82 62.32 -27.19
CA LEU A 1351 -18.58 61.84 -28.54
C LEU A 1351 -19.56 62.44 -29.52
N GLN A 1352 -20.82 62.56 -29.13
CA GLN A 1352 -21.82 63.19 -29.99
C GLN A 1352 -21.50 64.65 -30.24
N GLN A 1353 -20.81 65.31 -29.30
CA GLN A 1353 -20.45 66.70 -29.52
C GLN A 1353 -19.06 66.87 -30.14
N LEU A 1354 -18.26 65.81 -30.18
CA LEU A 1354 -16.97 65.89 -30.85
C LEU A 1354 -17.12 65.67 -32.34
N MET A 1355 -17.99 64.75 -32.74
CA MET A 1355 -18.27 64.53 -34.14
C MET A 1355 -19.37 65.42 -34.67
N LYS A 1356 -19.91 66.30 -33.83
CA LYS A 1356 -20.97 67.25 -34.20
C LYS A 1356 -22.24 66.53 -34.63
N THR A 1357 -22.51 65.36 -34.05
CA THR A 1357 -23.64 64.54 -34.46
C THR A 1357 -24.86 64.85 -33.58
N LYS A 1358 -25.42 66.03 -33.80
CA LYS A 1358 -26.63 66.42 -33.10
C LYS A 1358 -27.83 65.60 -33.58
N SER A 1366 -29.29 56.99 -22.37
CA SER A 1366 -29.12 55.65 -22.90
C SER A 1366 -27.76 55.07 -22.53
N ALA A 1367 -27.76 54.09 -21.63
CA ALA A 1367 -26.52 53.51 -21.16
C ALA A 1367 -25.87 52.67 -22.24
N THR A 1368 -24.56 52.82 -22.37
CA THR A 1368 -23.80 52.05 -23.35
C THR A 1368 -23.75 50.59 -22.93
N VAL A 1369 -23.90 49.71 -23.91
CA VAL A 1369 -23.85 48.27 -23.69
C VAL A 1369 -22.88 47.70 -24.72
N GLY A 1370 -21.77 47.17 -24.23
CA GLY A 1370 -20.69 46.76 -25.11
C GLY A 1370 -19.63 47.85 -25.20
N ILE A 1371 -19.19 48.16 -26.43
CA ILE A 1371 -18.16 49.18 -26.59
C ILE A 1371 -18.51 50.19 -27.66
N ASP A 1372 -19.56 49.92 -28.44
CA ASP A 1372 -20.20 50.93 -29.29
C ASP A 1372 -19.21 51.56 -30.29
N VAL A 1373 -18.74 50.74 -31.22
CA VAL A 1373 -17.77 51.20 -32.20
C VAL A 1373 -18.43 52.15 -33.18
N LYS A 1374 -17.70 53.18 -33.58
CA LYS A 1374 -18.07 54.09 -34.66
C LYS A 1374 -16.79 54.47 -35.40
N ASP A 1375 -16.89 55.50 -36.24
CA ASP A 1375 -15.72 56.07 -36.90
C ASP A 1375 -16.07 57.42 -37.51
N TRP A 1376 -15.27 58.44 -37.20
CA TRP A 1376 -15.52 59.72 -37.82
C TRP A 1376 -14.32 60.18 -38.63
N PRO A 1377 -14.55 60.70 -39.82
CA PRO A 1377 -13.43 61.17 -40.64
C PRO A 1377 -13.11 62.63 -40.39
N ILE A 1378 -11.84 62.94 -40.11
CA ILE A 1378 -11.41 64.29 -39.81
C ILE A 1378 -10.74 64.86 -41.06
N GLN A 1379 -11.39 65.82 -41.69
CA GLN A 1379 -10.84 66.49 -42.87
C GLN A 1379 -10.04 67.69 -42.39
N ILE A 1380 -8.75 67.47 -42.18
CA ILE A 1380 -7.87 68.54 -41.69
C ILE A 1380 -7.69 69.57 -42.80
N ARG A 1381 -7.99 70.83 -42.48
CA ARG A 1381 -7.99 71.89 -43.46
C ARG A 1381 -6.64 72.56 -43.67
N ASP A 1382 -5.59 72.09 -42.99
CA ASP A 1382 -4.28 72.69 -43.13
C ASP A 1382 -3.69 72.38 -44.50
N LYS A 1383 -2.48 72.91 -44.74
CA LYS A 1383 -1.77 72.63 -45.99
C LYS A 1383 -1.55 71.13 -46.16
N ARG A 1384 -1.30 70.42 -45.05
CA ARG A 1384 -1.27 68.96 -45.06
C ARG A 1384 -2.68 68.46 -44.83
N LYS A 1385 -3.47 68.45 -45.91
CA LYS A 1385 -4.86 68.01 -45.87
C LYS A 1385 -4.91 66.47 -45.81
N ARG A 1386 -4.40 65.94 -44.71
CA ARG A 1386 -4.33 64.50 -44.46
C ARG A 1386 -5.67 64.06 -43.89
N ASP A 1387 -6.54 63.60 -44.76
CA ASP A 1387 -7.87 63.12 -44.39
C ASP A 1387 -7.73 61.82 -43.63
N LEU A 1388 -7.80 61.91 -42.31
CA LEU A 1388 -7.69 60.77 -41.43
C LEU A 1388 -9.04 60.32 -40.90
N VAL A 1389 -9.11 59.04 -40.57
CA VAL A 1389 -10.34 58.43 -40.09
C VAL A 1389 -10.03 57.76 -38.77
N LEU A 1390 -10.47 58.37 -37.68
CA LEU A 1390 -10.40 57.71 -36.38
C LEU A 1390 -11.62 56.81 -36.24
N ASN A 1391 -11.43 55.62 -35.72
CA ASN A 1391 -12.58 54.81 -35.36
C ASN A 1391 -12.67 54.74 -33.84
N VAL A 1392 -13.71 55.33 -33.29
CA VAL A 1392 -13.84 55.47 -31.86
C VAL A 1392 -14.37 54.17 -31.26
N TRP A 1393 -14.07 53.95 -29.98
CA TRP A 1393 -14.55 52.79 -29.25
C TRP A 1393 -15.07 53.31 -27.92
N ASP A 1394 -16.35 53.67 -27.86
CA ASP A 1394 -16.95 54.25 -26.68
C ASP A 1394 -17.14 53.18 -25.60
N PHE A 1395 -16.10 52.93 -24.81
CA PHE A 1395 -16.14 51.88 -23.82
C PHE A 1395 -17.24 52.11 -22.80
N ALA A 1396 -17.95 51.05 -22.43
CA ALA A 1396 -18.98 51.16 -21.42
C ALA A 1396 -18.36 51.20 -20.03
N GLY A 1397 -18.88 52.11 -19.19
CA GLY A 1397 -18.28 52.28 -17.88
C GLY A 1397 -18.68 51.24 -16.85
N ARG A 1398 -19.82 50.59 -17.02
CA ARG A 1398 -20.34 49.68 -16.00
C ARG A 1398 -19.42 48.48 -15.82
N GLU A 1399 -19.41 47.98 -14.58
CA GLU A 1399 -18.36 47.03 -14.19
C GLU A 1399 -18.54 45.67 -14.83
N GLU A 1400 -19.78 45.23 -15.03
CA GLU A 1400 -20.01 43.85 -15.46
C GLU A 1400 -19.38 43.52 -16.81
N PHE A 1401 -19.05 44.53 -17.61
CA PHE A 1401 -18.43 44.30 -18.90
C PHE A 1401 -16.92 44.29 -18.84
N TYR A 1402 -16.33 44.54 -17.68
CA TYR A 1402 -14.88 44.72 -17.59
C TYR A 1402 -14.11 43.47 -17.97
N SER A 1403 -14.74 42.30 -17.95
CA SER A 1403 -14.03 41.08 -18.33
C SER A 1403 -13.64 41.07 -19.80
N THR A 1404 -14.43 41.70 -20.66
CA THR A 1404 -14.19 41.65 -22.10
C THR A 1404 -13.43 42.86 -22.64
N HIS A 1405 -13.28 43.90 -21.84
CA HIS A 1405 -12.59 45.10 -22.34
C HIS A 1405 -11.13 44.86 -22.69
N PRO A 1406 -10.30 44.17 -21.88
CA PRO A 1406 -8.89 44.03 -22.26
C PRO A 1406 -8.64 43.32 -23.59
N HIS A 1407 -9.67 42.79 -24.22
CA HIS A 1407 -9.49 42.22 -25.54
C HIS A 1407 -9.46 43.28 -26.62
N PHE A 1408 -9.96 44.47 -26.32
CA PHE A 1408 -10.10 45.54 -27.29
C PHE A 1408 -9.26 46.76 -26.94
N MET A 1409 -8.16 46.57 -26.22
CA MET A 1409 -7.23 47.63 -25.90
C MET A 1409 -5.89 47.30 -26.54
N THR A 1410 -5.52 48.04 -27.58
CA THR A 1410 -4.30 47.78 -28.33
C THR A 1410 -3.35 48.96 -28.22
N GLN A 1411 -2.15 48.78 -28.74
CA GLN A 1411 -1.12 49.81 -28.64
C GLN A 1411 -1.37 50.92 -29.65
N ARG A 1412 -1.58 50.57 -30.92
CA ARG A 1412 -1.69 51.57 -31.97
C ARG A 1412 -3.04 52.26 -31.87
N ALA A 1413 -3.24 53.00 -30.78
CA ALA A 1413 -4.50 53.66 -30.51
C ALA A 1413 -4.28 54.78 -29.52
N LEU A 1414 -5.08 55.82 -29.63
CA LEU A 1414 -5.03 56.92 -28.69
C LEU A 1414 -6.15 56.74 -27.70
N TYR A 1415 -5.96 57.22 -26.48
CA TYR A 1415 -6.94 57.02 -25.44
C TYR A 1415 -7.45 58.37 -24.95
N LEU A 1416 -8.74 58.42 -24.64
CA LEU A 1416 -9.31 59.48 -23.82
C LEU A 1416 -9.64 58.89 -22.47
N ALA A 1417 -9.85 59.75 -21.49
CA ALA A 1417 -10.17 59.28 -20.14
C ALA A 1417 -11.01 60.35 -19.46
N VAL A 1418 -12.34 60.16 -19.43
CA VAL A 1418 -13.26 61.19 -18.96
C VAL A 1418 -13.66 60.93 -17.51
N TYR A 1419 -13.76 61.99 -16.70
CA TYR A 1419 -13.85 61.72 -15.28
C TYR A 1419 -14.76 62.61 -14.45
N ASP A 1420 -15.71 63.33 -15.04
CA ASP A 1420 -16.86 63.88 -14.29
C ASP A 1420 -16.42 64.81 -13.15
N LEU A 1421 -15.91 65.99 -13.52
CA LEU A 1421 -15.48 67.03 -12.57
C LEU A 1421 -16.44 67.30 -11.43
N SER A 1422 -17.74 67.03 -11.62
CA SER A 1422 -18.76 67.36 -10.65
C SER A 1422 -18.41 66.82 -9.26
N LYS A 1423 -18.19 65.52 -9.16
CA LYS A 1423 -17.73 64.90 -7.91
C LYS A 1423 -16.21 65.02 -7.85
N GLY A 1424 -15.73 66.26 -7.74
CA GLY A 1424 -14.31 66.52 -7.83
C GLY A 1424 -13.52 65.94 -6.68
N GLN A 1425 -12.21 65.80 -6.93
CA GLN A 1425 -11.18 65.40 -5.96
C GLN A 1425 -11.28 63.93 -5.57
N ALA A 1426 -12.35 63.27 -6.00
CA ALA A 1426 -12.52 61.85 -5.76
C ALA A 1426 -12.88 61.08 -7.02
N GLU A 1427 -13.43 61.73 -8.04
CA GLU A 1427 -13.62 61.10 -9.33
C GLU A 1427 -12.31 60.92 -10.07
N VAL A 1428 -11.30 61.72 -9.73
CA VAL A 1428 -9.97 61.51 -10.30
C VAL A 1428 -9.33 60.29 -9.69
N ASP A 1429 -9.43 60.13 -8.36
CA ASP A 1429 -8.93 58.94 -7.70
C ASP A 1429 -9.79 57.72 -7.97
N ALA A 1430 -10.91 57.88 -8.67
CA ALA A 1430 -11.76 56.77 -9.03
C ALA A 1430 -11.44 56.21 -10.41
N MET A 1431 -10.66 56.91 -11.22
CA MET A 1431 -10.30 56.44 -12.54
C MET A 1431 -8.85 55.98 -12.62
N LYS A 1432 -8.15 55.97 -11.48
CA LYS A 1432 -6.81 55.36 -11.46
C LYS A 1432 -6.80 53.90 -11.89
N PRO A 1433 -7.79 53.05 -11.58
CA PRO A 1433 -7.77 51.72 -12.17
C PRO A 1433 -7.74 51.71 -13.68
N TRP A 1434 -8.54 52.56 -14.31
CA TRP A 1434 -8.54 52.62 -15.76
C TRP A 1434 -7.18 53.00 -16.31
N LEU A 1435 -6.54 54.00 -15.70
CA LEU A 1435 -5.23 54.42 -16.18
C LEU A 1435 -4.20 53.34 -15.97
N PHE A 1436 -4.27 52.66 -14.83
CA PHE A 1436 -3.37 51.54 -14.60
C PHE A 1436 -3.59 50.45 -15.65
N ASN A 1437 -4.82 50.29 -16.10
CA ASN A 1437 -5.11 49.25 -17.09
C ASN A 1437 -4.67 49.65 -18.48
N ILE A 1438 -4.82 50.93 -18.82
CA ILE A 1438 -4.22 51.46 -20.05
C ILE A 1438 -2.70 51.27 -20.00
N LYS A 1439 -2.12 51.39 -18.81
CA LYS A 1439 -0.68 51.18 -18.67
C LYS A 1439 -0.33 49.72 -18.90
N ALA A 1440 -1.14 48.82 -18.35
CA ALA A 1440 -0.84 47.39 -18.46
C ALA A 1440 -1.01 46.90 -19.89
N ARG A 1441 -2.12 47.25 -20.54
CA ARG A 1441 -2.41 46.72 -21.87
C ARG A 1441 -1.62 47.45 -22.95
N ALA A 1442 -1.75 48.76 -23.01
CA ALA A 1442 -1.08 49.56 -24.04
C ALA A 1442 -0.13 50.53 -23.36
N SER A 1443 1.08 50.08 -23.06
CA SER A 1443 1.98 50.85 -22.21
C SER A 1443 2.49 52.14 -22.84
N SER A 1444 2.48 52.24 -24.16
CA SER A 1444 3.05 53.39 -24.85
C SER A 1444 2.02 54.10 -25.73
N SER A 1445 0.81 54.29 -25.21
CA SER A 1445 -0.23 55.01 -25.92
C SER A 1445 -0.61 56.27 -25.16
N PRO A 1446 -0.82 57.38 -25.85
CA PRO A 1446 -1.14 58.63 -25.18
C PRO A 1446 -2.47 58.57 -24.46
N VAL A 1447 -2.69 59.53 -23.57
CA VAL A 1447 -3.92 59.62 -22.80
C VAL A 1447 -4.28 61.09 -22.66
N ILE A 1448 -5.49 61.44 -23.04
CA ILE A 1448 -5.93 62.82 -22.96
C ILE A 1448 -7.04 62.91 -21.93
N LEU A 1449 -6.68 63.23 -20.70
CA LEU A 1449 -7.66 63.38 -19.62
C LEU A 1449 -8.70 64.44 -19.97
N VAL A 1450 -9.96 64.12 -19.75
CA VAL A 1450 -11.04 65.04 -20.06
C VAL A 1450 -11.95 65.13 -18.85
N GLY A 1451 -12.19 66.35 -18.37
CA GLY A 1451 -13.07 66.50 -17.24
C GLY A 1451 -14.40 67.05 -17.67
N THR A 1452 -15.43 66.22 -17.63
CA THR A 1452 -16.74 66.65 -18.12
C THR A 1452 -17.45 67.42 -17.01
N HIS A 1453 -18.73 67.70 -17.23
CA HIS A 1453 -19.61 68.30 -16.22
C HIS A 1453 -19.06 69.62 -15.68
N LEU A 1454 -18.38 70.41 -16.51
CA LEU A 1454 -17.89 71.70 -16.07
C LEU A 1454 -19.02 72.68 -15.75
N ASP A 1455 -20.22 72.46 -16.29
CA ASP A 1455 -21.34 73.34 -15.96
C ASP A 1455 -21.63 73.32 -14.46
N VAL A 1456 -21.84 72.13 -13.90
CA VAL A 1456 -21.99 71.99 -12.47
C VAL A 1456 -20.62 72.08 -11.81
N SER A 1457 -20.46 73.02 -10.89
CA SER A 1457 -19.17 73.34 -10.26
C SER A 1457 -18.12 73.71 -11.31
N LYS A 1463 -15.35 73.14 -8.73
CA LYS A 1463 -14.44 72.11 -8.26
C LYS A 1463 -13.34 71.84 -9.28
N ALA A 1464 -13.06 72.83 -10.13
CA ALA A 1464 -12.02 72.72 -11.15
C ALA A 1464 -10.61 72.60 -10.58
N CYS A 1465 -10.44 72.66 -9.27
CA CYS A 1465 -9.15 72.44 -8.63
C CYS A 1465 -8.80 70.96 -8.49
N MET A 1466 -9.53 70.07 -9.18
CA MET A 1466 -9.07 68.70 -9.37
C MET A 1466 -7.79 68.64 -10.20
N SER A 1467 -7.43 69.72 -10.88
CA SER A 1467 -6.13 69.79 -11.54
C SER A 1467 -4.99 69.67 -10.55
N LYS A 1468 -5.22 69.95 -9.27
CA LYS A 1468 -4.19 69.77 -8.26
C LYS A 1468 -3.78 68.30 -8.16
N ILE A 1469 -4.76 67.43 -7.89
CA ILE A 1469 -4.46 66.01 -7.78
C ILE A 1469 -4.04 65.46 -9.13
N THR A 1470 -4.60 65.98 -10.22
CA THR A 1470 -4.13 65.56 -11.54
C THR A 1470 -2.66 65.90 -11.76
N LYS A 1471 -2.21 67.05 -11.24
CA LYS A 1471 -0.85 67.52 -11.46
C LYS A 1471 0.13 67.04 -10.40
N GLU A 1472 -0.35 66.39 -9.34
CA GLU A 1472 0.53 65.90 -8.30
C GLU A 1472 0.64 64.38 -8.27
N LEU A 1473 -0.50 63.68 -8.20
CA LEU A 1473 -0.49 62.24 -8.00
C LEU A 1473 -0.67 61.44 -9.27
N LEU A 1474 -1.25 62.03 -10.32
CA LEU A 1474 -1.64 61.28 -11.51
C LEU A 1474 -0.69 61.46 -12.68
N ASN A 1475 0.51 61.97 -12.46
CA ASN A 1475 1.31 62.38 -13.61
C ASN A 1475 2.29 61.30 -14.06
N LYS A 1476 3.11 60.78 -13.16
CA LYS A 1476 4.19 59.89 -13.56
C LYS A 1476 4.36 58.66 -12.69
N ARG A 1477 3.57 58.50 -11.63
CA ARG A 1477 3.78 57.42 -10.66
C ARG A 1477 3.06 56.16 -11.13
N GLY A 1478 3.69 55.46 -12.08
CA GLY A 1478 3.11 54.24 -12.61
C GLY A 1478 1.81 54.44 -13.37
N PHE A 1479 1.83 55.26 -14.42
CA PHE A 1479 0.63 55.67 -15.11
C PHE A 1479 0.99 55.93 -16.58
N PRO A 1480 -0.01 55.87 -17.50
CA PRO A 1480 0.31 55.79 -18.94
C PRO A 1480 0.48 57.13 -19.65
N ALA A 1481 1.43 57.95 -19.19
CA ALA A 1481 1.97 59.07 -19.95
C ALA A 1481 0.88 60.04 -20.43
N ILE A 1482 0.35 60.81 -19.48
CA ILE A 1482 -0.75 61.72 -19.80
C ILE A 1482 -0.17 62.89 -20.60
N ARG A 1483 -0.88 63.30 -21.64
CA ARG A 1483 -0.34 64.27 -22.57
C ARG A 1483 -1.21 65.49 -22.81
N ASP A 1484 -2.38 65.58 -22.20
CA ASP A 1484 -3.19 66.79 -22.18
C ASP A 1484 -4.35 66.54 -21.24
N TYR A 1485 -4.97 67.63 -20.80
CA TYR A 1485 -6.01 67.52 -19.79
C TYR A 1485 -6.93 68.71 -20.02
N HIS A 1486 -8.21 68.46 -20.21
CA HIS A 1486 -9.11 69.54 -20.54
C HIS A 1486 -10.26 69.46 -19.58
N PHE A 1487 -10.78 70.62 -19.21
CA PHE A 1487 -11.99 70.71 -18.41
C PHE A 1487 -13.10 71.14 -19.36
N VAL A 1488 -13.76 70.18 -19.97
CA VAL A 1488 -14.67 70.47 -21.06
C VAL A 1488 -16.10 70.28 -20.59
N ASN A 1489 -17.00 70.94 -21.28
CA ASN A 1489 -18.42 70.66 -21.16
C ASN A 1489 -18.81 69.72 -22.31
N ALA A 1490 -19.98 69.12 -22.19
CA ALA A 1490 -20.58 68.40 -23.31
C ALA A 1490 -21.90 69.07 -23.65
N THR A 1491 -22.66 68.44 -24.55
CA THR A 1491 -24.00 68.85 -24.95
C THR A 1491 -24.02 70.21 -25.65
N GLU A 1492 -22.88 70.82 -25.89
CA GLU A 1492 -22.81 72.11 -26.56
C GLU A 1492 -21.37 72.38 -26.97
N GLU A 1493 -21.18 72.87 -28.19
CA GLU A 1493 -19.84 73.16 -28.68
C GLU A 1493 -19.42 74.56 -28.27
N SER A 1494 -18.14 74.71 -27.93
CA SER A 1494 -17.57 75.97 -27.49
C SER A 1494 -16.09 75.93 -27.78
N ASP A 1495 -15.35 76.93 -27.27
CA ASP A 1495 -13.91 76.94 -27.44
C ASP A 1495 -13.23 75.82 -26.68
N ALA A 1496 -13.88 75.30 -25.63
CA ALA A 1496 -13.33 74.17 -24.89
C ALA A 1496 -13.35 72.91 -25.74
N LEU A 1497 -14.53 72.52 -26.23
CA LEU A 1497 -14.61 71.34 -27.10
C LEU A 1497 -13.82 71.54 -28.38
N ALA A 1498 -13.76 72.76 -28.90
CA ALA A 1498 -12.96 73.01 -30.08
C ALA A 1498 -11.48 72.74 -29.82
N LYS A 1499 -10.97 73.23 -28.69
CA LYS A 1499 -9.58 72.97 -28.34
C LYS A 1499 -9.36 71.48 -28.07
N LEU A 1500 -10.34 70.82 -27.47
CA LEU A 1500 -10.19 69.39 -27.20
C LEU A 1500 -10.12 68.58 -28.48
N ARG A 1501 -10.97 68.92 -29.44
CA ARG A 1501 -10.97 68.25 -30.73
C ARG A 1501 -9.68 68.50 -31.49
N LYS A 1502 -9.20 69.75 -31.50
CA LYS A 1502 -7.94 70.05 -32.16
C LYS A 1502 -6.78 69.35 -31.47
N THR A 1503 -6.87 69.16 -30.15
CA THR A 1503 -5.82 68.48 -29.44
C THR A 1503 -5.81 66.99 -29.75
N ILE A 1504 -7.01 66.40 -29.88
CA ILE A 1504 -7.11 65.00 -30.30
C ILE A 1504 -6.50 64.82 -31.68
N ILE A 1505 -6.78 65.74 -32.60
CA ILE A 1505 -6.21 65.67 -33.94
C ILE A 1505 -4.69 65.73 -33.88
N ASN A 1506 -4.14 66.80 -33.30
CA ASN A 1506 -2.71 66.97 -33.19
C ASN A 1506 -2.04 65.77 -32.51
N GLU A 1507 -2.48 65.45 -31.30
CA GLU A 1507 -1.90 64.34 -30.55
C GLU A 1507 -2.05 63.02 -31.27
N SER A 1508 -3.03 62.91 -32.17
CA SER A 1508 -3.12 61.71 -33.00
C SER A 1508 -1.99 61.69 -34.02
N LEU A 1509 -1.86 62.77 -34.81
CA LEU A 1509 -0.90 62.79 -35.91
C LEU A 1509 0.53 62.57 -35.42
N ASN A 1510 0.87 63.07 -34.25
CA ASN A 1510 2.23 62.96 -33.72
C ASN A 1510 2.34 61.78 -32.75
N PHE A 1511 2.06 60.58 -33.24
CA PHE A 1511 2.08 59.41 -32.37
C PHE A 1511 3.50 58.88 -32.18
N LYS A 1512 4.11 58.39 -33.25
CA LYS A 1512 5.54 58.08 -33.31
C LYS A 1512 5.97 57.07 -32.23
N ILE A 1513 5.46 55.85 -32.37
CA ILE A 1513 6.01 54.76 -31.56
C ILE A 1513 7.41 54.42 -32.10
N ARG A 1514 8.44 54.79 -31.34
CA ARG A 1514 9.85 54.63 -31.73
C ARG A 1514 10.11 55.32 -33.07
N ASP A 1515 9.56 56.53 -33.23
CA ASP A 1515 9.68 57.35 -34.43
C ASP A 1515 9.15 56.61 -35.66
N GLN A 1516 7.84 56.34 -35.63
CA GLN A 1516 7.19 55.61 -36.71
C GLN A 1516 6.08 56.39 -37.39
N LEU A 1517 5.42 57.31 -36.68
CA LEU A 1517 4.35 58.13 -37.24
C LEU A 1517 3.21 57.24 -37.76
N VAL A 1518 2.53 56.60 -36.80
CA VAL A 1518 1.51 55.59 -37.07
C VAL A 1518 0.50 56.08 -38.11
N VAL A 1519 0.17 57.37 -38.05
CA VAL A 1519 -0.91 57.90 -38.86
C VAL A 1519 -0.60 57.95 -40.34
N GLY A 1520 0.67 57.82 -40.73
CA GLY A 1520 1.00 57.96 -42.12
C GLY A 1520 1.92 56.89 -42.67
N GLN A 1521 1.89 55.70 -42.10
CA GLN A 1521 2.77 54.65 -42.59
C GLN A 1521 2.26 54.12 -43.92
N LEU A 1522 3.07 53.29 -44.55
CA LEU A 1522 2.79 52.78 -45.87
C LEU A 1522 2.33 51.33 -45.81
N ILE A 1523 1.46 50.96 -46.76
CA ILE A 1523 0.89 49.62 -46.83
C ILE A 1523 0.75 49.23 -48.29
N PRO A 1524 0.72 47.94 -48.58
CA PRO A 1524 0.40 47.52 -49.95
C PRO A 1524 -0.99 47.99 -50.34
N ASP A 1525 -1.11 48.49 -51.57
CA ASP A 1525 -2.37 49.06 -52.03
C ASP A 1525 -3.50 48.05 -51.99
N CYS A 1526 -3.17 46.76 -52.12
CA CYS A 1526 -4.18 45.72 -52.05
C CYS A 1526 -4.88 45.71 -50.71
N TYR A 1527 -4.19 46.12 -49.64
CA TYR A 1527 -4.82 46.15 -48.33
C TYR A 1527 -5.95 47.17 -48.30
N VAL A 1528 -5.69 48.39 -48.80
CA VAL A 1528 -6.74 49.39 -48.78
C VAL A 1528 -7.84 49.03 -49.76
N GLU A 1529 -7.50 48.34 -50.86
CA GLU A 1529 -8.56 47.87 -51.75
C GLU A 1529 -9.46 46.86 -51.06
N LEU A 1530 -8.85 45.93 -50.32
CA LEU A 1530 -9.62 44.97 -49.55
C LEU A 1530 -10.48 45.66 -48.52
N GLU A 1531 -9.95 46.72 -47.91
CA GLU A 1531 -10.73 47.45 -46.92
C GLU A 1531 -11.94 48.12 -47.55
N LYS A 1532 -11.77 48.68 -48.75
CA LYS A 1532 -12.90 49.31 -49.43
C LYS A 1532 -13.95 48.28 -49.82
N ILE A 1533 -13.51 47.10 -50.28
CA ILE A 1533 -14.52 46.10 -50.64
C ILE A 1533 -15.22 45.55 -49.40
N ILE A 1534 -14.52 45.49 -48.26
CA ILE A 1534 -15.19 45.08 -47.03
C ILE A 1534 -16.20 46.14 -46.59
N LEU A 1535 -15.82 47.42 -46.68
CA LEU A 1535 -16.73 48.50 -46.33
C LEU A 1535 -17.98 48.47 -47.21
N SER A 1536 -17.82 48.12 -48.49
CA SER A 1536 -18.99 48.00 -49.35
C SER A 1536 -19.81 46.78 -48.97
N GLU A 1537 -19.15 45.69 -48.57
CA GLU A 1537 -19.86 44.50 -48.12
C GLU A 1537 -20.62 44.74 -46.82
N ARG A 1538 -20.27 45.78 -46.06
CA ARG A 1538 -21.02 46.11 -44.85
C ARG A 1538 -22.47 46.43 -45.16
N LYS A 1539 -22.75 47.01 -46.32
CA LYS A 1539 -24.12 47.38 -46.65
C LYS A 1539 -24.91 46.18 -47.18
N ASN A 1540 -24.28 45.34 -48.00
CA ASN A 1540 -24.95 44.21 -48.65
C ASN A 1540 -24.71 42.94 -47.83
N VAL A 1541 -25.41 42.85 -46.70
CA VAL A 1541 -25.31 41.72 -45.79
C VAL A 1541 -26.51 41.83 -44.84
N PRO A 1542 -27.14 40.72 -44.45
CA PRO A 1542 -28.30 40.80 -43.56
C PRO A 1542 -27.99 41.52 -42.25
N ILE A 1543 -28.89 42.41 -41.84
CA ILE A 1543 -28.69 43.18 -40.63
C ILE A 1543 -28.76 42.29 -39.39
N GLU A 1544 -29.61 41.26 -39.43
CA GLU A 1544 -29.73 40.37 -38.29
C GLU A 1544 -28.46 39.54 -38.06
N PHE A 1545 -27.64 39.37 -39.09
CA PHE A 1545 -26.40 38.62 -38.98
C PHE A 1545 -25.42 39.21 -39.98
N PRO A 1546 -24.50 40.05 -39.52
CA PRO A 1546 -23.56 40.70 -40.44
C PRO A 1546 -22.34 39.85 -40.77
N VAL A 1547 -22.22 38.68 -40.16
CA VAL A 1547 -21.07 37.82 -40.37
C VAL A 1547 -20.99 37.37 -41.84
N ILE A 1548 -19.77 37.21 -42.33
CA ILE A 1548 -19.51 36.79 -43.71
C ILE A 1548 -18.71 35.49 -43.64
N ASP A 1549 -18.80 34.71 -44.70
CA ASP A 1549 -18.19 33.40 -44.80
C ASP A 1549 -16.88 33.49 -45.59
N ARG A 1550 -15.90 32.67 -45.18
CA ARG A 1550 -14.62 32.63 -45.89
C ARG A 1550 -14.80 32.36 -47.37
N LYS A 1551 -15.75 31.49 -47.73
CA LYS A 1551 -16.07 31.30 -49.13
C LYS A 1551 -16.63 32.57 -49.75
N ARG A 1552 -17.46 33.31 -49.01
CA ARG A 1552 -17.99 34.57 -49.53
C ARG A 1552 -16.87 35.59 -49.70
N LEU A 1553 -15.90 35.59 -48.81
CA LEU A 1553 -14.76 36.51 -48.95
C LEU A 1553 -13.94 36.15 -50.17
N LEU A 1554 -13.64 34.87 -50.36
CA LEU A 1554 -12.91 34.43 -51.54
C LEU A 1554 -13.66 34.80 -52.81
N GLN A 1555 -14.98 34.61 -52.81
CA GLN A 1555 -15.80 34.96 -53.96
C GLN A 1555 -15.76 36.46 -54.22
N LEU A 1556 -15.72 37.27 -53.16
CA LEU A 1556 -15.71 38.72 -53.32
C LEU A 1556 -14.37 39.20 -53.84
N VAL A 1557 -13.26 38.70 -53.28
CA VAL A 1557 -11.94 39.13 -53.72
C VAL A 1557 -11.67 38.64 -55.14
N ARG A 1558 -12.23 37.49 -55.54
CA ARG A 1558 -12.05 37.04 -56.91
C ARG A 1558 -12.95 37.79 -57.88
N GLU A 1559 -14.20 38.09 -57.46
CA GLU A 1559 -15.15 38.78 -58.32
C GLU A 1559 -14.68 40.16 -58.74
N ASN A 1560 -13.80 40.79 -57.98
CA ASN A 1560 -13.17 42.04 -58.39
C ASN A 1560 -11.70 41.81 -58.67
N GLN A 1561 -11.01 42.88 -59.06
CA GLN A 1561 -9.65 42.77 -59.58
C GLN A 1561 -8.59 42.71 -58.50
N LEU A 1562 -8.96 42.55 -57.23
CA LEU A 1562 -7.98 42.49 -56.14
C LEU A 1562 -7.01 41.32 -56.35
N GLN A 1563 -5.74 41.62 -56.57
CA GLN A 1563 -4.73 40.64 -56.93
C GLN A 1563 -4.12 39.95 -55.72
N LEU A 1564 -4.83 39.93 -54.59
CA LEU A 1564 -4.32 39.29 -53.40
C LEU A 1564 -4.39 37.77 -53.53
N ASP A 1565 -3.23 37.12 -53.44
CA ASP A 1565 -3.18 35.67 -53.52
C ASP A 1565 -3.82 35.03 -52.29
N GLU A 1566 -4.11 33.74 -52.39
CA GLU A 1566 -4.72 33.02 -51.27
C GLU A 1566 -3.78 32.98 -50.07
N ASN A 1567 -2.48 32.80 -50.32
CA ASN A 1567 -1.51 32.77 -49.24
C ASN A 1567 -1.27 34.14 -48.63
N GLU A 1568 -1.72 35.20 -49.29
CA GLU A 1568 -1.56 36.55 -48.77
C GLU A 1568 -2.71 37.00 -47.88
N LEU A 1569 -3.88 36.40 -48.06
CA LEU A 1569 -5.08 36.82 -47.32
C LEU A 1569 -4.92 36.85 -45.80
N PRO A 1570 -4.27 35.90 -45.13
CA PRO A 1570 -4.14 36.02 -43.66
C PRO A 1570 -3.50 37.30 -43.20
N HIS A 1571 -2.39 37.71 -43.82
CA HIS A 1571 -1.72 38.95 -43.43
C HIS A 1571 -2.62 40.15 -43.60
N ALA A 1572 -3.29 40.23 -44.75
CA ALA A 1572 -4.16 41.37 -45.04
C ALA A 1572 -5.32 41.43 -44.05
N VAL A 1573 -6.01 40.30 -43.87
CA VAL A 1573 -7.17 40.30 -43.00
C VAL A 1573 -6.76 40.55 -41.55
N HIS A 1574 -5.55 40.11 -41.16
CA HIS A 1574 -5.10 40.40 -39.81
C HIS A 1574 -4.74 41.87 -39.65
N PHE A 1575 -4.20 42.49 -40.70
CA PHE A 1575 -3.90 43.91 -40.62
C PHE A 1575 -5.17 44.72 -40.54
N LEU A 1576 -6.18 44.37 -41.35
CA LEU A 1576 -7.47 45.03 -41.25
C LEU A 1576 -8.10 44.78 -39.89
N ASN A 1577 -7.83 43.62 -39.29
CA ASN A 1577 -8.26 43.37 -37.92
C ASN A 1577 -7.62 44.34 -36.95
N GLU A 1578 -6.31 44.58 -37.09
CA GLU A 1578 -5.60 45.49 -36.20
C GLU A 1578 -6.13 46.92 -36.30
N SER A 1579 -6.62 47.30 -37.47
CA SER A 1579 -7.16 48.64 -37.67
C SER A 1579 -8.63 48.76 -37.26
N GLY A 1580 -9.26 47.68 -36.81
CA GLY A 1580 -10.63 47.74 -36.37
C GLY A 1580 -11.64 47.89 -37.48
N VAL A 1581 -11.38 47.28 -38.63
CA VAL A 1581 -12.33 47.29 -39.73
C VAL A 1581 -13.24 46.09 -39.58
N LEU A 1582 -12.65 44.91 -39.59
CA LEU A 1582 -13.35 43.66 -39.35
C LEU A 1582 -12.62 42.89 -38.27
N LEU A 1583 -13.34 42.08 -37.53
CA LEU A 1583 -12.71 41.23 -36.53
C LEU A 1583 -12.69 39.80 -37.05
N HIS A 1584 -11.63 39.07 -36.73
CA HIS A 1584 -11.57 37.66 -37.08
C HIS A 1584 -10.59 36.98 -36.15
N PHE A 1585 -10.75 35.66 -36.02
CA PHE A 1585 -9.95 34.84 -35.12
C PHE A 1585 -9.44 33.63 -35.89
N GLN A 1586 -8.24 33.75 -36.44
CA GLN A 1586 -7.65 32.71 -37.27
C GLN A 1586 -7.22 31.48 -36.47
N ASP A 1587 -7.35 31.50 -35.14
CA ASP A 1587 -6.95 30.37 -34.33
C ASP A 1587 -7.77 29.13 -34.68
N PRO A 1588 -7.14 27.98 -34.94
CA PRO A 1588 -7.90 26.78 -35.31
C PRO A 1588 -8.53 26.07 -34.11
N ALA A 1589 -8.14 26.43 -32.88
CA ALA A 1589 -8.82 25.89 -31.70
C ALA A 1589 -10.30 26.21 -31.70
N LEU A 1590 -10.68 27.31 -32.32
CA LEU A 1590 -12.07 27.68 -32.53
C LEU A 1590 -12.48 27.29 -33.94
N GLN A 1591 -13.80 27.12 -34.12
CA GLN A 1591 -14.37 26.84 -35.43
C GLN A 1591 -14.87 28.11 -36.12
N LEU A 1592 -14.26 29.24 -35.83
CA LEU A 1592 -14.72 30.53 -36.34
C LEU A 1592 -13.91 31.04 -37.52
N SER A 1593 -12.77 30.42 -37.83
CA SER A 1593 -11.88 30.95 -38.85
C SER A 1593 -12.50 30.94 -40.25
N ASP A 1594 -13.65 30.29 -40.43
CA ASP A 1594 -14.40 30.39 -41.67
C ASP A 1594 -15.36 31.57 -41.68
N LEU A 1595 -15.58 32.20 -40.52
CA LEU A 1595 -16.49 33.33 -40.38
C LEU A 1595 -15.67 34.57 -40.05
N TYR A 1596 -15.84 35.62 -40.84
CA TYR A 1596 -15.08 36.87 -40.67
C TYR A 1596 -16.04 37.97 -40.25
N PHE A 1597 -15.98 38.34 -38.97
CA PHE A 1597 -16.92 39.30 -38.42
C PHE A 1597 -16.70 40.66 -39.06
N VAL A 1598 -17.60 41.04 -39.93
CA VAL A 1598 -17.67 42.40 -40.42
C VAL A 1598 -18.63 43.17 -39.52
N GLU A 1599 -18.46 44.50 -39.45
CA GLU A 1599 -19.27 45.39 -38.61
C GLU A 1599 -19.13 44.95 -37.16
N PRO A 1600 -17.98 45.19 -36.54
CA PRO A 1600 -17.70 44.57 -35.24
C PRO A 1600 -18.57 45.06 -34.10
N LYS A 1601 -19.13 46.26 -34.19
CA LYS A 1601 -19.95 46.76 -33.08
C LYS A 1601 -21.11 45.85 -32.79
N TRP A 1602 -21.63 45.17 -33.81
CA TRP A 1602 -22.69 44.21 -33.59
C TRP A 1602 -22.20 43.01 -32.80
N LEU A 1603 -21.02 42.50 -33.14
CA LEU A 1603 -20.46 41.37 -32.41
C LEU A 1603 -20.27 41.73 -30.94
N CYS A 1604 -19.70 42.89 -30.69
CA CYS A 1604 -19.40 43.29 -29.32
C CYS A 1604 -20.66 43.49 -28.51
N LYS A 1605 -21.66 44.17 -29.10
CA LYS A 1605 -22.93 44.37 -28.40
C LYS A 1605 -23.63 43.04 -28.12
N ILE A 1606 -23.69 42.17 -29.12
CA ILE A 1606 -24.38 40.89 -28.96
C ILE A 1606 -23.71 40.04 -27.89
N MET A 1607 -22.37 40.02 -27.88
CA MET A 1607 -21.66 39.25 -26.87
C MET A 1607 -21.87 39.81 -25.47
N ALA A 1608 -21.91 41.13 -25.35
CA ALA A 1608 -22.17 41.71 -24.04
C ALA A 1608 -23.65 41.71 -23.68
N GLN A 1609 -24.53 41.18 -24.54
CA GLN A 1609 -25.95 41.18 -24.24
C GLN A 1609 -26.27 40.31 -23.02
N ILE A 1610 -25.62 39.15 -22.88
CA ILE A 1610 -26.04 38.22 -21.83
C ILE A 1610 -25.57 38.64 -20.45
N LEU A 1611 -24.62 39.55 -20.37
CA LEU A 1611 -24.16 39.97 -19.05
C LEU A 1611 -25.13 40.89 -18.34
N THR A 1612 -26.17 41.37 -19.03
CA THR A 1612 -27.23 42.11 -18.38
C THR A 1612 -28.44 41.25 -18.06
N VAL A 1613 -28.56 40.07 -18.66
CA VAL A 1613 -29.68 39.18 -18.39
C VAL A 1613 -29.28 38.11 -17.38
N PRO A 1642 -30.16 32.23 -35.54
CA PRO A 1642 -29.06 31.43 -36.09
C PRO A 1642 -28.84 30.13 -35.32
N LYS A 1643 -29.77 29.19 -35.43
CA LYS A 1643 -29.67 27.91 -34.74
C LYS A 1643 -28.52 27.04 -35.25
N ASN A 1644 -27.78 27.47 -36.26
CA ASN A 1644 -26.65 26.69 -36.76
C ASN A 1644 -25.41 26.93 -35.91
N TYR A 1645 -25.15 28.18 -35.54
CA TYR A 1645 -23.89 28.57 -34.91
C TYR A 1645 -23.95 28.56 -33.39
N MET A 1646 -24.83 27.75 -32.79
CA MET A 1646 -24.91 27.68 -31.33
C MET A 1646 -23.59 27.23 -30.72
N THR A 1647 -22.96 26.21 -31.29
CA THR A 1647 -21.70 25.72 -30.74
C THR A 1647 -20.58 26.74 -30.91
N GLN A 1648 -20.50 27.38 -32.09
CA GLN A 1648 -19.54 28.46 -32.28
C GLN A 1648 -19.84 29.62 -31.36
N TYR A 1649 -21.13 29.90 -31.15
CA TYR A 1649 -21.55 30.93 -30.20
C TYR A 1649 -20.94 30.66 -28.82
N PHE A 1650 -21.06 29.41 -28.35
CA PHE A 1650 -20.52 29.08 -27.04
C PHE A 1650 -19.01 29.12 -27.03
N LYS A 1651 -18.38 28.70 -28.12
CA LYS A 1651 -16.92 28.71 -28.20
C LYS A 1651 -16.38 30.12 -28.07
N LEU A 1652 -16.92 31.05 -28.87
CA LEU A 1652 -16.46 32.43 -28.77
C LEU A 1652 -16.98 33.14 -27.53
N LEU A 1653 -18.05 32.64 -26.92
CA LEU A 1653 -18.46 33.12 -25.61
C LEU A 1653 -17.40 32.78 -24.57
N GLU A 1654 -16.85 31.57 -24.63
CA GLU A 1654 -15.72 31.25 -23.77
C GLU A 1654 -14.48 32.04 -24.15
N LYS A 1655 -14.32 32.34 -25.44
CA LYS A 1655 -13.15 33.11 -25.88
C LYS A 1655 -13.20 34.54 -25.37
N PHE A 1656 -14.39 35.07 -25.13
CA PHE A 1656 -14.54 36.39 -24.52
C PHE A 1656 -14.58 36.32 -23.00
N GLN A 1657 -14.41 35.13 -22.43
CA GLN A 1657 -14.51 34.88 -20.99
C GLN A 1657 -15.90 35.24 -20.46
N ILE A 1658 -16.90 34.60 -21.04
CA ILE A 1658 -18.29 34.70 -20.58
C ILE A 1658 -18.83 33.37 -20.09
N ALA A 1659 -18.14 32.26 -20.35
CA ALA A 1659 -18.59 30.95 -19.92
C ALA A 1659 -17.39 30.03 -19.71
N LEU A 1668 -21.26 28.34 -16.34
CA LEU A 1668 -20.44 29.05 -15.36
C LEU A 1668 -20.05 30.41 -15.89
N VAL A 1669 -20.63 31.46 -15.32
CA VAL A 1669 -20.35 32.83 -15.71
C VAL A 1669 -19.26 33.35 -14.77
N PRO A 1670 -18.04 33.56 -15.23
CA PRO A 1670 -16.97 34.00 -14.31
C PRO A 1670 -17.26 35.32 -13.63
N SER A 1671 -18.08 36.19 -14.19
CA SER A 1671 -18.53 37.35 -13.46
C SER A 1671 -19.78 36.99 -12.68
N SER A 1672 -20.10 37.83 -11.69
CA SER A 1672 -21.20 37.57 -10.75
C SER A 1672 -20.98 36.24 -10.03
N LEU A 1673 -19.90 36.20 -9.26
CA LEU A 1673 -19.54 35.03 -8.47
C LEU A 1673 -19.47 35.39 -6.99
N SER A 1674 -20.34 36.29 -6.57
CA SER A 1674 -20.71 36.57 -5.19
C SER A 1674 -19.64 37.32 -4.40
N ASP A 1675 -18.43 37.44 -4.94
CA ASP A 1675 -17.43 38.41 -4.46
C ASP A 1675 -17.04 38.23 -2.99
N HIS A 1676 -17.59 37.22 -2.32
CA HIS A 1676 -17.46 37.05 -0.88
C HIS A 1676 -16.69 35.77 -0.61
N ARG A 1677 -15.51 35.91 -0.02
CA ARG A 1677 -14.72 34.75 0.37
C ARG A 1677 -15.53 33.88 1.33
N PRO A 1678 -15.69 32.60 1.04
CA PRO A 1678 -16.33 31.73 2.02
C PRO A 1678 -15.29 31.24 3.01
N VAL A 1679 -15.69 31.15 4.27
CA VAL A 1679 -14.77 30.74 5.32
C VAL A 1679 -14.16 29.40 4.97
N ILE A 1680 -12.85 29.29 5.09
CA ILE A 1680 -12.14 28.05 4.75
C ILE A 1680 -11.14 27.77 5.85
N GLU A 1681 -11.38 26.72 6.61
CA GLU A 1681 -10.46 26.28 7.65
C GLU A 1681 -9.59 25.20 7.05
N LEU A 1682 -8.38 25.57 6.65
CA LEU A 1682 -7.48 24.62 6.02
C LEU A 1682 -7.07 23.55 7.03
N PRO A 1683 -6.71 22.36 6.56
CA PRO A 1683 -6.28 21.32 7.50
C PRO A 1683 -4.98 21.66 8.19
N HIS A 1684 -4.09 22.38 7.54
CA HIS A 1684 -2.73 22.58 8.03
C HIS A 1684 -2.46 24.04 8.35
N CYS A 1685 -2.36 24.33 9.64
CA CYS A 1685 -1.77 25.55 10.16
C CYS A 1685 -0.27 25.23 10.29
N GLU A 1686 0.48 25.99 11.10
CA GLU A 1686 1.90 25.69 11.34
C GLU A 1686 2.74 26.17 10.16
N ASN A 1687 3.70 27.05 10.42
CA ASN A 1687 4.43 27.69 9.34
C ASN A 1687 5.34 26.72 8.61
N SER A 1688 5.51 25.52 9.13
CA SER A 1688 6.45 24.56 8.57
C SER A 1688 5.72 23.47 7.80
N GLU A 1689 4.46 23.73 7.42
CA GLU A 1689 3.64 22.74 6.75
C GLU A 1689 2.89 23.34 5.57
N ILE A 1690 3.13 24.61 5.26
CA ILE A 1690 2.50 25.29 4.13
C ILE A 1690 3.55 26.16 3.46
N ILE A 1691 3.33 26.46 2.19
CA ILE A 1691 4.22 27.31 1.41
C ILE A 1691 3.38 28.45 0.87
N ILE A 1692 3.79 29.68 1.17
CA ILE A 1692 3.06 30.87 0.75
C ILE A 1692 3.87 31.58 -0.31
N ARG A 1693 3.18 32.17 -1.28
CA ARG A 1693 3.79 33.09 -2.21
C ARG A 1693 2.79 34.19 -2.51
N LEU A 1694 3.24 35.44 -2.45
CA LEU A 1694 2.40 36.57 -2.75
C LEU A 1694 2.69 37.07 -4.16
N TYR A 1695 1.86 38.02 -4.60
CA TYR A 1695 2.03 38.66 -5.90
C TYR A 1695 1.45 40.05 -5.72
N GLU A 1696 2.29 41.06 -5.62
CA GLU A 1696 1.82 42.39 -5.28
C GLU A 1696 1.67 43.21 -6.54
N MET A 1697 0.60 43.99 -6.61
CA MET A 1697 0.36 44.89 -7.73
C MET A 1697 -0.60 45.97 -7.27
N PRO A 1698 -0.55 47.16 -7.86
CA PRO A 1698 -1.43 48.24 -7.36
C PRO A 1698 -2.91 47.94 -7.50
N TYR A 1699 -3.33 47.33 -8.59
CA TYR A 1699 -4.69 46.84 -8.72
C TYR A 1699 -4.64 45.57 -9.55
N PHE A 1700 -5.66 44.77 -9.43
CA PHE A 1700 -5.81 43.66 -10.35
C PHE A 1700 -6.24 44.21 -11.70
N PRO A 1701 -5.61 43.80 -12.81
CA PRO A 1701 -6.07 44.22 -14.13
C PRO A 1701 -7.52 43.81 -14.34
N MET A 1702 -8.12 44.35 -15.41
CA MET A 1702 -9.57 44.28 -15.59
C MET A 1702 -10.08 42.85 -15.59
N GLY A 1703 -9.65 42.06 -16.56
CA GLY A 1703 -10.18 40.72 -16.63
C GLY A 1703 -9.23 39.70 -16.06
N PHE A 1704 -8.42 40.09 -15.09
CA PHE A 1704 -7.35 39.24 -14.60
C PHE A 1704 -7.88 37.94 -14.03
N TRP A 1705 -8.76 38.03 -13.04
CA TRP A 1705 -9.17 36.85 -12.31
C TRP A 1705 -9.97 35.89 -13.18
N SER A 1706 -10.73 36.41 -14.14
CA SER A 1706 -11.47 35.55 -15.05
C SER A 1706 -10.53 34.69 -15.89
N ARG A 1707 -9.56 35.31 -16.55
CA ARG A 1707 -8.60 34.55 -17.35
C ARG A 1707 -7.81 33.60 -16.48
N LEU A 1708 -7.49 34.01 -15.26
CA LEU A 1708 -6.72 33.13 -14.38
C LEU A 1708 -7.52 31.90 -13.98
N ILE A 1709 -8.75 32.11 -13.49
CA ILE A 1709 -9.63 31.00 -13.14
C ILE A 1709 -9.81 30.05 -14.32
N ASN A 1710 -10.05 30.61 -15.50
CA ASN A 1710 -10.20 29.79 -16.70
C ASN A 1710 -8.94 28.99 -16.98
N ARG A 1711 -7.77 29.60 -16.74
CA ARG A 1711 -6.50 28.93 -17.03
C ARG A 1711 -6.22 27.82 -16.04
N LEU A 1712 -6.57 28.04 -14.78
CA LEU A 1712 -6.32 27.08 -13.71
C LEU A 1712 -7.37 26.00 -13.62
N LEU A 1713 -8.31 25.94 -14.57
CA LEU A 1713 -9.44 25.03 -14.46
C LEU A 1713 -8.96 23.60 -14.66
N GLU A 1714 -8.59 22.92 -13.57
CA GLU A 1714 -8.20 21.51 -13.55
C GLU A 1714 -7.00 21.21 -14.45
N ILE A 1715 -6.36 22.25 -15.01
CA ILE A 1715 -5.16 22.10 -15.83
C ILE A 1715 -3.92 22.05 -14.97
N SER A 1716 -4.08 22.00 -13.65
CA SER A 1716 -2.94 21.89 -12.73
C SER A 1716 -3.19 20.73 -11.77
N PRO A 1717 -2.98 19.50 -12.23
CA PRO A 1717 -3.17 18.34 -11.35
C PRO A 1717 -1.89 17.97 -10.61
N TYR A 1718 -2.07 17.52 -9.36
CA TYR A 1718 -0.93 17.05 -8.57
C TYR A 1718 -0.24 15.89 -9.26
N MET A 1719 -1.01 14.90 -9.68
CA MET A 1719 -0.48 13.77 -10.44
C MET A 1719 -0.46 14.09 -11.93
N LEU A 1720 0.12 13.18 -12.70
CA LEU A 1720 0.19 13.35 -14.14
C LEU A 1720 -0.90 12.56 -14.85
N ALA A 1726 -7.14 11.77 -14.81
CA ALA A 1726 -6.91 11.05 -13.56
C ALA A 1726 -8.02 11.32 -12.56
N LEU A 1727 -7.70 12.04 -11.49
CA LEU A 1727 -8.65 12.37 -10.44
C LEU A 1727 -9.13 13.80 -10.62
N ARG A 1728 -10.41 13.99 -10.53
CA ARG A 1728 -10.96 15.34 -10.52
C ARG A 1728 -10.99 15.86 -9.09
N PRO A 1729 -10.50 17.07 -8.84
CA PRO A 1729 -10.51 17.60 -7.48
C PRO A 1729 -11.75 18.42 -7.19
N ASN A 1730 -12.02 18.55 -5.89
CA ASN A 1730 -13.05 19.47 -5.42
C ASN A 1730 -12.64 20.89 -5.75
N ARG A 1731 -13.61 21.73 -6.10
CA ARG A 1731 -13.33 23.10 -6.50
C ARG A 1731 -14.39 24.03 -5.94
N MET A 1732 -13.97 25.14 -5.36
CA MET A 1732 -14.87 26.12 -4.75
C MET A 1732 -14.53 27.51 -5.27
N TYR A 1733 -15.10 27.87 -6.41
CA TYR A 1733 -14.82 29.17 -7.01
C TYR A 1733 -15.59 30.30 -6.33
N TRP A 1734 -14.98 31.47 -6.32
CA TRP A 1734 -15.68 32.72 -6.17
C TRP A 1734 -15.02 33.69 -7.14
N ARG A 1735 -15.35 34.99 -7.02
CA ARG A 1735 -14.89 35.95 -8.02
C ARG A 1735 -13.38 36.13 -8.01
N GLN A 1736 -12.72 35.80 -6.92
CA GLN A 1736 -11.28 36.05 -6.74
C GLN A 1736 -10.59 34.87 -6.09
N GLY A 1737 -10.85 33.66 -6.56
CA GLY A 1737 -10.16 32.51 -5.99
C GLY A 1737 -10.62 31.24 -6.65
N ILE A 1738 -9.85 30.17 -6.41
CA ILE A 1738 -10.22 28.87 -6.97
C ILE A 1738 -10.32 27.74 -5.96
N TYR A 1739 -9.25 27.49 -5.21
CA TYR A 1739 -9.17 26.44 -4.19
C TYR A 1739 -9.50 25.05 -4.78
N LEU A 1740 -8.61 24.56 -5.62
CA LEU A 1740 -8.64 23.13 -5.91
C LEU A 1740 -8.21 22.35 -4.67
N ASN A 1741 -8.83 21.20 -4.45
CA ASN A 1741 -8.56 20.45 -3.22
C ASN A 1741 -8.72 18.96 -3.51
N TRP A 1742 -7.61 18.26 -3.63
CA TRP A 1742 -7.65 16.81 -3.74
C TRP A 1742 -7.81 16.16 -2.38
N SER A 1743 -6.80 16.32 -1.52
CA SER A 1743 -6.67 15.58 -0.28
C SER A 1743 -6.22 16.54 0.81
N PRO A 1744 -6.16 16.16 2.10
CA PRO A 1744 -5.65 17.09 3.11
C PRO A 1744 -4.18 17.41 2.97
N GLU A 1745 -3.47 16.80 2.01
CA GLU A 1745 -2.07 17.08 1.78
C GLU A 1745 -1.79 17.41 0.31
N ALA A 1746 -2.83 17.60 -0.50
CA ALA A 1746 -2.66 17.85 -1.92
C ALA A 1746 -3.64 18.91 -2.39
N TYR A 1747 -3.74 20.01 -1.66
CA TYR A 1747 -4.65 21.09 -2.01
C TYR A 1747 -3.88 22.26 -2.59
N CYS A 1748 -4.61 23.28 -3.04
CA CYS A 1748 -4.01 24.50 -3.57
C CYS A 1748 -5.06 25.58 -3.58
N LEU A 1749 -4.80 26.69 -2.88
CA LEU A 1749 -5.75 27.79 -2.78
C LEU A 1749 -5.08 29.03 -3.30
N VAL A 1750 -5.53 29.49 -4.44
CA VAL A 1750 -5.14 30.79 -4.95
C VAL A 1750 -6.28 31.75 -4.64
N GLY A 1751 -5.96 33.01 -4.40
CA GLY A 1751 -7.02 33.94 -4.07
C GLY A 1751 -6.54 35.23 -3.48
N SER A 1752 -7.18 36.34 -3.85
CA SER A 1752 -6.78 37.66 -3.37
C SER A 1752 -6.86 37.73 -1.86
N GLU A 1753 -5.83 38.33 -1.25
CA GLU A 1753 -5.80 38.52 0.19
C GLU A 1753 -5.34 39.93 0.48
N VAL A 1754 -6.12 40.67 1.25
CA VAL A 1754 -5.84 42.07 1.52
C VAL A 1754 -5.15 42.18 2.87
N LEU A 1755 -4.16 43.05 2.96
CA LEU A 1755 -3.37 43.26 4.16
C LEU A 1755 -3.67 44.64 4.73
N ASP A 1756 -3.34 44.82 6.01
CA ASP A 1756 -3.57 46.09 6.66
C ASP A 1756 -2.47 47.08 6.32
N ASN A 1757 -2.85 48.37 6.23
CA ASN A 1757 -1.94 49.47 5.93
C ASN A 1757 -1.19 49.25 4.62
N HIS A 1758 -1.90 48.72 3.63
CA HIS A 1758 -1.32 48.46 2.31
C HIS A 1758 -2.41 48.62 1.28
N PRO A 1759 -2.45 49.72 0.54
CA PRO A 1759 -3.47 49.90 -0.49
C PRO A 1759 -3.28 49.00 -1.70
N GLU A 1760 -2.14 48.35 -1.84
CA GLU A 1760 -1.89 47.46 -2.98
C GLU A 1760 -2.79 46.23 -2.89
N SER A 1761 -2.73 45.40 -3.92
CA SER A 1761 -3.51 44.18 -3.99
C SER A 1761 -2.56 43.00 -4.03
N PHE A 1762 -3.00 41.87 -3.51
CA PHE A 1762 -2.13 40.70 -3.38
C PHE A 1762 -2.83 39.45 -3.87
N LEU A 1763 -2.04 38.43 -4.18
CA LEU A 1763 -2.51 37.20 -4.78
C LEU A 1763 -1.93 36.00 -4.06
N LYS A 1764 -2.06 35.99 -2.73
CA LYS A 1764 -1.48 34.94 -1.90
C LYS A 1764 -1.86 33.55 -2.40
N ILE A 1765 -0.88 32.67 -2.47
CA ILE A 1765 -1.06 31.29 -2.91
C ILE A 1765 -0.62 30.38 -1.77
N THR A 1766 -1.50 29.51 -1.32
CA THR A 1766 -1.20 28.61 -0.23
C THR A 1766 -1.19 27.20 -0.79
N VAL A 1767 -0.31 26.36 -0.25
CA VAL A 1767 0.05 25.05 -0.79
C VAL A 1767 0.74 24.24 0.29
N PRO A 1768 0.49 22.92 0.41
CA PRO A 1768 1.17 22.13 1.44
C PRO A 1768 2.62 21.90 1.10
N SER A 1769 3.41 21.61 2.13
CA SER A 1769 4.85 21.50 1.99
C SER A 1769 5.31 20.18 1.39
N CYS A 1770 4.40 19.25 1.11
CA CYS A 1770 4.80 17.93 0.63
C CYS A 1770 5.22 17.99 -0.83
N ARG A 1771 5.50 16.83 -1.43
CA ARG A 1771 5.94 16.77 -2.82
C ARG A 1771 4.86 17.27 -3.77
N LYS A 1772 3.64 16.73 -3.65
CA LYS A 1772 2.53 17.13 -4.49
C LYS A 1772 2.29 18.63 -4.38
N GLY A 1773 2.46 19.17 -3.18
CA GLY A 1773 2.35 20.61 -3.01
C GLY A 1773 3.37 21.37 -3.84
N CYS A 1774 4.62 20.93 -3.81
CA CYS A 1774 5.66 21.58 -4.61
C CYS A 1774 5.31 21.54 -6.08
N ILE A 1775 4.78 20.40 -6.55
CA ILE A 1775 4.37 20.30 -7.95
C ILE A 1775 3.29 21.33 -8.27
N LEU A 1776 2.27 21.41 -7.42
CA LEU A 1776 1.18 22.35 -7.64
C LEU A 1776 1.68 23.78 -7.68
N LEU A 1777 2.57 24.14 -6.75
CA LEU A 1777 3.09 25.50 -6.70
C LEU A 1777 3.84 25.83 -7.96
N GLY A 1778 4.62 24.87 -8.47
CA GLY A 1778 5.31 25.09 -9.73
C GLY A 1778 4.36 25.38 -10.87
N GLN A 1779 3.33 24.54 -11.02
CA GLN A 1779 2.38 24.74 -12.11
C GLN A 1779 1.66 26.07 -12.00
N VAL A 1780 1.23 26.42 -10.79
CA VAL A 1780 0.46 27.64 -10.59
C VAL A 1780 1.31 28.87 -10.90
N VAL A 1781 2.54 28.89 -10.41
CA VAL A 1781 3.42 30.04 -10.66
C VAL A 1781 3.70 30.18 -12.15
N ASP A 1782 3.90 29.05 -12.84
CA ASP A 1782 4.15 29.14 -14.28
C ASP A 1782 2.94 29.67 -15.03
N HIS A 1783 1.74 29.23 -14.65
CA HIS A 1783 0.53 29.72 -15.31
C HIS A 1783 0.34 31.20 -15.10
N ILE A 1784 0.52 31.68 -13.87
CA ILE A 1784 0.35 33.11 -13.60
C ILE A 1784 1.37 33.92 -14.38
N ASP A 1785 2.65 33.53 -14.32
CA ASP A 1785 3.69 34.25 -15.03
C ASP A 1785 3.42 34.30 -16.53
N SER A 1786 2.95 33.18 -17.09
CA SER A 1786 2.61 33.14 -18.51
C SER A 1786 1.49 34.11 -18.84
N LEU A 1787 0.43 34.11 -18.03
CA LEU A 1787 -0.68 35.02 -18.26
C LEU A 1787 -0.22 36.47 -18.23
N MET A 1788 0.62 36.83 -17.26
CA MET A 1788 1.11 38.20 -17.17
C MET A 1788 1.91 38.56 -18.41
N GLU A 1789 2.82 37.67 -18.83
CA GLU A 1789 3.63 37.97 -20.00
C GLU A 1789 2.80 38.01 -21.28
N GLU A 1790 1.66 37.34 -21.32
CA GLU A 1790 0.88 37.27 -22.55
C GLU A 1790 -0.13 38.41 -22.68
N TRP A 1791 -0.79 38.79 -21.59
CA TRP A 1791 -1.88 39.76 -21.66
C TRP A 1791 -1.53 41.13 -21.11
N PHE A 1792 -0.81 41.20 -19.99
CA PHE A 1792 -0.50 42.46 -19.32
C PHE A 1792 1.01 42.66 -19.29
N PRO A 1793 1.62 42.97 -20.43
CA PRO A 1793 3.08 43.13 -20.44
C PRO A 1793 3.55 44.33 -19.66
N GLY A 1794 2.77 45.41 -19.61
CA GLY A 1794 3.16 46.61 -18.89
C GLY A 1794 3.35 46.40 -17.40
N LEU A 1795 2.85 45.31 -16.86
CA LEU A 1795 3.07 44.99 -15.46
C LEU A 1795 4.42 44.35 -15.21
N LEU A 1796 5.22 44.11 -16.26
CA LEU A 1796 6.55 43.54 -16.10
C LEU A 1796 7.64 44.43 -16.66
N GLU A 1797 7.29 45.56 -17.27
CA GLU A 1797 8.27 46.43 -17.92
C GLU A 1797 9.13 47.13 -16.86
N ILE A 1798 10.44 46.93 -16.96
CA ILE A 1798 11.38 47.53 -16.03
C ILE A 1798 11.72 48.95 -16.48
N ASP A 1799 11.75 49.87 -15.53
CA ASP A 1799 12.01 51.27 -15.84
C ASP A 1799 13.51 51.57 -15.83
N GLY A 1804 13.28 50.98 -9.82
CA GLY A 1804 12.39 50.21 -10.67
C GLY A 1804 11.48 49.29 -9.90
N GLU A 1805 10.35 49.82 -9.43
CA GLU A 1805 9.40 49.04 -8.66
C GLU A 1805 8.80 47.88 -9.45
N THR A 1806 8.80 47.96 -10.79
CA THR A 1806 8.36 46.94 -11.74
C THR A 1806 6.87 46.65 -11.66
N LEU A 1807 6.14 47.30 -10.74
CA LEU A 1807 4.69 47.21 -10.61
C LEU A 1807 4.18 45.83 -10.26
N LEU A 1808 5.08 44.86 -10.11
CA LEU A 1808 4.69 43.50 -9.76
C LEU A 1808 5.87 42.87 -9.03
N LYS A 1809 5.76 42.77 -7.72
CA LYS A 1809 6.83 42.26 -6.89
C LYS A 1809 6.40 40.94 -6.26
N LYS A 1810 7.00 39.85 -6.72
CA LYS A 1810 6.65 38.52 -6.23
C LYS A 1810 7.40 38.25 -4.94
N TRP A 1811 6.67 38.07 -3.85
CA TRP A 1811 7.29 37.78 -2.57
C TRP A 1811 7.32 36.28 -2.31
N ALA A 1812 8.11 35.88 -1.33
CA ALA A 1812 8.13 34.50 -0.86
C ALA A 1812 8.22 34.52 0.66
N LEU A 1813 7.22 33.94 1.32
CA LEU A 1813 7.09 34.05 2.77
C LEU A 1813 7.82 32.90 3.45
N TYR A 1814 8.91 33.21 4.14
CA TYR A 1814 9.63 32.23 4.94
C TYR A 1814 9.54 32.62 6.41
N SER A 1815 9.73 31.64 7.28
CA SER A 1815 9.59 31.87 8.72
C SER A 1815 10.75 31.18 9.44
N PHE A 1816 11.79 31.96 9.74
CA PHE A 1816 12.90 31.50 10.58
C PHE A 1816 12.47 31.11 11.98
N ASN A 1817 11.21 31.38 12.35
CA ASN A 1817 10.74 31.36 13.72
C ASN A 1817 10.40 29.97 14.22
N ASP A 1818 10.98 28.95 13.60
CA ASP A 1818 10.87 27.54 13.98
C ASP A 1818 9.51 26.95 13.68
N GLY A 1819 8.66 27.66 12.95
CA GLY A 1819 7.32 27.19 12.67
C GLY A 1819 6.31 27.42 13.78
N GLU A 1820 6.76 27.30 15.03
CA GLU A 1820 5.88 27.62 16.15
C GLU A 1820 5.49 29.09 16.14
N GLU A 1821 6.47 29.98 16.26
CA GLU A 1821 6.20 31.41 16.19
C GLU A 1821 5.78 31.79 14.77
N HIS A 1822 5.51 33.07 14.56
CA HIS A 1822 4.76 33.51 13.40
C HIS A 1822 5.39 34.77 12.84
N GLN A 1823 4.62 35.49 12.01
CA GLN A 1823 5.06 36.66 11.27
C GLN A 1823 6.19 36.29 10.30
N LYS A 1824 5.79 35.46 9.33
CA LYS A 1824 6.67 35.00 8.26
C LYS A 1824 7.40 36.16 7.59
N ILE A 1825 8.73 36.16 7.69
CA ILE A 1825 9.53 37.20 7.06
C ILE A 1825 9.41 37.06 5.55
N LEU A 1826 9.16 38.18 4.88
CA LEU A 1826 8.89 38.17 3.44
C LEU A 1826 10.12 38.66 2.69
N LEU A 1827 10.54 37.88 1.70
CA LEU A 1827 11.76 38.14 0.94
C LEU A 1827 11.44 38.19 -0.54
N ASP A 1828 11.79 39.30 -1.18
CA ASP A 1828 11.58 39.45 -2.61
C ASP A 1828 12.21 38.28 -3.35
N ASP A 1829 11.53 37.82 -4.41
CA ASP A 1829 11.93 36.58 -5.05
C ASP A 1829 13.25 36.71 -5.78
N LEU A 1830 13.49 37.87 -6.41
CA LEU A 1830 14.72 38.07 -7.16
C LEU A 1830 15.94 38.01 -6.25
N MET A 1831 15.81 38.51 -5.02
CA MET A 1831 16.92 38.42 -4.07
C MET A 1831 17.25 36.97 -3.75
N LYS A 1832 16.23 36.12 -3.62
CA LYS A 1832 16.49 34.71 -3.35
C LYS A 1832 17.08 34.01 -4.58
N LYS A 1833 16.63 34.41 -5.77
CA LYS A 1833 17.24 33.92 -7.00
C LYS A 1833 18.72 34.26 -7.02
N ALA A 1834 19.07 35.49 -6.65
CA ALA A 1834 20.48 35.81 -6.49
C ALA A 1834 21.11 35.07 -5.31
N GLU A 1835 20.29 34.55 -4.39
CA GLU A 1835 20.76 33.72 -3.30
C GLU A 1835 20.74 32.24 -3.65
N GLU A 1836 20.81 31.93 -4.93
CA GLU A 1836 20.91 30.54 -5.38
C GLU A 1836 22.32 29.98 -5.28
N GLY A 1837 23.32 30.85 -5.08
CA GLY A 1837 24.70 30.39 -4.90
C GLY A 1837 24.85 29.32 -3.84
N ASP A 1838 24.15 29.47 -2.74
CA ASP A 1838 24.07 28.44 -1.71
C ASP A 1838 22.75 27.69 -1.84
N LEU A 1839 22.47 26.79 -0.90
CA LEU A 1839 21.19 26.09 -0.87
C LEU A 1839 20.45 26.33 0.44
N LEU A 1840 20.76 27.42 1.13
CA LEU A 1840 20.11 27.75 2.39
C LEU A 1840 20.00 29.26 2.52
N VAL A 1841 19.06 29.69 3.36
CA VAL A 1841 18.96 31.09 3.77
C VAL A 1841 19.27 31.15 5.26
N ASN A 1842 19.98 32.21 5.67
CA ASN A 1842 20.49 32.30 7.03
C ASN A 1842 20.34 33.71 7.58
N PRO A 1843 19.86 33.87 8.81
CA PRO A 1843 19.65 35.21 9.37
C PRO A 1843 20.91 35.81 9.96
N ASP A 1844 20.76 36.95 10.63
CA ASP A 1844 21.88 37.56 11.35
C ASP A 1844 22.49 36.59 12.37
N GLN A 1845 21.67 35.76 13.01
CA GLN A 1845 22.15 34.71 13.90
C GLN A 1845 22.22 33.40 13.12
N PRO A 1846 23.38 33.03 12.58
CA PRO A 1846 23.43 31.92 11.61
C PRO A 1846 23.20 30.54 12.18
N ARG A 1847 22.83 30.44 13.46
CA ARG A 1847 22.45 29.14 14.00
C ARG A 1847 21.17 28.63 13.36
N LEU A 1848 20.32 29.54 12.88
CA LEU A 1848 19.09 29.18 12.20
C LEU A 1848 19.35 29.10 10.69
N THR A 1849 18.60 28.24 10.03
CA THR A 1849 18.73 28.10 8.58
C THR A 1849 17.46 27.47 8.04
N ILE A 1850 17.20 27.73 6.76
CA ILE A 1850 16.05 27.15 6.07
C ILE A 1850 16.50 26.78 4.66
N PRO A 1851 16.20 25.58 4.18
CA PRO A 1851 16.54 25.25 2.80
C PRO A 1851 15.62 25.97 1.84
N ILE A 1852 16.19 26.47 0.73
CA ILE A 1852 15.42 27.23 -0.24
C ILE A 1852 14.37 26.37 -0.94
N SER A 1853 14.45 25.06 -0.76
CA SER A 1853 13.42 24.19 -1.31
C SER A 1853 12.09 24.43 -0.61
N GLN A 1854 12.09 24.47 0.72
CA GLN A 1854 10.88 24.64 1.51
C GLN A 1854 10.42 26.10 1.56
N ILE A 1855 10.99 26.98 0.74
CA ILE A 1855 10.55 28.36 0.60
C ILE A 1855 10.05 28.63 -0.81
N ALA A 1856 10.84 28.24 -1.81
CA ALA A 1856 10.54 28.53 -3.21
C ALA A 1856 11.00 27.36 -4.06
N PRO A 1857 10.27 26.26 -4.04
CA PRO A 1857 10.71 25.05 -4.75
C PRO A 1857 10.55 25.16 -6.26
N ASP A 1858 10.17 26.30 -6.78
CA ASP A 1858 10.22 26.49 -8.22
C ASP A 1858 11.59 26.97 -8.69
N LEU A 1859 12.38 27.58 -7.81
CA LEU A 1859 13.73 27.97 -8.17
C LEU A 1859 14.67 26.78 -8.11
N ILE A 1860 14.89 26.23 -6.92
CA ILE A 1860 15.57 24.94 -6.86
C ILE A 1860 14.67 23.88 -7.44
N LEU A 1861 15.25 23.01 -8.28
CA LEU A 1861 14.45 22.09 -9.07
C LEU A 1861 13.84 21.02 -8.17
N ALA A 1862 12.82 21.41 -7.41
CA ALA A 1862 12.12 20.52 -6.52
C ALA A 1862 10.66 20.34 -6.88
N ASP A 1863 10.09 21.23 -7.70
CA ASP A 1863 8.68 21.10 -8.07
C ASP A 1863 8.44 19.88 -8.94
N LEU A 1864 9.45 19.41 -9.65
CA LEU A 1864 9.29 18.23 -10.48
C LEU A 1864 9.12 16.99 -9.61
N PRO A 1865 8.60 15.91 -10.17
CA PRO A 1865 8.71 14.62 -9.49
C PRO A 1865 10.15 14.15 -9.55
N ARG A 1866 10.48 13.17 -8.70
CA ARG A 1866 11.76 12.45 -8.79
C ARG A 1866 12.94 13.42 -8.67
N ASN A 1867 13.12 13.96 -7.45
CA ASN A 1867 14.19 14.90 -7.13
C ASN A 1867 15.48 14.54 -7.87
N ILE A 1868 16.04 15.51 -8.57
CA ILE A 1868 16.91 15.22 -9.70
C ILE A 1868 18.23 15.97 -9.66
N MET A 1869 18.51 16.76 -8.61
CA MET A 1869 19.77 17.48 -8.51
C MET A 1869 20.95 16.52 -8.62
N LEU A 1870 22.09 17.04 -9.06
CA LEU A 1870 23.12 16.18 -9.61
C LEU A 1870 24.29 15.90 -8.69
N ASN A 1871 24.21 16.26 -7.41
CA ASN A 1871 25.25 15.94 -6.43
C ASN A 1871 26.63 16.38 -6.94
N ASN A 1872 26.79 17.70 -7.02
CA ASN A 1872 27.88 18.36 -7.73
C ASN A 1872 29.28 17.85 -7.37
N ASP A 1873 29.39 17.10 -6.27
CA ASP A 1873 30.69 16.53 -5.92
C ASP A 1873 31.12 15.45 -6.90
N GLU A 1874 30.16 14.78 -7.56
CA GLU A 1874 30.45 13.65 -8.42
C GLU A 1874 30.52 14.02 -9.90
N LEU A 1875 30.25 15.26 -10.26
CA LEU A 1875 30.38 15.70 -11.65
C LEU A 1875 31.81 16.15 -11.92
N GLU A 1876 32.29 15.88 -13.12
CA GLU A 1876 33.66 16.16 -13.54
C GLU A 1876 33.67 16.90 -14.87
N PHE A 1877 32.85 17.94 -14.96
CA PHE A 1877 32.60 18.67 -16.19
C PHE A 1877 33.58 19.83 -16.36
N GLU A 1878 33.93 20.14 -17.60
CA GLU A 1878 34.82 21.25 -17.95
C GLU A 1878 34.16 22.02 -19.09
N GLN A 1879 33.57 23.17 -18.78
CA GLN A 1879 32.71 23.86 -19.75
C GLN A 1879 33.53 24.56 -20.83
N ALA A 1880 34.38 25.51 -20.41
CA ALA A 1880 35.07 26.41 -21.32
C ALA A 1880 35.74 25.74 -22.53
N PRO A 1881 36.49 24.65 -22.40
CA PRO A 1881 37.20 24.12 -23.59
C PRO A 1881 36.22 23.60 -24.63
N GLU A 1882 36.42 24.04 -25.87
CA GLU A 1882 35.81 23.36 -27.01
C GLU A 1882 36.39 21.98 -27.23
N PHE A 1883 37.43 21.60 -26.48
CA PHE A 1883 37.97 20.25 -26.39
C PHE A 1883 36.86 19.23 -26.22
N LEU A 1884 35.85 19.57 -25.42
CA LEU A 1884 34.89 18.58 -24.96
C LEU A 1884 33.48 18.87 -25.46
N LEU A 1885 33.36 19.55 -26.59
CA LEU A 1885 32.06 19.72 -27.22
C LEU A 1885 31.53 18.36 -27.64
N GLY A 1886 30.27 18.08 -27.30
CA GLY A 1886 29.65 16.82 -27.68
C GLY A 1886 29.86 16.48 -29.14
N ASP A 1887 29.72 17.49 -30.00
CA ASP A 1887 30.20 17.56 -31.38
C ASP A 1887 29.79 18.94 -31.89
N GLY A 1888 30.43 19.36 -32.98
CA GLY A 1888 30.07 20.63 -33.59
C GLY A 1888 28.62 20.64 -34.05
N SER A 1889 27.93 21.75 -33.77
CA SER A 1889 26.56 22.01 -34.24
C SER A 1889 25.54 21.07 -33.61
N PHE A 1890 25.70 20.79 -32.32
CA PHE A 1890 24.67 20.14 -31.53
C PHE A 1890 24.08 21.09 -30.50
N GLY A 1891 24.23 22.39 -30.72
CA GLY A 1891 23.88 23.37 -29.71
C GLY A 1891 25.06 23.64 -28.81
N SER A 1892 24.81 23.65 -27.50
CA SER A 1892 25.86 23.80 -26.51
C SER A 1892 26.03 22.53 -25.69
N VAL A 1893 25.92 21.39 -26.35
CA VAL A 1893 26.07 20.10 -25.69
C VAL A 1893 27.55 19.78 -25.56
N TYR A 1894 28.00 19.50 -24.35
CA TYR A 1894 29.39 19.15 -24.10
C TYR A 1894 29.48 17.70 -23.64
N ARG A 1895 30.68 17.28 -23.30
CA ARG A 1895 30.96 15.94 -22.83
C ARG A 1895 31.51 16.00 -21.43
N ALA A 1896 30.96 15.19 -20.52
CA ALA A 1896 31.41 15.16 -19.15
C ALA A 1896 31.31 13.75 -18.62
N ALA A 1897 31.92 13.53 -17.46
CA ALA A 1897 31.89 12.22 -16.81
C ALA A 1897 31.19 12.38 -15.46
N TYR A 1898 30.04 11.73 -15.31
CA TYR A 1898 29.21 11.83 -14.13
C TYR A 1898 29.08 10.46 -13.50
N GLU A 1899 29.43 10.37 -12.22
CA GLU A 1899 29.39 9.13 -11.45
C GLU A 1899 30.22 8.02 -12.10
N GLY A 1900 31.33 8.40 -12.74
CA GLY A 1900 32.24 7.44 -13.32
C GLY A 1900 31.91 7.00 -14.73
N GLU A 1901 30.88 7.57 -15.34
CA GLU A 1901 30.51 7.24 -16.71
C GLU A 1901 30.40 8.50 -17.54
N GLU A 1902 30.76 8.40 -18.81
CA GLU A 1902 30.74 9.54 -19.70
C GLU A 1902 29.30 9.91 -20.04
N VAL A 1903 28.99 11.21 -19.96
CA VAL A 1903 27.65 11.74 -20.23
C VAL A 1903 27.76 12.99 -21.08
N ALA A 1904 26.65 13.36 -21.70
CA ALA A 1904 26.56 14.56 -22.52
C ALA A 1904 25.73 15.60 -21.81
N VAL A 1905 26.35 16.73 -21.46
CA VAL A 1905 25.73 17.75 -20.63
C VAL A 1905 25.45 19.00 -21.46
N LYS A 1906 24.17 19.33 -21.62
CA LYS A 1906 23.79 20.57 -22.27
C LYS A 1906 23.82 21.69 -21.27
N ILE A 1907 24.51 22.78 -21.61
CA ILE A 1907 24.53 23.98 -20.79
C ILE A 1907 23.41 24.89 -21.27
N PHE A 1908 22.25 24.83 -20.59
CA PHE A 1908 21.12 25.68 -20.91
C PHE A 1908 21.23 27.05 -20.25
N ASN A 1909 22.36 27.36 -19.64
CA ASN A 1909 22.49 28.64 -18.94
C ASN A 1909 22.62 29.78 -19.95
N LYS A 1910 21.91 30.87 -19.65
CA LYS A 1910 21.93 32.08 -20.46
C LYS A 1910 21.27 33.19 -19.64
N HIS A 1911 21.02 34.33 -20.27
CA HIS A 1911 20.29 35.41 -19.62
C HIS A 1911 18.84 35.05 -19.33
N THR A 1912 18.28 34.08 -20.05
CA THR A 1912 16.90 33.64 -19.85
C THR A 1912 16.74 33.02 -18.46
N SER A 1913 15.49 32.92 -18.03
CA SER A 1913 15.20 32.41 -16.70
C SER A 1913 15.12 30.89 -16.72
N LEU A 1914 14.63 30.29 -15.64
CA LEU A 1914 14.45 28.85 -15.56
C LEU A 1914 13.23 28.35 -16.32
N ARG A 1915 12.59 29.21 -17.10
CA ARG A 1915 11.39 28.81 -17.84
C ARG A 1915 11.69 27.64 -18.77
N LEU A 1916 12.68 27.80 -19.66
CA LEU A 1916 12.96 26.78 -20.66
C LEU A 1916 13.50 25.51 -20.02
N LEU A 1917 14.43 25.65 -19.07
CA LEU A 1917 14.99 24.47 -18.41
C LEU A 1917 13.91 23.67 -17.69
N ARG A 1918 13.05 24.36 -16.94
CA ARG A 1918 12.00 23.66 -16.21
C ARG A 1918 10.98 23.05 -17.17
N GLN A 1919 10.71 23.72 -18.28
CA GLN A 1919 9.82 23.14 -19.29
C GLN A 1919 10.39 21.84 -19.82
N GLU A 1920 11.66 21.86 -20.24
CA GLU A 1920 12.29 20.66 -20.77
C GLU A 1920 12.35 19.55 -19.73
N LEU A 1921 12.65 19.91 -18.47
CA LEU A 1921 12.69 18.91 -17.42
C LEU A 1921 11.32 18.32 -17.15
N VAL A 1922 10.26 19.13 -17.22
CA VAL A 1922 8.92 18.60 -17.04
C VAL A 1922 8.60 17.61 -18.14
N VAL A 1923 8.89 17.99 -19.39
CA VAL A 1923 8.64 17.10 -20.52
C VAL A 1923 9.41 15.80 -20.36
N LEU A 1924 10.71 15.90 -20.07
CA LEU A 1924 11.57 14.73 -20.00
C LEU A 1924 11.34 13.88 -18.76
N CYS A 1925 10.79 14.45 -17.69
CA CYS A 1925 10.77 13.74 -16.41
C CYS A 1925 9.82 12.56 -16.42
N HIS A 1926 8.83 12.54 -17.30
CA HIS A 1926 7.98 11.37 -17.47
C HIS A 1926 7.88 11.07 -18.96
N LEU A 1927 8.90 10.41 -19.51
CA LEU A 1927 8.76 9.71 -20.78
C LEU A 1927 9.12 8.24 -20.67
N HIS A 1928 10.35 7.92 -20.25
CA HIS A 1928 10.78 6.56 -19.90
C HIS A 1928 10.47 5.54 -20.99
N HIS A 1929 11.14 5.71 -22.13
CA HIS A 1929 11.04 4.74 -23.20
C HIS A 1929 12.43 4.38 -23.69
N PRO A 1930 12.67 3.11 -24.03
CA PRO A 1930 14.03 2.70 -24.45
C PRO A 1930 14.48 3.32 -25.76
N SER A 1931 13.61 3.98 -26.51
CA SER A 1931 14.02 4.61 -27.75
C SER A 1931 14.05 6.13 -27.64
N LEU A 1932 13.94 6.67 -26.44
CA LEU A 1932 14.07 8.10 -26.19
C LEU A 1932 15.19 8.31 -25.17
N ILE A 1933 15.99 9.37 -25.36
CA ILE A 1933 17.13 9.63 -24.48
C ILE A 1933 16.69 9.79 -23.03
N SER A 1934 17.42 9.14 -22.13
CA SER A 1934 17.07 9.06 -20.74
C SER A 1934 17.68 10.26 -20.02
N LEU A 1935 17.01 10.71 -18.97
CA LEU A 1935 17.48 11.84 -18.18
C LEU A 1935 18.22 11.32 -16.96
N LEU A 1936 19.43 11.81 -16.78
CA LEU A 1936 20.27 11.38 -15.65
C LEU A 1936 20.20 12.35 -14.48
N ALA A 1937 20.30 13.65 -14.73
CA ALA A 1937 20.27 14.63 -13.66
C ALA A 1937 20.07 16.01 -14.26
N ALA A 1938 20.04 17.02 -13.38
CA ALA A 1938 19.92 18.41 -13.78
C ALA A 1938 20.43 19.29 -12.65
N GLY A 1939 21.04 20.41 -13.02
CA GLY A 1939 21.68 21.27 -12.05
C GLY A 1939 21.43 22.74 -12.32
N ILE A 1940 21.40 23.52 -11.25
CA ILE A 1940 21.19 24.96 -11.33
C ILE A 1940 22.49 25.75 -11.36
N ARG A 1941 23.62 25.12 -11.00
CA ARG A 1941 24.89 25.84 -10.89
C ARG A 1941 25.93 25.15 -11.77
N PRO A 1942 25.98 25.50 -13.05
CA PRO A 1942 25.08 26.40 -13.75
C PRO A 1942 23.88 25.63 -14.24
N ARG A 1943 23.02 26.25 -15.04
CA ARG A 1943 21.87 25.57 -15.61
C ARG A 1943 22.34 24.50 -16.58
N MET A 1944 22.13 23.24 -16.23
CA MET A 1944 22.64 22.18 -17.08
C MET A 1944 21.73 20.98 -17.02
N LEU A 1945 21.79 20.19 -18.08
CA LEU A 1945 21.08 18.94 -18.22
C LEU A 1945 22.12 17.83 -18.32
N VAL A 1946 21.83 16.67 -17.75
CA VAL A 1946 22.73 15.53 -17.81
C VAL A 1946 21.96 14.36 -18.40
N MET A 1947 22.42 13.87 -19.56
CA MET A 1947 21.76 12.78 -20.25
C MET A 1947 22.78 11.71 -20.64
N GLU A 1948 22.28 10.55 -21.02
CA GLU A 1948 23.14 9.44 -21.41
C GLU A 1948 23.93 9.79 -22.66
N LEU A 1949 25.08 9.14 -22.84
CA LEU A 1949 25.97 9.41 -23.96
C LEU A 1949 25.81 8.35 -25.02
N ALA A 1950 25.44 8.77 -26.23
CA ALA A 1950 25.40 7.90 -27.39
C ALA A 1950 26.79 7.81 -27.99
N SER A 1951 27.46 6.68 -27.80
CA SER A 1951 28.89 6.59 -28.07
C SER A 1951 29.20 6.75 -29.55
N LYS A 1952 28.36 6.20 -30.42
CA LYS A 1952 28.65 6.19 -31.85
C LYS A 1952 28.16 7.43 -32.58
N GLY A 1953 27.74 8.46 -31.87
CA GLY A 1953 27.36 9.72 -32.51
C GLY A 1953 26.02 9.63 -33.22
N SER A 1954 25.66 10.74 -33.84
CA SER A 1954 24.40 10.84 -34.55
C SER A 1954 24.44 10.05 -35.85
N LEU A 1955 23.26 9.66 -36.33
CA LEU A 1955 23.16 8.86 -37.54
C LEU A 1955 23.71 9.59 -38.76
N ASP A 1956 23.58 10.92 -38.77
CA ASP A 1956 24.01 11.72 -39.92
C ASP A 1956 25.49 11.50 -40.22
N ARG A 1957 26.33 11.46 -39.19
CA ARG A 1957 27.76 11.25 -39.40
C ARG A 1957 28.03 9.86 -39.98
N LEU A 1958 27.29 8.86 -39.51
CA LEU A 1958 27.43 7.52 -40.09
C LEU A 1958 27.08 7.53 -41.57
N LEU A 1959 25.97 8.20 -41.93
CA LEU A 1959 25.61 8.33 -43.34
C LEU A 1959 26.70 9.06 -44.12
N GLN A 1960 27.43 9.96 -43.45
CA GLN A 1960 28.47 10.71 -44.13
C GLN A 1960 29.79 9.95 -44.18
N GLN A 1961 30.24 9.42 -43.05
CA GLN A 1961 31.61 8.95 -42.92
C GLN A 1961 31.77 7.47 -43.26
N ASP A 1962 31.11 6.59 -42.52
CA ASP A 1962 31.28 5.15 -42.70
C ASP A 1962 29.97 4.57 -43.21
N LYS A 1963 29.78 4.61 -44.54
CA LYS A 1963 28.58 4.04 -45.12
C LYS A 1963 28.64 2.51 -45.12
N ALA A 1964 29.85 1.94 -45.17
CA ALA A 1964 29.97 0.49 -45.18
C ALA A 1964 29.57 -0.15 -43.86
N SER A 1965 29.57 0.61 -42.77
CA SER A 1965 29.17 0.05 -41.48
C SER A 1965 27.69 -0.32 -41.45
N LEU A 1966 26.87 0.43 -42.17
CA LEU A 1966 25.45 0.11 -42.24
C LEU A 1966 25.21 -1.11 -43.12
N THR A 1967 24.58 -2.13 -42.54
CA THR A 1967 24.11 -3.30 -43.27
C THR A 1967 22.61 -3.35 -43.17
N ARG A 1968 22.00 -4.30 -43.87
CA ARG A 1968 20.54 -4.37 -43.94
C ARG A 1968 19.93 -4.56 -42.55
N THR A 1969 20.55 -5.40 -41.72
CA THR A 1969 19.99 -5.65 -40.39
C THR A 1969 20.09 -4.41 -39.51
N LEU A 1970 21.22 -3.71 -39.57
CA LEU A 1970 21.38 -2.50 -38.77
C LEU A 1970 20.41 -1.42 -39.22
N GLN A 1971 20.27 -1.23 -40.54
CA GLN A 1971 19.31 -0.26 -41.05
C GLN A 1971 17.91 -0.57 -40.58
N HIS A 1972 17.52 -1.85 -40.64
CA HIS A 1972 16.19 -2.23 -40.17
C HIS A 1972 16.03 -1.95 -38.69
N ARG A 1973 17.06 -2.25 -37.89
CA ARG A 1973 16.96 -2.04 -36.45
C ARG A 1973 16.82 -0.55 -36.13
N ILE A 1974 17.55 0.30 -36.86
CA ILE A 1974 17.45 1.73 -36.63
C ILE A 1974 16.05 2.23 -36.95
N ALA A 1975 15.52 1.81 -38.11
CA ALA A 1975 14.18 2.21 -38.48
C ALA A 1975 13.15 1.73 -37.46
N LEU A 1976 13.30 0.50 -36.99
CA LEU A 1976 12.35 -0.06 -36.02
C LEU A 1976 12.39 0.73 -34.72
N HIS A 1977 13.58 1.09 -34.26
CA HIS A 1977 13.70 1.78 -32.99
C HIS A 1977 13.14 3.20 -33.08
N VAL A 1978 13.40 3.89 -34.19
CA VAL A 1978 12.85 5.24 -34.34
C VAL A 1978 11.34 5.18 -34.49
N ALA A 1979 10.82 4.18 -35.19
CA ALA A 1979 9.37 4.02 -35.30
C ALA A 1979 8.73 3.74 -33.96
N ASP A 1980 9.37 2.91 -33.14
CA ASP A 1980 8.86 2.66 -31.80
C ASP A 1980 8.87 3.92 -30.96
N GLY A 1981 9.92 4.72 -31.07
CA GLY A 1981 9.96 5.99 -30.35
C GLY A 1981 8.81 6.92 -30.73
N LEU A 1982 8.62 7.12 -32.05
CA LEU A 1982 7.52 7.96 -32.50
C LEU A 1982 6.17 7.40 -32.08
N ARG A 1983 6.03 6.07 -32.09
CA ARG A 1983 4.78 5.45 -31.67
C ARG A 1983 4.51 5.76 -30.21
N TYR A 1984 5.52 5.68 -29.36
CA TYR A 1984 5.30 5.98 -27.95
C TYR A 1984 4.97 7.45 -27.74
N LEU A 1985 5.63 8.33 -28.49
CA LEU A 1985 5.33 9.75 -28.39
C LEU A 1985 3.88 10.03 -28.77
N HIS A 1986 3.45 9.48 -29.90
CA HIS A 1986 2.06 9.71 -30.30
C HIS A 1986 1.09 9.05 -29.33
N SER A 1987 1.51 7.94 -28.70
CA SER A 1987 0.70 7.35 -27.65
C SER A 1987 0.58 8.27 -26.45
N ALA A 1988 1.52 9.21 -26.31
CA ALA A 1988 1.44 10.20 -25.23
C ALA A 1988 0.92 11.54 -25.72
N MET A 1989 0.40 11.58 -26.95
CA MET A 1989 -0.17 12.79 -27.56
C MET A 1989 0.84 13.94 -27.61
N ILE A 1990 2.02 13.65 -28.14
CA ILE A 1990 3.10 14.62 -28.30
C ILE A 1990 3.55 14.60 -29.75
N ILE A 1991 3.82 15.77 -30.31
CA ILE A 1991 4.23 15.90 -31.70
C ILE A 1991 5.71 16.27 -31.73
N TYR A 1992 6.55 15.34 -32.19
CA TYR A 1992 7.96 15.56 -32.46
C TYR A 1992 8.11 16.34 -33.76
N ARG A 1993 8.24 17.66 -33.63
CA ARG A 1993 8.05 18.60 -34.74
C ARG A 1993 8.80 18.19 -36.00
N ASP A 1994 10.13 18.14 -35.94
CA ASP A 1994 10.94 17.78 -37.09
C ASP A 1994 11.79 16.57 -36.74
N LEU A 1995 12.06 15.72 -37.73
CA LEU A 1995 12.84 14.52 -37.51
C LEU A 1995 13.82 14.37 -38.66
N LYS A 1996 15.11 14.48 -38.35
CA LYS A 1996 16.20 14.38 -39.31
C LYS A 1996 17.19 13.35 -38.81
N PRO A 1997 18.06 12.83 -39.68
CA PRO A 1997 19.13 11.95 -39.19
C PRO A 1997 20.02 12.60 -38.15
N HIS A 1998 20.09 13.93 -38.13
CA HIS A 1998 20.83 14.65 -37.11
C HIS A 1998 20.23 14.44 -35.73
N ASN A 1999 18.99 13.95 -35.65
CA ASN A 1999 18.30 13.74 -34.39
C ASN A 1999 18.18 12.27 -34.03
N VAL A 2000 18.95 11.39 -34.65
CA VAL A 2000 18.89 9.96 -34.38
C VAL A 2000 20.26 9.52 -33.89
N LEU A 2001 20.37 9.25 -32.60
CA LEU A 2001 21.63 8.86 -32.00
C LEU A 2001 21.78 7.35 -32.04
N LEU A 2002 23.03 6.91 -32.18
CA LEU A 2002 23.34 5.48 -32.23
C LEU A 2002 24.18 5.10 -31.04
N PHE A 2003 23.69 4.15 -30.25
CA PHE A 2003 24.39 3.72 -29.05
C PHE A 2003 25.25 2.49 -29.28
N THR A 2004 25.21 1.90 -30.47
CA THR A 2004 26.04 0.76 -30.83
C THR A 2004 25.91 0.54 -32.32
N LEU A 2005 26.71 -0.40 -32.82
CA LEU A 2005 26.64 -0.82 -34.21
C LEU A 2005 26.50 -2.33 -34.35
N TYR A 2006 26.30 -3.03 -33.24
CA TYR A 2006 26.10 -4.46 -33.27
C TYR A 2006 24.65 -4.76 -33.60
N PRO A 2007 24.37 -5.53 -34.66
CA PRO A 2007 22.97 -5.70 -35.10
C PRO A 2007 22.07 -6.34 -34.06
N ASN A 2008 22.57 -7.32 -33.31
CA ASN A 2008 21.73 -8.02 -32.33
C ASN A 2008 21.86 -7.37 -30.96
N ALA A 2009 21.64 -6.06 -30.90
CA ALA A 2009 21.66 -5.30 -29.66
C ALA A 2009 20.24 -4.92 -29.28
N ALA A 2010 19.99 -4.84 -27.97
CA ALA A 2010 18.67 -4.46 -27.50
C ALA A 2010 18.37 -3.01 -27.81
N ILE A 2011 19.35 -2.12 -27.64
CA ILE A 2011 19.15 -0.69 -27.84
C ILE A 2011 20.21 -0.19 -28.81
N ILE A 2012 19.76 0.32 -29.96
CA ILE A 2012 20.67 0.79 -31.00
C ILE A 2012 20.42 2.27 -31.25
N ALA A 2013 19.22 2.62 -31.69
CA ALA A 2013 18.89 3.99 -32.07
C ALA A 2013 17.96 4.63 -31.05
N LYS A 2014 18.14 5.92 -30.86
CA LYS A 2014 17.29 6.74 -30.00
C LYS A 2014 16.97 8.05 -30.73
N ILE A 2015 16.02 8.79 -30.17
CA ILE A 2015 15.55 10.06 -30.70
C ILE A 2015 16.03 11.19 -29.79
N ALA A 2016 16.29 12.36 -30.38
CA ALA A 2016 16.69 13.51 -29.58
C ALA A 2016 16.27 14.82 -30.20
N ASP A 2017 15.92 15.78 -29.34
CA ASP A 2017 15.58 17.13 -29.78
C ASP A 2017 16.48 18.08 -29.03
N TYR A 2018 17.56 18.51 -29.66
CA TYR A 2018 18.53 19.37 -29.00
C TYR A 2018 18.02 20.77 -28.72
N GLY A 2019 16.88 21.14 -29.30
CA GLY A 2019 16.27 22.43 -29.05
C GLY A 2019 17.07 23.61 -29.56
N ILE A 2020 17.87 23.40 -30.60
CA ILE A 2020 18.66 24.48 -31.17
C ILE A 2020 17.75 25.53 -31.79
N GLY A 2034 9.44 23.90 -40.33
CA GLY A 2034 10.44 22.86 -40.23
C GLY A 2034 11.61 23.03 -41.18
N THR A 2035 12.58 22.14 -41.08
CA THR A 2035 13.75 22.19 -41.95
C THR A 2035 13.31 22.02 -43.41
N PRO A 2036 13.84 22.82 -44.34
CA PRO A 2036 13.37 22.76 -45.73
C PRO A 2036 13.45 21.39 -46.38
N GLY A 2037 14.57 20.69 -46.20
CA GLY A 2037 14.73 19.41 -46.88
C GLY A 2037 13.90 18.30 -46.27
N PHE A 2038 13.56 18.42 -44.99
CA PHE A 2038 12.95 17.32 -44.24
C PHE A 2038 11.60 17.74 -43.67
N ARG A 2039 10.76 18.37 -44.49
CA ARG A 2039 9.44 18.78 -44.05
C ARG A 2039 8.38 18.25 -45.00
N ALA A 2040 7.19 18.02 -44.47
CA ALA A 2040 6.07 17.62 -45.29
C ALA A 2040 5.62 18.79 -46.17
N PRO A 2041 5.11 18.51 -47.38
CA PRO A 2041 4.62 19.60 -48.22
C PRO A 2041 3.46 20.37 -47.60
N GLU A 2042 2.56 19.66 -46.92
CA GLU A 2042 1.47 20.34 -46.20
C GLU A 2042 2.01 21.29 -45.13
N VAL A 2043 3.15 20.94 -44.52
CA VAL A 2043 3.77 21.82 -43.55
C VAL A 2043 4.44 22.99 -44.25
N ALA A 2044 5.05 22.73 -45.41
CA ALA A 2044 5.73 23.79 -46.16
C ALA A 2044 4.73 24.83 -46.66
N ARG A 2045 3.50 24.41 -46.97
CA ARG A 2045 2.47 25.33 -47.45
C ARG A 2045 1.97 26.28 -46.37
N GLY A 2046 2.43 26.16 -45.13
CA GLY A 2046 1.91 27.00 -44.07
C GLY A 2046 0.47 26.72 -43.69
N ASN A 2047 0.00 25.49 -43.89
CA ASN A 2047 -1.43 25.23 -43.79
C ASN A 2047 -1.88 25.16 -42.34
N VAL A 2048 -1.37 24.20 -41.57
CA VAL A 2048 -1.90 23.89 -40.25
C VAL A 2048 -0.74 23.54 -39.32
N ILE A 2049 -1.09 23.19 -38.09
CA ILE A 2049 -0.12 22.72 -37.12
C ILE A 2049 0.44 21.38 -37.59
N TYR A 2050 1.65 21.05 -37.12
CA TYR A 2050 2.38 19.89 -37.60
C TYR A 2050 1.50 18.65 -37.59
N ASN A 2051 0.98 18.26 -36.43
CA ASN A 2051 0.07 17.13 -36.28
C ASN A 2051 0.82 15.81 -36.34
N GLN A 2052 0.19 14.75 -35.85
CA GLN A 2052 0.82 13.44 -35.85
C GLN A 2052 0.97 12.93 -37.28
N GLN A 2053 0.00 13.19 -38.14
CA GLN A 2053 0.01 12.56 -39.44
C GLN A 2053 1.05 13.16 -40.39
N ALA A 2054 1.84 14.16 -39.97
CA ALA A 2054 2.94 14.65 -40.78
C ALA A 2054 4.28 14.08 -40.32
N ASP A 2055 4.36 13.72 -39.04
CA ASP A 2055 5.56 13.07 -38.53
C ASP A 2055 5.83 11.79 -39.29
N VAL A 2056 4.77 11.14 -39.77
CA VAL A 2056 4.95 9.91 -40.55
C VAL A 2056 5.58 10.23 -41.89
N TYR A 2057 5.27 11.38 -42.48
CA TYR A 2057 5.95 11.79 -43.71
C TYR A 2057 7.43 12.07 -43.44
N SER A 2058 7.71 12.78 -42.35
CA SER A 2058 9.10 13.03 -41.98
C SER A 2058 9.84 11.72 -41.75
N PHE A 2059 9.17 10.74 -41.14
CA PHE A 2059 9.80 9.46 -40.90
C PHE A 2059 10.01 8.70 -42.20
N GLY A 2060 9.10 8.84 -43.16
CA GLY A 2060 9.32 8.25 -44.47
C GLY A 2060 10.51 8.87 -45.17
N LEU A 2061 10.72 10.17 -44.99
CA LEU A 2061 11.90 10.81 -45.54
C LEU A 2061 13.17 10.25 -44.89
N LEU A 2062 13.15 10.08 -43.57
CA LEU A 2062 14.29 9.49 -42.88
C LEU A 2062 14.55 8.07 -43.37
N LEU A 2063 13.49 7.29 -43.59
CA LEU A 2063 13.63 5.95 -44.14
C LEU A 2063 14.25 5.97 -45.53
N TYR A 2064 13.84 6.95 -46.35
CA TYR A 2064 14.44 7.11 -47.67
C TYR A 2064 15.93 7.40 -47.55
N ASP A 2065 16.31 8.19 -46.55
CA ASP A 2065 17.72 8.54 -46.40
C ASP A 2065 18.53 7.36 -45.89
N ILE A 2066 17.93 6.55 -45.02
CA ILE A 2066 18.59 5.34 -44.54
C ILE A 2066 18.76 4.35 -45.67
N LEU A 2067 17.71 4.15 -46.47
CA LEU A 2067 17.77 3.22 -47.59
C LEU A 2067 18.84 3.62 -48.59
N THR A 2068 18.84 4.89 -49.00
CA THR A 2068 19.81 5.39 -49.96
C THR A 2068 21.17 5.67 -49.35
N THR A 2069 21.36 5.40 -48.05
CA THR A 2069 22.58 5.66 -47.31
C THR A 2069 23.05 7.11 -47.51
N GLY A 2070 22.20 8.04 -47.09
CA GLY A 2070 22.58 9.44 -47.07
C GLY A 2070 22.91 10.05 -48.40
N GLY A 2071 22.45 9.44 -49.50
CA GLY A 2071 22.75 9.97 -50.82
C GLY A 2071 22.00 11.24 -51.13
N ARG A 2072 20.74 11.33 -50.69
CA ARG A 2072 19.93 12.50 -51.01
C ARG A 2072 20.41 13.74 -50.28
N ILE A 2073 20.91 13.58 -49.04
CA ILE A 2073 21.39 14.71 -48.26
C ILE A 2073 22.51 15.42 -49.00
N VAL A 2074 23.44 14.67 -49.56
CA VAL A 2074 24.55 15.24 -50.31
C VAL A 2074 24.15 15.47 -51.76
N LYS A 2091 7.26 13.93 -54.81
CA LYS A 2091 8.00 14.01 -56.06
C LYS A 2091 9.38 13.38 -55.92
N LEU A 2092 9.50 12.42 -55.01
CA LEU A 2092 10.79 11.82 -54.72
C LEU A 2092 11.18 10.83 -55.82
N PRO A 2093 12.46 10.78 -56.20
CA PRO A 2093 12.88 9.88 -57.28
C PRO A 2093 12.80 8.41 -56.89
N ASP A 2094 13.09 7.53 -57.84
CA ASP A 2094 13.16 6.10 -57.55
C ASP A 2094 14.44 5.81 -56.79
N PRO A 2095 14.36 5.24 -55.58
CA PRO A 2095 15.58 5.01 -54.80
C PRO A 2095 16.58 4.10 -55.48
N VAL A 2096 16.11 3.06 -56.15
CA VAL A 2096 17.03 2.15 -56.81
C VAL A 2096 17.64 2.78 -58.05
N LYS A 2097 16.92 3.72 -58.68
CA LYS A 2097 17.37 4.28 -59.95
C LYS A 2097 18.29 5.47 -59.76
N GLU A 2098 17.85 6.48 -59.00
CA GLU A 2098 18.63 7.69 -58.84
C GLU A 2098 19.93 7.43 -58.08
N TYR A 2099 19.92 6.51 -57.13
CA TYR A 2099 21.11 6.14 -56.39
C TYR A 2099 21.27 4.63 -56.42
N GLY A 2100 22.51 4.17 -56.25
CA GLY A 2100 22.76 2.74 -56.19
C GLY A 2100 22.46 2.16 -54.82
N CYS A 2101 21.61 1.14 -54.79
CA CYS A 2101 21.24 0.44 -53.56
C CYS A 2101 20.43 -0.78 -53.93
N ALA A 2102 20.51 -1.81 -53.09
CA ALA A 2102 19.70 -3.00 -53.28
C ALA A 2102 18.23 -2.65 -53.09
N PRO A 2103 17.32 -3.33 -53.81
CA PRO A 2103 15.92 -2.91 -53.84
C PRO A 2103 15.21 -2.80 -52.50
N TRP A 2104 15.13 -3.88 -51.72
CA TRP A 2104 14.40 -3.93 -50.46
C TRP A 2104 12.95 -3.53 -50.70
N PRO A 2105 12.15 -4.37 -51.39
CA PRO A 2105 10.87 -3.89 -51.91
C PRO A 2105 9.82 -3.57 -50.85
N MET A 2106 9.78 -4.30 -49.73
CA MET A 2106 8.78 -4.01 -48.72
C MET A 2106 8.97 -2.62 -48.15
N VAL A 2107 10.22 -2.19 -47.97
CA VAL A 2107 10.47 -0.85 -47.46
C VAL A 2107 10.21 0.20 -48.52
N GLU A 2108 10.46 -0.11 -49.80
CA GLU A 2108 10.07 0.84 -50.85
C GLU A 2108 8.57 1.06 -50.86
N LYS A 2109 7.80 -0.02 -50.67
CA LYS A 2109 6.35 0.13 -50.59
C LYS A 2109 5.95 0.93 -49.36
N LEU A 2110 6.62 0.70 -48.22
CA LEU A 2110 6.31 1.46 -47.02
C LEU A 2110 6.63 2.94 -47.21
N ILE A 2111 7.77 3.25 -47.83
CA ILE A 2111 8.12 4.63 -48.13
C ILE A 2111 7.05 5.27 -49.01
N LYS A 2112 6.74 4.63 -50.15
CA LYS A 2112 5.73 5.17 -51.05
C LYS A 2112 4.37 5.28 -50.37
N GLN A 2113 4.14 4.53 -49.29
CA GLN A 2113 2.90 4.66 -48.52
C GLN A 2113 2.92 5.91 -47.66
N CYS A 2114 3.91 6.04 -46.78
CA CYS A 2114 3.93 7.14 -45.83
C CYS A 2114 4.41 8.45 -46.43
N LEU A 2115 4.49 8.56 -47.76
CA LEU A 2115 4.85 9.81 -48.42
C LEU A 2115 3.74 10.30 -49.34
N LYS A 2116 2.49 9.88 -49.10
CA LYS A 2116 1.38 10.27 -49.95
C LYS A 2116 0.94 11.69 -49.60
N GLU A 2117 0.35 12.37 -50.59
CA GLU A 2117 -0.03 13.77 -50.40
C GLU A 2117 -1.16 13.92 -49.40
N ASN A 2118 -2.24 13.18 -49.58
CA ASN A 2118 -3.38 13.24 -48.68
C ASN A 2118 -3.00 12.67 -47.32
N PRO A 2119 -2.98 13.47 -46.26
CA PRO A 2119 -2.52 12.95 -44.96
C PRO A 2119 -3.38 11.83 -44.40
N GLN A 2120 -4.64 11.73 -44.81
CA GLN A 2120 -5.46 10.60 -44.37
C GLN A 2120 -4.97 9.28 -44.93
N GLU A 2121 -4.18 9.31 -46.01
CA GLU A 2121 -3.62 8.09 -46.59
C GLU A 2121 -2.34 7.63 -45.92
N ARG A 2122 -1.67 8.50 -45.16
CA ARG A 2122 -0.47 8.10 -44.44
C ARG A 2122 -0.85 7.15 -43.31
N PRO A 2123 -0.15 6.04 -43.14
CA PRO A 2123 -0.47 5.13 -42.04
C PRO A 2123 -0.14 5.74 -40.69
N THR A 2124 -0.88 5.32 -39.67
CA THR A 2124 -0.60 5.80 -38.33
C THR A 2124 0.65 5.14 -37.79
N SER A 2125 1.29 5.80 -36.82
CA SER A 2125 2.60 5.39 -36.33
C SER A 2125 2.59 3.95 -35.84
N ALA A 2126 1.55 3.57 -35.10
CA ALA A 2126 1.44 2.19 -34.63
C ALA A 2126 1.41 1.21 -35.79
N GLN A 2127 0.73 1.57 -36.88
CA GLN A 2127 0.70 0.70 -38.04
C GLN A 2127 2.07 0.64 -38.72
N VAL A 2128 2.78 1.77 -38.77
CA VAL A 2128 4.12 1.77 -39.37
C VAL A 2128 5.04 0.86 -38.59
N PHE A 2129 5.00 0.95 -37.26
CA PHE A 2129 5.81 0.05 -36.45
C PHE A 2129 5.35 -1.40 -36.60
N ASP A 2130 4.05 -1.62 -36.77
CA ASP A 2130 3.53 -2.97 -36.89
C ASP A 2130 3.99 -3.64 -38.18
N ILE A 2131 4.11 -2.87 -39.26
CA ILE A 2131 4.59 -3.46 -40.50
C ILE A 2131 6.10 -3.40 -40.64
N LEU A 2132 6.79 -2.72 -39.73
CA LEU A 2132 8.23 -2.81 -39.62
C LEU A 2132 8.69 -3.98 -38.77
N ASN A 2133 7.75 -4.77 -38.26
CA ASN A 2133 8.04 -5.84 -37.32
C ASN A 2133 8.10 -7.21 -37.97
N SER A 2134 8.04 -7.28 -39.29
CA SER A 2134 7.97 -8.56 -39.99
C SER A 2134 9.34 -8.98 -40.48
N ALA A 2135 9.67 -10.26 -40.26
CA ALA A 2135 10.89 -10.82 -40.83
C ALA A 2135 10.83 -10.89 -42.35
N GLU A 2136 9.63 -10.90 -42.93
CA GLU A 2136 9.52 -10.85 -44.37
C GLU A 2136 9.89 -9.49 -44.94
N LEU A 2137 9.99 -8.47 -44.09
CA LEU A 2137 10.50 -7.17 -44.52
C LEU A 2137 12.02 -7.18 -44.59
N VAL A 2138 12.67 -7.85 -43.63
CA VAL A 2138 14.12 -7.93 -43.63
C VAL A 2138 14.61 -8.89 -44.70
N CYS A 2139 13.87 -9.96 -44.95
CA CYS A 2139 14.40 -11.08 -45.72
C CYS A 2139 14.05 -11.03 -47.19
N LEU A 2140 12.94 -10.42 -47.57
CA LEU A 2140 12.60 -10.31 -48.98
C LEU A 2140 13.56 -9.35 -49.65
N THR A 2141 14.25 -9.82 -50.69
CA THR A 2141 15.30 -9.02 -51.31
C THR A 2141 14.89 -8.44 -52.64
N ARG A 2142 14.38 -9.27 -53.55
CA ARG A 2142 13.96 -8.83 -54.87
C ARG A 2142 12.65 -9.52 -55.20
N ARG A 2143 11.74 -8.78 -55.82
CA ARG A 2143 10.45 -9.31 -56.25
C ARG A 2143 10.23 -8.88 -57.69
N ILE A 2144 10.38 -9.82 -58.62
CA ILE A 2144 10.34 -9.52 -60.04
C ILE A 2144 9.07 -10.10 -60.63
N LEU A 2145 8.33 -9.28 -61.35
CA LEU A 2145 7.15 -9.73 -62.08
C LEU A 2145 7.57 -10.06 -63.51
N LEU A 2146 6.85 -10.99 -64.12
CA LEU A 2146 7.05 -11.29 -65.53
C LEU A 2146 5.86 -10.80 -66.32
N PRO A 2147 6.05 -9.81 -67.21
CA PRO A 2147 4.88 -9.17 -67.85
C PRO A 2147 4.08 -10.09 -68.73
N LYS A 2148 4.74 -10.94 -69.53
CA LYS A 2148 4.04 -11.87 -70.41
C LYS A 2148 3.07 -12.76 -69.64
N ASN A 2149 3.38 -13.05 -68.38
CA ASN A 2149 2.51 -13.79 -67.46
C ASN A 2149 2.24 -15.22 -67.95
N VAL A 2150 3.23 -15.79 -68.63
CA VAL A 2150 3.08 -17.14 -69.14
C VAL A 2150 3.19 -18.14 -67.99
N ILE A 2151 2.49 -19.26 -68.13
CA ILE A 2151 2.54 -20.33 -67.13
C ILE A 2151 3.96 -20.92 -67.13
N VAL A 2152 4.71 -20.66 -66.06
CA VAL A 2152 6.10 -21.04 -65.98
C VAL A 2152 6.21 -22.29 -65.12
N GLU A 2153 6.62 -23.40 -65.75
CA GLU A 2153 6.69 -24.68 -65.07
C GLU A 2153 8.03 -24.90 -64.39
N CYS A 2154 9.14 -24.63 -65.07
CA CYS A 2154 10.46 -24.93 -64.55
C CYS A 2154 11.33 -23.70 -64.54
N MET A 2155 12.50 -23.83 -63.90
CA MET A 2155 13.56 -22.83 -63.94
C MET A 2155 14.84 -23.44 -63.40
N VAL A 2156 15.96 -22.89 -63.85
CA VAL A 2156 17.27 -23.32 -63.34
C VAL A 2156 18.16 -22.10 -63.22
N ALA A 2157 18.80 -21.93 -62.07
CA ALA A 2157 19.72 -20.82 -61.88
C ALA A 2157 21.02 -21.08 -62.63
N THR A 2158 21.81 -20.03 -62.79
CA THR A 2158 23.10 -20.13 -63.45
C THR A 2158 24.17 -20.40 -62.40
N HIS A 2159 24.78 -21.59 -62.47
CA HIS A 2159 25.83 -21.98 -61.53
C HIS A 2159 27.09 -21.14 -61.65
N HIS A 2160 27.15 -20.22 -62.61
CA HIS A 2160 28.30 -19.33 -62.75
C HIS A 2160 28.25 -18.25 -61.69
N ASN A 2161 29.35 -18.06 -60.97
CA ASN A 2161 29.51 -16.98 -60.01
C ASN A 2161 29.97 -15.68 -60.67
N SER A 2162 29.86 -15.57 -61.98
CA SER A 2162 30.32 -14.41 -62.71
C SER A 2162 29.24 -13.33 -62.70
N ARG A 2163 29.46 -12.25 -63.47
CA ARG A 2163 28.50 -11.16 -63.57
C ARG A 2163 27.19 -11.58 -64.21
N ASN A 2164 27.14 -12.75 -64.85
CA ASN A 2164 25.91 -13.25 -65.46
C ASN A 2164 25.03 -13.94 -64.42
N ALA A 2165 24.75 -13.26 -63.32
CA ALA A 2165 23.83 -13.78 -62.31
C ALA A 2165 22.43 -13.71 -62.90
N SER A 2166 21.96 -14.85 -63.42
CA SER A 2166 20.72 -14.88 -64.17
C SER A 2166 20.05 -16.22 -63.94
N ILE A 2167 18.80 -16.32 -64.40
CA ILE A 2167 18.03 -17.55 -64.31
C ILE A 2167 17.83 -18.02 -65.74
N TRP A 2168 17.22 -19.17 -65.93
CA TRP A 2168 16.96 -19.70 -67.27
C TRP A 2168 15.56 -20.25 -67.39
N LEU A 2169 14.57 -19.55 -66.82
CA LEU A 2169 13.19 -20.00 -66.67
C LEU A 2169 12.69 -20.72 -67.92
N GLY A 2170 12.26 -21.97 -67.74
CA GLY A 2170 11.61 -22.71 -68.79
C GLY A 2170 10.11 -22.79 -68.56
N CYS A 2171 9.35 -22.69 -69.65
CA CYS A 2171 7.90 -22.67 -69.54
C CYS A 2171 7.30 -23.30 -70.79
N GLY A 2172 5.98 -23.43 -70.78
CA GLY A 2172 5.24 -23.98 -71.90
C GLY A 2172 4.08 -23.08 -72.27
N HIS A 2173 4.05 -22.59 -73.51
CA HIS A 2173 3.07 -21.60 -73.93
C HIS A 2173 2.33 -21.97 -75.21
N THR A 2174 2.76 -22.99 -75.94
CA THR A 2174 2.18 -23.32 -77.22
C THR A 2174 2.38 -24.81 -77.48
N ASP A 2175 2.08 -25.23 -78.71
CA ASP A 2175 2.43 -26.57 -79.14
C ASP A 2175 3.94 -26.78 -79.15
N ARG A 2176 4.72 -25.71 -79.18
CA ARG A 2176 6.16 -25.76 -78.95
C ARG A 2176 6.45 -25.18 -77.57
N GLY A 2177 7.73 -25.09 -77.21
CA GLY A 2177 8.09 -24.66 -75.88
C GLY A 2177 8.25 -23.16 -75.79
N GLN A 2178 8.33 -22.67 -74.55
CA GLN A 2178 8.62 -21.27 -74.28
C GLN A 2178 9.88 -21.18 -73.42
N LEU A 2179 10.88 -20.46 -73.91
CA LEU A 2179 12.20 -20.36 -73.27
C LEU A 2179 12.47 -18.92 -72.87
N SER A 2180 12.36 -18.64 -71.57
CA SER A 2180 12.74 -17.34 -71.07
C SER A 2180 14.21 -17.31 -70.68
N PHE A 2181 14.70 -16.11 -70.35
CA PHE A 2181 16.02 -15.95 -69.75
C PHE A 2181 16.02 -14.62 -69.01
N LEU A 2182 15.88 -14.69 -67.69
CA LEU A 2182 15.73 -13.49 -66.87
C LEU A 2182 17.03 -13.21 -66.14
N ASP A 2183 17.63 -12.06 -66.44
CA ASP A 2183 18.85 -11.62 -65.77
C ASP A 2183 18.48 -10.90 -64.49
N LEU A 2184 19.26 -11.16 -63.42
CA LEU A 2184 18.93 -10.56 -62.14
C LEU A 2184 19.46 -9.13 -62.04
N ASN A 2185 20.71 -8.91 -62.44
CA ASN A 2185 21.32 -7.58 -62.34
C ASN A 2185 20.59 -6.56 -63.21
N THR A 2186 19.86 -7.01 -64.23
CA THR A 2186 19.13 -6.14 -65.15
C THR A 2186 17.63 -6.12 -64.91
N GLU A 2187 17.07 -7.21 -64.39
CA GLU A 2187 15.64 -7.41 -64.14
C GLU A 2187 14.82 -7.41 -65.42
N GLY A 2188 15.46 -7.46 -66.58
CA GLY A 2188 14.80 -7.62 -67.86
C GLY A 2188 15.06 -9.00 -68.42
N TYR A 2189 14.19 -9.47 -69.32
CA TYR A 2189 14.26 -10.86 -69.76
C TYR A 2189 13.96 -10.96 -71.23
N THR A 2190 14.46 -12.04 -71.83
CA THR A 2190 14.25 -12.37 -73.22
C THR A 2190 13.56 -13.73 -73.32
N SER A 2191 12.58 -13.84 -74.21
CA SER A 2191 11.83 -15.07 -74.40
C SER A 2191 12.08 -15.64 -75.78
N GLU A 2192 12.02 -16.97 -75.88
CA GLU A 2192 12.27 -17.67 -77.13
C GLU A 2192 11.47 -18.96 -77.17
N GLU A 2193 11.32 -19.52 -78.37
CA GLU A 2193 10.71 -20.84 -78.58
C GLU A 2193 11.66 -21.68 -79.43
N VAL A 2194 12.55 -22.43 -78.78
CA VAL A 2194 13.53 -23.22 -79.51
C VAL A 2194 13.34 -24.72 -79.31
N ALA A 2195 12.27 -25.14 -78.65
CA ALA A 2195 11.92 -26.54 -78.57
C ALA A 2195 10.73 -26.86 -79.46
N ASP A 2196 10.57 -28.14 -79.77
CA ASP A 2196 9.49 -28.58 -80.64
C ASP A 2196 8.16 -28.73 -79.90
N SER A 2197 8.19 -28.87 -78.58
CA SER A 2197 6.98 -28.99 -77.78
C SER A 2197 7.31 -28.58 -76.36
N ARG A 2198 6.27 -28.49 -75.53
CA ARG A 2198 6.38 -27.95 -74.17
C ARG A 2198 7.51 -28.63 -73.39
N ILE A 2199 8.07 -27.91 -72.44
CA ILE A 2199 9.13 -28.45 -71.61
C ILE A 2199 8.63 -28.60 -70.19
N LEU A 2200 9.14 -29.62 -69.50
CA LEU A 2200 8.72 -29.94 -68.15
C LEU A 2200 9.82 -29.84 -67.12
N CYS A 2201 11.09 -29.88 -67.53
CA CYS A 2201 12.21 -29.89 -66.61
C CYS A 2201 13.43 -29.27 -67.27
N LEU A 2202 14.29 -28.71 -66.44
CA LEU A 2202 15.53 -28.06 -66.87
C LEU A 2202 16.72 -28.68 -66.16
N ALA A 2203 17.91 -28.34 -66.66
CA ALA A 2203 19.18 -28.66 -66.02
C ALA A 2203 20.30 -27.92 -66.73
N LEU A 2204 21.31 -27.53 -65.95
CA LEU A 2204 22.49 -26.85 -66.46
C LEU A 2204 23.72 -27.63 -66.04
N VAL A 2205 24.72 -27.67 -66.91
CA VAL A 2205 25.98 -28.37 -66.65
C VAL A 2205 27.12 -27.47 -67.10
N HIS A 2206 28.12 -27.30 -66.25
CA HIS A 2206 29.26 -26.42 -66.54
C HIS A 2206 30.55 -27.21 -66.35
N LEU A 2207 31.32 -27.36 -67.42
CA LEU A 2207 32.60 -28.04 -67.38
C LEU A 2207 33.71 -27.00 -67.39
N PRO A 2208 34.27 -26.62 -66.24
CA PRO A 2208 35.31 -25.57 -66.26
C PRO A 2208 36.60 -26.00 -66.93
N VAL A 2209 36.91 -27.30 -66.93
CA VAL A 2209 38.12 -27.79 -67.58
C VAL A 2209 38.09 -27.50 -69.08
N GLU A 2210 36.91 -27.61 -69.69
CA GLU A 2210 36.72 -27.28 -71.09
C GLU A 2210 36.14 -25.89 -71.30
N LYS A 2211 35.73 -25.21 -70.23
CA LYS A 2211 35.06 -23.90 -70.29
C LYS A 2211 33.81 -23.96 -71.15
N GLU A 2212 33.02 -25.01 -70.96
CA GLU A 2212 31.79 -25.23 -71.70
C GLU A 2212 30.64 -25.36 -70.71
N SER A 2213 29.53 -24.67 -71.00
CA SER A 2213 28.37 -24.67 -70.14
C SER A 2213 27.12 -24.82 -70.99
N TRP A 2214 26.27 -25.78 -70.66
CA TRP A 2214 25.10 -26.08 -71.47
C TRP A 2214 23.85 -26.14 -70.61
N ILE A 2215 22.72 -25.80 -71.21
CA ILE A 2215 21.41 -25.85 -70.57
C ILE A 2215 20.59 -26.91 -71.28
N VAL A 2216 20.31 -28.01 -70.59
CA VAL A 2216 19.57 -29.12 -71.15
C VAL A 2216 18.18 -29.15 -70.54
N SER A 2217 17.18 -29.35 -71.38
CA SER A 2217 15.79 -29.32 -70.95
C SER A 2217 15.06 -30.57 -71.43
N GLY A 2218 13.99 -30.91 -70.73
CA GLY A 2218 13.17 -32.05 -71.09
C GLY A 2218 11.90 -31.63 -71.78
N THR A 2219 11.78 -31.94 -73.08
CA THR A 2219 10.67 -31.48 -73.90
C THR A 2219 9.59 -32.54 -73.99
N GLN A 2220 8.33 -32.11 -73.88
CA GLN A 2220 7.19 -33.01 -73.95
C GLN A 2220 7.05 -33.68 -75.31
N SER A 2221 7.81 -33.25 -76.31
CA SER A 2221 7.89 -33.99 -77.57
C SER A 2221 8.42 -35.40 -77.33
N GLY A 2222 9.26 -35.59 -76.31
CA GLY A 2222 9.89 -36.86 -76.05
C GLY A 2222 11.33 -36.89 -76.46
N THR A 2223 12.06 -35.81 -76.20
CA THR A 2223 13.44 -35.71 -76.59
C THR A 2223 14.16 -34.78 -75.60
N LEU A 2224 15.46 -34.63 -75.82
CA LEU A 2224 16.30 -33.77 -74.98
C LEU A 2224 17.12 -32.85 -75.88
N LEU A 2225 17.18 -31.58 -75.53
CA LEU A 2225 17.87 -30.57 -76.34
C LEU A 2225 18.94 -29.87 -75.51
N VAL A 2226 20.02 -29.50 -76.17
CA VAL A 2226 21.15 -28.82 -75.55
C VAL A 2226 21.30 -27.45 -76.18
N ILE A 2227 21.54 -26.44 -75.34
CA ILE A 2227 21.79 -25.08 -75.79
C ILE A 2227 22.99 -24.55 -75.02
N ASN A 2228 24.07 -24.24 -75.74
CA ASN A 2228 25.28 -23.74 -75.12
C ASN A 2228 25.11 -22.27 -74.77
N THR A 2229 25.42 -21.90 -73.52
CA THR A 2229 25.20 -20.52 -73.10
C THR A 2229 26.24 -19.56 -73.67
N GLU A 2230 27.35 -20.07 -74.19
CA GLU A 2230 28.37 -19.20 -74.76
C GLU A 2230 27.94 -18.67 -76.13
N ASP A 2231 27.21 -19.47 -76.90
CA ASP A 2231 26.78 -19.08 -78.24
C ASP A 2231 25.33 -19.50 -78.41
N GLY A 2232 24.47 -18.55 -78.75
CA GLY A 2232 23.06 -18.85 -78.99
C GLY A 2232 22.77 -19.70 -80.20
N LYS A 2233 23.78 -19.97 -81.02
CA LYS A 2233 23.62 -20.84 -82.18
C LYS A 2233 24.11 -22.26 -81.95
N LYS A 2234 24.93 -22.48 -80.92
CA LYS A 2234 25.47 -23.80 -80.63
C LYS A 2234 24.40 -24.64 -79.95
N ARG A 2235 23.64 -25.39 -80.77
CA ARG A 2235 22.55 -26.21 -80.30
C ARG A 2235 22.76 -27.64 -80.77
N HIS A 2236 22.17 -28.58 -80.03
CA HIS A 2236 22.27 -30.00 -80.37
C HIS A 2236 20.92 -30.65 -80.10
N THR A 2237 20.86 -31.95 -80.39
CA THR A 2237 19.71 -32.77 -80.04
C THR A 2237 20.23 -34.12 -79.56
N LEU A 2238 19.51 -34.72 -78.61
CA LEU A 2238 19.99 -35.90 -77.91
C LEU A 2238 19.13 -37.12 -78.28
N GLU A 2239 19.43 -38.23 -77.61
CA GLU A 2239 18.74 -39.49 -77.89
C GLU A 2239 17.28 -39.41 -77.46
N LYS A 2240 16.43 -40.09 -78.21
CA LYS A 2240 14.99 -39.98 -78.03
C LYS A 2240 14.46 -41.13 -77.20
N MET A 2241 13.39 -40.85 -76.45
CA MET A 2241 12.68 -41.83 -75.64
C MET A 2241 11.18 -41.69 -75.86
N THR A 2242 10.46 -42.77 -75.57
CA THR A 2242 9.05 -42.87 -75.98
C THR A 2242 8.15 -41.89 -75.23
N ASP A 2243 8.47 -41.56 -73.98
CA ASP A 2243 7.66 -40.66 -73.19
C ASP A 2243 8.38 -39.33 -73.01
N SER A 2244 7.72 -38.41 -72.31
CA SER A 2244 8.25 -37.08 -72.07
C SER A 2244 9.17 -37.10 -70.85
N VAL A 2245 10.31 -36.41 -70.97
CA VAL A 2245 11.24 -36.27 -69.86
C VAL A 2245 10.60 -35.44 -68.77
N THR A 2246 10.62 -35.96 -67.54
CA THR A 2246 9.95 -35.30 -66.43
C THR A 2246 10.91 -34.59 -65.48
N CYS A 2247 12.15 -35.04 -65.40
CA CYS A 2247 13.11 -34.42 -64.50
C CYS A 2247 14.51 -34.70 -65.02
N LEU A 2248 15.42 -33.78 -64.70
CA LEU A 2248 16.83 -33.94 -65.00
C LEU A 2248 17.64 -33.51 -63.78
N TYR A 2249 18.84 -34.08 -63.66
CA TYR A 2249 19.75 -33.67 -62.60
C TYR A 2249 21.18 -33.86 -63.05
N CYS A 2250 22.06 -33.00 -62.55
CA CYS A 2250 23.49 -33.11 -62.79
C CYS A 2250 24.19 -33.33 -61.45
N ASN A 2251 25.02 -34.36 -61.38
CA ASN A 2251 25.72 -34.71 -60.15
C ASN A 2251 27.17 -34.27 -60.27
N SER A 2252 27.63 -33.47 -59.30
CA SER A 2252 28.99 -32.95 -59.30
C SER A 2252 29.83 -33.64 -58.23
N ASN A 2261 31.95 -37.05 -63.24
CA ASN A 2261 30.57 -36.60 -63.15
C ASN A 2261 29.65 -37.46 -64.03
N PHE A 2262 28.37 -37.10 -64.02
CA PHE A 2262 27.35 -37.81 -64.78
C PHE A 2262 26.10 -36.95 -64.83
N LEU A 2263 25.41 -36.99 -65.97
CA LEU A 2263 24.13 -36.30 -66.12
C LEU A 2263 22.99 -37.30 -65.92
N LEU A 2264 22.23 -37.11 -64.86
CA LEU A 2264 21.08 -37.95 -64.58
C LEU A 2264 19.92 -37.55 -65.46
N VAL A 2265 19.18 -38.55 -65.94
CA VAL A 2265 18.01 -38.31 -66.79
C VAL A 2265 16.85 -39.07 -66.17
N GLY A 2266 15.64 -38.53 -66.35
CA GLY A 2266 14.46 -39.17 -65.82
C GLY A 2266 13.23 -38.99 -66.68
N THR A 2267 12.59 -40.08 -67.07
CA THR A 2267 11.42 -40.07 -67.92
C THR A 2267 10.17 -40.45 -67.13
N ALA A 2268 9.05 -40.51 -67.84
CA ALA A 2268 7.76 -40.83 -67.25
C ALA A 2268 7.40 -42.30 -67.32
N ASP A 2269 8.17 -43.12 -68.03
CA ASP A 2269 7.96 -44.56 -68.05
C ASP A 2269 8.95 -45.31 -67.17
N GLY A 2270 9.54 -44.63 -66.19
CA GLY A 2270 10.49 -45.28 -65.29
C GLY A 2270 11.85 -45.59 -65.89
N LYS A 2271 12.36 -44.70 -66.73
CA LYS A 2271 13.66 -44.89 -67.37
C LYS A 2271 14.70 -43.99 -66.71
N LEU A 2272 15.93 -44.49 -66.61
CA LEU A 2272 17.01 -43.79 -65.92
C LEU A 2272 18.26 -43.87 -66.78
N ALA A 2273 18.47 -42.87 -67.62
CA ALA A 2273 19.65 -42.79 -68.47
C ALA A 2273 20.72 -41.96 -67.78
N ILE A 2274 21.96 -42.36 -67.94
CA ILE A 2274 23.12 -41.58 -67.49
C ILE A 2274 23.82 -41.03 -68.71
N PHE A 2275 24.08 -39.72 -68.70
CA PHE A 2275 24.83 -39.06 -69.77
C PHE A 2275 26.15 -38.57 -69.21
N GLU A 2276 27.25 -38.91 -69.88
CA GLU A 2276 28.53 -38.38 -69.47
C GLU A 2276 28.53 -36.88 -69.66
N ASP A 2277 29.12 -36.16 -68.69
CA ASP A 2277 29.15 -34.70 -68.76
C ASP A 2277 29.90 -34.21 -69.99
N LYS A 2278 30.97 -34.91 -70.38
CA LYS A 2278 31.77 -34.50 -71.52
C LYS A 2278 31.21 -35.00 -72.84
N THR A 2279 30.58 -36.17 -72.84
CA THR A 2279 30.15 -36.78 -74.09
C THR A 2279 29.00 -36.02 -74.72
N VAL A 2280 28.24 -35.26 -73.92
CA VAL A 2280 27.06 -34.56 -74.43
C VAL A 2280 27.41 -33.27 -75.14
N LYS A 2281 28.69 -32.88 -75.13
CA LYS A 2281 29.12 -31.70 -75.87
C LYS A 2281 28.79 -31.83 -77.35
N LEU A 2282 29.09 -32.99 -77.93
CA LEU A 2282 28.71 -33.25 -79.31
C LEU A 2282 27.23 -33.53 -79.40
N LYS A 2283 26.66 -33.27 -80.58
CA LYS A 2283 25.27 -33.61 -80.82
C LYS A 2283 25.07 -35.12 -80.89
N GLY A 2284 23.84 -35.55 -80.62
CA GLY A 2284 23.49 -36.96 -80.67
C GLY A 2284 24.35 -37.85 -79.80
N ALA A 2285 24.64 -37.40 -78.58
CA ALA A 2285 25.51 -38.15 -77.68
C ALA A 2285 24.88 -39.48 -77.28
N ALA A 2286 25.72 -40.35 -76.69
CA ALA A 2286 25.27 -41.67 -76.29
C ALA A 2286 25.15 -41.77 -74.77
N PRO A 2287 24.10 -42.42 -74.28
CA PRO A 2287 23.95 -42.64 -72.83
C PRO A 2287 24.87 -43.76 -72.36
N LEU A 2288 25.78 -43.45 -71.43
CA LEU A 2288 26.76 -44.43 -70.98
C LEU A 2288 26.10 -45.64 -70.35
N LYS A 2289 24.95 -45.44 -69.71
CA LYS A 2289 24.19 -46.52 -69.11
C LYS A 2289 22.74 -46.08 -69.00
N ILE A 2290 21.83 -47.04 -69.14
CA ILE A 2290 20.40 -46.77 -69.06
C ILE A 2290 19.77 -47.85 -68.20
N LEU A 2291 19.06 -47.44 -67.15
CA LEU A 2291 18.30 -48.35 -66.31
C LEU A 2291 16.82 -48.06 -66.47
N ASN A 2292 16.02 -49.10 -66.38
CA ASN A 2292 14.57 -48.97 -66.32
C ASN A 2292 14.16 -49.28 -64.89
N ILE A 2293 14.19 -48.24 -64.04
CA ILE A 2293 13.78 -48.36 -62.65
C ILE A 2293 12.35 -48.90 -62.57
N GLY A 2294 11.47 -48.38 -63.41
CA GLY A 2294 10.06 -48.69 -63.33
C GLY A 2294 9.40 -48.97 -64.66
N ASN A 2295 8.13 -48.57 -64.78
CA ASN A 2295 7.31 -48.91 -65.93
C ASN A 2295 6.51 -47.67 -66.32
N VAL A 2296 5.65 -47.83 -67.33
CA VAL A 2296 4.93 -46.67 -67.87
C VAL A 2296 3.88 -46.18 -66.89
N SER A 2297 3.31 -47.09 -66.09
CA SER A 2297 2.30 -46.72 -65.12
C SER A 2297 2.87 -45.96 -63.94
N THR A 2298 4.18 -45.69 -63.93
CA THR A 2298 4.83 -45.04 -62.81
C THR A 2298 5.92 -44.09 -63.31
N PRO A 2299 5.66 -42.79 -63.34
CA PRO A 2299 6.70 -41.83 -63.72
C PRO A 2299 7.73 -41.58 -62.65
N LEU A 2300 8.94 -41.27 -63.10
CA LEU A 2300 10.04 -40.85 -62.24
C LEU A 2300 10.03 -39.33 -62.17
N MET A 2301 9.71 -38.79 -61.00
CA MET A 2301 9.46 -37.35 -60.85
C MET A 2301 10.63 -36.57 -60.27
N CYS A 2302 11.31 -37.10 -59.25
CA CYS A 2302 12.32 -36.33 -58.54
C CYS A 2302 13.60 -37.14 -58.34
N LEU A 2303 14.73 -36.49 -58.55
CA LEU A 2303 16.03 -37.03 -58.18
C LEU A 2303 16.77 -36.00 -57.32
N SER A 2304 17.39 -36.46 -56.25
CA SER A 2304 18.04 -35.56 -55.30
C SER A 2304 19.36 -36.17 -54.87
N GLU A 2305 19.92 -35.61 -53.79
CA GLU A 2305 21.18 -36.07 -53.24
C GLU A 2305 21.09 -36.03 -51.72
N SER A 2306 21.99 -36.76 -51.07
CA SER A 2306 22.07 -36.75 -49.62
C SER A 2306 22.79 -35.50 -49.14
N THR A 2307 22.20 -34.82 -48.15
CA THR A 2307 22.80 -33.60 -47.61
C THR A 2307 24.06 -33.91 -46.82
N ASN A 2308 24.07 -35.00 -46.06
CA ASN A 2308 25.25 -35.35 -45.28
C ASN A 2308 26.35 -35.85 -46.20
N SER A 2309 27.58 -35.40 -45.93
CA SER A 2309 28.71 -35.72 -46.79
C SER A 2309 29.11 -37.18 -46.71
N THR A 2310 28.90 -37.83 -45.55
CA THR A 2310 29.24 -39.24 -45.42
C THR A 2310 28.42 -40.13 -46.35
N GLU A 2311 27.25 -39.66 -46.79
CA GLU A 2311 26.42 -40.38 -47.73
C GLU A 2311 26.41 -39.72 -49.10
N ARG A 2312 27.53 -39.11 -49.50
CA ARG A 2312 27.61 -38.44 -50.80
C ARG A 2312 27.55 -39.41 -51.96
N ASN A 2313 27.61 -40.72 -51.72
CA ASN A 2313 27.62 -41.71 -52.78
C ASN A 2313 26.27 -42.39 -52.97
N VAL A 2314 25.18 -41.74 -52.57
CA VAL A 2314 23.85 -42.30 -52.81
C VAL A 2314 22.98 -41.21 -53.42
N MET A 2315 22.28 -41.56 -54.50
CA MET A 2315 21.30 -40.70 -55.14
C MET A 2315 19.94 -41.36 -55.02
N TRP A 2316 18.94 -40.58 -54.66
CA TRP A 2316 17.60 -41.09 -54.43
C TRP A 2316 16.65 -40.57 -55.48
N GLY A 2317 15.64 -41.36 -55.79
CA GLY A 2317 14.69 -41.01 -56.81
C GLY A 2317 13.34 -41.62 -56.50
N GLY A 2318 12.29 -40.93 -56.89
CA GLY A 2318 10.97 -41.48 -56.70
C GLY A 2318 10.29 -41.90 -57.99
N CYS A 2319 10.20 -43.20 -58.25
CA CYS A 2319 9.48 -43.71 -59.40
C CYS A 2319 8.09 -44.10 -58.92
N GLY A 2320 7.15 -43.17 -59.04
CA GLY A 2320 5.80 -43.44 -58.59
C GLY A 2320 5.75 -43.58 -57.09
N THR A 2321 5.59 -44.80 -56.60
CA THR A 2321 5.55 -45.06 -55.17
C THR A 2321 6.74 -45.88 -54.70
N LYS A 2322 7.83 -45.89 -55.46
CA LYS A 2322 9.05 -46.58 -55.08
C LYS A 2322 10.12 -45.54 -54.77
N ILE A 2323 10.60 -45.53 -53.53
CA ILE A 2323 11.68 -44.63 -53.12
C ILE A 2323 12.98 -45.41 -53.28
N PHE A 2324 13.58 -45.31 -54.46
CA PHE A 2324 14.73 -46.13 -54.81
C PHE A 2324 16.01 -45.32 -54.68
N SER A 2325 17.07 -45.97 -54.23
CA SER A 2325 18.38 -45.36 -54.15
C SER A 2325 19.38 -46.20 -54.94
N PHE A 2326 20.24 -45.52 -55.69
CA PHE A 2326 21.27 -46.19 -56.45
C PHE A 2326 22.61 -45.51 -56.20
N SER A 2327 23.65 -46.32 -56.04
CA SER A 2327 24.97 -45.85 -55.66
C SER A 2327 25.66 -45.21 -56.86
N ASN A 2328 26.93 -44.81 -56.67
CA ASN A 2328 27.74 -44.21 -57.72
C ASN A 2328 28.03 -45.18 -58.87
N ASP A 2329 27.58 -46.43 -58.75
CA ASP A 2329 27.67 -47.41 -59.82
C ASP A 2329 26.42 -47.48 -60.67
N PHE A 2330 25.42 -46.63 -60.38
CA PHE A 2330 24.14 -46.57 -61.09
C PHE A 2330 23.38 -47.89 -60.99
N THR A 2331 23.46 -48.54 -59.82
CA THR A 2331 22.77 -49.78 -59.53
C THR A 2331 21.94 -49.60 -58.28
N ILE A 2332 20.68 -50.02 -58.33
CA ILE A 2332 19.71 -49.79 -57.25
C ILE A 2332 20.15 -50.53 -55.99
N GLN A 2333 20.34 -49.79 -54.91
CA GLN A 2333 20.80 -50.37 -53.65
C GLN A 2333 19.70 -50.50 -52.61
N LYS A 2334 18.53 -49.89 -52.84
CA LYS A 2334 17.40 -50.03 -51.94
C LYS A 2334 16.14 -49.72 -52.72
N LEU A 2335 15.04 -50.37 -52.34
CA LEU A 2335 13.79 -50.21 -53.08
C LEU A 2335 12.63 -50.31 -52.08
N ILE A 2336 12.19 -49.16 -51.59
CA ILE A 2336 11.09 -49.10 -50.65
C ILE A 2336 9.80 -49.01 -51.44
N GLU A 2337 8.70 -49.46 -50.83
CA GLU A 2337 7.37 -49.27 -51.38
C GLU A 2337 6.63 -48.21 -50.58
N THR A 2338 5.87 -47.37 -51.27
CA THR A 2338 5.05 -46.35 -50.61
C THR A 2338 3.58 -46.75 -50.48
N ARG A 2339 3.17 -47.88 -51.08
CA ARG A 2339 1.79 -48.29 -50.96
C ARG A 2339 1.39 -48.67 -49.53
N THR A 2340 2.37 -48.82 -48.64
CA THR A 2340 2.09 -49.06 -47.22
C THR A 2340 1.53 -47.85 -46.52
N SER A 2341 1.59 -46.66 -47.14
CA SER A 2341 1.16 -45.44 -46.48
C SER A 2341 -0.34 -45.41 -46.25
N GLN A 2342 -1.11 -46.09 -47.10
CA GLN A 2342 -2.57 -46.10 -46.97
C GLN A 2342 -3.03 -46.80 -45.70
N LEU A 2343 -2.17 -47.61 -45.08
CA LEU A 2343 -2.57 -48.33 -43.87
C LEU A 2343 -2.71 -47.40 -42.67
N PHE A 2344 -1.94 -46.32 -42.64
CA PHE A 2344 -2.06 -45.31 -41.60
C PHE A 2344 -2.63 -43.99 -42.10
N SER A 2345 -2.19 -43.52 -43.26
CA SER A 2345 -2.73 -42.30 -43.84
C SER A 2345 -3.94 -42.63 -44.69
N TYR A 2346 -4.62 -41.59 -45.15
CA TYR A 2346 -5.82 -41.78 -45.96
C TYR A 2346 -5.46 -42.39 -47.31
N ALA A 2347 -6.29 -43.34 -47.76
CA ALA A 2347 -6.06 -43.99 -49.04
C ALA A 2347 -6.14 -43.02 -50.21
N ALA A 2348 -6.97 -41.98 -50.08
CA ALA A 2348 -7.12 -41.00 -51.16
C ALA A 2348 -5.81 -40.31 -51.47
N PHE A 2349 -5.11 -39.85 -50.43
CA PHE A 2349 -3.83 -39.17 -50.66
C PHE A 2349 -2.68 -40.15 -50.81
N SER A 2350 -2.90 -41.43 -50.45
CA SER A 2350 -1.83 -42.41 -50.48
C SER A 2350 -1.55 -42.91 -51.88
N ASP A 2351 -2.59 -43.09 -52.69
CA ASP A 2351 -2.48 -43.67 -54.03
C ASP A 2351 -2.19 -42.62 -55.08
N SER A 2352 -1.40 -41.62 -54.75
CA SER A 2352 -0.86 -40.69 -55.73
C SER A 2352 0.60 -41.06 -55.95
N ASN A 2353 1.27 -40.32 -56.82
CA ASN A 2353 2.69 -40.57 -56.99
C ASN A 2353 3.50 -39.53 -56.24
N ILE A 2354 4.75 -39.92 -55.99
CA ILE A 2354 5.75 -39.05 -55.39
C ILE A 2354 5.96 -37.79 -56.23
N ILE A 2355 6.03 -36.65 -55.55
CA ILE A 2355 6.49 -35.41 -56.18
C ILE A 2355 7.97 -35.17 -55.99
N THR A 2356 8.42 -35.11 -54.73
CA THR A 2356 9.81 -34.86 -54.40
C THR A 2356 10.31 -35.79 -53.30
N VAL A 2357 11.64 -35.92 -53.24
CA VAL A 2357 12.33 -36.65 -52.16
C VAL A 2357 13.43 -35.77 -51.62
N VAL A 2358 13.37 -35.47 -50.34
CA VAL A 2358 14.36 -34.60 -49.71
C VAL A 2358 15.21 -35.49 -48.82
N VAL A 2359 16.43 -35.76 -49.26
CA VAL A 2359 17.29 -36.73 -48.58
C VAL A 2359 17.98 -36.03 -47.43
N ASP A 2360 17.84 -36.60 -46.24
CA ASP A 2360 18.59 -36.18 -45.06
C ASP A 2360 18.72 -37.40 -44.17
N THR A 2361 19.01 -37.17 -42.87
CA THR A 2361 18.89 -38.24 -41.88
C THR A 2361 17.57 -39.00 -42.03
N ALA A 2362 16.50 -38.32 -42.43
CA ALA A 2362 15.23 -38.93 -42.72
C ALA A 2362 14.74 -38.47 -44.08
N LEU A 2363 14.16 -39.39 -44.84
CA LEU A 2363 13.61 -39.05 -46.15
C LEU A 2363 12.30 -38.29 -46.00
N TYR A 2364 12.18 -37.18 -46.72
CA TYR A 2364 10.96 -36.39 -46.77
C TYR A 2364 10.30 -36.57 -48.12
N ILE A 2365 9.01 -36.86 -48.10
CA ILE A 2365 8.26 -37.28 -49.28
C ILE A 2365 7.03 -36.40 -49.44
N ALA A 2366 6.80 -35.92 -50.66
CA ALA A 2366 5.58 -35.23 -51.03
C ALA A 2366 4.93 -35.96 -52.20
N LYS A 2367 3.64 -36.23 -52.09
CA LYS A 2367 2.92 -36.96 -53.12
C LYS A 2367 1.90 -36.03 -53.78
N GLN A 2368 1.50 -36.38 -55.00
CA GLN A 2368 0.70 -35.49 -55.84
C GLN A 2368 -0.61 -35.11 -55.16
N ASN A 2369 -0.92 -33.82 -55.15
CA ASN A 2369 -2.20 -33.28 -54.68
C ASN A 2369 -2.48 -33.67 -53.24
N SER A 2370 -1.43 -33.83 -52.45
CA SER A 2370 -1.53 -34.30 -51.08
C SER A 2370 -1.10 -33.22 -50.11
N PRO A 2371 -1.92 -32.88 -49.12
CA PRO A 2371 -1.52 -31.89 -48.11
C PRO A 2371 -0.73 -32.46 -46.94
N VAL A 2372 -0.26 -33.70 -47.04
CA VAL A 2372 0.44 -34.35 -45.94
C VAL A 2372 1.83 -34.77 -46.41
N VAL A 2373 2.82 -34.56 -45.54
CA VAL A 2373 4.21 -34.88 -45.81
C VAL A 2373 4.57 -36.13 -45.02
N GLU A 2374 5.23 -37.08 -45.67
CA GLU A 2374 5.62 -38.33 -45.05
C GLU A 2374 7.13 -38.35 -44.80
N VAL A 2375 7.52 -38.87 -43.65
CA VAL A 2375 8.92 -38.92 -43.24
C VAL A 2375 9.33 -40.39 -43.13
N TRP A 2376 10.38 -40.76 -43.85
CA TRP A 2376 10.90 -42.12 -43.86
C TRP A 2376 12.34 -42.14 -43.40
N ASP A 2377 12.80 -43.32 -42.98
CA ASP A 2377 14.20 -43.52 -42.65
C ASP A 2377 14.82 -44.44 -43.70
N LYS A 2378 16.10 -44.22 -43.99
CA LYS A 2378 16.80 -45.05 -44.95
C LYS A 2378 16.98 -46.49 -44.46
N LYS A 2379 17.33 -46.67 -43.19
CA LYS A 2379 17.69 -48.00 -42.70
C LYS A 2379 16.48 -48.93 -42.62
N THR A 2380 15.49 -48.56 -41.81
CA THR A 2380 14.38 -49.48 -41.55
C THR A 2380 13.42 -49.59 -42.73
N GLU A 2381 13.48 -48.68 -43.71
CA GLU A 2381 12.59 -48.66 -44.87
C GLU A 2381 11.13 -48.69 -44.44
N LYS A 2382 10.77 -47.78 -43.55
CA LYS A 2382 9.42 -47.76 -42.99
C LYS A 2382 9.10 -46.34 -42.51
N LEU A 2383 7.80 -46.07 -42.40
CA LEU A 2383 7.31 -44.75 -42.01
C LEU A 2383 7.78 -44.40 -40.60
N CYS A 2384 8.14 -43.13 -40.42
CA CYS A 2384 8.57 -42.63 -39.12
C CYS A 2384 7.77 -41.44 -38.62
N GLY A 2385 7.23 -40.61 -39.51
CA GLY A 2385 6.45 -39.47 -39.07
C GLY A 2385 5.64 -38.89 -40.20
N LEU A 2386 4.53 -38.25 -39.83
CA LEU A 2386 3.66 -37.59 -40.79
C LEU A 2386 3.52 -36.12 -40.41
N ILE A 2387 3.29 -35.28 -41.42
CA ILE A 2387 3.11 -33.85 -41.22
C ILE A 2387 1.81 -33.45 -41.90
N ASP A 2388 0.88 -32.93 -41.12
CA ASP A 2388 -0.43 -32.51 -41.64
C ASP A 2388 -0.44 -30.99 -41.76
N CYS A 2389 -0.06 -30.49 -42.94
CA CYS A 2389 0.01 -29.06 -43.18
C CYS A 2389 -1.35 -28.38 -43.03
N VAL A 2390 -2.44 -29.14 -43.11
CA VAL A 2390 -3.77 -28.56 -42.94
C VAL A 2390 -3.94 -28.02 -41.53
N HIS A 2391 -3.30 -28.64 -40.54
CA HIS A 2391 -3.36 -28.12 -39.17
C HIS A 2391 -2.75 -26.73 -39.09
N PHE A 2392 -1.52 -26.59 -39.60
CA PHE A 2392 -0.85 -25.31 -39.59
C PHE A 2392 -1.63 -24.26 -40.38
N LEU A 2393 -2.15 -24.65 -41.55
CA LEU A 2393 -2.82 -23.68 -42.42
C LEU A 2393 -4.16 -23.23 -41.82
N ARG A 2394 -4.99 -24.18 -41.37
CA ARG A 2394 -6.25 -23.83 -40.75
C ARG A 2394 -6.07 -23.07 -39.44
N GLU A 2395 -4.93 -23.24 -38.77
CA GLU A 2395 -4.62 -22.42 -37.60
C GLU A 2395 -4.54 -20.94 -37.93
N VAL A 2396 -4.38 -20.60 -39.21
CA VAL A 2396 -4.34 -19.21 -39.65
C VAL A 2396 -5.75 -18.71 -39.93
N SER A 2411 -6.96 -24.38 -49.85
CA SER A 2411 -6.74 -25.74 -50.35
C SER A 2411 -5.61 -26.41 -49.57
N GLY A 2412 -4.48 -25.72 -49.45
CA GLY A 2412 -3.35 -26.24 -48.71
C GLY A 2412 -2.65 -27.42 -49.34
N ARG A 2413 -2.61 -27.47 -50.67
CA ARG A 2413 -1.96 -28.57 -51.36
C ARG A 2413 -0.45 -28.36 -51.36
N VAL A 2414 0.30 -29.41 -51.06
CA VAL A 2414 1.76 -29.32 -51.06
C VAL A 2414 2.27 -29.35 -52.50
N LYS A 2415 3.18 -28.42 -52.82
CA LYS A 2415 3.75 -28.29 -54.16
C LYS A 2415 5.23 -28.64 -54.21
N THR A 2416 6.05 -28.00 -53.39
CA THR A 2416 7.48 -28.22 -53.45
C THR A 2416 8.06 -28.30 -52.04
N LEU A 2417 9.16 -29.03 -51.91
CA LEU A 2417 9.90 -29.18 -50.67
C LEU A 2417 11.33 -28.76 -50.88
N CYS A 2418 11.85 -27.98 -49.96
CA CYS A 2418 13.27 -27.61 -49.98
C CYS A 2418 13.82 -27.63 -48.56
N LEU A 2419 15.11 -27.92 -48.46
CA LEU A 2419 15.78 -28.02 -47.18
C LEU A 2419 17.02 -27.14 -47.19
N GLN A 2420 17.32 -26.56 -46.03
CA GLN A 2420 18.61 -25.93 -45.81
C GLN A 2420 19.28 -26.62 -44.63
N LYS A 2421 20.62 -26.69 -44.69
CA LYS A 2421 21.40 -27.37 -43.65
C LYS A 2421 21.25 -26.75 -42.27
N ASN A 2422 20.59 -25.60 -42.16
CA ASN A 2422 20.27 -24.93 -40.91
C ASN A 2422 19.03 -25.49 -40.24
N THR A 2423 18.66 -26.74 -40.58
CA THR A 2423 17.53 -27.46 -39.99
C THR A 2423 16.22 -26.69 -40.14
N ALA A 2424 16.01 -26.08 -41.31
CA ALA A 2424 14.75 -25.46 -41.66
C ALA A 2424 14.29 -25.98 -43.01
N LEU A 2425 13.22 -26.75 -43.02
CA LEU A 2425 12.68 -27.33 -44.24
C LEU A 2425 11.57 -26.43 -44.74
N TRP A 2426 11.74 -25.87 -45.93
CA TRP A 2426 10.77 -24.94 -46.51
C TRP A 2426 9.73 -25.74 -47.29
N ILE A 2427 8.47 -25.64 -46.87
CA ILE A 2427 7.36 -26.34 -47.49
C ILE A 2427 6.57 -25.33 -48.30
N GLY A 2428 6.65 -25.44 -49.63
CA GLY A 2428 5.88 -24.56 -50.48
C GLY A 2428 4.55 -25.17 -50.88
N THR A 2429 3.48 -24.63 -50.33
CA THR A 2429 2.15 -25.17 -50.56
C THR A 2429 1.49 -24.50 -51.75
N GLY A 2430 0.86 -25.31 -52.60
CA GLY A 2430 0.18 -24.85 -53.80
C GLY A 2430 -0.85 -23.76 -53.59
N GLY A 2431 -1.32 -23.61 -52.35
CA GLY A 2431 -2.20 -22.53 -52.00
C GLY A 2431 -1.51 -21.20 -51.83
N GLY A 2432 -0.22 -21.13 -52.16
CA GLY A 2432 0.52 -19.89 -52.09
C GLY A 2432 1.04 -19.54 -50.72
N HIS A 2433 1.42 -20.54 -49.92
CA HIS A 2433 1.95 -20.30 -48.58
C HIS A 2433 3.18 -21.15 -48.35
N ILE A 2434 4.20 -20.56 -47.75
CA ILE A 2434 5.46 -21.24 -47.46
C ILE A 2434 5.49 -21.55 -45.97
N LEU A 2435 5.85 -22.78 -45.63
CA LEU A 2435 5.99 -23.22 -44.25
C LEU A 2435 7.47 -23.39 -43.92
N LEU A 2436 7.81 -23.07 -42.67
CA LEU A 2436 9.16 -23.22 -42.16
C LEU A 2436 9.13 -24.21 -41.01
N LEU A 2437 9.68 -25.40 -41.24
CA LEU A 2437 9.70 -26.46 -40.23
C LEU A 2437 11.12 -26.66 -39.72
N ASP A 2438 11.27 -26.78 -38.41
CA ASP A 2438 12.58 -27.02 -37.81
C ASP A 2438 12.80 -28.51 -37.63
N LEU A 2439 13.89 -29.02 -38.18
CA LEU A 2439 14.08 -30.47 -38.24
C LEU A 2439 14.35 -31.08 -36.88
N SER A 2440 14.77 -30.28 -35.90
CA SER A 2440 15.05 -30.82 -34.58
C SER A 2440 13.77 -31.12 -33.80
N THR A 2441 12.74 -30.28 -33.96
CA THR A 2441 11.47 -30.49 -33.26
C THR A 2441 10.29 -30.77 -34.17
N ARG A 2442 10.43 -30.59 -35.48
CA ARG A 2442 9.34 -30.80 -36.45
C ARG A 2442 8.12 -29.94 -36.11
N ARG A 2443 8.36 -28.68 -35.76
CA ARG A 2443 7.32 -27.72 -35.40
C ARG A 2443 7.31 -26.56 -36.38
N LEU A 2444 6.27 -25.75 -36.27
CA LEU A 2444 6.13 -24.57 -37.12
C LEU A 2444 7.06 -23.46 -36.63
N ILE A 2445 7.58 -22.69 -37.57
CA ILE A 2445 8.34 -21.48 -37.29
C ILE A 2445 7.53 -20.24 -37.64
N ARG A 2446 7.09 -20.14 -38.89
CA ARG A 2446 6.17 -19.09 -39.33
C ARG A 2446 5.59 -19.53 -40.68
N VAL A 2447 4.40 -19.02 -40.98
CA VAL A 2447 3.75 -19.27 -42.26
C VAL A 2447 3.82 -17.97 -43.07
N ILE A 2448 4.41 -18.07 -44.26
CA ILE A 2448 4.60 -16.92 -45.13
C ILE A 2448 3.54 -16.95 -46.22
N TYR A 2449 2.76 -15.88 -46.33
CA TYR A 2449 1.66 -15.86 -47.28
C TYR A 2449 1.47 -14.42 -47.75
N ASN A 2450 0.33 -14.14 -48.38
CA ASN A 2450 -0.04 -12.87 -49.00
C ASN A 2450 1.09 -12.24 -49.78
N PHE A 2451 1.83 -13.06 -50.52
CA PHE A 2451 2.77 -12.58 -51.53
C PHE A 2451 2.62 -13.25 -52.89
N CYS A 2452 2.08 -14.47 -52.95
CA CYS A 2452 1.63 -15.05 -54.20
C CYS A 2452 0.47 -15.99 -53.88
N ASN A 2453 -0.24 -16.40 -54.93
CA ASN A 2453 -1.43 -17.22 -54.75
C ASN A 2453 -1.16 -18.71 -54.94
N SER A 2454 -0.11 -19.07 -55.67
CA SER A 2454 0.18 -20.48 -55.91
C SER A 2454 1.68 -20.63 -56.14
N VAL A 2455 2.39 -21.17 -55.14
CA VAL A 2455 3.82 -21.37 -55.27
C VAL A 2455 4.07 -22.56 -56.18
N ARG A 2456 4.86 -22.34 -57.23
CA ARG A 2456 5.08 -23.38 -58.23
C ARG A 2456 6.34 -24.18 -57.94
N VAL A 2457 7.50 -23.52 -57.92
CA VAL A 2457 8.77 -24.16 -57.65
C VAL A 2457 9.55 -23.29 -56.66
N MET A 2458 10.61 -23.86 -56.09
CA MET A 2458 11.38 -23.17 -55.08
C MET A 2458 12.81 -23.73 -55.11
N MET A 2459 13.73 -22.99 -55.72
CA MET A 2459 15.12 -23.40 -55.82
C MET A 2459 15.96 -22.68 -54.78
N THR A 2460 17.07 -23.30 -54.40
CA THR A 2460 18.14 -22.62 -53.68
C THR A 2460 19.25 -22.29 -54.65
N ALA A 2461 19.74 -21.06 -54.57
CA ALA A 2461 20.70 -20.60 -55.55
C ALA A 2461 21.58 -19.55 -54.92
N GLN A 2462 22.72 -19.31 -55.56
CA GLN A 2462 23.65 -18.29 -55.12
C GLN A 2462 23.70 -17.20 -56.18
N LEU A 2463 24.03 -15.99 -55.76
CA LEU A 2463 24.16 -14.87 -56.68
C LEU A 2463 25.63 -14.56 -56.91
N GLY A 2464 25.89 -13.64 -57.82
CA GLY A 2464 27.26 -13.26 -58.11
C GLY A 2464 27.99 -12.61 -56.96
N SER A 2465 27.28 -12.26 -55.88
CA SER A 2465 27.89 -11.73 -54.67
C SER A 2465 28.21 -12.81 -53.66
N LEU A 2466 28.26 -14.08 -54.08
CA LEU A 2466 28.53 -15.26 -53.26
C LEU A 2466 27.49 -15.49 -52.17
N LYS A 2467 26.37 -14.77 -52.19
CA LYS A 2467 25.34 -14.92 -51.18
C LYS A 2467 24.29 -15.93 -51.64
N ASN A 2468 23.90 -16.82 -50.72
CA ASN A 2468 22.92 -17.87 -51.01
C ASN A 2468 21.52 -17.36 -50.73
N VAL A 2469 20.63 -17.53 -51.69
CA VAL A 2469 19.25 -17.10 -51.60
C VAL A 2469 18.34 -18.25 -51.99
N MET A 2470 17.04 -18.09 -51.73
CA MET A 2470 16.06 -19.09 -52.12
C MET A 2470 15.02 -18.46 -53.04
N LEU A 2471 15.07 -18.80 -54.31
CA LEU A 2471 14.12 -18.29 -55.28
C LEU A 2471 12.77 -18.96 -55.11
N VAL A 2472 11.71 -18.18 -55.06
CA VAL A 2472 10.35 -18.71 -54.94
C VAL A 2472 9.54 -18.17 -56.10
N LEU A 2473 9.32 -19.00 -57.13
CA LEU A 2473 8.49 -18.63 -58.27
C LEU A 2473 7.05 -18.97 -57.95
N GLY A 2474 6.21 -17.95 -57.80
CA GLY A 2474 4.83 -18.17 -57.46
C GLY A 2474 3.88 -17.61 -58.49
N TYR A 2475 2.64 -18.07 -58.47
CA TYR A 2475 1.62 -17.59 -59.39
C TYR A 2475 0.86 -16.42 -58.77
N ASN A 2476 0.19 -15.66 -59.64
CA ASN A 2476 -0.67 -14.56 -59.21
C ASN A 2476 -1.84 -14.50 -60.19
N ARG A 2477 -2.93 -15.18 -59.84
CA ARG A 2477 -4.13 -15.20 -60.68
C ARG A 2477 -5.10 -14.19 -60.10
N LYS A 2478 -5.22 -13.05 -60.76
CA LYS A 2478 -6.06 -11.96 -60.31
C LYS A 2478 -7.53 -12.27 -60.54
N ILE A 2489 -3.63 -14.70 -64.55
CA ILE A 2489 -2.40 -15.39 -64.20
C ILE A 2489 -1.23 -14.43 -64.31
N GLN A 2490 -0.36 -14.45 -63.30
CA GLN A 2490 0.84 -13.64 -63.28
C GLN A 2490 1.90 -14.40 -62.48
N SER A 2491 3.15 -14.35 -62.94
CA SER A 2491 4.23 -15.11 -62.33
C SER A 2491 5.21 -14.15 -61.67
N CYS A 2492 5.44 -14.35 -60.37
CA CYS A 2492 6.30 -13.50 -59.56
C CYS A 2492 7.39 -14.34 -58.92
N LEU A 2493 8.62 -13.85 -59.00
CA LEU A 2493 9.82 -14.57 -58.55
C LEU A 2493 10.45 -13.82 -57.38
N THR A 2494 10.11 -14.22 -56.17
CA THR A 2494 10.65 -13.57 -54.99
C THR A 2494 11.95 -14.26 -54.60
N VAL A 2495 12.95 -13.45 -54.27
CA VAL A 2495 14.27 -13.97 -53.91
C VAL A 2495 14.44 -13.70 -52.42
N TRP A 2496 14.27 -14.73 -51.61
CA TRP A 2496 14.33 -14.58 -50.16
C TRP A 2496 15.75 -14.74 -49.66
N ASP A 2497 16.07 -14.02 -48.59
CA ASP A 2497 17.32 -14.25 -47.90
C ASP A 2497 17.26 -15.61 -47.22
N ILE A 2498 18.32 -16.41 -47.40
CA ILE A 2498 18.34 -17.78 -46.89
C ILE A 2498 18.19 -17.84 -45.38
N ASN A 2499 18.40 -16.73 -44.68
CA ASN A 2499 18.36 -16.66 -43.23
C ASN A 2499 16.98 -16.30 -42.70
N LEU A 2500 15.91 -16.65 -43.42
CA LEU A 2500 14.57 -16.29 -42.96
C LEU A 2500 14.22 -16.86 -41.59
N PRO A 2501 14.42 -18.16 -41.30
CA PRO A 2501 13.99 -18.67 -39.98
C PRO A 2501 14.73 -18.03 -38.83
N HIS A 2502 16.06 -17.93 -38.94
CA HIS A 2502 16.85 -17.26 -37.92
C HIS A 2502 16.39 -15.84 -37.73
N GLU A 2503 16.02 -15.15 -38.81
CA GLU A 2503 15.53 -13.79 -38.71
C GLU A 2503 14.22 -13.74 -37.94
N VAL A 2504 13.31 -14.67 -38.22
CA VAL A 2504 12.03 -14.73 -37.50
C VAL A 2504 12.28 -14.88 -36.01
N GLN A 2505 13.10 -15.88 -35.64
CA GLN A 2505 13.33 -16.16 -34.24
C GLN A 2505 14.03 -14.99 -33.55
N ASN A 2506 15.08 -14.45 -34.17
CA ASN A 2506 15.82 -13.36 -33.57
C ASN A 2506 14.97 -12.12 -33.40
N LEU A 2507 14.17 -11.77 -34.41
CA LEU A 2507 13.33 -10.59 -34.31
C LEU A 2507 12.26 -10.77 -33.24
N GLU A 2508 11.71 -11.98 -33.10
CA GLU A 2508 10.75 -12.23 -32.03
C GLU A 2508 11.38 -12.03 -30.66
N LYS A 2509 12.54 -12.66 -30.44
CA LYS A 2509 13.23 -12.51 -29.15
C LYS A 2509 13.60 -11.06 -28.89
N HIS A 2510 13.99 -10.34 -29.95
CA HIS A 2510 14.44 -8.97 -29.81
C HIS A 2510 13.30 -8.05 -29.43
N ILE A 2511 12.16 -8.19 -30.12
CA ILE A 2511 11.02 -7.35 -29.79
C ILE A 2511 10.47 -7.72 -28.41
N GLU A 2512 10.61 -8.98 -27.99
CA GLU A 2512 10.16 -9.34 -26.65
C GLU A 2512 11.07 -8.72 -25.57
N VAL A 2513 12.39 -8.75 -25.80
CA VAL A 2513 13.32 -8.14 -24.86
C VAL A 2513 13.06 -6.65 -24.75
N ARG A 2514 12.87 -5.97 -25.89
CA ARG A 2514 12.59 -4.54 -25.86
C ARG A 2514 11.28 -4.25 -25.15
N LYS A 2515 10.26 -5.10 -25.34
CA LYS A 2515 9.00 -4.93 -24.63
C LYS A 2515 9.20 -5.07 -23.13
N GLU A 2516 10.02 -6.04 -22.71
CA GLU A 2516 10.30 -6.20 -21.28
C GLU A 2516 11.02 -4.98 -20.72
N LEU A 2517 11.99 -4.45 -21.46
CA LEU A 2517 12.70 -3.26 -21.01
C LEU A 2517 11.76 -2.08 -20.86
N ALA A 2518 10.90 -1.86 -21.85
CA ALA A 2518 9.95 -0.74 -21.77
C ALA A 2518 8.99 -0.92 -20.61
N GLU A 2519 8.55 -2.15 -20.36
CA GLU A 2519 7.64 -2.42 -19.25
C GLU A 2519 8.31 -2.12 -17.91
N LYS A 2520 9.54 -2.62 -17.73
CA LYS A 2520 10.26 -2.37 -16.49
C LYS A 2520 10.50 -0.88 -16.28
N MET A 2521 10.83 -0.17 -17.36
CA MET A 2521 11.08 1.27 -17.24
C MET A 2521 9.81 2.02 -16.86
N ARG A 2522 8.68 1.63 -17.46
CA ARG A 2522 7.41 2.23 -17.09
C ARG A 2522 7.05 1.94 -15.63
N ARG A 2523 7.35 0.73 -15.16
CA ARG A 2523 7.03 0.36 -13.79
C ARG A 2523 7.88 1.17 -12.80
N THR A 2524 9.20 1.23 -13.02
CA THR A 2524 10.05 1.96 -12.08
C THR A 2524 9.81 3.46 -12.14
N SER A 2525 9.38 3.99 -13.29
CA SER A 2525 9.07 5.41 -13.35
C SER A 2525 7.83 5.75 -12.53
N VAL A 2526 6.81 4.91 -12.58
CA VAL A 2526 5.58 5.14 -11.84
C VAL A 2526 5.81 4.93 -10.35
N GLY B 558 46.86 -40.21 -9.94
CA GLY B 558 47.23 -40.88 -8.71
C GLY B 558 48.35 -40.17 -7.96
N ILE B 559 49.20 -39.46 -8.71
CA ILE B 559 50.31 -38.73 -8.11
C ILE B 559 49.85 -37.54 -7.28
N GLN B 560 48.57 -37.17 -7.36
CA GLN B 560 48.07 -36.03 -6.61
C GLN B 560 48.12 -36.25 -5.10
N LYS B 561 48.15 -37.50 -4.64
CA LYS B 561 48.27 -37.77 -3.21
C LYS B 561 49.63 -37.32 -2.68
N CYS B 562 50.70 -37.82 -3.28
CA CYS B 562 52.04 -37.39 -2.88
C CYS B 562 52.29 -35.93 -3.24
N GLY B 563 51.60 -35.43 -4.28
CA GLY B 563 51.65 -34.01 -4.57
C GLY B 563 51.09 -33.17 -3.44
N LEU B 564 49.96 -33.59 -2.88
CA LEU B 564 49.41 -32.90 -1.72
C LEU B 564 50.31 -33.08 -0.50
N LYS B 565 51.08 -34.17 -0.45
CA LYS B 565 52.08 -34.34 0.60
C LYS B 565 53.15 -33.26 0.49
N VAL B 566 53.65 -33.01 -0.73
CA VAL B 566 54.59 -31.92 -0.94
C VAL B 566 53.94 -30.59 -0.61
N ILE B 567 52.64 -30.46 -0.92
CA ILE B 567 51.91 -29.25 -0.56
C ILE B 567 51.86 -29.09 0.95
N SER B 568 51.55 -30.16 1.67
CA SER B 568 51.59 -30.13 3.13
C SER B 568 52.98 -29.76 3.65
N SER B 569 54.02 -30.14 2.92
CA SER B 569 55.38 -29.76 3.30
C SER B 569 55.62 -28.25 3.12
N ILE B 570 55.06 -27.66 2.06
CA ILE B 570 55.39 -26.27 1.74
C ILE B 570 54.51 -25.26 2.49
N VAL B 571 53.32 -25.65 2.96
CA VAL B 571 52.45 -24.72 3.67
C VAL B 571 53.07 -24.20 4.97
N HIS B 572 54.07 -24.90 5.51
CA HIS B 572 54.71 -24.42 6.72
C HIS B 572 55.62 -23.23 6.45
N PHE B 573 56.02 -23.03 5.21
CA PHE B 573 56.89 -21.91 4.87
C PHE B 573 56.11 -20.60 4.96
N PRO B 574 56.73 -19.51 5.41
CA PRO B 574 56.03 -18.22 5.44
C PRO B 574 55.72 -17.73 4.03
N ASP B 575 54.59 -17.04 3.93
CA ASP B 575 54.09 -16.47 2.67
C ASP B 575 53.91 -17.56 1.61
N ALA B 576 53.02 -18.50 1.91
CA ALA B 576 52.71 -19.58 0.97
C ALA B 576 51.91 -19.10 -0.23
N LEU B 577 51.40 -17.88 -0.20
CA LEU B 577 50.63 -17.32 -1.30
C LEU B 577 51.55 -16.67 -2.33
N GLY B 584 45.89 -18.40 -6.79
CA GLY B 584 45.80 -19.08 -5.52
C GLY B 584 45.78 -20.59 -5.64
N ALA B 585 46.44 -21.25 -4.69
CA ALA B 585 46.51 -22.71 -4.68
C ALA B 585 45.27 -23.36 -4.08
N MET B 586 44.34 -22.57 -3.53
CA MET B 586 43.15 -23.13 -2.91
C MET B 586 42.23 -23.77 -3.95
N ASP B 587 42.08 -23.12 -5.10
CA ASP B 587 41.22 -23.66 -6.16
C ASP B 587 41.75 -25.00 -6.66
N SER B 588 43.07 -25.13 -6.76
CA SER B 588 43.68 -26.36 -7.23
C SER B 588 43.37 -27.53 -6.31
N VAL B 589 43.72 -27.38 -5.02
CA VAL B 589 43.49 -28.47 -4.06
C VAL B 589 42.00 -28.75 -3.89
N LEU B 590 41.16 -27.71 -4.07
CA LEU B 590 39.72 -27.93 -4.01
C LEU B 590 39.26 -28.82 -5.16
N HIS B 591 39.79 -28.57 -6.38
CA HIS B 591 39.44 -29.41 -7.52
C HIS B 591 39.92 -30.85 -7.32
N THR B 592 41.11 -31.01 -6.72
CA THR B 592 41.60 -32.36 -6.44
C THR B 592 40.74 -33.05 -5.39
N LEU B 593 40.38 -32.34 -4.32
CA LEU B 593 39.52 -32.91 -3.30
C LEU B 593 38.16 -33.28 -3.88
N GLN B 594 37.61 -32.44 -4.76
CA GLN B 594 36.38 -32.80 -5.46
C GLN B 594 36.59 -33.98 -6.38
N MET B 595 37.83 -34.16 -6.87
CA MET B 595 38.14 -35.31 -7.72
C MET B 595 38.45 -36.55 -6.87
N TYR B 596 39.29 -36.39 -5.85
CA TYR B 596 39.66 -37.52 -5.00
C TYR B 596 38.93 -37.38 -3.66
N PRO B 597 37.94 -38.22 -3.39
CA PRO B 597 37.14 -38.04 -2.17
C PRO B 597 37.84 -38.49 -0.88
N ASP B 598 38.56 -39.61 -0.93
CA ASP B 598 39.03 -40.27 0.29
C ASP B 598 40.43 -39.84 0.69
N ASP B 599 41.42 -40.08 -0.18
CA ASP B 599 42.82 -39.92 0.22
C ASP B 599 43.19 -38.45 0.38
N GLN B 600 42.78 -37.60 -0.57
CA GLN B 600 43.10 -36.18 -0.48
C GLN B 600 42.45 -35.53 0.73
N GLU B 601 41.20 -35.93 1.04
CA GLU B 601 40.52 -35.36 2.20
C GLU B 601 41.21 -35.73 3.50
N ILE B 602 41.91 -36.88 3.54
CA ILE B 602 42.67 -37.26 4.73
C ILE B 602 43.77 -36.26 5.02
N GLN B 603 44.27 -35.59 3.99
CA GLN B 603 45.29 -34.56 4.14
C GLN B 603 44.77 -33.16 3.87
N CYS B 604 43.46 -33.01 3.62
CA CYS B 604 42.85 -31.70 3.39
C CYS B 604 42.88 -30.79 4.61
N LEU B 605 43.33 -31.29 5.76
CA LEU B 605 43.55 -30.44 6.92
C LEU B 605 44.55 -29.32 6.64
N GLY B 606 45.43 -29.51 5.66
CA GLY B 606 46.37 -28.47 5.26
C GLY B 606 45.72 -27.21 4.72
N LEU B 607 44.42 -27.26 4.43
CA LEU B 607 43.69 -26.09 3.94
C LEU B 607 43.72 -24.99 5.00
N SER B 608 44.48 -23.95 4.75
CA SER B 608 44.60 -22.81 5.66
C SER B 608 43.67 -21.70 5.20
N LEU B 609 43.84 -20.51 5.79
CA LEU B 609 43.03 -19.35 5.42
C LEU B 609 43.44 -18.92 4.01
N ILE B 610 42.62 -19.30 3.03
CA ILE B 610 42.83 -18.93 1.64
C ILE B 610 41.52 -18.38 1.09
N GLY B 611 41.62 -17.41 0.18
CA GLY B 611 40.47 -16.76 -0.39
C GLY B 611 39.94 -15.59 0.41
N TYR B 612 40.56 -15.26 1.54
CA TYR B 612 40.13 -14.13 2.35
C TYR B 612 41.33 -13.35 2.86
N THR B 623 34.66 -16.84 -1.62
CA THR B 623 33.24 -16.56 -1.43
C THR B 623 32.37 -17.58 -2.16
N GLY B 624 33.02 -18.57 -2.76
CA GLY B 624 32.29 -19.61 -3.47
C GLY B 624 31.60 -20.56 -2.50
N HIS B 625 30.28 -20.68 -2.62
CA HIS B 625 29.53 -21.62 -1.78
C HIS B 625 29.91 -23.06 -2.09
N LEU B 626 30.33 -23.33 -3.34
CA LEU B 626 30.75 -24.68 -3.72
C LEU B 626 31.92 -25.19 -2.89
N LEU B 627 32.81 -24.31 -2.46
CA LEU B 627 33.94 -24.72 -1.63
C LEU B 627 33.47 -25.22 -0.26
N ALA B 628 32.59 -24.44 0.38
CA ALA B 628 32.06 -24.86 1.67
C ALA B 628 31.20 -26.12 1.53
N LYS B 629 30.41 -26.20 0.45
CA LYS B 629 29.63 -27.40 0.18
C LYS B 629 30.54 -28.61 0.01
N ILE B 630 31.66 -28.43 -0.68
CA ILE B 630 32.62 -29.51 -0.86
C ILE B 630 33.22 -29.92 0.48
N LEU B 631 33.53 -28.94 1.33
CA LEU B 631 34.11 -29.23 2.64
C LEU B 631 33.16 -30.07 3.49
N VAL B 632 31.91 -29.62 3.62
CA VAL B 632 30.96 -30.33 4.48
C VAL B 632 30.60 -31.69 3.87
N SER B 633 30.49 -31.75 2.54
CA SER B 633 30.17 -33.02 1.90
C SER B 633 31.31 -34.02 2.02
N SER B 634 32.56 -33.54 2.00
CA SER B 634 33.69 -34.44 2.23
C SER B 634 33.68 -34.97 3.66
N LEU B 635 33.36 -34.09 4.62
CA LEU B 635 33.26 -34.52 6.01
C LEU B 635 32.15 -35.56 6.18
N TYR B 636 31.02 -35.34 5.53
CA TYR B 636 29.85 -36.19 5.73
C TYR B 636 29.94 -37.48 4.92
N ARG B 637 30.61 -37.45 3.76
CA ARG B 637 30.66 -38.62 2.88
C ARG B 637 31.26 -39.82 3.60
N PHE B 638 32.31 -39.61 4.40
CA PHE B 638 32.86 -40.67 5.22
C PHE B 638 32.23 -40.66 6.61
N LYS B 639 32.40 -39.55 7.35
CA LYS B 639 31.81 -39.32 8.67
C LYS B 639 32.15 -40.41 9.68
N ASP B 640 33.18 -41.21 9.42
CA ASP B 640 33.54 -42.30 10.32
C ASP B 640 35.04 -42.40 10.55
N VAL B 641 35.83 -41.45 10.07
CA VAL B 641 37.26 -41.42 10.30
C VAL B 641 37.54 -40.37 11.38
N ALA B 642 38.09 -40.83 12.51
CA ALA B 642 38.28 -40.00 13.69
C ALA B 642 39.05 -38.71 13.38
N GLU B 643 40.14 -38.83 12.61
CA GLU B 643 41.05 -37.69 12.44
C GLU B 643 40.47 -36.62 11.52
N ILE B 644 39.80 -37.03 10.44
CA ILE B 644 39.32 -36.03 9.49
C ILE B 644 38.20 -35.19 10.10
N GLN B 645 37.42 -35.77 11.01
CA GLN B 645 36.36 -35.02 11.67
C GLN B 645 36.95 -33.87 12.50
N THR B 646 37.93 -34.18 13.35
CA THR B 646 38.56 -33.15 14.18
C THR B 646 39.31 -32.15 13.31
N LYS B 647 39.98 -32.63 12.27
CA LYS B 647 40.71 -31.74 11.37
C LYS B 647 39.75 -30.79 10.66
N GLY B 648 38.68 -31.33 10.10
CA GLY B 648 37.70 -30.49 9.43
C GLY B 648 36.99 -29.54 10.37
N PHE B 649 36.80 -29.96 11.63
CA PHE B 649 36.18 -29.07 12.62
C PHE B 649 37.11 -27.91 12.95
N GLN B 650 38.40 -28.19 13.10
CA GLN B 650 39.37 -27.11 13.28
C GLN B 650 39.36 -26.17 12.07
N THR B 651 39.26 -26.74 10.86
CA THR B 651 39.25 -25.93 9.64
C THR B 651 38.02 -25.05 9.58
N ILE B 652 36.83 -25.62 9.83
CA ILE B 652 35.61 -24.83 9.77
C ILE B 652 35.60 -23.78 10.88
N LEU B 653 36.16 -24.11 12.05
CA LEU B 653 36.28 -23.14 13.14
C LEU B 653 37.13 -21.95 12.72
N ALA B 654 38.26 -22.21 12.06
CA ALA B 654 39.12 -21.13 11.60
C ALA B 654 38.41 -20.22 10.60
N ILE B 655 37.70 -20.81 9.63
CA ILE B 655 37.12 -19.99 8.57
C ILE B 655 35.91 -19.21 9.08
N LEU B 656 35.16 -19.76 10.04
CA LEU B 656 34.06 -18.99 10.62
C LEU B 656 34.60 -17.85 11.48
N LYS B 657 35.74 -18.06 12.13
CA LYS B 657 36.42 -16.96 12.81
C LYS B 657 36.86 -15.91 11.82
N LEU B 658 37.17 -16.33 10.59
CA LEU B 658 37.55 -15.36 9.55
C LEU B 658 36.34 -14.57 9.08
N SER B 659 35.18 -15.22 8.93
CA SER B 659 33.99 -14.56 8.44
C SER B 659 32.77 -15.16 9.11
N ALA B 660 31.94 -14.30 9.71
CA ALA B 660 30.70 -14.75 10.34
C ALA B 660 29.64 -15.10 9.31
N SER B 661 29.72 -14.54 8.10
CA SER B 661 28.79 -14.90 7.04
C SER B 661 28.93 -16.36 6.62
N PHE B 662 30.07 -16.98 6.93
CA PHE B 662 30.24 -18.41 6.67
C PHE B 662 29.23 -19.24 7.44
N SER B 663 28.84 -18.79 8.63
CA SER B 663 27.89 -19.54 9.45
C SER B 663 26.53 -19.65 8.76
N LYS B 664 26.11 -18.59 8.08
CA LYS B 664 24.83 -18.61 7.38
C LYS B 664 24.80 -19.70 6.32
N LEU B 665 25.76 -19.66 5.39
CA LEU B 665 25.83 -20.68 4.34
C LEU B 665 26.11 -22.06 4.92
N LEU B 666 26.81 -22.13 6.06
CA LEU B 666 27.14 -23.41 6.67
C LEU B 666 25.88 -24.13 7.11
N VAL B 667 25.08 -23.48 7.95
CA VAL B 667 23.81 -24.05 8.39
C VAL B 667 22.83 -24.17 7.23
N HIS B 668 23.08 -23.43 6.14
CA HIS B 668 22.21 -23.48 4.98
C HIS B 668 22.36 -24.79 4.23
N HIS B 669 23.59 -25.21 3.96
CA HIS B 669 23.80 -26.33 3.05
C HIS B 669 23.62 -27.68 3.74
N SER B 670 24.53 -28.04 4.65
CA SER B 670 24.46 -29.38 5.22
C SER B 670 24.89 -29.49 6.68
N PHE B 671 25.12 -28.39 7.40
CA PHE B 671 25.78 -28.45 8.71
C PHE B 671 25.01 -29.36 9.68
N ASP B 672 23.69 -29.32 9.64
CA ASP B 672 22.89 -30.14 10.54
C ASP B 672 23.10 -31.63 10.29
N LEU B 673 23.09 -32.03 9.01
CA LEU B 673 23.13 -33.44 8.66
C LEU B 673 24.36 -34.14 9.20
N VAL B 674 25.47 -33.42 9.37
CA VAL B 674 26.68 -33.99 9.90
C VAL B 674 26.83 -33.73 11.40
N ILE B 675 26.39 -32.56 11.88
CA ILE B 675 26.58 -32.20 13.29
C ILE B 675 25.72 -33.06 14.19
N PHE B 676 24.43 -33.17 13.86
CA PHE B 676 23.54 -34.02 14.66
C PHE B 676 23.99 -35.47 14.61
N HIS B 677 24.47 -35.92 13.44
CA HIS B 677 24.91 -37.30 13.31
C HIS B 677 26.13 -37.58 14.19
N GLN B 678 27.09 -36.66 14.24
CA GLN B 678 28.29 -36.92 15.03
C GLN B 678 28.05 -36.74 16.52
N MET B 679 27.22 -35.76 16.91
CA MET B 679 26.98 -35.51 18.32
C MET B 679 25.97 -36.47 18.93
N SER B 680 25.18 -37.17 18.12
CA SER B 680 24.23 -38.14 18.65
C SER B 680 24.69 -39.58 18.50
N SER B 681 25.81 -39.82 17.83
CA SER B 681 26.33 -41.18 17.66
C SER B 681 27.26 -41.53 18.81
N ASN B 682 26.67 -41.51 20.01
CA ASN B 682 27.36 -41.82 21.27
C ASN B 682 28.60 -40.96 21.45
N ILE B 683 28.42 -39.64 21.26
CA ILE B 683 29.52 -38.70 21.44
C ILE B 683 29.98 -38.67 22.89
N MET B 684 29.09 -38.98 23.81
CA MET B 684 29.44 -39.08 25.22
C MET B 684 30.08 -40.44 25.49
N GLU B 685 30.50 -40.65 26.74
CA GLU B 685 31.11 -41.90 27.20
C GLU B 685 32.37 -42.25 26.41
N GLN B 686 33.06 -41.24 25.89
CA GLN B 686 34.29 -41.44 25.13
C GLN B 686 35.30 -40.39 25.57
N LYS B 687 36.57 -40.79 25.63
CA LYS B 687 37.65 -39.90 26.05
C LYS B 687 38.05 -38.96 24.92
N ASP B 688 37.07 -38.18 24.47
CA ASP B 688 37.23 -37.21 23.39
C ASP B 688 36.93 -35.81 23.91
N GLN B 689 37.46 -35.49 25.09
CA GLN B 689 37.14 -34.21 25.74
C GLN B 689 37.53 -33.02 24.87
N GLN B 690 38.71 -33.07 24.24
CA GLN B 690 39.09 -32.01 23.32
C GLN B 690 38.19 -31.98 22.09
N PHE B 691 37.80 -33.16 21.61
CA PHE B 691 36.88 -33.24 20.48
C PHE B 691 35.56 -32.56 20.78
N LEU B 692 34.92 -32.94 21.90
CA LEU B 692 33.68 -32.29 22.31
C LEU B 692 33.87 -30.80 22.50
N ASN B 693 35.03 -30.39 23.03
CA ASN B 693 35.31 -28.97 23.25
C ASN B 693 35.27 -28.20 21.93
N LEU B 694 35.90 -28.75 20.88
CA LEU B 694 35.87 -28.07 19.58
C LEU B 694 34.47 -28.03 19.00
N CYS B 695 33.71 -29.13 19.14
CA CYS B 695 32.34 -29.14 18.63
C CYS B 695 31.47 -28.10 19.34
N CYS B 696 31.64 -28.00 20.66
CA CYS B 696 30.89 -27.00 21.41
C CYS B 696 31.36 -25.58 21.10
N LYS B 697 32.65 -25.41 20.82
CA LYS B 697 33.13 -24.11 20.36
C LYS B 697 32.46 -23.73 19.04
N CYS B 698 32.39 -24.68 18.10
CA CYS B 698 31.69 -24.45 16.84
C CYS B 698 30.21 -24.18 17.08
N PHE B 699 29.60 -24.90 18.03
CA PHE B 699 28.20 -24.67 18.38
C PHE B 699 27.97 -23.24 18.85
N ALA B 700 28.77 -22.78 19.81
CA ALA B 700 28.65 -21.41 20.30
C ALA B 700 28.91 -20.40 19.20
N LYS B 701 29.75 -20.77 18.22
CA LYS B 701 30.02 -19.88 17.10
C LYS B 701 28.81 -19.73 16.19
N VAL B 702 28.13 -20.83 15.88
CA VAL B 702 26.93 -20.75 15.04
C VAL B 702 25.71 -20.35 15.84
N ALA B 703 25.81 -20.30 17.17
CA ALA B 703 24.68 -19.94 18.01
C ALA B 703 24.27 -18.49 17.82
N MET B 704 25.16 -17.64 17.32
CA MET B 704 24.79 -16.26 17.03
C MET B 704 23.75 -16.22 15.93
N ASP B 705 23.08 -15.07 15.80
CA ASP B 705 22.00 -14.87 14.84
C ASP B 705 20.90 -15.93 15.04
N ASP B 706 20.24 -15.80 16.21
CA ASP B 706 19.30 -16.79 16.73
C ASP B 706 18.25 -17.26 15.72
N TYR B 707 18.01 -16.52 14.65
CA TYR B 707 17.22 -17.02 13.54
C TYR B 707 17.77 -18.34 13.04
N LEU B 708 19.10 -18.45 12.93
CA LEU B 708 19.73 -19.71 12.56
C LEU B 708 19.42 -20.82 13.56
N LYS B 709 19.36 -20.47 14.85
CA LYS B 709 18.99 -21.47 15.86
C LYS B 709 17.58 -21.99 15.61
N ASN B 710 16.67 -21.10 15.22
CA ASN B 710 15.31 -21.51 14.89
C ASN B 710 15.32 -22.46 13.68
N VAL B 711 16.17 -22.18 12.69
CA VAL B 711 16.33 -23.08 11.56
C VAL B 711 16.83 -24.44 12.04
N MET B 712 17.83 -24.45 12.94
CA MET B 712 18.35 -25.71 13.45
C MET B 712 17.27 -26.48 14.20
N LEU B 713 16.42 -25.79 14.95
CA LEU B 713 15.34 -26.44 15.66
C LEU B 713 14.35 -27.07 14.68
N GLU B 714 13.98 -26.31 13.65
CA GLU B 714 13.07 -26.85 12.63
C GLU B 714 13.65 -28.09 11.98
N ARG B 715 14.94 -28.06 11.65
CA ARG B 715 15.56 -29.23 11.04
C ARG B 715 15.72 -30.36 12.04
N ALA B 716 15.95 -30.05 13.31
CA ALA B 716 16.09 -31.08 14.31
C ALA B 716 14.76 -31.73 14.66
N CYS B 717 13.66 -31.03 14.43
CA CYS B 717 12.33 -31.60 14.63
C CYS B 717 11.83 -32.35 13.40
N ASP B 718 12.24 -31.91 12.20
CA ASP B 718 11.89 -32.64 10.98
C ASP B 718 12.40 -34.07 11.03
N GLN B 719 13.55 -34.30 11.64
CA GLN B 719 14.02 -35.63 11.97
C GLN B 719 13.66 -35.95 13.41
N ASN B 720 13.68 -37.24 13.74
CA ASN B 720 13.29 -37.70 15.07
C ASN B 720 14.54 -37.85 15.94
N ASN B 721 15.06 -36.70 16.40
CA ASN B 721 16.27 -36.68 17.24
C ASN B 721 15.98 -35.81 18.46
N SER B 722 15.37 -36.39 19.49
CA SER B 722 15.04 -35.65 20.69
C SER B 722 16.24 -35.40 21.59
N ILE B 723 17.42 -35.90 21.22
CA ILE B 723 18.60 -35.76 22.07
C ILE B 723 19.13 -34.34 22.02
N MET B 724 19.06 -33.70 20.85
CA MET B 724 19.62 -32.36 20.69
C MET B 724 18.59 -31.25 20.70
N VAL B 725 17.31 -31.57 20.43
CA VAL B 725 16.25 -30.56 20.52
C VAL B 725 16.23 -29.92 21.90
N GLU B 726 16.45 -30.71 22.95
CA GLU B 726 16.47 -30.18 24.30
C GLU B 726 17.60 -29.15 24.45
N CYS B 727 18.77 -29.45 23.89
CA CYS B 727 19.87 -28.51 23.93
C CYS B 727 19.50 -27.20 23.23
N LEU B 728 18.89 -27.29 22.05
CA LEU B 728 18.48 -26.09 21.33
C LEU B 728 17.47 -25.28 22.12
N LEU B 729 16.56 -25.95 22.82
CA LEU B 729 15.57 -25.24 23.62
C LEU B 729 16.22 -24.54 24.82
N LEU B 730 17.20 -25.19 25.45
CA LEU B 730 17.83 -24.61 26.63
C LEU B 730 18.67 -23.40 26.25
N LEU B 731 19.35 -23.44 25.12
CA LEU B 731 20.10 -22.28 24.64
C LEU B 731 19.18 -21.13 24.27
N GLY B 732 17.90 -21.40 24.06
CA GLY B 732 16.93 -20.36 23.73
C GLY B 732 16.51 -20.43 22.29
N ALA B 733 15.38 -21.05 22.03
CA ALA B 733 14.84 -21.17 20.69
C ALA B 733 13.34 -21.00 20.73
N ASP B 734 12.81 -20.14 19.87
CA ASP B 734 11.39 -19.82 19.84
C ASP B 734 10.63 -21.03 19.30
N ALA B 735 10.12 -21.88 20.20
CA ALA B 735 9.35 -23.03 19.79
C ALA B 735 8.05 -22.65 19.10
N ASN B 736 7.64 -21.39 19.17
CA ASN B 736 6.49 -20.88 18.44
C ASN B 736 6.89 -20.16 17.16
N GLN B 737 7.96 -20.62 16.51
CA GLN B 737 8.51 -19.90 15.36
C GLN B 737 7.58 -20.01 14.15
N ALA B 738 7.35 -21.23 13.68
CA ALA B 738 6.54 -21.41 12.48
C ALA B 738 5.05 -21.38 12.81
N SER B 742 1.44 -23.71 9.97
CA SER B 742 1.83 -24.99 10.53
C SER B 742 2.99 -24.83 11.50
N SER B 743 2.67 -24.64 12.78
CA SER B 743 3.68 -24.45 13.80
C SER B 743 4.47 -25.75 14.01
N LEU B 744 5.49 -25.67 14.88
CA LEU B 744 6.39 -26.80 15.07
C LEU B 744 5.66 -28.01 15.60
N ILE B 745 4.81 -27.81 16.62
CA ILE B 745 4.20 -28.94 17.32
C ILE B 745 3.28 -29.72 16.37
N CYS B 746 2.56 -29.01 15.50
CA CYS B 746 1.73 -29.69 14.51
C CYS B 746 2.58 -30.45 13.50
N GLN B 747 3.74 -29.91 13.14
CA GLN B 747 4.65 -30.61 12.23
C GLN B 747 5.18 -31.89 12.85
N VAL B 748 5.71 -31.79 14.07
CA VAL B 748 6.25 -32.95 14.77
C VAL B 748 5.19 -34.03 14.93
N CYS B 749 3.98 -33.63 15.28
CA CYS B 749 2.93 -34.62 15.53
C CYS B 749 2.35 -35.20 14.24
N GLU B 750 2.41 -34.46 13.13
CA GLU B 750 1.88 -34.96 11.87
C GLU B 750 2.63 -36.21 11.41
N LYS B 751 3.96 -36.10 11.28
CA LYS B 751 4.79 -37.26 11.02
C LYS B 751 4.95 -38.08 12.30
N GLU B 752 5.29 -39.35 12.13
CA GLU B 752 5.51 -40.23 13.27
C GLU B 752 6.70 -39.75 14.08
N SER B 753 6.47 -39.37 15.33
CA SER B 753 7.50 -38.84 16.21
C SER B 753 7.52 -39.62 17.51
N SER B 754 8.42 -39.21 18.39
CA SER B 754 8.62 -39.84 19.68
C SER B 754 7.98 -39.02 20.79
N PRO B 755 7.46 -39.70 21.81
CA PRO B 755 6.88 -38.98 22.96
C PRO B 755 7.84 -37.99 23.61
N LYS B 756 9.14 -38.28 23.62
CA LYS B 756 10.09 -37.37 24.24
C LYS B 756 10.13 -36.03 23.53
N LEU B 757 10.05 -36.03 22.20
CA LEU B 757 10.15 -34.80 21.44
C LEU B 757 8.94 -33.89 21.68
N VAL B 758 7.73 -34.44 21.56
CA VAL B 758 6.53 -33.64 21.79
C VAL B 758 6.48 -33.15 23.22
N GLU B 759 6.96 -33.96 24.17
CA GLU B 759 7.02 -33.53 25.57
C GLU B 759 7.93 -32.33 25.73
N LEU B 760 9.12 -32.37 25.12
CA LEU B 760 10.05 -31.25 25.24
C LEU B 760 9.50 -30.00 24.58
N LEU B 761 8.68 -30.16 23.55
CA LEU B 761 8.09 -28.99 22.90
C LEU B 761 6.93 -28.44 23.71
N LEU B 762 6.18 -29.29 24.40
CA LEU B 762 5.09 -28.82 25.24
C LEU B 762 5.61 -28.14 26.49
N ASN B 763 6.70 -28.65 27.06
CA ASN B 763 7.26 -28.07 28.27
C ASN B 763 7.77 -26.65 28.01
N SER B 764 8.41 -26.44 26.87
CA SER B 764 8.73 -25.09 26.43
C SER B 764 7.47 -24.42 25.91
N GLY B 765 7.51 -23.10 25.86
CA GLY B 765 6.31 -22.35 25.49
C GLY B 765 5.91 -22.60 24.05
N SER B 766 4.63 -22.87 23.84
CA SER B 766 4.06 -23.03 22.52
C SER B 766 2.59 -22.66 22.59
N ARG B 767 2.13 -21.89 21.60
CA ARG B 767 0.80 -21.28 21.63
C ARG B 767 -0.28 -22.32 21.84
N GLU B 768 -1.31 -21.95 22.60
CA GLU B 768 -2.38 -22.88 22.93
C GLU B 768 -3.15 -23.32 21.69
N GLN B 769 -3.38 -22.38 20.75
CA GLN B 769 -4.05 -22.73 19.51
C GLN B 769 -3.26 -23.77 18.73
N ASP B 770 -1.93 -23.63 18.71
CA ASP B 770 -1.09 -24.61 18.04
C ASP B 770 -1.23 -25.99 18.69
N VAL B 771 -1.25 -26.05 20.02
CA VAL B 771 -1.40 -27.32 20.72
C VAL B 771 -2.76 -27.93 20.41
N ARG B 772 -3.80 -27.10 20.34
CA ARG B 772 -5.13 -27.60 20.02
C ARG B 772 -5.16 -28.20 18.62
N LYS B 773 -4.55 -27.51 17.66
CA LYS B 773 -4.47 -28.04 16.30
C LYS B 773 -3.68 -29.34 16.28
N ALA B 774 -2.63 -29.43 17.10
CA ALA B 774 -1.86 -30.67 17.18
C ALA B 774 -2.67 -31.79 17.79
N LEU B 775 -3.56 -31.48 18.73
CA LEU B 775 -4.44 -32.51 19.29
C LEU B 775 -5.39 -33.04 18.23
N THR B 776 -5.97 -32.15 17.43
CA THR B 776 -6.81 -32.58 16.32
C THR B 776 -6.04 -33.49 15.38
N ILE B 777 -4.80 -33.12 15.05
CA ILE B 777 -3.97 -33.93 14.17
C ILE B 777 -3.80 -35.33 14.75
N SER B 778 -3.32 -35.41 15.99
CA SER B 778 -3.08 -36.70 16.62
C SER B 778 -4.36 -37.48 16.85
N ILE B 779 -5.51 -36.82 16.91
CA ILE B 779 -6.77 -37.52 16.92
C ILE B 779 -7.01 -38.23 15.60
N GLY B 780 -6.69 -37.56 14.48
CA GLY B 780 -6.80 -38.16 13.17
C GLY B 780 -5.97 -39.41 13.02
N LYS B 781 -4.67 -39.30 13.27
CA LYS B 781 -3.77 -40.45 13.25
C LYS B 781 -3.73 -41.01 14.66
N GLY B 782 -4.65 -41.95 14.95
CA GLY B 782 -4.84 -42.45 16.29
C GLY B 782 -3.61 -43.00 16.99
N ASP B 783 -3.14 -42.28 18.00
CA ASP B 783 -1.95 -42.69 18.75
C ASP B 783 -2.15 -42.26 20.20
N SER B 784 -2.40 -43.23 21.07
CA SER B 784 -2.77 -42.92 22.45
C SER B 784 -1.68 -42.14 23.16
N GLN B 785 -0.41 -42.39 22.82
CA GLN B 785 0.69 -41.80 23.57
C GLN B 785 0.74 -40.29 23.40
N ILE B 786 0.71 -39.81 22.15
CA ILE B 786 0.77 -38.37 21.91
C ILE B 786 -0.52 -37.70 22.36
N ILE B 787 -1.65 -38.40 22.26
CA ILE B 787 -2.92 -37.85 22.74
C ILE B 787 -2.85 -37.57 24.22
N SER B 788 -2.38 -38.54 25.00
CA SER B 788 -2.22 -38.33 26.44
C SER B 788 -1.21 -37.24 26.74
N LEU B 789 -0.11 -37.20 25.98
CA LEU B 789 0.89 -36.16 26.17
C LEU B 789 0.29 -34.78 26.02
N LEU B 790 -0.63 -34.62 25.08
CA LEU B 790 -1.24 -33.32 24.84
C LEU B 790 -2.32 -33.01 25.86
N LEU B 791 -3.18 -33.98 26.16
CA LEU B 791 -4.24 -33.77 27.13
C LEU B 791 -3.67 -33.46 28.52
N ARG B 792 -2.47 -33.94 28.82
CA ARG B 792 -1.83 -33.60 30.08
C ARG B 792 -1.41 -32.14 30.13
N ARG B 793 -1.47 -31.44 29.00
CA ARG B 793 -1.15 -30.02 28.95
C ARG B 793 -2.38 -29.16 28.76
N LEU B 794 -3.33 -29.63 27.95
CA LEU B 794 -4.51 -28.82 27.66
C LEU B 794 -5.53 -28.88 28.79
N ALA B 795 -5.76 -30.05 29.35
CA ALA B 795 -6.94 -30.30 30.17
C ALA B 795 -6.60 -31.04 31.45
N LEU B 796 -5.62 -30.56 32.21
CA LEU B 796 -5.35 -31.16 33.51
C LEU B 796 -4.84 -30.09 34.47
N ASP B 797 -5.51 -29.96 35.61
CA ASP B 797 -5.12 -29.05 36.67
C ASP B 797 -4.96 -29.85 37.95
N VAL B 798 -3.72 -30.05 38.39
CA VAL B 798 -3.47 -30.92 39.53
C VAL B 798 -3.94 -30.26 40.82
N ALA B 799 -3.97 -28.93 40.87
CA ALA B 799 -4.44 -28.25 42.08
C ALA B 799 -5.90 -28.59 42.37
N ASN B 800 -6.75 -28.49 41.36
CA ASN B 800 -8.17 -28.79 41.52
C ASN B 800 -8.48 -30.28 41.53
N ASN B 801 -7.57 -31.13 41.05
CA ASN B 801 -7.83 -32.55 40.81
C ASN B 801 -8.99 -32.72 39.83
N SER B 802 -8.80 -32.21 38.62
CA SER B 802 -9.88 -32.22 37.64
C SER B 802 -9.33 -32.31 36.23
N ILE B 803 -9.97 -33.15 35.41
CA ILE B 803 -9.77 -33.17 33.97
C ILE B 803 -10.80 -32.24 33.35
N CYS B 804 -10.35 -31.38 32.44
CA CYS B 804 -11.23 -30.31 31.96
C CYS B 804 -11.45 -30.40 30.46
N LEU B 805 -11.78 -31.59 29.96
CA LEU B 805 -12.00 -31.79 28.52
C LEU B 805 -13.35 -31.24 28.08
N GLY B 806 -13.49 -29.93 28.16
CA GLY B 806 -14.75 -29.31 27.80
C GLY B 806 -14.69 -28.50 26.52
N GLY B 807 -15.35 -28.98 25.48
CA GLY B 807 -15.41 -28.25 24.24
C GLY B 807 -14.27 -28.50 23.28
N PHE B 808 -13.59 -29.64 23.38
CA PHE B 808 -12.47 -29.94 22.50
C PHE B 808 -12.87 -30.66 21.22
N CYS B 809 -14.15 -31.04 21.09
CA CYS B 809 -14.67 -31.73 19.92
C CYS B 809 -13.91 -33.02 19.64
N ILE B 810 -13.50 -33.72 20.70
CA ILE B 810 -12.97 -35.07 20.57
C ILE B 810 -14.13 -36.01 20.29
N GLY B 811 -14.32 -36.37 19.02
CA GLY B 811 -15.49 -37.13 18.59
C GLY B 811 -15.69 -38.46 19.29
N LYS B 812 -14.70 -38.92 20.05
CA LYS B 812 -14.79 -40.17 20.77
C LYS B 812 -14.07 -39.99 22.09
N VAL B 813 -13.90 -41.09 22.81
CA VAL B 813 -13.15 -41.08 24.06
C VAL B 813 -12.65 -42.49 24.33
N GLU B 814 -11.37 -42.62 24.66
CA GLU B 814 -10.77 -43.92 24.89
C GLU B 814 -10.06 -43.92 26.23
N PRO B 815 -10.15 -45.02 26.98
CA PRO B 815 -9.45 -45.07 28.27
C PRO B 815 -7.94 -45.04 28.14
N SER B 816 -7.39 -45.47 27.00
CA SER B 816 -5.94 -45.44 26.82
C SER B 816 -5.40 -44.03 26.72
N TRP B 817 -6.26 -43.03 26.54
CA TRP B 817 -5.86 -41.64 26.49
C TRP B 817 -5.89 -41.02 27.88
N LEU B 818 -7.02 -41.15 28.58
CA LEU B 818 -7.15 -40.64 29.94
C LEU B 818 -6.35 -41.44 30.94
N GLY B 819 -5.62 -42.45 30.52
CA GLY B 819 -4.84 -43.27 31.43
C GLY B 819 -3.78 -42.49 32.18
N PRO B 820 -2.78 -41.97 31.47
CA PRO B 820 -1.72 -41.22 32.14
C PRO B 820 -2.17 -39.89 32.73
N LEU B 821 -3.37 -39.41 32.40
CA LEU B 821 -3.86 -38.19 33.02
C LEU B 821 -4.12 -38.38 34.50
N PHE B 822 -4.71 -39.52 34.86
CA PHE B 822 -4.94 -39.81 36.27
C PHE B 822 -3.60 -40.04 36.97
N PRO B 823 -3.52 -39.72 38.27
CA PRO B 823 -2.20 -39.71 38.94
C PRO B 823 -1.41 -41.00 38.79
N ASP B 824 -2.05 -42.15 38.95
CA ASP B 824 -1.41 -43.46 38.83
C ASP B 824 -0.17 -43.55 39.74
N LYS B 825 -0.44 -43.52 41.05
CA LYS B 825 0.57 -43.32 42.09
C LYS B 825 1.76 -44.26 42.01
N THR B 826 1.64 -45.35 41.24
CA THR B 826 2.77 -46.25 41.03
C THR B 826 3.93 -45.54 40.36
N SER B 827 3.65 -44.54 39.52
CA SER B 827 4.69 -43.81 38.82
C SER B 827 5.55 -43.02 39.81
N ASN B 828 6.79 -42.78 39.41
CA ASN B 828 7.75 -42.07 40.25
C ASN B 828 8.51 -41.08 39.38
N LEU B 829 9.58 -40.51 39.95
CA LEU B 829 10.43 -39.55 39.26
C LEU B 829 11.81 -40.16 39.08
N ARG B 830 12.34 -40.07 37.86
CA ARG B 830 13.66 -40.61 37.56
C ARG B 830 14.28 -39.78 36.44
N LYS B 831 15.51 -39.31 36.68
CA LYS B 831 16.26 -38.57 35.67
C LYS B 831 16.85 -39.58 34.70
N GLN B 832 16.25 -39.69 33.52
CA GLN B 832 16.70 -40.69 32.54
C GLN B 832 18.06 -40.31 31.98
N THR B 833 18.27 -39.04 31.66
CA THR B 833 19.54 -38.59 31.12
C THR B 833 19.77 -37.14 31.52
N ASN B 834 21.03 -36.72 31.42
CA ASN B 834 21.39 -35.34 31.73
C ASN B 834 22.39 -34.78 30.73
N ILE B 835 22.76 -35.57 29.70
CA ILE B 835 23.80 -35.16 28.76
C ILE B 835 23.43 -33.88 28.03
N ALA B 836 22.13 -33.68 27.76
CA ALA B 836 21.70 -32.51 27.01
C ALA B 836 21.87 -31.24 27.83
N SER B 837 21.52 -31.29 29.12
CA SER B 837 21.64 -30.10 29.96
C SER B 837 23.09 -29.73 30.20
N THR B 838 23.95 -30.73 30.43
CA THR B 838 25.37 -30.43 30.61
C THR B 838 25.99 -29.93 29.31
N LEU B 839 25.64 -30.54 28.18
CA LEU B 839 26.06 -30.03 26.88
C LEU B 839 25.62 -28.58 26.70
N ALA B 840 24.39 -28.27 27.09
CA ALA B 840 23.90 -26.90 26.99
C ALA B 840 24.67 -25.97 27.91
N ARG B 841 25.01 -26.45 29.11
CA ARG B 841 25.77 -25.62 30.04
C ARG B 841 27.15 -25.26 29.50
N MET B 842 27.85 -26.24 28.92
CA MET B 842 29.20 -25.98 28.43
C MET B 842 29.21 -25.17 27.14
N VAL B 843 28.21 -25.32 26.26
CA VAL B 843 28.17 -24.47 25.08
C VAL B 843 27.82 -23.04 25.48
N ILE B 844 27.00 -22.87 26.51
CA ILE B 844 26.69 -21.53 27.01
C ILE B 844 27.93 -20.90 27.63
N ARG B 845 28.71 -21.70 28.38
CA ARG B 845 29.96 -21.21 28.94
C ARG B 845 30.93 -20.81 27.83
N TYR B 846 31.00 -21.61 26.77
CA TYR B 846 31.90 -21.30 25.66
C TYR B 846 31.44 -20.07 24.90
N GLN B 847 30.12 -19.89 24.75
CA GLN B 847 29.62 -18.67 24.13
C GLN B 847 29.93 -17.45 24.98
N MET B 848 29.76 -17.57 26.29
CA MET B 848 30.11 -16.47 27.19
C MET B 848 31.59 -16.15 27.13
N LYS B 849 32.43 -17.20 27.06
CA LYS B 849 33.87 -16.98 27.00
C LYS B 849 34.27 -16.36 25.66
N SER B 850 33.59 -16.75 24.57
CA SER B 850 33.86 -16.13 23.28
C SER B 850 33.41 -14.68 23.25
N ALA B 851 32.33 -14.36 23.96
CA ALA B 851 31.90 -12.97 24.07
C ALA B 851 32.88 -12.16 24.90
N VAL B 852 33.42 -12.77 25.97
CA VAL B 852 34.39 -12.07 26.81
C VAL B 852 35.72 -11.91 26.08
N GLU B 853 36.10 -12.89 25.26
CA GLU B 853 37.36 -12.84 24.53
C GLU B 853 37.34 -11.78 23.43
N ARG B 981 -2.64 -41.15 47.04
CA ARG B 981 -3.79 -40.30 47.34
C ARG B 981 -3.95 -39.21 46.31
N GLU B 982 -4.87 -38.28 46.59
CA GLU B 982 -5.19 -37.15 45.72
C GLU B 982 -5.64 -37.61 44.34
N TYR B 983 -6.72 -38.40 44.33
CA TYR B 983 -7.31 -38.84 43.07
C TYR B 983 -7.93 -37.66 42.34
N ILE B 984 -8.34 -37.91 41.11
CA ILE B 984 -9.05 -36.90 40.32
C ILE B 984 -10.53 -37.00 40.66
N THR B 985 -11.11 -35.89 41.10
CA THR B 985 -12.51 -35.86 41.54
C THR B 985 -13.41 -35.09 40.59
N SER B 986 -13.04 -35.04 39.31
CA SER B 986 -13.89 -34.41 38.30
C SER B 986 -13.44 -34.89 36.93
N LEU B 987 -14.39 -34.95 36.01
CA LEU B 987 -14.07 -35.35 34.64
C LEU B 987 -15.09 -34.67 33.75
N ASP B 988 -14.71 -33.55 33.16
CA ASP B 988 -15.58 -32.80 32.29
C ASP B 988 -15.39 -33.32 30.88
N LEU B 989 -16.42 -33.97 30.33
CA LEU B 989 -16.42 -34.38 28.95
C LEU B 989 -17.49 -33.64 28.17
N SER B 990 -17.96 -32.53 28.71
CA SER B 990 -19.06 -31.80 28.12
C SER B 990 -18.66 -31.18 26.79
N ALA B 991 -19.59 -31.23 25.84
CA ALA B 991 -19.49 -30.52 24.57
C ALA B 991 -18.31 -31.02 23.73
N ASN B 992 -18.05 -32.31 23.79
CA ASN B 992 -17.03 -32.93 22.95
C ASN B 992 -17.63 -33.64 21.76
N GLU B 993 -18.91 -33.42 21.47
CA GLU B 993 -19.62 -34.04 20.35
C GLU B 993 -19.55 -35.56 20.40
N LEU B 994 -19.53 -36.13 21.59
CA LEU B 994 -19.55 -37.58 21.75
C LEU B 994 -20.82 -38.19 21.18
N ARG B 995 -20.80 -39.51 21.01
CA ARG B 995 -21.95 -40.24 20.52
C ARG B 995 -22.22 -41.49 21.31
N ASP B 996 -21.32 -41.87 22.21
CA ASP B 996 -21.41 -43.01 23.12
C ASP B 996 -20.19 -42.96 24.01
N ILE B 997 -20.27 -43.63 25.14
CA ILE B 997 -19.13 -43.75 26.03
C ILE B 997 -18.92 -45.22 26.33
N ASP B 998 -19.39 -46.07 25.42
CA ASP B 998 -19.28 -47.52 25.59
C ASP B 998 -17.85 -48.00 25.75
N ALA B 999 -16.87 -47.24 25.25
CA ALA B 999 -15.47 -47.63 25.35
C ALA B 999 -14.91 -47.56 26.76
N LEU B 1000 -15.72 -47.23 27.75
CA LEU B 1000 -15.30 -47.19 29.15
C LEU B 1000 -15.94 -48.39 29.85
N SER B 1001 -15.25 -49.52 29.80
CA SER B 1001 -15.76 -50.77 30.35
C SER B 1001 -14.58 -51.70 30.61
N GLN B 1002 -14.36 -52.06 31.88
CA GLN B 1002 -13.18 -52.80 32.31
C GLN B 1002 -11.92 -52.15 31.76
N LYS B 1003 -11.86 -50.83 31.91
CA LYS B 1003 -10.91 -50.00 31.19
C LYS B 1003 -9.46 -50.29 31.58
N CYS B 1004 -8.55 -49.84 30.73
CA CYS B 1004 -7.12 -50.00 30.97
C CYS B 1004 -6.69 -49.03 32.05
N CYS B 1005 -6.66 -49.49 33.30
CA CYS B 1005 -6.18 -48.76 34.47
C CYS B 1005 -7.04 -47.53 34.79
N ILE B 1006 -8.12 -47.33 34.04
CA ILE B 1006 -9.04 -46.25 34.35
C ILE B 1006 -10.19 -46.73 35.23
N SER B 1007 -10.42 -48.04 35.31
CA SER B 1007 -11.51 -48.56 36.13
C SER B 1007 -11.26 -48.31 37.60
N VAL B 1008 -10.03 -48.54 38.06
CA VAL B 1008 -9.72 -48.34 39.47
C VAL B 1008 -9.76 -46.86 39.84
N HIS B 1009 -9.66 -45.97 38.85
CA HIS B 1009 -9.70 -44.54 39.11
C HIS B 1009 -11.10 -43.97 39.04
N LEU B 1010 -11.99 -44.55 38.24
CA LEU B 1010 -13.36 -44.08 38.18
C LEU B 1010 -14.12 -44.32 39.48
N GLU B 1011 -13.67 -45.29 40.29
CA GLU B 1011 -14.31 -45.55 41.57
C GLU B 1011 -14.23 -44.38 42.53
N HIS B 1012 -13.36 -43.41 42.28
CA HIS B 1012 -13.20 -42.26 43.15
C HIS B 1012 -13.62 -40.95 42.49
N LEU B 1013 -14.38 -41.01 41.40
CA LEU B 1013 -14.87 -39.81 40.76
C LEU B 1013 -16.06 -39.26 41.53
N GLU B 1014 -16.08 -37.94 41.73
CA GLU B 1014 -17.19 -37.30 42.44
C GLU B 1014 -17.90 -36.26 41.60
N LYS B 1015 -17.72 -36.29 40.28
CA LYS B 1015 -18.43 -35.42 39.35
C LYS B 1015 -18.12 -35.87 37.93
N LEU B 1016 -19.11 -35.85 37.06
CA LEU B 1016 -18.92 -36.27 35.67
C LEU B 1016 -19.85 -35.44 34.80
N GLU B 1017 -19.33 -34.35 34.26
CA GLU B 1017 -20.11 -33.48 33.37
C GLU B 1017 -20.09 -34.07 31.97
N LEU B 1018 -21.24 -34.56 31.51
CA LEU B 1018 -21.38 -35.16 30.19
C LEU B 1018 -22.40 -34.41 29.35
N HIS B 1019 -22.64 -33.15 29.68
CA HIS B 1019 -23.73 -32.42 29.05
C HIS B 1019 -23.31 -31.85 27.71
N GLN B 1020 -24.32 -31.45 26.93
CA GLN B 1020 -24.17 -30.89 25.59
C GLN B 1020 -23.49 -31.84 24.61
N ASN B 1021 -23.44 -33.13 24.92
CA ASN B 1021 -23.01 -34.15 23.98
C ASN B 1021 -24.24 -34.70 23.26
N ALA B 1022 -24.07 -35.79 22.52
CA ALA B 1022 -25.20 -36.52 21.95
C ALA B 1022 -25.06 -37.98 22.30
N LEU B 1023 -25.47 -38.35 23.49
CA LEU B 1023 -25.52 -39.75 23.91
C LEU B 1023 -26.92 -40.27 23.69
N THR B 1024 -27.10 -41.56 23.93
CA THR B 1024 -28.46 -42.10 23.91
C THR B 1024 -28.72 -42.99 25.12
N SER B 1025 -27.67 -43.57 25.69
CA SER B 1025 -27.82 -44.39 26.89
C SER B 1025 -26.69 -44.08 27.85
N PHE B 1026 -26.72 -44.73 29.01
CA PHE B 1026 -25.62 -44.72 29.97
C PHE B 1026 -25.25 -46.16 30.30
N PRO B 1027 -24.07 -46.63 29.90
CA PRO B 1027 -23.70 -48.04 30.10
C PRO B 1027 -23.78 -48.47 31.55
N GLN B 1028 -24.51 -49.56 31.80
CA GLN B 1028 -24.79 -49.98 33.16
C GLN B 1028 -23.52 -50.35 33.91
N GLN B 1029 -22.58 -51.02 33.24
CA GLN B 1029 -21.31 -51.33 33.85
C GLN B 1029 -20.61 -50.08 34.37
N LEU B 1030 -20.79 -48.94 33.70
CA LEU B 1030 -20.25 -47.69 34.20
C LEU B 1030 -21.01 -47.23 35.44
N CYS B 1031 -22.32 -47.46 35.49
CA CYS B 1031 -23.11 -47.07 36.64
C CYS B 1031 -22.62 -47.76 37.91
N GLU B 1032 -22.31 -49.05 37.83
CA GLU B 1032 -21.83 -49.75 39.01
C GLU B 1032 -20.36 -49.50 39.26
N THR B 1033 -19.58 -49.15 38.23
CA THR B 1033 -18.17 -48.83 38.45
C THR B 1033 -18.02 -47.51 39.18
N LEU B 1034 -18.83 -46.51 38.84
CA LEU B 1034 -18.75 -45.19 39.44
C LEU B 1034 -19.32 -45.23 40.84
N LYS B 1035 -18.60 -45.88 41.75
CA LYS B 1035 -19.07 -46.16 43.10
C LYS B 1035 -18.95 -44.96 44.04
N SER B 1036 -18.59 -43.78 43.55
CA SER B 1036 -18.52 -42.65 44.46
C SER B 1036 -19.02 -41.33 43.88
N LEU B 1037 -19.84 -41.35 42.82
CA LEU B 1037 -20.31 -40.11 42.24
C LEU B 1037 -21.27 -39.39 43.16
N THR B 1038 -21.31 -38.11 43.03
CA THR B 1038 -22.37 -37.32 43.65
C THR B 1038 -23.07 -36.44 42.63
N HIS B 1039 -22.35 -35.87 41.67
CA HIS B 1039 -22.94 -34.99 40.67
C HIS B 1039 -22.78 -35.61 39.29
N LEU B 1040 -23.90 -35.97 38.68
CA LEU B 1040 -23.91 -36.51 37.32
C LEU B 1040 -24.73 -35.55 36.46
N ASP B 1041 -24.20 -35.18 35.30
CA ASP B 1041 -24.85 -34.22 34.43
C ASP B 1041 -25.05 -34.84 33.05
N LEU B 1042 -26.28 -34.83 32.57
CA LEU B 1042 -26.61 -35.45 31.29
C LEU B 1042 -27.50 -34.58 30.43
N HIS B 1043 -27.53 -33.28 30.67
CA HIS B 1043 -28.50 -32.48 29.96
C HIS B 1043 -27.99 -32.06 28.59
N SER B 1044 -28.94 -31.77 27.71
CA SER B 1044 -28.74 -31.45 26.30
C SER B 1044 -28.20 -32.62 25.50
N ASN B 1045 -28.24 -33.84 26.03
CA ASN B 1045 -27.94 -35.02 25.24
C ASN B 1045 -29.19 -35.39 24.45
N LYS B 1046 -29.22 -36.58 23.87
CA LYS B 1046 -30.38 -37.07 23.13
C LYS B 1046 -30.84 -38.37 23.77
N PHE B 1047 -31.62 -38.27 24.83
CA PHE B 1047 -32.12 -39.44 25.53
C PHE B 1047 -33.57 -39.70 25.15
N THR B 1048 -34.01 -40.92 25.37
CA THR B 1048 -35.36 -41.32 25.01
C THR B 1048 -36.11 -42.00 26.13
N SER B 1049 -35.42 -42.60 27.11
CA SER B 1049 -36.09 -43.16 28.27
C SER B 1049 -35.11 -43.14 29.42
N PHE B 1050 -35.60 -42.81 30.59
CA PHE B 1050 -34.76 -42.67 31.76
C PHE B 1050 -34.16 -44.01 32.14
N PRO B 1051 -32.83 -44.14 32.18
CA PRO B 1051 -32.23 -45.39 32.65
C PRO B 1051 -32.40 -45.52 34.15
N SER B 1052 -33.30 -46.40 34.58
CA SER B 1052 -33.64 -46.50 36.00
C SER B 1052 -32.46 -46.91 36.84
N TYR B 1053 -31.55 -47.69 36.29
CA TYR B 1053 -30.40 -48.17 37.05
C TYR B 1053 -29.43 -47.06 37.41
N LEU B 1054 -29.59 -45.86 36.84
CA LEU B 1054 -28.81 -44.71 37.30
C LEU B 1054 -28.98 -44.50 38.80
N LEU B 1055 -30.16 -44.77 39.33
CA LEU B 1055 -30.44 -44.62 40.75
C LEU B 1055 -29.91 -45.78 41.58
N LYS B 1056 -29.08 -46.65 41.01
CA LYS B 1056 -28.40 -47.68 41.78
C LYS B 1056 -27.03 -47.23 42.27
N MET B 1057 -26.50 -46.12 41.75
CA MET B 1057 -25.20 -45.62 42.17
C MET B 1057 -25.19 -45.38 43.67
N SER B 1058 -24.06 -45.73 44.29
CA SER B 1058 -23.99 -45.80 45.75
C SER B 1058 -24.24 -44.44 46.41
N CYS B 1059 -23.78 -43.35 45.78
CA CYS B 1059 -23.81 -42.06 46.45
C CYS B 1059 -24.34 -40.94 45.57
N ILE B 1060 -25.08 -41.26 44.50
CA ILE B 1060 -25.60 -40.24 43.61
C ILE B 1060 -26.52 -39.29 44.37
N ALA B 1061 -26.29 -37.99 44.20
CA ALA B 1061 -26.99 -37.00 44.98
C ALA B 1061 -27.46 -35.81 44.17
N ASN B 1062 -27.15 -35.76 42.88
CA ASN B 1062 -27.65 -34.68 42.03
C ASN B 1062 -27.68 -35.25 40.61
N LEU B 1063 -28.84 -35.74 40.21
CA LEU B 1063 -29.04 -36.26 38.86
C LEU B 1063 -29.70 -35.18 38.02
N ASP B 1064 -29.23 -35.01 36.81
CA ASP B 1064 -29.72 -33.97 35.92
C ASP B 1064 -29.88 -34.59 34.54
N VAL B 1065 -31.11 -34.96 34.20
CA VAL B 1065 -31.45 -35.34 32.85
C VAL B 1065 -32.51 -34.35 32.38
N SER B 1066 -32.04 -33.27 31.80
CA SER B 1066 -32.90 -32.21 31.37
C SER B 1066 -32.60 -31.89 29.92
N ARG B 1067 -33.55 -31.23 29.26
CA ARG B 1067 -33.45 -30.81 27.86
C ARG B 1067 -33.23 -31.95 26.89
N ASN B 1068 -33.32 -33.19 27.34
CA ASN B 1068 -33.38 -34.34 26.46
C ASN B 1068 -34.80 -34.56 25.98
N ASP B 1069 -34.96 -35.51 25.07
CA ASP B 1069 -36.29 -35.91 24.61
C ASP B 1069 -36.76 -37.17 25.35
N ILE B 1070 -36.79 -37.08 26.67
CA ILE B 1070 -37.27 -38.19 27.49
C ILE B 1070 -38.78 -38.18 27.49
N GLY B 1071 -39.40 -39.36 27.44
CA GLY B 1071 -40.84 -39.43 27.47
C GLY B 1071 -41.39 -40.77 27.10
N PRO B 1072 -42.71 -40.91 27.13
CA PRO B 1072 -43.71 -39.91 27.52
C PRO B 1072 -44.03 -40.01 29.00
N SER B 1073 -43.35 -40.90 29.73
CA SER B 1073 -43.61 -41.09 31.14
C SER B 1073 -42.42 -41.80 31.76
N VAL B 1074 -41.96 -41.31 32.90
CA VAL B 1074 -40.86 -41.92 33.63
C VAL B 1074 -41.46 -42.79 34.71
N VAL B 1075 -41.11 -44.06 34.73
CA VAL B 1075 -41.58 -45.00 35.74
C VAL B 1075 -40.36 -45.58 36.45
N LEU B 1076 -40.10 -45.10 37.65
CA LEU B 1076 -38.98 -45.58 38.45
C LEU B 1076 -39.34 -46.91 39.09
N ASP B 1077 -38.46 -47.89 38.96
CA ASP B 1077 -38.82 -49.25 39.35
C ASP B 1077 -38.82 -49.38 40.87
N PRO B 1078 -39.89 -49.92 41.47
CA PRO B 1078 -40.00 -49.95 42.94
C PRO B 1078 -38.89 -50.72 43.63
N THR B 1079 -38.26 -51.67 42.96
CA THR B 1079 -37.17 -52.45 43.56
C THR B 1079 -35.94 -51.61 43.82
N VAL B 1080 -35.85 -50.43 43.22
CA VAL B 1080 -34.69 -49.56 43.35
C VAL B 1080 -34.98 -48.55 44.46
N LYS B 1081 -34.08 -48.44 45.42
CA LYS B 1081 -34.23 -47.52 46.53
C LYS B 1081 -33.03 -46.58 46.54
N CYS B 1082 -33.25 -45.31 46.21
CA CYS B 1082 -32.19 -44.33 46.15
C CYS B 1082 -32.38 -43.29 47.23
N PRO B 1083 -31.94 -43.54 48.46
CA PRO B 1083 -32.15 -42.58 49.55
C PRO B 1083 -31.16 -41.44 49.59
N THR B 1084 -30.21 -41.37 48.66
CA THR B 1084 -29.23 -40.30 48.66
C THR B 1084 -29.48 -39.27 47.58
N LEU B 1085 -30.55 -39.38 46.81
CA LEU B 1085 -30.79 -38.46 45.71
C LEU B 1085 -31.48 -37.24 46.26
N LYS B 1086 -30.73 -36.15 46.42
CA LYS B 1086 -31.24 -34.91 46.98
C LYS B 1086 -31.45 -33.84 45.93
N GLN B 1087 -31.68 -34.22 44.68
CA GLN B 1087 -32.03 -33.32 43.59
C GLN B 1087 -32.38 -34.17 42.37
N PHE B 1088 -33.27 -33.64 41.54
CA PHE B 1088 -33.76 -34.38 40.38
C PHE B 1088 -34.31 -33.37 39.40
N ASN B 1089 -33.66 -33.22 38.26
CA ASN B 1089 -34.01 -32.22 37.25
C ASN B 1089 -34.42 -32.94 35.99
N LEU B 1090 -35.72 -33.05 35.74
CA LEU B 1090 -36.26 -33.65 34.53
C LEU B 1090 -36.89 -32.59 33.63
N SER B 1091 -36.30 -31.41 33.59
CA SER B 1091 -36.91 -30.31 32.91
C SER B 1091 -36.78 -30.44 31.40
N TYR B 1092 -37.69 -29.76 30.69
CA TYR B 1092 -37.63 -29.60 29.23
C TYR B 1092 -37.54 -30.93 28.49
N ASN B 1093 -38.05 -32.00 29.08
CA ASN B 1093 -38.25 -33.25 28.38
C ASN B 1093 -39.65 -33.27 27.78
N GLN B 1094 -40.10 -34.43 27.33
CA GLN B 1094 -41.48 -34.60 26.88
C GLN B 1094 -42.29 -35.46 27.84
N LEU B 1095 -42.07 -35.31 29.14
CA LEU B 1095 -42.90 -35.99 30.12
C LEU B 1095 -44.36 -35.57 29.97
N SER B 1096 -45.27 -36.53 30.13
CA SER B 1096 -46.69 -36.23 30.16
C SER B 1096 -47.33 -36.64 31.48
N PHE B 1097 -46.53 -36.99 32.47
CA PHE B 1097 -47.00 -37.25 33.83
C PHE B 1097 -45.90 -36.82 34.78
N VAL B 1098 -46.20 -36.86 36.07
CA VAL B 1098 -45.15 -36.78 37.08
C VAL B 1098 -44.44 -38.13 37.04
N PRO B 1099 -43.14 -38.19 37.30
CA PRO B 1099 -42.46 -39.48 37.42
C PRO B 1099 -43.10 -40.37 38.48
N GLU B 1100 -43.60 -41.52 38.05
CA GLU B 1100 -44.31 -42.40 38.97
C GLU B 1100 -43.33 -43.09 39.90
N ASN B 1101 -43.88 -43.63 40.99
CA ASN B 1101 -43.12 -44.34 42.02
C ASN B 1101 -42.00 -43.49 42.60
N LEU B 1102 -42.18 -42.16 42.58
CA LEU B 1102 -41.16 -41.25 43.05
C LEU B 1102 -41.04 -41.23 44.57
N THR B 1103 -42.09 -41.64 45.28
CA THR B 1103 -42.06 -41.64 46.73
C THR B 1103 -41.32 -42.84 47.28
N ASP B 1104 -41.60 -44.02 46.73
CA ASP B 1104 -40.96 -45.23 47.19
C ASP B 1104 -39.49 -45.30 46.78
N VAL B 1105 -39.14 -44.67 45.66
CA VAL B 1105 -37.80 -44.83 45.10
C VAL B 1105 -36.90 -43.70 45.55
N VAL B 1106 -37.23 -42.47 45.18
CA VAL B 1106 -36.45 -41.30 45.59
C VAL B 1106 -37.08 -40.83 46.90
N GLU B 1107 -36.64 -41.43 48.00
CA GLU B 1107 -37.30 -41.20 49.28
C GLU B 1107 -37.06 -39.77 49.77
N LYS B 1108 -35.80 -39.38 49.94
CA LYS B 1108 -35.46 -38.06 50.47
C LYS B 1108 -35.04 -37.16 49.31
N LEU B 1109 -36.02 -36.59 48.64
CA LEU B 1109 -35.79 -35.67 47.55
C LEU B 1109 -35.98 -34.25 48.06
N GLU B 1110 -35.11 -33.34 47.63
CA GLU B 1110 -35.21 -31.94 48.01
C GLU B 1110 -35.80 -31.08 46.91
N GLN B 1111 -35.23 -31.12 45.71
CA GLN B 1111 -35.65 -30.27 44.60
C GLN B 1111 -36.11 -31.13 43.44
N LEU B 1112 -37.40 -31.14 43.20
CA LEU B 1112 -37.98 -31.83 42.06
C LEU B 1112 -38.37 -30.80 41.02
N ILE B 1113 -37.59 -30.71 39.94
CA ILE B 1113 -37.78 -29.70 38.92
C ILE B 1113 -38.31 -30.39 37.67
N LEU B 1114 -39.56 -30.10 37.33
CA LEU B 1114 -40.21 -30.67 36.15
C LEU B 1114 -40.67 -29.59 35.19
N GLU B 1115 -39.91 -28.51 35.08
CA GLU B 1115 -40.30 -27.38 34.24
C GLU B 1115 -40.29 -27.78 32.77
N GLY B 1116 -41.14 -27.13 31.97
CA GLY B 1116 -41.06 -27.23 30.53
C GLY B 1116 -41.71 -28.45 29.92
N ASN B 1117 -41.89 -29.52 30.66
CA ASN B 1117 -42.54 -30.70 30.13
C ASN B 1117 -44.01 -30.40 29.84
N LYS B 1118 -44.66 -31.33 29.16
CA LYS B 1118 -46.09 -31.19 28.89
C LYS B 1118 -46.85 -32.11 29.82
N ILE B 1119 -47.06 -31.65 31.05
CA ILE B 1119 -47.80 -32.42 32.04
C ILE B 1119 -49.26 -31.99 32.01
N SER B 1120 -50.15 -32.98 31.86
CA SER B 1120 -51.56 -32.69 31.63
C SER B 1120 -52.22 -32.10 32.87
N GLY B 1121 -52.22 -32.85 33.96
CA GLY B 1121 -52.82 -32.39 35.19
C GLY B 1121 -52.69 -33.43 36.28
N ILE B 1122 -52.26 -33.00 37.47
CA ILE B 1122 -51.87 -33.94 38.51
C ILE B 1122 -53.10 -34.65 39.05
N CYS B 1123 -52.93 -35.95 39.33
CA CYS B 1123 -53.97 -36.74 39.97
C CYS B 1123 -53.45 -37.59 41.12
N SER B 1124 -52.14 -37.84 41.20
CA SER B 1124 -51.58 -38.66 42.26
C SER B 1124 -50.82 -37.78 43.24
N PRO B 1125 -51.10 -37.88 44.53
CA PRO B 1125 -50.47 -36.97 45.51
C PRO B 1125 -49.03 -37.35 45.77
N LEU B 1126 -48.14 -36.36 45.71
CA LEU B 1126 -46.76 -36.55 46.11
C LEU B 1126 -46.69 -36.88 47.60
N ARG B 1127 -45.71 -37.71 47.97
CA ARG B 1127 -45.55 -38.12 49.36
C ARG B 1127 -44.12 -37.87 49.84
N LEU B 1128 -43.38 -36.99 49.18
CA LEU B 1128 -42.00 -36.73 49.54
C LEU B 1128 -41.96 -35.93 50.83
N LYS B 1129 -41.70 -36.62 51.94
CA LYS B 1129 -41.66 -35.99 53.26
C LYS B 1129 -40.59 -34.91 53.37
N GLU B 1130 -39.62 -34.86 52.45
CA GLU B 1130 -38.48 -33.97 52.58
C GLU B 1130 -38.34 -32.99 51.42
N LEU B 1131 -39.36 -32.85 50.58
CA LEU B 1131 -39.30 -31.91 49.47
C LEU B 1131 -39.11 -30.50 49.99
N LYS B 1132 -38.38 -29.69 49.23
CA LYS B 1132 -38.17 -28.31 49.63
C LYS B 1132 -38.43 -27.32 48.51
N ILE B 1133 -38.27 -27.74 47.26
CA ILE B 1133 -38.49 -26.86 46.11
C ILE B 1133 -39.13 -27.68 45.00
N LEU B 1134 -40.38 -27.38 44.69
CA LEU B 1134 -41.08 -27.97 43.57
C LEU B 1134 -41.15 -26.93 42.47
N ASN B 1135 -41.19 -27.38 41.22
CA ASN B 1135 -41.16 -26.45 40.09
C ASN B 1135 -41.86 -27.13 38.91
N LEU B 1136 -43.10 -26.73 38.66
CA LEU B 1136 -43.88 -27.26 37.55
C LEU B 1136 -44.23 -26.17 36.54
N SER B 1137 -43.34 -25.20 36.37
CA SER B 1137 -43.61 -24.10 35.47
C SER B 1137 -43.64 -24.58 34.03
N LYS B 1138 -44.34 -23.82 33.19
CA LYS B 1138 -44.42 -24.05 31.75
C LYS B 1138 -44.88 -25.47 31.43
N ASN B 1139 -46.01 -25.85 32.02
CA ASN B 1139 -46.61 -27.14 31.78
C ASN B 1139 -48.04 -26.95 31.32
N HIS B 1140 -48.81 -28.02 31.22
CA HIS B 1140 -50.18 -27.93 30.73
C HIS B 1140 -51.20 -28.09 31.84
N ILE B 1141 -50.78 -27.99 33.10
CA ILE B 1141 -51.68 -28.21 34.22
C ILE B 1141 -52.79 -27.18 34.21
N SER B 1142 -54.00 -27.63 34.51
CA SER B 1142 -55.15 -26.75 34.62
C SER B 1142 -55.80 -26.79 35.99
N SER B 1143 -55.55 -27.83 36.78
CA SER B 1143 -56.14 -27.95 38.10
C SER B 1143 -55.36 -28.99 38.88
N LEU B 1144 -54.88 -28.61 40.06
CA LEU B 1144 -54.12 -29.50 40.93
C LEU B 1144 -55.07 -30.20 41.88
N SER B 1145 -54.82 -31.50 42.11
CA SER B 1145 -55.71 -32.28 42.96
C SER B 1145 -55.75 -31.70 44.36
N GLU B 1146 -56.92 -31.79 44.99
CA GLU B 1146 -57.21 -31.07 46.22
C GLU B 1146 -56.39 -31.54 47.41
N ASN B 1147 -55.66 -32.63 47.29
CA ASN B 1147 -54.81 -33.10 48.37
C ASN B 1147 -53.48 -33.61 47.82
N PHE B 1148 -52.98 -32.96 46.77
CA PHE B 1148 -51.77 -33.46 46.11
C PHE B 1148 -50.50 -33.03 46.82
N LEU B 1149 -50.53 -31.94 47.58
CA LEU B 1149 -49.36 -31.47 48.28
C LEU B 1149 -49.50 -31.54 49.80
N GLU B 1150 -50.61 -32.10 50.29
CA GLU B 1150 -50.85 -32.14 51.73
C GLU B 1150 -49.84 -33.03 52.45
N ALA B 1151 -49.33 -34.07 51.78
CA ALA B 1151 -48.41 -35.01 52.40
C ALA B 1151 -46.94 -34.66 52.16
N CYS B 1152 -46.66 -33.42 51.77
CA CYS B 1152 -45.28 -32.89 51.69
C CYS B 1152 -45.21 -31.68 52.60
N PRO B 1153 -44.83 -31.87 53.86
CA PRO B 1153 -44.93 -30.79 54.85
C PRO B 1153 -43.78 -29.80 54.85
N LYS B 1154 -42.77 -29.98 54.01
CA LYS B 1154 -41.60 -29.10 54.07
C LYS B 1154 -41.47 -28.19 52.84
N VAL B 1155 -42.49 -28.11 51.99
CA VAL B 1155 -42.39 -27.31 50.78
C VAL B 1155 -42.25 -25.84 51.15
N GLU B 1156 -41.28 -25.18 50.53
CA GLU B 1156 -41.06 -23.75 50.71
C GLU B 1156 -41.25 -22.99 49.42
N SER B 1157 -40.59 -23.40 48.35
CA SER B 1157 -40.77 -22.80 47.04
C SER B 1157 -41.72 -23.66 46.23
N PHE B 1158 -42.55 -23.01 45.42
CA PHE B 1158 -43.46 -23.73 44.55
C PHE B 1158 -43.74 -22.86 43.34
N SER B 1159 -43.19 -23.22 42.21
CA SER B 1159 -43.33 -22.44 41.00
C SER B 1159 -44.27 -23.17 40.05
N ALA B 1160 -45.30 -22.47 39.59
CA ALA B 1160 -46.28 -23.06 38.70
C ALA B 1160 -46.65 -22.09 37.60
N ARG B 1161 -45.66 -21.38 37.06
CA ARG B 1161 -45.92 -20.40 36.01
C ARG B 1161 -46.45 -21.06 34.75
N MET B 1162 -46.97 -20.22 33.84
CA MET B 1162 -47.33 -20.60 32.47
C MET B 1162 -48.13 -21.90 32.39
N ASN B 1163 -49.05 -22.09 33.32
CA ASN B 1163 -50.04 -23.15 33.25
C ASN B 1163 -51.41 -22.52 33.01
N PHE B 1164 -52.45 -23.35 33.05
CA PHE B 1164 -53.84 -22.91 32.99
C PHE B 1164 -54.51 -23.02 34.36
N LEU B 1165 -53.77 -22.76 35.42
CA LEU B 1165 -54.29 -22.88 36.77
C LEU B 1165 -55.38 -21.87 37.05
N ALA B 1166 -56.45 -22.29 37.71
CA ALA B 1166 -57.50 -21.36 38.08
C ALA B 1166 -57.82 -21.38 39.55
N ALA B 1167 -57.55 -22.48 40.24
CA ALA B 1167 -57.79 -22.60 41.66
C ALA B 1167 -56.58 -23.24 42.31
N MET B 1168 -56.29 -22.82 43.53
CA MET B 1168 -55.14 -23.37 44.22
C MET B 1168 -55.62 -24.21 45.39
N PRO B 1169 -55.26 -25.49 45.47
CA PRO B 1169 -55.74 -26.36 46.54
C PRO B 1169 -55.09 -26.09 47.87
N PHE B 1170 -55.38 -26.93 48.87
CA PHE B 1170 -54.75 -26.82 50.17
C PHE B 1170 -53.24 -26.95 50.05
N LEU B 1171 -52.53 -26.04 50.68
CA LEU B 1171 -51.09 -25.97 50.64
C LEU B 1171 -50.51 -26.14 52.03
N PRO B 1172 -49.26 -26.61 52.14
CA PRO B 1172 -48.65 -26.71 53.45
C PRO B 1172 -48.34 -25.33 54.01
N PRO B 1173 -48.41 -25.17 55.34
CA PRO B 1173 -48.22 -23.84 55.93
C PRO B 1173 -46.79 -23.35 55.91
N SER B 1174 -45.83 -24.19 55.52
CA SER B 1174 -44.43 -23.79 55.46
C SER B 1174 -44.05 -23.10 54.16
N MET B 1175 -44.99 -22.99 53.22
CA MET B 1175 -44.66 -22.40 51.92
C MET B 1175 -44.30 -20.93 52.09
N THR B 1176 -43.09 -20.57 51.68
CA THR B 1176 -42.56 -19.23 51.81
C THR B 1176 -42.60 -18.45 50.50
N ILE B 1177 -42.15 -19.05 49.41
CA ILE B 1177 -42.21 -18.45 48.08
C ILE B 1177 -43.33 -19.14 47.32
N LEU B 1178 -44.05 -18.38 46.50
CA LEU B 1178 -45.16 -18.97 45.75
C LEU B 1178 -45.30 -18.12 44.49
N LYS B 1179 -44.79 -18.64 43.38
CA LYS B 1179 -44.75 -17.92 42.12
C LYS B 1179 -45.73 -18.55 41.15
N LEU B 1180 -46.97 -18.07 41.17
CA LEU B 1180 -47.98 -18.51 40.22
C LEU B 1180 -48.21 -17.34 39.28
N SER B 1181 -47.53 -17.33 38.15
CA SER B 1181 -47.69 -16.25 37.20
C SER B 1181 -48.26 -16.74 35.88
N GLN B 1182 -48.74 -15.77 35.10
CA GLN B 1182 -49.22 -15.98 33.73
C GLN B 1182 -50.23 -17.11 33.62
N ASN B 1183 -50.97 -17.41 34.68
CA ASN B 1183 -51.79 -18.62 34.67
C ASN B 1183 -53.22 -18.42 35.15
N LYS B 1184 -53.96 -17.55 34.47
CA LYS B 1184 -55.44 -17.48 34.56
C LYS B 1184 -56.11 -17.51 35.94
N PHE B 1185 -55.67 -16.68 36.90
CA PHE B 1185 -56.40 -16.60 38.16
C PHE B 1185 -57.33 -15.38 38.13
N SER B 1186 -58.63 -15.66 38.16
CA SER B 1186 -59.64 -14.60 38.18
C SER B 1186 -59.62 -13.84 39.50
N CYS B 1187 -59.18 -14.47 40.57
CA CYS B 1187 -59.14 -13.83 41.88
C CYS B 1187 -58.12 -14.55 42.73
N ILE B 1188 -57.56 -13.84 43.70
CA ILE B 1188 -56.59 -14.43 44.62
C ILE B 1188 -57.29 -15.54 45.40
N PRO B 1189 -56.75 -16.76 45.40
CA PRO B 1189 -57.43 -17.86 46.10
C PRO B 1189 -57.45 -17.65 47.59
N GLU B 1190 -58.45 -18.25 48.24
CA GLU B 1190 -58.54 -18.16 49.69
C GLU B 1190 -57.53 -19.05 50.38
N ALA B 1191 -57.01 -20.06 49.70
CA ALA B 1191 -56.04 -20.96 50.29
C ALA B 1191 -54.67 -20.33 50.44
N ILE B 1192 -54.41 -19.23 49.73
CA ILE B 1192 -53.12 -18.57 49.82
C ILE B 1192 -53.14 -17.35 50.72
N LEU B 1193 -54.32 -16.82 51.05
CA LEU B 1193 -54.41 -15.73 52.00
C LEU B 1193 -54.24 -16.19 53.43
N ASN B 1194 -54.19 -17.49 53.68
CA ASN B 1194 -54.03 -18.03 55.03
C ASN B 1194 -52.66 -18.65 55.26
N LEU B 1195 -51.72 -18.45 54.36
CA LEU B 1195 -50.37 -19.00 54.55
C LEU B 1195 -49.70 -18.27 55.71
N PRO B 1196 -49.27 -18.97 56.75
CA PRO B 1196 -48.70 -18.28 57.92
C PRO B 1196 -47.44 -17.50 57.63
N HIS B 1197 -46.53 -18.02 56.80
CA HIS B 1197 -45.26 -17.34 56.51
C HIS B 1197 -45.08 -17.29 55.00
N LEU B 1198 -45.65 -16.27 54.36
CA LEU B 1198 -45.57 -16.12 52.91
C LEU B 1198 -44.72 -14.89 52.61
N ARG B 1199 -43.43 -15.11 52.41
CA ARG B 1199 -42.53 -14.00 52.15
C ARG B 1199 -42.81 -13.35 50.80
N SER B 1200 -42.68 -14.11 49.73
CA SER B 1200 -42.85 -13.60 48.38
C SER B 1200 -44.08 -14.19 47.72
N LEU B 1201 -44.68 -13.41 46.83
CA LEU B 1201 -45.82 -13.86 46.05
C LEU B 1201 -45.84 -13.14 44.71
N ASP B 1202 -46.04 -13.88 43.63
CA ASP B 1202 -46.09 -13.32 42.29
C ASP B 1202 -47.32 -13.90 41.60
N MET B 1203 -48.23 -13.02 41.15
CA MET B 1203 -49.38 -13.46 40.37
C MET B 1203 -49.57 -12.54 39.19
N SER B 1204 -48.47 -12.21 38.52
CA SER B 1204 -48.49 -11.32 37.38
C SER B 1204 -49.23 -11.95 36.21
N SER B 1205 -49.70 -11.09 35.30
CA SER B 1205 -50.32 -11.47 34.03
C SER B 1205 -51.47 -12.46 34.21
N ASN B 1206 -52.10 -12.44 35.38
CA ASN B 1206 -53.38 -13.09 35.58
C ASN B 1206 -54.48 -12.09 35.24
N ASP B 1207 -55.71 -12.40 35.63
CA ASP B 1207 -56.82 -11.45 35.55
C ASP B 1207 -57.34 -11.27 36.97
N ILE B 1208 -56.70 -10.40 37.74
CA ILE B 1208 -57.02 -10.20 39.14
C ILE B 1208 -57.87 -8.94 39.26
N GLN B 1209 -59.04 -9.08 39.89
CA GLN B 1209 -59.96 -7.96 39.97
C GLN B 1209 -59.69 -7.08 41.18
N TYR B 1210 -59.49 -7.68 42.35
CA TYR B 1210 -59.35 -6.90 43.58
C TYR B 1210 -58.35 -7.58 44.50
N LEU B 1211 -57.24 -6.90 44.81
CA LEU B 1211 -56.50 -7.60 45.85
C LEU B 1211 -56.95 -7.12 47.22
N PRO B 1212 -57.02 -8.02 48.19
CA PRO B 1212 -57.48 -7.63 49.52
C PRO B 1212 -56.49 -6.74 50.23
N GLY B 1213 -57.00 -6.02 51.22
CA GLY B 1213 -56.16 -5.17 52.03
C GLY B 1213 -55.33 -5.98 52.99
N PRO B 1214 -54.37 -5.33 53.64
CA PRO B 1214 -53.47 -6.05 54.56
C PRO B 1214 -54.16 -6.70 55.75
N ALA B 1215 -55.45 -6.48 55.95
CA ALA B 1215 -56.13 -7.11 57.07
C ALA B 1215 -56.53 -8.54 56.74
N HIS B 1216 -56.75 -8.83 55.46
CA HIS B 1216 -57.21 -10.16 55.07
C HIS B 1216 -56.08 -11.18 55.02
N TRP B 1217 -54.86 -10.73 54.80
CA TRP B 1217 -53.73 -11.64 54.67
C TRP B 1217 -53.25 -12.07 56.06
N LYS B 1218 -53.01 -13.37 56.23
CA LYS B 1218 -52.60 -13.91 57.52
C LYS B 1218 -51.11 -13.77 57.79
N SER B 1219 -50.28 -13.68 56.75
CA SER B 1219 -48.85 -13.67 56.97
C SER B 1219 -48.40 -12.41 57.70
N LEU B 1220 -47.15 -12.42 58.14
CA LEU B 1220 -46.53 -11.26 58.74
C LEU B 1220 -45.19 -10.92 58.12
N ASN B 1221 -44.61 -11.79 57.31
CA ASN B 1221 -43.32 -11.55 56.67
C ASN B 1221 -43.47 -11.25 55.18
N LEU B 1222 -44.62 -10.70 54.78
CA LEU B 1222 -44.82 -10.30 53.39
C LEU B 1222 -43.74 -9.32 52.98
N ARG B 1223 -42.90 -9.72 52.03
CA ARG B 1223 -41.73 -8.94 51.66
C ARG B 1223 -41.61 -8.66 50.19
N GLU B 1224 -42.44 -9.25 49.33
CA GLU B 1224 -42.40 -8.94 47.90
C GLU B 1224 -43.73 -9.37 47.32
N LEU B 1225 -44.45 -8.43 46.73
CA LEU B 1225 -45.73 -8.69 46.09
C LEU B 1225 -45.63 -8.24 44.64
N LEU B 1226 -45.97 -9.12 43.72
CA LEU B 1226 -45.92 -8.86 42.29
C LEU B 1226 -47.30 -9.09 41.72
N PHE B 1227 -47.91 -8.04 41.18
CA PHE B 1227 -49.24 -8.18 40.60
C PHE B 1227 -49.37 -7.37 39.34
N SER B 1228 -48.27 -7.19 38.60
CA SER B 1228 -48.32 -6.46 37.35
C SER B 1228 -49.22 -7.16 36.34
N HIS B 1229 -49.72 -6.37 35.38
CA HIS B 1229 -50.55 -6.85 34.29
C HIS B 1229 -51.80 -7.54 34.81
N ASN B 1230 -52.49 -6.89 35.73
CA ASN B 1230 -53.76 -7.36 36.24
C ASN B 1230 -54.79 -6.27 36.06
N GLN B 1231 -56.07 -6.65 36.15
CA GLN B 1231 -57.16 -5.70 36.08
C GLN B 1231 -57.54 -5.20 37.48
N ILE B 1232 -56.58 -4.53 38.13
CA ILE B 1232 -56.75 -4.04 39.48
C ILE B 1232 -57.12 -2.57 39.43
N SER B 1233 -58.18 -2.18 40.15
CA SER B 1233 -58.68 -0.82 40.13
C SER B 1233 -58.25 -0.01 41.35
N ILE B 1234 -58.56 -0.48 42.54
CA ILE B 1234 -58.37 0.31 43.77
C ILE B 1234 -57.49 -0.49 44.71
N LEU B 1235 -56.25 -0.05 44.87
CA LEU B 1235 -55.38 -0.60 45.91
C LEU B 1235 -55.92 -0.19 47.27
N ASP B 1236 -56.25 -1.17 48.10
CA ASP B 1236 -56.88 -0.91 49.39
C ASP B 1236 -55.83 -0.99 50.49
N LEU B 1237 -55.70 0.10 51.25
CA LEU B 1237 -54.77 0.11 52.38
C LEU B 1237 -55.36 0.84 53.59
N SER B 1238 -56.68 0.94 53.70
CA SER B 1238 -57.27 1.78 54.73
C SER B 1238 -57.10 1.16 56.12
N GLU B 1239 -57.41 -0.13 56.26
CA GLU B 1239 -57.45 -0.79 57.55
C GLU B 1239 -56.15 -1.54 57.79
N LYS B 1240 -55.48 -1.22 58.90
CA LYS B 1240 -54.32 -1.96 59.38
C LYS B 1240 -53.23 -2.05 58.33
N ALA B 1241 -52.88 -0.90 57.75
CA ALA B 1241 -51.84 -0.86 56.73
C ALA B 1241 -50.44 -1.13 57.29
N TYR B 1242 -50.30 -1.19 58.61
CA TYR B 1242 -48.99 -1.45 59.21
C TYR B 1242 -48.59 -2.92 59.11
N LEU B 1243 -49.53 -3.82 58.80
CA LEU B 1243 -49.19 -5.22 58.68
C LEU B 1243 -48.22 -5.47 57.52
N TRP B 1244 -48.27 -4.62 56.50
CA TRP B 1244 -47.34 -4.69 55.39
C TRP B 1244 -46.09 -3.84 55.59
N SER B 1245 -45.73 -3.53 56.84
CA SER B 1245 -44.61 -2.65 57.11
C SER B 1245 -43.27 -3.22 56.66
N ARG B 1246 -43.20 -4.50 56.31
CA ARG B 1246 -41.97 -5.12 55.89
C ARG B 1246 -41.88 -5.30 54.39
N VAL B 1247 -42.91 -4.90 53.64
CA VAL B 1247 -42.91 -5.08 52.19
C VAL B 1247 -41.73 -4.33 51.59
N GLU B 1248 -40.94 -5.03 50.76
CA GLU B 1248 -39.77 -4.43 50.15
C GLU B 1248 -39.88 -4.35 48.63
N LYS B 1249 -41.00 -4.76 48.05
CA LYS B 1249 -41.21 -4.63 46.61
C LYS B 1249 -42.70 -4.78 46.35
N LEU B 1250 -43.32 -3.77 45.76
CA LEU B 1250 -44.73 -3.80 45.42
C LEU B 1250 -44.89 -3.32 43.99
N HIS B 1251 -45.19 -4.24 43.08
CA HIS B 1251 -45.35 -3.92 41.68
C HIS B 1251 -46.83 -3.93 41.35
N LEU B 1252 -47.29 -2.88 40.68
CA LEU B 1252 -48.68 -2.82 40.25
C LEU B 1252 -48.78 -2.24 38.84
N SER B 1253 -47.73 -2.38 38.05
CA SER B 1253 -47.73 -1.81 36.72
C SER B 1253 -48.80 -2.46 35.84
N HIS B 1254 -49.21 -1.71 34.82
CA HIS B 1254 -50.15 -2.18 33.80
C HIS B 1254 -51.48 -2.63 34.41
N ASN B 1255 -51.97 -1.85 35.36
CA ASN B 1255 -53.29 -2.06 35.94
C ASN B 1255 -54.17 -0.86 35.67
N LYS B 1256 -55.37 -0.88 36.25
CA LYS B 1256 -56.30 0.24 36.16
C LYS B 1256 -56.32 1.04 37.45
N LEU B 1257 -55.17 1.23 38.09
CA LEU B 1257 -55.10 1.97 39.33
C LEU B 1257 -55.56 3.42 39.12
N LYS B 1258 -56.33 3.93 40.07
CA LYS B 1258 -56.89 5.28 39.97
C LYS B 1258 -56.14 6.29 40.83
N GLU B 1259 -55.84 5.94 42.07
CA GLU B 1259 -55.17 6.87 42.98
C GLU B 1259 -54.42 6.09 44.04
N ILE B 1260 -53.14 6.41 44.21
CA ILE B 1260 -52.36 5.82 45.30
C ILE B 1260 -52.93 6.29 46.63
N PRO B 1261 -53.27 5.40 47.56
CA PRO B 1261 -53.89 5.81 48.80
C PRO B 1261 -52.96 6.71 49.60
N PRO B 1262 -53.50 7.65 50.37
CA PRO B 1262 -52.65 8.48 51.23
C PRO B 1262 -51.98 7.70 52.34
N GLU B 1263 -52.47 6.51 52.68
CA GLU B 1263 -51.85 5.69 53.71
C GLU B 1263 -50.62 4.94 53.21
N ILE B 1264 -50.24 5.10 51.94
CA ILE B 1264 -49.08 4.38 51.39
C ILE B 1264 -47.80 4.71 52.14
N GLY B 1265 -47.74 5.87 52.81
CA GLY B 1265 -46.58 6.21 53.60
C GLY B 1265 -46.36 5.32 54.79
N CYS B 1266 -47.34 4.49 55.15
CA CYS B 1266 -47.20 3.61 56.29
C CYS B 1266 -46.30 2.41 55.96
N LEU B 1267 -46.21 2.04 54.69
CA LEU B 1267 -45.32 0.98 54.23
C LEU B 1267 -43.89 1.47 54.24
N GLU B 1268 -43.35 1.74 55.43
CA GLU B 1268 -42.12 2.48 55.63
C GLU B 1268 -40.87 1.77 55.13
N ASN B 1269 -40.97 0.57 54.55
CA ASN B 1269 -39.80 -0.18 54.16
C ASN B 1269 -39.76 -0.50 52.67
N LEU B 1270 -40.58 0.18 51.86
CA LEU B 1270 -40.55 -0.05 50.42
C LEU B 1270 -39.20 0.33 49.83
N THR B 1271 -38.70 -0.52 48.95
CA THR B 1271 -37.51 -0.21 48.17
C THR B 1271 -37.79 -0.07 46.69
N SER B 1272 -38.91 -0.61 46.21
CA SER B 1272 -39.35 -0.40 44.85
C SER B 1272 -40.87 -0.32 44.84
N LEU B 1273 -41.40 0.55 43.99
CA LEU B 1273 -42.86 0.66 43.82
C LEU B 1273 -43.11 0.97 42.35
N ASP B 1274 -43.67 0.02 41.63
CA ASP B 1274 -43.81 0.11 40.18
C ASP B 1274 -45.29 0.33 39.87
N VAL B 1275 -45.69 1.59 39.77
CA VAL B 1275 -47.06 1.93 39.43
C VAL B 1275 -47.10 2.49 38.02
N SER B 1276 -46.13 2.10 37.20
CA SER B 1276 -46.05 2.58 35.84
C SER B 1276 -47.22 2.06 35.01
N TYR B 1277 -47.36 2.62 33.80
CA TYR B 1277 -48.39 2.26 32.82
C TYR B 1277 -49.78 2.21 33.44
N ASN B 1278 -50.06 3.14 34.35
CA ASN B 1278 -51.39 3.36 34.89
C ASN B 1278 -51.88 4.70 34.35
N LEU B 1279 -52.52 4.66 33.17
CA LEU B 1279 -52.94 5.89 32.51
C LEU B 1279 -53.92 6.68 33.35
N GLU B 1280 -54.88 5.99 33.99
CA GLU B 1280 -55.86 6.66 34.82
C GLU B 1280 -55.24 7.31 36.06
N LEU B 1281 -54.06 6.86 36.49
CA LEU B 1281 -53.37 7.49 37.61
C LEU B 1281 -52.96 8.90 37.24
N ARG B 1282 -53.20 9.84 38.13
CA ARG B 1282 -53.00 11.26 37.84
C ARG B 1282 -51.86 11.86 38.64
N SER B 1283 -51.88 11.75 39.98
CA SER B 1283 -50.89 12.44 40.78
C SER B 1283 -50.55 11.62 42.02
N PHE B 1284 -49.34 11.78 42.50
CA PHE B 1284 -48.90 11.09 43.71
C PHE B 1284 -49.33 11.87 44.95
N PRO B 1285 -49.80 11.19 45.99
CA PRO B 1285 -50.12 11.87 47.23
C PRO B 1285 -48.85 12.32 47.93
N ASN B 1286 -48.99 13.40 48.71
CA ASN B 1286 -47.86 13.96 49.43
C ASN B 1286 -47.27 12.94 50.40
N GLU B 1287 -48.14 12.19 51.10
CA GLU B 1287 -47.72 11.29 52.16
C GLU B 1287 -46.71 10.24 51.70
N MET B 1288 -46.59 10.02 50.38
CA MET B 1288 -45.60 9.10 49.84
C MET B 1288 -44.18 9.52 50.20
N GLY B 1289 -43.96 10.79 50.56
CA GLY B 1289 -42.62 11.29 50.79
C GLY B 1289 -41.91 10.67 51.99
N LYS B 1290 -42.60 9.86 52.80
CA LYS B 1290 -41.98 9.25 53.97
C LYS B 1290 -41.31 7.93 53.65
N LEU B 1291 -41.51 7.39 52.43
CA LEU B 1291 -40.86 6.14 52.01
C LEU B 1291 -39.40 6.42 51.67
N SER B 1292 -38.64 6.74 52.72
CA SER B 1292 -37.27 7.20 52.55
C SER B 1292 -36.34 6.12 51.99
N LYS B 1293 -36.73 4.86 52.04
CA LYS B 1293 -35.87 3.77 51.57
C LYS B 1293 -36.11 3.41 50.12
N ILE B 1294 -37.04 4.08 49.44
CA ILE B 1294 -37.28 3.79 48.03
C ILE B 1294 -36.09 4.23 47.21
N TRP B 1295 -35.66 3.38 46.28
CA TRP B 1295 -34.62 3.74 45.34
C TRP B 1295 -35.01 3.49 43.89
N ASP B 1296 -36.18 2.91 43.64
CA ASP B 1296 -36.68 2.70 42.30
C ASP B 1296 -38.14 3.10 42.25
N LEU B 1297 -38.49 3.93 41.27
CA LEU B 1297 -39.86 4.42 41.11
C LEU B 1297 -40.09 4.72 39.64
N PRO B 1298 -40.35 3.67 38.85
CA PRO B 1298 -40.53 3.88 37.41
C PRO B 1298 -41.76 4.74 37.11
N LEU B 1299 -41.60 5.63 36.13
CA LEU B 1299 -42.64 6.59 35.77
C LEU B 1299 -42.95 6.55 34.27
N ASP B 1300 -42.59 5.46 33.60
CA ASP B 1300 -42.77 5.39 32.15
C ASP B 1300 -44.24 5.41 31.77
N GLU B 1301 -44.56 6.20 30.74
CA GLU B 1301 -45.93 6.32 30.20
C GLU B 1301 -46.94 6.67 31.27
N LEU B 1302 -46.53 7.56 32.17
CA LEU B 1302 -47.34 7.98 33.30
C LEU B 1302 -47.65 9.47 33.15
N HIS B 1303 -48.82 9.78 32.58
CA HIS B 1303 -49.22 11.16 32.34
C HIS B 1303 -49.62 11.79 33.67
N LEU B 1304 -48.64 12.37 34.36
CA LEU B 1304 -48.85 12.89 35.70
C LEU B 1304 -49.37 14.32 35.68
N ASN B 1305 -50.33 14.60 36.54
CA ASN B 1305 -50.80 15.97 36.74
C ASN B 1305 -49.73 16.79 37.46
N PHE B 1306 -49.29 16.32 38.61
CA PHE B 1306 -48.20 16.97 39.34
C PHE B 1306 -46.94 16.97 38.48
N ASP B 1307 -46.40 18.15 38.23
CA ASP B 1307 -45.28 18.29 37.33
C ASP B 1307 -43.98 18.01 38.07
N PHE B 1308 -43.24 17.01 37.59
CA PHE B 1308 -41.87 16.76 38.03
C PHE B 1308 -40.90 16.84 36.86
N LYS B 1309 -41.32 17.46 35.75
CA LYS B 1309 -40.43 17.67 34.61
C LYS B 1309 -39.21 18.48 35.00
N HIS B 1310 -39.34 19.34 36.01
CA HIS B 1310 -38.19 20.06 36.55
C HIS B 1310 -37.33 19.16 37.43
N ILE B 1311 -37.94 18.17 38.08
CA ILE B 1311 -37.17 17.25 38.92
C ILE B 1311 -36.41 16.25 38.05
N GLY B 1312 -37.12 15.60 37.13
CA GLY B 1312 -36.51 14.59 36.29
C GLY B 1312 -37.07 13.21 36.57
N CYS B 1313 -36.18 12.21 36.66
CA CYS B 1313 -36.59 10.83 36.85
C CYS B 1313 -35.97 10.17 38.07
N LYS B 1314 -35.04 10.83 38.75
CA LYS B 1314 -34.42 10.26 39.94
C LYS B 1314 -35.45 10.04 41.03
N ALA B 1315 -35.55 8.80 41.52
CA ALA B 1315 -36.60 8.46 42.47
C ALA B 1315 -36.39 9.17 43.81
N LYS B 1316 -35.14 9.21 44.29
CA LYS B 1316 -34.86 9.87 45.56
C LYS B 1316 -35.25 11.33 45.54
N ASP B 1317 -35.08 11.98 44.39
CA ASP B 1317 -35.48 13.39 44.26
C ASP B 1317 -36.99 13.53 44.38
N ILE B 1318 -37.75 12.64 43.73
CA ILE B 1318 -39.21 12.65 43.85
C ILE B 1318 -39.63 12.51 45.31
N ILE B 1319 -39.00 11.59 46.03
CA ILE B 1319 -39.38 11.32 47.41
C ILE B 1319 -39.05 12.51 48.29
N ARG B 1320 -37.86 13.09 48.11
CA ARG B 1320 -37.48 14.26 48.91
C ARG B 1320 -38.38 15.44 48.60
N PHE B 1321 -38.75 15.62 47.34
CA PHE B 1321 -39.67 16.69 46.96
C PHE B 1321 -41.00 16.54 47.68
N LEU B 1322 -41.59 15.35 47.64
CA LEU B 1322 -42.83 15.10 48.36
C LEU B 1322 -42.64 15.30 49.86
N GLN B 1323 -41.46 14.95 50.38
CA GLN B 1323 -41.18 15.13 51.80
C GLN B 1323 -41.20 16.60 52.20
N GLN B 1324 -40.69 17.47 51.32
CA GLN B 1324 -40.74 18.90 51.60
C GLN B 1324 -42.15 19.44 51.50
N ARG B 1325 -42.92 18.93 50.54
CA ARG B 1325 -44.31 19.35 50.42
C ARG B 1325 -45.17 18.89 51.59
N LEU B 1326 -44.70 17.90 52.36
CA LEU B 1326 -45.37 17.53 53.60
C LEU B 1326 -45.42 18.68 54.58
N LYS B 1327 -44.28 19.36 54.78
CA LYS B 1327 -44.19 20.43 55.76
C LYS B 1327 -45.15 21.57 55.42
N LYS B 1328 -45.13 22.03 54.17
CA LYS B 1328 -45.91 23.18 53.75
C LYS B 1328 -45.97 23.21 52.24
N ALA B 1329 -47.11 23.65 51.71
CA ALA B 1329 -47.29 23.78 50.26
C ALA B 1329 -48.08 25.06 49.99
N VAL B 1330 -47.52 25.95 49.19
CA VAL B 1330 -48.16 27.21 48.86
C VAL B 1330 -48.42 27.24 47.36
N PRO B 1331 -49.46 27.93 46.90
CA PRO B 1331 -49.70 28.02 45.46
C PRO B 1331 -48.70 28.97 44.83
N TYR B 1332 -48.18 28.58 43.67
CA TYR B 1332 -47.20 29.37 42.94
C TYR B 1332 -47.93 30.14 41.87
N ASN B 1333 -48.12 31.43 42.09
CA ASN B 1333 -48.81 32.30 41.14
C ASN B 1333 -47.77 33.04 40.32
N ARG B 1334 -47.19 32.36 39.34
CA ARG B 1334 -46.15 32.95 38.51
C ARG B 1334 -46.09 32.20 37.19
N MET B 1335 -46.08 32.93 36.09
CA MET B 1335 -46.05 32.34 34.76
C MET B 1335 -45.38 33.30 33.80
N LYS B 1336 -44.75 32.76 32.76
CA LYS B 1336 -44.05 33.57 31.77
C LYS B 1336 -44.99 34.00 30.66
N LEU B 1337 -44.96 35.29 30.34
CA LEU B 1337 -45.62 35.86 29.17
C LEU B 1337 -44.56 36.26 28.17
N MET B 1338 -44.61 35.72 26.97
CA MET B 1338 -43.59 35.97 25.99
C MET B 1338 -44.19 36.77 24.85
N ILE B 1339 -43.55 37.87 24.49
CA ILE B 1339 -44.04 38.76 23.45
C ILE B 1339 -43.17 38.61 22.21
N VAL B 1340 -43.58 37.73 21.35
CA VAL B 1340 -42.93 37.47 20.09
C VAL B 1340 -43.41 38.44 19.03
N GLY B 1341 -42.63 38.59 17.97
CA GLY B 1341 -43.04 39.43 16.86
C GLY B 1341 -41.88 39.68 15.92
N ASN B 1342 -42.17 40.47 14.90
CA ASN B 1342 -41.23 40.88 13.87
C ASN B 1342 -40.71 42.29 14.18
N THR B 1343 -39.64 42.68 13.47
CA THR B 1343 -39.02 43.97 13.74
C THR B 1343 -39.99 45.11 13.44
N GLY B 1344 -39.85 46.20 14.19
CA GLY B 1344 -40.61 47.41 13.93
C GLY B 1344 -42.07 47.37 14.38
N SER B 1345 -42.67 46.18 14.42
CA SER B 1345 -44.02 46.04 14.93
C SER B 1345 -44.04 46.28 16.43
N GLY B 1346 -45.07 46.98 16.91
CA GLY B 1346 -45.08 47.48 18.26
C GLY B 1346 -45.10 46.42 19.34
N LYS B 1347 -43.98 46.24 20.04
CA LYS B 1347 -43.93 45.33 21.18
C LYS B 1347 -43.66 46.08 22.47
N THR B 1348 -42.56 46.82 22.56
CA THR B 1348 -42.26 47.55 23.78
C THR B 1348 -43.26 48.66 24.03
N THR B 1349 -43.82 49.26 22.97
CA THR B 1349 -44.87 50.24 23.19
C THR B 1349 -46.16 49.58 23.63
N LEU B 1350 -46.53 48.44 23.05
CA LEU B 1350 -47.67 47.70 23.55
C LEU B 1350 -47.48 47.27 24.99
N LEU B 1351 -46.26 46.86 25.33
CA LEU B 1351 -45.97 46.45 26.71
C LEU B 1351 -46.04 47.62 27.67
N GLN B 1352 -45.55 48.78 27.25
CA GLN B 1352 -45.63 49.97 28.08
C GLN B 1352 -47.08 50.39 28.32
N GLN B 1353 -47.98 50.10 27.39
CA GLN B 1353 -49.38 50.42 27.59
C GLN B 1353 -50.19 49.28 28.21
N LEU B 1354 -49.63 48.08 28.27
CA LEU B 1354 -50.32 46.99 28.96
C LEU B 1354 -50.08 47.06 30.45
N MET B 1355 -48.87 47.40 30.86
CA MET B 1355 -48.56 47.58 32.27
C MET B 1355 -48.82 48.98 32.75
N LYS B 1356 -49.33 49.86 31.88
CA LYS B 1356 -49.66 51.25 32.20
C LYS B 1356 -48.44 52.03 32.65
N THR B 1357 -47.27 51.70 32.08
CA THR B 1357 -46.02 52.33 32.50
C THR B 1357 -45.70 53.52 31.60
N LYS B 1358 -46.47 54.57 31.78
CA LYS B 1358 -46.24 55.82 31.05
C LYS B 1358 -44.95 56.49 31.52
N SER B 1366 -36.51 53.40 20.53
CA SER B 1366 -35.41 52.63 21.10
C SER B 1366 -35.55 51.15 20.76
N ALA B 1367 -34.67 50.66 19.88
CA ALA B 1367 -34.75 49.28 19.43
C ALA B 1367 -34.34 48.33 20.55
N THR B 1368 -35.09 47.25 20.69
CA THR B 1368 -34.79 46.25 21.70
C THR B 1368 -33.53 45.50 21.32
N VAL B 1369 -32.69 45.24 22.32
CA VAL B 1369 -31.44 44.51 22.14
C VAL B 1369 -31.43 43.41 23.19
N GLY B 1370 -31.48 42.17 22.73
CA GLY B 1370 -31.64 41.04 23.63
C GLY B 1370 -33.11 40.63 23.72
N ILE B 1371 -33.61 40.42 24.94
CA ILE B 1371 -35.00 40.01 25.09
C ILE B 1371 -35.74 40.82 26.14
N ASP B 1372 -35.01 41.63 26.91
CA ASP B 1372 -35.60 42.71 27.73
C ASP B 1372 -36.65 42.16 28.71
N VAL B 1373 -36.16 41.37 29.68
CA VAL B 1373 -37.04 40.76 30.66
C VAL B 1373 -37.57 41.82 31.60
N LYS B 1374 -38.84 41.68 31.99
CA LYS B 1374 -39.48 42.45 33.04
C LYS B 1374 -40.43 41.54 33.78
N ASP B 1375 -41.30 42.13 34.60
CA ASP B 1375 -42.37 41.40 35.26
C ASP B 1375 -43.40 42.35 35.82
N TRP B 1376 -44.67 42.13 35.52
CA TRP B 1376 -45.70 42.98 36.10
C TRP B 1376 -46.67 42.15 36.91
N PRO B 1377 -47.05 42.63 38.09
CA PRO B 1377 -48.01 41.90 38.91
C PRO B 1377 -49.44 42.30 38.63
N ILE B 1378 -50.30 41.33 38.35
CA ILE B 1378 -51.70 41.58 38.04
C ILE B 1378 -52.53 41.29 39.27
N GLN B 1379 -53.08 42.34 39.87
CA GLN B 1379 -53.94 42.20 41.05
C GLN B 1379 -55.37 42.06 40.54
N ILE B 1380 -55.80 40.81 40.35
CA ILE B 1380 -57.14 40.53 39.86
C ILE B 1380 -58.15 40.89 40.94
N ARG B 1381 -59.11 41.75 40.59
CA ARG B 1381 -60.07 42.29 41.55
C ARG B 1381 -61.29 41.41 41.75
N ASP B 1382 -61.37 40.26 41.10
CA ASP B 1382 -62.52 39.38 41.24
C ASP B 1382 -62.55 38.75 42.64
N LYS B 1383 -63.59 37.95 42.88
CA LYS B 1383 -63.71 37.21 44.13
C LYS B 1383 -62.49 36.31 44.35
N ARG B 1384 -61.97 35.73 43.28
CA ARG B 1384 -60.71 35.00 43.31
C ARG B 1384 -59.59 36.01 43.08
N LYS B 1385 -59.22 36.72 44.15
CA LYS B 1385 -58.17 37.73 44.09
C LYS B 1385 -56.79 37.05 44.07
N ARG B 1386 -56.55 36.33 42.98
CA ARG B 1386 -55.32 35.57 42.78
C ARG B 1386 -54.29 36.52 42.19
N ASP B 1387 -53.48 37.09 43.07
CA ASP B 1387 -52.42 38.03 42.70
C ASP B 1387 -51.32 37.26 41.97
N LEU B 1388 -51.36 37.34 40.64
CA LEU B 1388 -50.40 36.67 39.78
C LEU B 1388 -49.35 37.62 39.25
N VAL B 1389 -48.17 37.07 38.95
CA VAL B 1389 -47.05 37.85 38.48
C VAL B 1389 -46.59 37.24 37.17
N LEU B 1390 -46.91 37.89 36.06
CA LEU B 1390 -46.34 37.48 34.79
C LEU B 1390 -44.97 38.12 34.65
N ASN B 1391 -44.00 37.37 34.16
CA ASN B 1391 -42.73 38.00 33.79
C ASN B 1391 -42.60 37.99 32.28
N VAL B 1392 -42.63 39.19 31.70
CA VAL B 1392 -42.66 39.33 30.26
C VAL B 1392 -41.26 39.15 29.70
N TRP B 1393 -41.19 38.77 28.43
CA TRP B 1393 -39.93 38.61 27.71
C TRP B 1393 -40.12 39.28 26.36
N ASP B 1394 -39.82 40.57 26.28
CA ASP B 1394 -40.03 41.35 25.08
C ASP B 1394 -38.99 41.00 24.02
N PHE B 1395 -39.25 39.95 23.26
CA PHE B 1395 -38.28 39.44 22.28
C PHE B 1395 -37.96 40.50 21.24
N ALA B 1396 -36.69 40.62 20.90
CA ALA B 1396 -36.27 41.55 19.87
C ALA B 1396 -36.59 40.99 18.48
N GLY B 1397 -37.12 41.84 17.61
CA GLY B 1397 -37.53 41.38 16.30
C GLY B 1397 -36.42 41.20 15.30
N ARG B 1398 -35.30 41.90 15.47
CA ARG B 1398 -34.24 41.90 14.46
C ARG B 1398 -33.63 40.51 14.32
N GLU B 1399 -33.16 40.24 13.10
CA GLU B 1399 -32.83 38.86 12.74
C GLU B 1399 -31.56 38.38 13.42
N GLU B 1400 -30.58 39.26 13.61
CA GLU B 1400 -29.27 38.83 14.08
C GLU B 1400 -29.30 38.14 15.44
N PHE B 1401 -30.34 38.36 16.23
CA PHE B 1401 -30.47 37.73 17.53
C PHE B 1401 -31.17 36.40 17.49
N TYR B 1402 -31.66 35.97 16.32
CA TYR B 1402 -32.50 34.78 16.25
C TYR B 1402 -31.78 33.52 16.68
N SER B 1403 -30.44 33.51 16.68
CA SER B 1403 -29.72 32.32 17.10
C SER B 1403 -29.92 32.01 18.57
N THR B 1404 -30.11 33.02 19.42
CA THR B 1404 -30.20 32.83 20.85
C THR B 1404 -31.62 32.75 21.37
N HIS B 1405 -32.61 33.10 20.55
CA HIS B 1405 -33.99 33.06 21.03
C HIS B 1405 -34.49 31.68 21.41
N PRO B 1406 -34.25 30.59 20.63
CA PRO B 1406 -34.81 29.29 21.03
C PRO B 1406 -34.33 28.77 22.37
N HIS B 1407 -33.38 29.45 23.01
CA HIS B 1407 -32.98 29.05 24.34
C HIS B 1407 -33.95 29.55 25.39
N PHE B 1408 -34.76 30.55 25.06
CA PHE B 1408 -35.64 31.21 26.01
C PHE B 1408 -37.11 31.05 25.63
N MET B 1409 -37.45 29.96 24.94
CA MET B 1409 -38.83 29.63 24.60
C MET B 1409 -39.18 28.32 25.27
N THR B 1410 -40.02 28.37 26.30
CA THR B 1410 -40.38 27.20 27.07
C THR B 1410 -41.87 26.91 26.94
N GLN B 1411 -42.29 25.78 27.48
CA GLN B 1411 -43.69 25.37 27.38
C GLN B 1411 -44.56 26.14 28.36
N ARG B 1412 -44.17 26.19 29.63
CA ARG B 1412 -45.02 26.79 30.65
C ARG B 1412 -44.98 28.30 30.51
N ALA B 1413 -45.53 28.80 29.40
CA ALA B 1413 -45.49 30.22 29.10
C ALA B 1413 -46.57 30.53 28.09
N LEU B 1414 -47.10 31.73 28.16
CA LEU B 1414 -48.09 32.19 27.20
C LEU B 1414 -47.37 33.07 26.18
N TYR B 1415 -47.88 33.09 24.97
CA TYR B 1415 -47.22 33.84 23.90
C TYR B 1415 -48.14 34.91 23.38
N LEU B 1416 -47.58 36.07 23.06
CA LEU B 1416 -48.23 37.04 22.20
C LEU B 1416 -47.53 37.03 20.86
N ALA B 1417 -48.16 37.60 19.85
CA ALA B 1417 -47.59 37.63 18.51
C ALA B 1417 -48.12 38.86 17.79
N VAL B 1418 -47.31 39.93 17.74
CA VAL B 1418 -47.78 41.21 17.24
C VAL B 1418 -47.32 41.41 15.79
N TYR B 1419 -48.21 41.98 14.95
CA TYR B 1419 -47.91 41.90 13.53
C TYR B 1419 -48.24 43.10 12.67
N ASP B 1420 -48.43 44.30 13.23
CA ASP B 1420 -48.36 45.55 12.46
C ASP B 1420 -49.36 45.58 11.30
N LEU B 1421 -50.65 45.69 11.64
CA LEU B 1421 -51.76 45.80 10.68
C LEU B 1421 -51.52 46.73 9.50
N SER B 1422 -50.67 47.75 9.69
CA SER B 1422 -50.46 48.79 8.69
C SER B 1422 -50.14 48.19 7.33
N LYS B 1423 -49.09 47.38 7.27
CA LYS B 1423 -48.75 46.65 6.04
C LYS B 1423 -49.57 45.35 5.99
N GLY B 1424 -50.89 45.52 5.86
CA GLY B 1424 -51.79 44.40 5.97
C GLY B 1424 -51.65 43.40 4.84
N GLN B 1425 -52.15 42.18 5.11
CA GLN B 1425 -52.28 41.07 4.17
C GLN B 1425 -50.93 40.46 3.82
N ALA B 1426 -49.85 41.09 4.25
CA ALA B 1426 -48.50 40.57 4.04
C ALA B 1426 -47.68 40.54 5.32
N GLU B 1427 -48.02 41.36 6.30
CA GLU B 1427 -47.38 41.26 7.61
C GLU B 1427 -47.85 40.04 8.37
N VAL B 1428 -49.03 39.52 8.02
CA VAL B 1428 -49.49 38.26 8.62
C VAL B 1428 -48.71 37.10 8.04
N ASP B 1429 -48.52 37.09 6.73
CA ASP B 1429 -47.70 36.06 6.11
C ASP B 1429 -46.22 36.25 6.40
N ALA B 1430 -45.83 37.33 7.06
CA ALA B 1430 -44.45 37.56 7.46
C ALA B 1430 -44.13 37.05 8.84
N MET B 1431 -45.14 36.71 9.64
CA MET B 1431 -44.91 36.19 10.99
C MET B 1431 -45.20 34.71 11.09
N LYS B 1432 -45.51 34.06 9.97
CA LYS B 1432 -45.61 32.60 9.98
C LYS B 1432 -44.34 31.90 10.43
N PRO B 1433 -43.11 32.37 10.12
CA PRO B 1433 -41.95 31.73 10.75
C PRO B 1433 -41.98 31.72 12.26
N TRP B 1434 -42.35 32.84 12.87
CA TRP B 1434 -42.41 32.90 14.33
C TRP B 1434 -43.40 31.89 14.88
N LEU B 1435 -44.59 31.79 14.27
CA LEU B 1435 -45.60 30.86 14.77
C LEU B 1435 -45.15 29.43 14.57
N PHE B 1436 -44.49 29.15 13.46
CA PHE B 1436 -43.94 27.82 13.26
C PHE B 1436 -42.90 27.52 14.33
N ASN B 1437 -42.17 28.53 14.78
CA ASN B 1437 -41.14 28.34 15.78
C ASN B 1437 -41.72 28.19 17.17
N ILE B 1438 -42.80 28.93 17.48
CA ILE B 1438 -43.56 28.68 18.69
C ILE B 1438 -44.09 27.26 18.67
N LYS B 1439 -44.46 26.76 17.50
CA LYS B 1439 -44.95 25.39 17.38
C LYS B 1439 -43.83 24.39 17.65
N ALA B 1440 -42.64 24.66 17.13
CA ALA B 1440 -41.54 23.72 17.28
C ALA B 1440 -41.04 23.68 18.71
N ARG B 1441 -40.84 24.83 19.33
CA ARG B 1441 -40.26 24.86 20.67
C ARG B 1441 -41.29 24.55 21.74
N ALA B 1442 -42.38 25.29 21.77
CA ALA B 1442 -43.42 25.10 22.78
C ALA B 1442 -44.72 24.72 22.08
N SER B 1443 -44.89 23.42 21.83
CA SER B 1443 -45.98 22.97 20.97
C SER B 1443 -47.36 23.16 21.57
N SER B 1444 -47.47 23.24 22.90
CA SER B 1444 -48.77 23.32 23.56
C SER B 1444 -48.91 24.57 24.41
N SER B 1445 -48.50 25.72 23.86
CA SER B 1445 -48.65 26.99 24.54
C SER B 1445 -49.57 27.91 23.74
N PRO B 1446 -50.45 28.64 24.40
CA PRO B 1446 -51.40 29.49 23.69
C PRO B 1446 -50.69 30.62 22.97
N VAL B 1447 -51.42 31.23 22.04
CA VAL B 1447 -50.89 32.35 21.25
C VAL B 1447 -52.02 33.35 21.06
N ILE B 1448 -51.76 34.61 21.43
CA ILE B 1448 -52.77 35.65 21.31
C ILE B 1448 -52.30 36.64 20.26
N LEU B 1449 -52.73 36.45 19.02
CA LEU B 1449 -52.39 37.36 17.93
C LEU B 1449 -52.82 38.77 18.24
N VAL B 1450 -51.94 39.73 18.00
CA VAL B 1450 -52.23 41.12 18.27
C VAL B 1450 -51.87 41.94 17.05
N GLY B 1451 -52.82 42.71 16.54
CA GLY B 1451 -52.52 43.53 15.39
C GLY B 1451 -52.37 44.98 15.78
N THR B 1452 -51.15 45.48 15.76
CA THR B 1452 -50.90 46.85 16.21
C THR B 1452 -51.23 47.83 15.08
N HIS B 1453 -50.87 49.09 15.27
CA HIS B 1453 -50.97 50.12 14.23
C HIS B 1453 -52.39 50.24 13.67
N LEU B 1454 -53.40 50.05 14.49
CA LEU B 1454 -54.77 50.22 14.02
C LEU B 1454 -55.09 51.67 13.66
N ASP B 1455 -54.34 52.63 14.18
CA ASP B 1455 -54.57 54.02 13.82
C ASP B 1455 -54.39 54.23 12.32
N VAL B 1456 -53.24 53.84 11.79
CA VAL B 1456 -53.02 53.88 10.35
C VAL B 1456 -53.74 52.69 9.72
N SER B 1457 -54.63 52.97 8.77
CA SER B 1457 -55.51 51.98 8.16
C SER B 1457 -56.35 51.26 9.20
N LYS B 1463 -57.13 48.50 6.69
CA LYS B 1463 -56.66 47.19 6.26
C LYS B 1463 -56.98 46.13 7.30
N ALA B 1464 -58.00 46.38 8.12
CA ALA B 1464 -58.40 45.44 9.16
C ALA B 1464 -58.97 44.14 8.62
N CYS B 1465 -59.08 43.98 7.30
CA CYS B 1465 -59.49 42.73 6.69
C CYS B 1465 -58.35 41.73 6.59
N MET B 1466 -57.24 41.97 7.30
CA MET B 1466 -56.24 40.94 7.53
C MET B 1466 -56.78 39.80 8.37
N SER B 1467 -57.92 39.99 9.03
CA SER B 1467 -58.58 38.88 9.71
C SER B 1467 -59.00 37.78 8.75
N LYS B 1468 -59.13 38.09 7.46
CA LYS B 1468 -59.45 37.06 6.47
C LYS B 1468 -58.36 36.01 6.39
N ILE B 1469 -57.12 36.43 6.14
CA ILE B 1469 -56.02 35.47 6.06
C ILE B 1469 -55.77 34.85 7.42
N THR B 1470 -55.96 35.60 8.50
CA THR B 1470 -55.86 35.03 9.84
C THR B 1470 -56.88 33.94 10.06
N LYS B 1471 -58.09 34.08 9.52
CA LYS B 1471 -59.15 33.12 9.75
C LYS B 1471 -59.18 31.98 8.73
N GLU B 1472 -58.37 32.06 7.69
CA GLU B 1472 -58.32 31.02 6.67
C GLU B 1472 -57.04 30.21 6.69
N LEU B 1473 -55.88 30.89 6.62
CA LEU B 1473 -54.61 30.21 6.45
C LEU B 1473 -53.84 30.02 7.75
N LEU B 1474 -54.09 30.84 8.77
CA LEU B 1474 -53.27 30.86 9.97
C LEU B 1474 -53.90 30.14 11.15
N ASN B 1475 -54.92 29.32 10.94
CA ASN B 1475 -55.67 28.84 12.08
C ASN B 1475 -55.19 27.47 12.57
N LYS B 1476 -55.11 26.48 11.69
CA LYS B 1476 -54.85 25.12 12.14
C LYS B 1476 -53.84 24.36 11.29
N ARG B 1477 -53.31 24.96 10.23
CA ARG B 1477 -52.45 24.23 9.29
C ARG B 1477 -51.01 24.29 9.78
N GLY B 1478 -50.70 23.43 10.75
CA GLY B 1478 -49.35 23.37 11.30
C GLY B 1478 -48.93 24.62 12.04
N PHE B 1479 -49.69 25.01 13.06
CA PHE B 1479 -49.48 26.29 13.74
C PHE B 1479 -49.89 26.14 15.19
N PRO B 1480 -49.39 27.00 16.10
CA PRO B 1480 -49.50 26.72 17.54
C PRO B 1480 -50.75 27.21 18.24
N ALA B 1481 -51.92 26.77 17.76
CA ALA B 1481 -53.18 26.84 18.51
C ALA B 1481 -53.52 28.28 18.95
N ILE B 1482 -53.92 29.08 17.97
CA ILE B 1482 -54.20 30.48 18.26
C ILE B 1482 -55.52 30.55 19.02
N ARG B 1483 -55.56 31.40 20.05
CA ARG B 1483 -56.68 31.41 20.96
C ARG B 1483 -57.36 32.76 21.16
N ASP B 1484 -56.86 33.82 20.53
CA ASP B 1484 -57.54 35.10 20.46
C ASP B 1484 -56.76 35.99 19.51
N TYR B 1485 -57.41 37.04 19.04
CA TYR B 1485 -56.81 37.87 18.01
C TYR B 1485 -57.42 39.25 18.20
N HIS B 1486 -56.59 40.26 18.39
CA HIS B 1486 -57.12 41.58 18.67
C HIS B 1486 -56.49 42.53 17.69
N PHE B 1487 -57.25 43.53 17.30
CA PHE B 1487 -56.74 44.62 16.48
C PHE B 1487 -56.61 45.82 17.39
N VAL B 1488 -55.45 45.96 18.02
CA VAL B 1488 -55.30 46.92 19.09
C VAL B 1488 -54.44 48.09 18.60
N ASN B 1489 -54.61 49.21 19.27
CA ASN B 1489 -53.68 50.31 19.13
C ASN B 1489 -52.70 50.24 20.29
N ALA B 1490 -51.61 50.97 20.18
CA ALA B 1490 -50.70 51.18 21.29
C ALA B 1490 -50.66 52.68 21.61
N THR B 1491 -49.77 53.06 22.52
CA THR B 1491 -49.49 54.45 22.89
C THR B 1491 -50.68 55.14 23.54
N GLU B 1492 -51.78 54.42 23.79
CA GLU B 1492 -52.94 54.99 24.43
C GLU B 1492 -53.87 53.87 24.85
N GLU B 1493 -54.41 53.96 26.07
CA GLU B 1493 -55.31 52.93 26.57
C GLU B 1493 -56.74 53.22 26.13
N SER B 1494 -57.46 52.16 25.80
CA SER B 1494 -58.84 52.26 25.33
C SER B 1494 -59.53 50.94 25.64
N ASP B 1495 -60.74 50.77 25.11
CA ASP B 1495 -61.46 49.51 25.29
C ASP B 1495 -60.78 48.37 24.56
N ALA B 1496 -59.99 48.66 23.53
CA ALA B 1496 -59.26 47.60 22.83
C ALA B 1496 -58.15 47.03 23.72
N LEU B 1497 -57.25 47.89 24.20
CA LEU B 1497 -56.20 47.43 25.10
C LEU B 1497 -56.77 46.85 26.38
N ALA B 1498 -57.88 47.41 26.88
CA ALA B 1498 -58.50 46.86 28.06
C ALA B 1498 -58.96 45.43 27.83
N LYS B 1499 -59.61 45.18 26.70
CA LYS B 1499 -60.04 43.82 26.37
C LYS B 1499 -58.83 42.92 26.14
N LEU B 1500 -57.76 43.46 25.54
CA LEU B 1500 -56.57 42.65 25.30
C LEU B 1500 -55.92 42.25 26.59
N ARG B 1501 -55.83 43.19 27.53
CA ARG B 1501 -55.24 42.92 28.83
C ARG B 1501 -56.08 41.92 29.61
N LYS B 1502 -57.40 42.08 29.60
CA LYS B 1502 -58.27 41.13 30.28
C LYS B 1502 -58.21 39.76 29.63
N THR B 1503 -57.98 39.70 28.32
CA THR B 1503 -57.87 38.41 27.65
C THR B 1503 -56.58 37.70 28.02
N ILE B 1504 -55.49 38.45 28.14
CA ILE B 1504 -54.21 37.89 28.60
C ILE B 1504 -54.38 37.29 29.99
N ILE B 1505 -55.06 38.01 30.88
CA ILE B 1505 -55.30 37.51 32.23
C ILE B 1505 -56.06 36.20 32.19
N ASN B 1506 -57.26 36.22 31.59
CA ASN B 1506 -58.09 35.03 31.49
C ASN B 1506 -57.35 33.87 30.84
N GLU B 1507 -56.82 34.09 29.63
CA GLU B 1507 -56.13 33.02 28.92
C GLU B 1507 -54.91 32.53 29.67
N SER B 1508 -54.35 33.34 30.57
CA SER B 1508 -53.27 32.85 31.43
C SER B 1508 -53.81 31.86 32.45
N LEU B 1509 -54.82 32.27 33.23
CA LEU B 1509 -55.31 31.46 34.33
C LEU B 1509 -55.80 30.09 33.87
N ASN B 1510 -56.39 30.02 32.69
CA ASN B 1510 -56.93 28.77 32.16
C ASN B 1510 -55.93 28.09 31.23
N PHE B 1511 -54.76 27.79 31.76
CA PHE B 1511 -53.71 27.20 30.91
C PHE B 1511 -53.91 25.70 30.75
N LYS B 1512 -53.80 24.95 31.84
CA LYS B 1512 -54.21 23.54 31.93
C LYS B 1512 -53.50 22.67 30.89
N ILE B 1513 -52.19 22.53 31.05
CA ILE B 1513 -51.47 21.51 30.28
C ILE B 1513 -51.85 20.14 30.84
N ARG B 1514 -52.66 19.39 30.09
CA ARG B 1514 -53.19 18.10 30.51
C ARG B 1514 -53.95 18.22 31.83
N ASP B 1515 -54.74 19.29 31.94
CA ASP B 1515 -55.55 19.60 33.13
C ASP B 1515 -54.65 19.75 34.37
N GLN B 1516 -53.80 20.77 34.33
CA GLN B 1516 -52.86 21.01 35.42
C GLN B 1516 -53.02 22.38 36.06
N LEU B 1517 -53.53 23.38 35.32
CA LEU B 1517 -53.73 24.73 35.85
C LEU B 1517 -52.42 25.32 36.37
N VAL B 1518 -51.52 25.59 35.42
CA VAL B 1518 -50.15 26.02 35.70
C VAL B 1518 -50.12 27.15 36.70
N VAL B 1519 -51.09 28.07 36.62
CA VAL B 1519 -51.05 29.29 37.40
C VAL B 1519 -51.27 29.07 38.88
N GLY B 1520 -51.77 27.90 39.28
CA GLY B 1520 -52.07 27.71 40.68
C GLY B 1520 -51.58 26.42 41.27
N GLN B 1521 -50.50 25.85 40.72
CA GLN B 1521 -50.02 24.60 41.25
C GLN B 1521 -49.32 24.83 42.59
N LEU B 1522 -48.98 23.73 43.25
CA LEU B 1522 -48.42 23.77 44.58
C LEU B 1522 -46.93 23.48 44.55
N ILE B 1523 -46.20 24.08 45.49
CA ILE B 1523 -44.76 23.94 45.59
C ILE B 1523 -44.38 23.91 47.05
N PRO B 1524 -43.22 23.33 47.38
CA PRO B 1524 -42.73 23.43 48.75
C PRO B 1524 -42.49 24.88 49.12
N ASP B 1525 -42.90 25.24 50.33
CA ASP B 1525 -42.81 26.62 50.77
C ASP B 1525 -41.39 27.13 50.74
N CYS B 1526 -40.41 26.26 50.91
CA CYS B 1526 -39.01 26.67 50.86
C CYS B 1526 -38.64 27.26 49.50
N TYR B 1527 -39.31 26.82 48.43
CA TYR B 1527 -39.01 27.36 47.11
C TYR B 1527 -39.38 28.84 47.04
N VAL B 1528 -40.58 29.19 47.49
CA VAL B 1528 -40.97 30.60 47.42
C VAL B 1528 -40.15 31.43 48.40
N GLU B 1529 -39.72 30.83 49.52
CA GLU B 1529 -38.82 31.55 50.41
C GLU B 1529 -37.49 31.82 49.74
N LEU B 1530 -36.96 30.83 49.03
CA LEU B 1530 -35.72 31.02 48.29
C LEU B 1530 -35.89 32.10 47.22
N GLU B 1531 -37.06 32.15 46.59
CA GLU B 1531 -37.30 33.16 45.57
C GLU B 1531 -37.31 34.56 46.17
N LYS B 1532 -37.90 34.71 47.36
CA LYS B 1532 -37.93 36.02 48.00
C LYS B 1532 -36.54 36.48 48.41
N ILE B 1533 -35.69 35.56 48.90
CA ILE B 1533 -34.35 35.98 49.27
C ILE B 1533 -33.52 36.29 48.04
N ILE B 1534 -33.80 35.63 46.91
CA ILE B 1534 -33.11 35.97 45.68
C ILE B 1534 -33.54 37.35 45.19
N LEU B 1535 -34.85 37.64 45.27
CA LEU B 1535 -35.36 38.95 44.86
C LEU B 1535 -34.74 40.06 45.71
N SER B 1536 -34.53 39.80 47.00
CA SER B 1536 -33.87 40.80 47.84
C SER B 1536 -32.40 40.92 47.48
N GLU B 1537 -31.76 39.80 47.12
CA GLU B 1537 -30.38 39.84 46.69
C GLU B 1537 -30.20 40.57 45.37
N ARG B 1538 -31.27 40.74 44.60
CA ARG B 1538 -31.20 41.52 43.37
C ARG B 1538 -30.80 42.96 43.64
N LYS B 1539 -31.19 43.50 44.78
CA LYS B 1539 -30.86 44.89 45.10
C LYS B 1539 -29.45 45.02 45.64
N ASN B 1540 -29.03 44.09 46.50
CA ASN B 1540 -27.72 44.16 47.16
C ASN B 1540 -26.71 43.33 46.38
N VAL B 1541 -26.28 43.87 45.25
CA VAL B 1541 -25.32 43.23 44.36
C VAL B 1541 -24.83 44.30 43.39
N PRO B 1542 -23.55 44.32 43.02
CA PRO B 1542 -23.06 45.36 42.11
C PRO B 1542 -23.83 45.39 40.80
N ILE B 1543 -24.16 46.61 40.36
CA ILE B 1543 -24.93 46.76 39.12
C ILE B 1543 -24.09 46.36 37.91
N GLU B 1544 -22.78 46.62 37.96
CA GLU B 1544 -21.91 46.27 36.83
C GLU B 1544 -21.79 44.77 36.65
N PHE B 1545 -22.04 43.98 37.70
CA PHE B 1545 -21.97 42.53 37.62
C PHE B 1545 -22.98 41.97 38.62
N PRO B 1546 -24.15 41.56 38.16
CA PRO B 1546 -25.18 41.06 39.08
C PRO B 1546 -25.01 39.60 39.44
N VAL B 1547 -24.03 38.92 38.87
CA VAL B 1547 -23.83 37.50 39.12
C VAL B 1547 -23.49 37.27 40.58
N ILE B 1548 -23.94 36.12 41.11
CA ILE B 1548 -23.71 35.73 42.49
C ILE B 1548 -22.95 34.41 42.46
N ASP B 1549 -22.23 34.14 43.55
CA ASP B 1549 -21.37 32.98 43.69
C ASP B 1549 -22.08 31.89 44.49
N ARG B 1550 -21.81 30.64 44.12
CA ARG B 1550 -22.39 29.50 44.83
C ARG B 1550 -22.11 29.56 46.33
N LYS B 1551 -20.90 30.00 46.70
CA LYS B 1551 -20.62 30.22 48.11
C LYS B 1551 -21.48 31.32 48.70
N ARG B 1552 -21.72 32.39 47.93
CA ARG B 1552 -22.58 33.47 48.40
C ARG B 1552 -24.02 32.98 48.56
N LEU B 1553 -24.48 32.11 47.67
CA LEU B 1553 -25.83 31.56 47.82
C LEU B 1553 -25.91 30.69 49.07
N LEU B 1554 -24.93 29.81 49.26
CA LEU B 1554 -24.89 28.98 50.47
C LEU B 1554 -24.84 29.84 51.71
N GLN B 1555 -24.06 30.92 51.68
CA GLN B 1555 -24.00 31.82 52.82
C GLN B 1555 -25.34 32.50 53.05
N LEU B 1556 -26.05 32.83 51.97
CA LEU B 1556 -27.34 33.51 52.09
C LEU B 1556 -28.42 32.58 52.62
N VAL B 1557 -28.50 31.35 52.09
CA VAL B 1557 -29.53 30.43 52.55
C VAL B 1557 -29.27 30.00 53.99
N ARG B 1558 -28.00 29.96 54.41
CA ARG B 1558 -27.70 29.63 55.79
C ARG B 1558 -27.93 30.81 56.72
N GLU B 1559 -27.61 32.03 56.27
CA GLU B 1559 -27.77 33.22 57.11
C GLU B 1559 -29.22 33.46 57.51
N ASN B 1560 -30.18 32.96 56.75
CA ASN B 1560 -31.57 33.01 57.15
C ASN B 1560 -32.07 31.61 57.44
N GLN B 1561 -33.34 31.51 57.82
CA GLN B 1561 -33.91 30.28 58.35
C GLN B 1561 -34.35 29.29 57.28
N LEU B 1562 -34.00 29.51 56.01
CA LEU B 1562 -34.39 28.59 54.94
C LEU B 1562 -33.83 27.20 55.20
N GLN B 1563 -34.72 26.23 55.43
CA GLN B 1563 -34.33 24.88 55.84
C GLN B 1563 -34.00 23.99 54.65
N LEU B 1564 -33.62 24.57 53.52
CA LEU B 1564 -33.28 23.79 52.34
C LEU B 1564 -31.92 23.14 52.50
N ASP B 1565 -31.89 21.80 52.44
CA ASP B 1565 -30.64 21.07 52.56
C ASP B 1565 -29.76 21.29 51.34
N GLU B 1566 -28.48 20.94 51.48
CA GLU B 1566 -27.55 21.11 50.36
C GLU B 1566 -27.94 20.23 49.18
N ASN B 1567 -28.40 19.01 49.45
CA ASN B 1567 -28.82 18.11 48.38
C ASN B 1567 -30.14 18.54 47.75
N GLU B 1568 -30.87 19.47 48.37
CA GLU B 1568 -32.13 19.95 47.82
C GLU B 1568 -31.95 21.15 46.91
N LEU B 1569 -30.87 21.91 47.08
CA LEU B 1569 -30.66 23.14 46.30
C LEU B 1569 -30.75 22.98 44.79
N PRO B 1570 -30.20 21.93 44.16
CA PRO B 1570 -30.34 21.83 42.70
C PRO B 1570 -31.78 21.86 42.21
N HIS B 1571 -32.67 21.10 42.85
CA HIS B 1571 -34.06 21.07 42.45
C HIS B 1571 -34.71 22.45 42.57
N ALA B 1572 -34.47 23.11 43.70
CA ALA B 1572 -35.06 24.42 43.93
C ALA B 1572 -34.55 25.44 42.93
N VAL B 1573 -33.25 25.52 42.77
CA VAL B 1573 -32.67 26.53 41.88
C VAL B 1573 -33.05 26.25 40.43
N HIS B 1574 -33.23 24.98 40.07
CA HIS B 1574 -33.68 24.66 38.72
C HIS B 1574 -35.13 25.05 38.52
N PHE B 1575 -35.95 24.91 39.56
CA PHE B 1575 -37.35 25.32 39.45
C PHE B 1575 -37.47 26.82 39.34
N LEU B 1576 -36.69 27.56 40.13
CA LEU B 1576 -36.66 29.01 40.00
C LEU B 1576 -36.12 29.41 38.64
N ASN B 1577 -35.23 28.60 38.08
CA ASN B 1577 -34.77 28.82 36.71
C ASN B 1577 -35.92 28.70 35.71
N GLU B 1578 -36.76 27.68 35.87
CA GLU B 1578 -37.88 27.46 34.96
C GLU B 1578 -38.88 28.60 35.02
N SER B 1579 -39.01 29.24 36.18
CA SER B 1579 -39.92 30.36 36.33
C SER B 1579 -39.33 31.70 35.91
N GLY B 1580 -38.08 31.72 35.47
CA GLY B 1580 -37.46 32.95 35.02
C GLY B 1580 -37.13 33.93 36.11
N VAL B 1581 -36.74 33.45 37.28
CA VAL B 1581 -36.31 34.31 38.36
C VAL B 1581 -34.81 34.54 38.22
N LEU B 1582 -34.05 33.45 38.27
CA LEU B 1582 -32.63 33.47 38.06
C LEU B 1582 -32.29 32.43 37.01
N LEU B 1583 -31.22 32.66 36.28
CA LEU B 1583 -30.74 31.69 35.31
C LEU B 1583 -29.50 31.00 35.86
N HIS B 1584 -29.37 29.71 35.58
CA HIS B 1584 -28.17 29.00 35.96
C HIS B 1584 -28.01 27.78 35.07
N PHE B 1585 -26.77 27.30 34.97
CA PHE B 1585 -26.43 26.18 34.09
C PHE B 1585 -25.61 25.18 34.91
N GLN B 1586 -26.30 24.19 35.46
CA GLN B 1586 -25.67 23.19 36.32
C GLN B 1586 -24.79 22.21 35.57
N ASP B 1587 -24.72 22.30 34.24
CA ASP B 1587 -23.91 21.39 33.46
C ASP B 1587 -22.43 21.53 33.83
N PRO B 1588 -21.72 20.44 34.13
CA PRO B 1588 -20.32 20.54 34.51
C PRO B 1588 -19.37 20.74 33.33
N ALA B 1589 -19.84 20.54 32.09
CA ALA B 1589 -19.03 20.84 30.93
C ALA B 1589 -18.61 22.30 30.89
N LEU B 1590 -19.42 23.17 31.47
CA LEU B 1590 -19.08 24.57 31.65
C LEU B 1590 -18.55 24.79 33.06
N GLN B 1591 -17.78 25.86 33.23
CA GLN B 1591 -17.29 26.27 34.54
C GLN B 1591 -18.17 27.33 35.20
N LEU B 1592 -19.45 27.33 34.88
CA LEU B 1592 -20.37 28.35 35.36
C LEU B 1592 -21.22 27.92 36.53
N SER B 1593 -21.24 26.62 36.87
CA SER B 1593 -22.13 26.12 37.90
C SER B 1593 -21.85 26.69 39.28
N ASP B 1594 -20.74 27.40 39.47
CA ASP B 1594 -20.48 28.14 40.69
C ASP B 1594 -21.07 29.55 40.66
N LEU B 1595 -21.50 30.01 39.49
CA LEU B 1595 -22.07 31.34 39.30
C LEU B 1595 -23.55 31.20 38.95
N TYR B 1596 -24.40 31.88 39.71
CA TYR B 1596 -25.85 31.79 39.53
C TYR B 1596 -26.36 33.14 39.06
N PHE B 1597 -26.68 33.24 37.77
CA PHE B 1597 -27.08 34.52 37.18
C PHE B 1597 -28.38 34.98 37.79
N VAL B 1598 -28.30 35.97 38.64
CA VAL B 1598 -29.47 36.69 39.11
C VAL B 1598 -29.68 37.87 38.18
N GLU B 1599 -30.93 38.37 38.11
CA GLU B 1599 -31.32 39.48 37.24
C GLU B 1599 -30.99 39.11 35.80
N PRO B 1600 -31.76 38.18 35.19
CA PRO B 1600 -31.34 37.61 33.91
C PRO B 1600 -31.34 38.59 32.76
N LYS B 1601 -32.13 39.67 32.82
CA LYS B 1601 -32.16 40.60 31.70
C LYS B 1601 -30.79 41.17 31.40
N TRP B 1602 -29.95 41.31 32.42
CA TRP B 1602 -28.60 41.79 32.18
C TRP B 1602 -27.77 40.78 31.41
N LEU B 1603 -27.87 39.49 31.76
CA LEU B 1603 -27.13 38.45 31.05
C LEU B 1603 -27.50 38.43 29.58
N CYS B 1604 -28.80 38.45 29.29
CA CYS B 1604 -29.27 38.34 27.92
C CYS B 1604 -28.85 39.54 27.10
N LYS B 1605 -28.98 40.74 27.66
CA LYS B 1605 -28.55 41.95 26.96
C LYS B 1605 -27.06 41.94 26.68
N ILE B 1606 -26.26 41.59 27.69
CA ILE B 1606 -24.80 41.60 27.57
C ILE B 1606 -24.34 40.58 26.51
N MET B 1607 -24.94 39.39 26.52
CA MET B 1607 -24.55 38.38 25.54
C MET B 1607 -24.90 38.79 24.12
N ALA B 1608 -26.03 39.44 23.93
CA ALA B 1608 -26.40 39.91 22.60
C ALA B 1608 -25.71 41.21 22.22
N GLN B 1609 -24.85 41.75 23.10
CA GLN B 1609 -24.17 43.00 22.79
C GLN B 1609 -23.24 42.85 21.59
N ILE B 1610 -22.54 41.72 21.48
CA ILE B 1610 -21.49 41.61 20.46
C ILE B 1610 -22.08 41.36 19.08
N LEU B 1611 -23.35 40.96 19.00
CA LEU B 1611 -23.92 40.71 17.69
C LEU B 1611 -24.27 41.99 16.95
N THR B 1612 -24.19 43.15 17.61
CA THR B 1612 -24.34 44.42 16.92
C THR B 1612 -22.99 45.08 16.62
N VAL B 1613 -21.91 44.62 17.23
CA VAL B 1613 -20.60 45.18 16.98
C VAL B 1613 -19.84 44.30 16.00
N PRO B 1642 -14.52 42.72 34.29
CA PRO B 1642 -14.34 41.38 34.88
C PRO B 1642 -13.29 40.55 34.14
N LYS B 1643 -12.02 40.92 34.26
CA LYS B 1643 -10.93 40.21 33.61
C LYS B 1643 -10.72 38.80 34.16
N ASN B 1644 -11.47 38.38 35.17
CA ASN B 1644 -11.33 37.04 35.71
C ASN B 1644 -12.11 36.03 34.87
N TYR B 1645 -13.34 36.39 34.48
CA TYR B 1645 -14.26 35.46 33.85
C TYR B 1645 -14.19 35.47 32.33
N MET B 1646 -13.04 35.85 31.75
CA MET B 1646 -12.90 35.86 30.30
C MET B 1646 -13.14 34.48 29.71
N THR B 1647 -12.54 33.44 30.33
CA THR B 1647 -12.71 32.09 29.80
C THR B 1647 -14.14 31.60 29.95
N GLN B 1648 -14.76 31.85 31.11
CA GLN B 1648 -16.17 31.53 31.29
C GLN B 1648 -17.05 32.32 30.34
N TYR B 1649 -16.69 33.58 30.07
CA TYR B 1649 -17.39 34.40 29.10
C TYR B 1649 -17.44 33.70 27.75
N PHE B 1650 -16.28 33.20 27.29
CA PHE B 1650 -16.22 32.53 26.00
C PHE B 1650 -16.97 31.21 26.01
N LYS B 1651 -16.92 30.48 27.13
CA LYS B 1651 -17.61 29.21 27.22
C LYS B 1651 -19.11 29.39 27.06
N LEU B 1652 -19.69 30.33 27.81
CA LEU B 1652 -21.12 30.58 27.70
C LEU B 1652 -21.47 31.34 26.43
N LEU B 1653 -20.49 32.03 25.83
CA LEU B 1653 -20.70 32.59 24.50
C LEU B 1653 -20.91 31.49 23.48
N GLU B 1654 -20.12 30.42 23.57
CA GLU B 1654 -20.38 29.26 22.73
C GLU B 1654 -21.67 28.56 23.11
N LYS B 1655 -22.03 28.57 24.40
CA LYS B 1655 -23.27 27.93 24.84
C LYS B 1655 -24.50 28.65 24.30
N PHE B 1656 -24.38 29.96 24.04
CA PHE B 1656 -25.46 30.70 23.40
C PHE B 1656 -25.36 30.66 21.88
N GLN B 1657 -24.38 29.93 21.33
CA GLN B 1657 -24.08 29.87 19.91
C GLN B 1657 -23.72 31.24 19.34
N ILE B 1658 -22.69 31.83 19.93
CA ILE B 1658 -22.11 33.09 19.44
C ILE B 1658 -20.67 32.91 18.99
N ALA B 1659 -20.04 31.79 19.29
CA ALA B 1659 -18.67 31.55 18.87
C ALA B 1659 -18.42 30.06 18.71
N LEU B 1668 -15.04 32.56 15.33
CA LEU B 1668 -16.05 32.16 14.34
C LEU B 1668 -17.44 32.48 14.85
N VAL B 1669 -18.06 33.48 14.23
CA VAL B 1669 -19.42 33.89 14.59
C VAL B 1669 -20.38 33.16 13.65
N PRO B 1670 -21.15 32.19 14.12
CA PRO B 1670 -22.04 31.44 13.22
C PRO B 1670 -23.04 32.30 12.49
N SER B 1671 -23.42 33.44 13.02
CA SER B 1671 -24.23 34.38 12.26
C SER B 1671 -23.30 35.30 11.47
N SER B 1672 -23.87 35.95 10.45
CA SER B 1672 -23.11 36.76 9.51
C SER B 1672 -22.03 35.93 8.82
N LEU B 1673 -22.50 34.94 8.06
CA LEU B 1673 -21.62 34.05 7.31
C LEU B 1673 -21.95 34.12 5.82
N SER B 1674 -22.32 35.31 5.37
CA SER B 1674 -22.38 35.72 3.97
C SER B 1674 -23.53 35.12 3.19
N ASP B 1675 -24.22 34.13 3.74
CA ASP B 1675 -25.54 33.70 3.26
C ASP B 1675 -25.54 33.23 1.79
N HIS B 1676 -24.38 33.23 1.14
CA HIS B 1676 -24.27 32.98 -0.29
C HIS B 1676 -23.51 31.70 -0.51
N ARG B 1677 -24.19 30.72 -1.09
CA ARG B 1677 -23.54 29.46 -1.44
C ARG B 1677 -22.38 29.73 -2.38
N PRO B 1678 -21.18 29.28 -2.07
CA PRO B 1678 -20.09 29.39 -3.05
C PRO B 1678 -20.15 28.21 -4.00
N VAL B 1679 -19.86 28.50 -5.27
CA VAL B 1679 -19.92 27.47 -6.30
C VAL B 1679 -19.04 26.31 -5.91
N ILE B 1680 -19.56 25.09 -5.99
CA ILE B 1680 -18.82 23.90 -5.61
C ILE B 1680 -19.02 22.85 -6.68
N GLU B 1681 -17.97 22.54 -7.43
CA GLU B 1681 -18.02 21.51 -8.46
C GLU B 1681 -17.48 20.23 -7.82
N LEU B 1682 -18.38 19.37 -7.40
CA LEU B 1682 -18.00 18.14 -6.74
C LEU B 1682 -17.24 17.24 -7.71
N PRO B 1683 -16.36 16.37 -7.19
CA PRO B 1683 -15.64 15.47 -8.10
C PRO B 1683 -16.54 14.48 -8.80
N HIS B 1684 -17.62 14.04 -8.14
CA HIS B 1684 -18.43 12.93 -8.62
C HIS B 1684 -19.84 13.39 -8.97
N CYS B 1685 -20.12 13.40 -10.27
CA CYS B 1685 -21.46 13.44 -10.81
C CYS B 1685 -21.90 11.98 -10.92
N GLU B 1686 -22.91 11.66 -11.73
CA GLU B 1686 -23.32 10.27 -11.93
C GLU B 1686 -24.16 9.79 -10.77
N ASN B 1687 -25.38 9.35 -11.03
CA ASN B 1687 -26.32 9.04 -9.96
C ASN B 1687 -25.90 7.79 -9.19
N SER B 1688 -24.91 7.06 -9.68
CA SER B 1688 -24.52 5.80 -9.08
C SER B 1688 -23.24 5.94 -8.29
N GLU B 1689 -22.87 7.18 -7.94
CA GLU B 1689 -21.62 7.44 -7.26
C GLU B 1689 -21.81 8.41 -6.11
N ILE B 1690 -23.04 8.82 -5.82
CA ILE B 1690 -23.36 9.72 -4.72
C ILE B 1690 -24.63 9.23 -4.06
N ILE B 1691 -24.80 9.60 -2.81
CA ILE B 1691 -25.98 9.24 -2.03
C ILE B 1691 -26.60 10.53 -1.52
N ILE B 1692 -27.87 10.75 -1.85
CA ILE B 1692 -28.56 11.97 -1.47
C ILE B 1692 -29.60 11.62 -0.41
N ARG B 1693 -29.81 12.53 0.53
CA ARG B 1693 -30.93 12.45 1.45
C ARG B 1693 -31.43 13.85 1.70
N LEU B 1694 -32.73 14.05 1.61
CA LEU B 1694 -33.34 15.34 1.89
C LEU B 1694 -33.94 15.36 3.28
N TYR B 1695 -34.38 16.55 3.68
CA TYR B 1695 -35.04 16.74 4.97
C TYR B 1695 -35.99 17.91 4.74
N GLU B 1696 -37.27 17.64 4.63
CA GLU B 1696 -38.22 18.68 4.25
C GLU B 1696 -38.89 19.24 5.49
N MET B 1697 -39.06 20.56 5.53
CA MET B 1697 -39.75 21.21 6.62
C MET B 1697 -40.23 22.56 6.11
N PRO B 1698 -41.32 23.11 6.67
CA PRO B 1698 -41.84 24.37 6.14
C PRO B 1698 -40.87 25.54 6.25
N TYR B 1699 -40.16 25.64 7.37
CA TYR B 1699 -39.08 26.60 7.49
C TYR B 1699 -38.00 25.98 8.34
N PHE B 1700 -36.81 26.49 8.23
CA PHE B 1700 -35.78 26.12 9.18
C PHE B 1700 -36.08 26.79 10.51
N PRO B 1701 -36.03 26.07 11.63
CA PRO B 1701 -36.20 26.72 12.94
C PRO B 1701 -35.15 27.80 13.14
N MET B 1702 -35.36 28.60 14.18
CA MET B 1702 -34.62 29.85 14.34
C MET B 1702 -33.12 29.62 14.36
N GLY B 1703 -32.64 28.90 15.37
CA GLY B 1703 -31.21 28.73 15.47
C GLY B 1703 -30.76 27.39 14.93
N PHE B 1704 -31.48 26.85 13.96
CA PHE B 1704 -31.24 25.48 13.50
C PHE B 1704 -29.83 25.32 12.97
N TRP B 1705 -29.48 26.11 11.95
CA TRP B 1705 -28.23 25.89 11.25
C TRP B 1705 -27.02 26.16 12.14
N SER B 1706 -27.14 27.09 13.07
CA SER B 1706 -26.05 27.36 14.00
C SER B 1706 -25.74 26.16 14.87
N ARG B 1707 -26.76 25.61 15.54
CA ARG B 1707 -26.54 24.43 16.38
C ARG B 1707 -26.05 23.26 15.56
N LEU B 1708 -26.54 23.12 14.32
CA LEU B 1708 -26.12 22.00 13.48
C LEU B 1708 -24.66 22.12 13.09
N ILE B 1709 -24.25 23.29 12.58
CA ILE B 1709 -22.85 23.52 12.23
C ILE B 1709 -21.94 23.25 13.42
N ASN B 1710 -22.33 23.76 14.59
CA ASN B 1710 -21.55 23.52 15.80
C ASN B 1710 -21.46 22.05 16.12
N ARG B 1711 -22.55 21.31 15.88
CA ARG B 1711 -22.58 19.89 16.22
C ARG B 1711 -21.73 19.08 15.25
N LEU B 1712 -21.74 19.47 13.98
CA LEU B 1712 -21.00 18.76 12.94
C LEU B 1712 -19.54 19.17 12.86
N LEU B 1713 -19.07 19.98 13.80
CA LEU B 1713 -17.73 20.55 13.70
C LEU B 1713 -16.70 19.47 13.93
N GLU B 1714 -16.26 18.79 12.87
CA GLU B 1714 -15.21 17.77 12.90
C GLU B 1714 -15.53 16.60 13.81
N ILE B 1715 -16.75 16.54 14.35
CA ILE B 1715 -17.20 15.44 15.19
C ILE B 1715 -17.75 14.30 14.36
N SER B 1716 -17.60 14.37 13.04
CA SER B 1716 -18.03 13.30 12.14
C SER B 1716 -16.88 12.95 11.21
N PRO B 1717 -15.90 12.19 11.70
CA PRO B 1717 -14.78 11.78 10.84
C PRO B 1717 -15.04 10.47 10.14
N TYR B 1718 -14.56 10.38 8.90
CA TYR B 1718 -14.66 9.14 8.13
C TYR B 1718 -13.98 7.99 8.86
N MET B 1719 -12.74 8.21 9.31
CA MET B 1719 -12.02 7.22 10.08
C MET B 1719 -12.34 7.39 11.56
N LEU B 1720 -11.82 6.48 12.39
CA LEU B 1720 -12.04 6.52 13.82
C LEU B 1720 -10.84 7.13 14.54
N ALA B 1726 -7.16 12.24 14.41
CA ALA B 1726 -6.63 11.66 13.19
C ALA B 1726 -6.31 12.74 12.16
N LEU B 1727 -7.09 12.77 11.08
CA LEU B 1727 -6.91 13.74 10.02
C LEU B 1727 -7.94 14.85 10.14
N ARG B 1728 -7.50 16.06 10.03
CA ARG B 1728 -8.42 17.19 9.98
C ARG B 1728 -8.85 17.43 8.54
N PRO B 1729 -10.13 17.57 8.27
CA PRO B 1729 -10.57 17.80 6.89
C PRO B 1729 -10.70 19.27 6.55
N ASN B 1730 -10.68 19.54 5.26
CA ASN B 1730 -10.98 20.86 4.75
C ASN B 1730 -12.43 21.19 5.05
N ARG B 1731 -12.71 22.45 5.36
CA ARG B 1731 -14.06 22.86 5.73
C ARG B 1731 -14.36 24.22 5.13
N MET B 1732 -15.54 24.37 4.54
CA MET B 1732 -15.96 25.61 3.88
C MET B 1732 -17.35 25.99 4.38
N TYR B 1733 -17.42 26.69 5.50
CA TYR B 1733 -18.69 27.08 6.06
C TYR B 1733 -19.31 28.27 5.35
N TRP B 1734 -20.63 28.28 5.32
CA TRP B 1734 -21.40 29.50 5.12
C TRP B 1734 -22.58 29.41 6.08
N ARG B 1735 -23.56 30.30 5.93
CA ARG B 1735 -24.62 30.38 6.91
C ARG B 1735 -25.52 29.15 6.92
N GLN B 1736 -25.52 28.37 5.84
CA GLN B 1736 -26.42 27.24 5.69
C GLN B 1736 -25.70 26.04 5.07
N GLY B 1737 -24.52 25.70 5.55
CA GLY B 1737 -23.84 24.54 5.03
C GLY B 1737 -22.51 24.36 5.71
N ILE B 1738 -21.93 23.17 5.50
CA ILE B 1738 -20.62 22.89 6.10
C ILE B 1738 -19.56 22.41 5.11
N TYR B 1739 -19.83 21.33 4.39
CA TYR B 1739 -18.92 20.74 3.41
C TYR B 1739 -17.57 20.38 4.02
N LEU B 1740 -17.57 19.38 4.89
CA LEU B 1740 -16.31 18.74 5.21
C LEU B 1740 -15.82 17.96 4.00
N ASN B 1741 -14.50 17.95 3.80
CA ASN B 1741 -13.95 17.32 2.60
C ASN B 1741 -12.57 16.77 2.92
N TRP B 1742 -12.48 15.45 3.07
CA TRP B 1742 -11.19 14.82 3.22
C TRP B 1742 -10.52 14.60 1.87
N SER B 1743 -11.13 13.77 1.02
CA SER B 1743 -10.51 13.28 -0.21
C SER B 1743 -11.57 13.31 -1.31
N PRO B 1744 -11.23 13.05 -2.58
CA PRO B 1744 -12.29 13.02 -3.61
C PRO B 1744 -13.27 11.87 -3.45
N GLU B 1745 -13.07 10.99 -2.48
CA GLU B 1745 -14.00 9.90 -2.22
C GLU B 1745 -14.44 9.85 -0.77
N ALA B 1746 -14.13 10.87 0.02
CA ALA B 1746 -14.46 10.87 1.45
C ALA B 1746 -14.93 12.25 1.88
N TYR B 1747 -15.83 12.84 1.10
CA TYR B 1747 -16.35 14.17 1.42
C TYR B 1747 -17.76 14.06 1.98
N CYS B 1748 -18.31 15.20 2.39
CA CYS B 1748 -19.68 15.25 2.89
C CYS B 1748 -20.14 16.70 2.87
N LEU B 1749 -21.22 16.97 2.15
CA LEU B 1749 -21.73 18.33 2.01
C LEU B 1749 -23.16 18.35 2.51
N VAL B 1750 -23.37 18.98 3.63
CA VAL B 1750 -24.70 19.28 4.11
C VAL B 1750 -24.99 20.72 3.77
N GLY B 1751 -26.25 21.04 3.49
CA GLY B 1751 -26.56 22.41 3.13
C GLY B 1751 -27.92 22.59 2.51
N SER B 1752 -28.59 23.68 2.84
CA SER B 1752 -29.93 23.95 2.33
C SER B 1752 -29.93 24.00 0.82
N GLU B 1753 -30.94 23.38 0.21
CA GLU B 1753 -31.10 23.41 -1.23
C GLU B 1753 -32.56 23.66 -1.55
N VAL B 1754 -32.83 24.68 -2.35
CA VAL B 1754 -34.19 25.10 -2.65
C VAL B 1754 -34.59 24.51 -4.00
N LEU B 1755 -35.83 24.06 -4.09
CA LEU B 1755 -36.37 23.43 -5.28
C LEU B 1755 -37.43 24.33 -5.90
N ASP B 1756 -37.73 24.10 -7.17
CA ASP B 1756 -38.73 24.89 -7.86
C ASP B 1756 -40.12 24.40 -7.52
N ASN B 1757 -41.07 25.35 -7.47
CA ASN B 1757 -42.49 25.07 -7.18
C ASN B 1757 -42.67 24.35 -5.86
N HIS B 1758 -41.88 24.74 -4.86
CA HIS B 1758 -41.95 24.14 -3.53
C HIS B 1758 -41.57 25.20 -2.51
N PRO B 1759 -42.55 25.77 -1.81
CA PRO B 1759 -42.22 26.79 -0.80
C PRO B 1759 -41.54 26.23 0.44
N GLU B 1760 -41.51 24.91 0.61
CA GLU B 1760 -40.88 24.30 1.77
C GLU B 1760 -39.37 24.50 1.70
N SER B 1761 -38.68 24.08 2.75
CA SER B 1761 -37.24 24.19 2.84
C SER B 1761 -36.65 22.79 2.93
N PHE B 1762 -35.43 22.62 2.42
CA PHE B 1762 -34.82 21.31 2.34
C PHE B 1762 -33.39 21.35 2.86
N LEU B 1763 -32.88 20.17 3.20
CA LEU B 1763 -31.58 20.01 3.82
C LEU B 1763 -30.79 18.91 3.14
N LYS B 1764 -30.70 18.98 1.81
CA LYS B 1764 -30.04 17.96 1.01
C LYS B 1764 -28.64 17.64 1.54
N ILE B 1765 -28.34 16.36 1.65
CA ILE B 1765 -27.04 15.87 2.12
C ILE B 1765 -26.43 15.03 1.02
N THR B 1766 -25.24 15.38 0.58
CA THR B 1766 -24.58 14.64 -0.48
C THR B 1766 -23.35 13.99 0.10
N VAL B 1767 -23.02 12.79 -0.38
CA VAL B 1767 -22.05 11.87 0.19
C VAL B 1767 -21.65 10.85 -0.86
N PRO B 1768 -20.37 10.45 -0.96
CA PRO B 1768 -20.00 9.46 -1.98
C PRO B 1768 -20.49 8.06 -1.60
N SER B 1769 -20.59 7.22 -2.62
CA SER B 1769 -21.17 5.89 -2.45
C SER B 1769 -20.23 4.88 -1.82
N CYS B 1770 -18.99 5.25 -1.55
CA CYS B 1770 -18.02 4.28 -1.05
C CYS B 1770 -18.28 3.95 0.42
N ARG B 1771 -17.38 3.17 1.01
CA ARG B 1771 -17.54 2.77 2.41
C ARG B 1771 -17.47 3.98 3.33
N LYS B 1772 -16.41 4.79 3.19
CA LYS B 1772 -16.24 5.98 4.02
C LYS B 1772 -17.44 6.91 3.87
N GLY B 1773 -18.00 7.00 2.67
CA GLY B 1773 -19.22 7.77 2.48
C GLY B 1773 -20.36 7.27 3.32
N CYS B 1774 -20.58 5.96 3.31
CA CYS B 1774 -21.66 5.36 4.10
C CYS B 1774 -21.48 5.67 5.58
N ILE B 1775 -20.25 5.62 6.07
CA ILE B 1775 -19.99 5.96 7.47
C ILE B 1775 -20.40 7.40 7.75
N LEU B 1776 -19.99 8.33 6.89
CA LEU B 1776 -20.31 9.74 7.07
C LEU B 1776 -21.81 9.98 7.09
N LEU B 1777 -22.54 9.35 6.16
CA LEU B 1777 -23.98 9.55 6.11
C LEU B 1777 -24.65 9.07 7.38
N GLY B 1778 -24.18 7.95 7.93
CA GLY B 1778 -24.71 7.49 9.20
C GLY B 1778 -24.55 8.50 10.32
N GLN B 1779 -23.32 9.02 10.48
CA GLN B 1779 -23.06 9.98 11.56
C GLN B 1779 -23.89 11.23 11.39
N VAL B 1780 -23.98 11.75 10.18
CA VAL B 1780 -24.68 13.01 9.93
C VAL B 1780 -26.16 12.86 10.22
N VAL B 1781 -26.78 11.77 9.76
CA VAL B 1781 -28.21 11.56 9.98
C VAL B 1781 -28.50 11.42 11.46
N ASP B 1782 -27.63 10.74 12.20
CA ASP B 1782 -27.83 10.59 13.64
C ASP B 1782 -27.73 11.92 14.36
N HIS B 1783 -26.77 12.76 13.96
CA HIS B 1783 -26.61 14.07 14.59
C HIS B 1783 -27.83 14.95 14.35
N ILE B 1784 -28.33 14.99 13.11
CA ILE B 1784 -29.49 15.81 12.80
C ILE B 1784 -30.71 15.32 13.57
N ASP B 1785 -30.96 14.01 13.52
CA ASP B 1785 -32.10 13.43 14.22
C ASP B 1785 -32.04 13.70 15.71
N SER B 1786 -30.85 13.62 16.30
CA SER B 1786 -30.69 13.90 17.72
C SER B 1786 -31.03 15.36 18.03
N LEU B 1787 -30.51 16.28 17.22
CA LEU B 1787 -30.79 17.70 17.41
C LEU B 1787 -32.28 18.00 17.35
N MET B 1788 -32.98 17.41 16.39
CA MET B 1788 -34.43 17.65 16.28
C MET B 1788 -35.14 17.16 17.53
N GLU B 1789 -34.81 15.95 17.99
CA GLU B 1789 -35.48 15.41 19.16
C GLU B 1789 -35.13 16.17 20.43
N GLU B 1790 -33.98 16.85 20.46
CA GLU B 1790 -33.56 17.53 21.68
C GLU B 1790 -34.07 18.96 21.76
N TRP B 1791 -34.08 19.70 20.65
CA TRP B 1791 -34.40 21.11 20.66
C TRP B 1791 -35.76 21.44 20.08
N PHE B 1792 -36.15 20.81 18.97
CA PHE B 1792 -37.39 21.12 18.26
C PHE B 1792 -38.28 19.89 18.25
N PRO B 1793 -38.87 19.51 19.40
CA PRO B 1793 -39.70 18.30 19.42
C PRO B 1793 -40.97 18.44 18.61
N GLY B 1794 -41.54 19.63 18.52
CA GLY B 1794 -42.76 19.85 17.77
C GLY B 1794 -42.65 19.54 16.29
N LEU B 1795 -41.44 19.45 15.77
CA LEU B 1795 -41.24 19.07 14.39
C LEU B 1795 -41.33 17.56 14.17
N LEU B 1796 -41.50 16.78 15.24
CA LEU B 1796 -41.64 15.34 15.11
C LEU B 1796 -42.95 14.81 15.66
N GLU B 1797 -43.78 15.68 16.24
CA GLU B 1797 -45.02 15.24 16.88
C GLU B 1797 -46.03 14.78 15.82
N ILE B 1798 -46.48 13.54 15.94
CA ILE B 1798 -47.45 12.98 15.00
C ILE B 1798 -48.85 13.37 15.43
N ASP B 1799 -49.67 13.75 14.45
CA ASP B 1799 -51.03 14.19 14.74
C ASP B 1799 -52.01 13.03 14.75
N GLY B 1804 -51.28 12.79 8.74
CA GLY B 1804 -50.20 13.24 9.60
C GLY B 1804 -48.93 13.57 8.84
N GLU B 1805 -48.87 14.81 8.34
CA GLU B 1805 -47.71 15.26 7.57
C GLU B 1805 -46.43 15.26 8.38
N THR B 1806 -46.51 15.34 9.72
CA THR B 1806 -45.42 15.25 10.68
C THR B 1806 -44.46 16.42 10.59
N LEU B 1807 -44.66 17.35 9.66
CA LEU B 1807 -43.90 18.59 9.51
C LEU B 1807 -42.44 18.36 9.18
N LEU B 1808 -42.01 17.10 9.06
CA LEU B 1808 -40.62 16.80 8.75
C LEU B 1808 -40.62 15.45 8.05
N LYS B 1809 -40.46 15.46 6.74
CA LYS B 1809 -40.51 14.25 5.94
C LYS B 1809 -39.13 13.99 5.34
N LYS B 1810 -38.47 12.95 5.84
CA LYS B 1810 -37.12 12.62 5.37
C LYS B 1810 -37.22 11.80 4.09
N TRP B 1811 -36.70 12.33 3.00
CA TRP B 1811 -36.72 11.61 1.74
C TRP B 1811 -35.41 10.87 1.52
N ALA B 1812 -35.42 9.95 0.56
CA ALA B 1812 -34.21 9.28 0.12
C ALA B 1812 -34.25 9.18 -1.39
N LEU B 1813 -33.26 9.76 -2.06
CA LEU B 1813 -33.27 9.88 -3.51
C LEU B 1813 -32.59 8.68 -4.15
N TYR B 1814 -33.37 7.85 -4.83
CA TYR B 1814 -32.85 6.74 -5.60
C TYR B 1814 -33.13 6.96 -7.08
N SER B 1815 -32.34 6.31 -7.92
CA SER B 1815 -32.44 6.50 -9.37
C SER B 1815 -32.39 5.15 -10.05
N PHE B 1816 -33.56 4.58 -10.36
CA PHE B 1816 -33.67 3.37 -11.16
C PHE B 1816 -33.10 3.54 -12.56
N ASN B 1817 -32.73 4.75 -12.96
CA ASN B 1817 -32.48 5.13 -14.33
C ASN B 1817 -31.08 4.75 -14.80
N ASP B 1818 -30.47 3.77 -14.15
CA ASP B 1818 -29.17 3.18 -14.50
C ASP B 1818 -28.01 4.11 -14.20
N GLY B 1819 -28.24 5.22 -13.50
CA GLY B 1819 -27.19 6.18 -13.24
C GLY B 1819 -26.90 7.15 -14.36
N GLU B 1820 -26.99 6.67 -15.60
CA GLU B 1820 -26.84 7.55 -16.75
C GLU B 1820 -27.94 8.60 -16.77
N GLU B 1821 -29.19 8.16 -16.89
CA GLU B 1821 -30.31 9.08 -16.86
C GLU B 1821 -30.48 9.67 -15.46
N HIS B 1822 -31.48 10.51 -15.29
CA HIS B 1822 -31.52 11.42 -14.15
C HIS B 1822 -32.95 11.47 -13.62
N GLN B 1823 -33.22 12.51 -12.82
CA GLN B 1823 -34.47 12.70 -12.09
C GLN B 1823 -34.70 11.55 -11.11
N LYS B 1824 -33.79 11.53 -10.13
CA LYS B 1824 -33.82 10.57 -9.03
C LYS B 1824 -35.20 10.50 -8.38
N ILE B 1825 -35.82 9.32 -8.46
CA ILE B 1825 -37.12 9.12 -7.84
C ILE B 1825 -36.98 9.21 -6.32
N LEU B 1826 -37.85 9.98 -5.69
CA LEU B 1826 -37.74 10.24 -4.26
C LEU B 1826 -38.76 9.41 -3.50
N LEU B 1827 -38.30 8.70 -2.48
CA LEU B 1827 -39.12 7.77 -1.72
C LEU B 1827 -39.03 8.11 -0.25
N ASP B 1828 -40.19 8.35 0.38
CA ASP B 1828 -40.25 8.65 1.80
C ASP B 1828 -39.52 7.57 2.58
N ASP B 1829 -38.81 7.97 3.63
CA ASP B 1829 -37.91 7.06 4.32
C ASP B 1829 -38.69 5.99 5.08
N LEU B 1830 -39.82 6.36 5.68
CA LEU B 1830 -40.60 5.38 6.45
C LEU B 1830 -41.11 4.27 5.55
N MET B 1831 -41.51 4.60 4.32
CA MET B 1831 -41.94 3.57 3.38
C MET B 1831 -40.82 2.60 3.09
N LYS B 1832 -39.59 3.10 2.95
CA LYS B 1832 -38.45 2.25 2.72
C LYS B 1832 -38.11 1.42 3.95
N LYS B 1833 -38.28 2.00 5.14
CA LYS B 1833 -38.12 1.23 6.37
C LYS B 1833 -39.07 0.05 6.40
N ALA B 1834 -40.33 0.26 6.01
CA ALA B 1834 -41.28 -0.84 5.88
C ALA B 1834 -40.91 -1.78 4.74
N GLU B 1835 -40.03 -1.37 3.83
CA GLU B 1835 -39.52 -2.23 2.78
C GLU B 1835 -38.24 -2.94 3.18
N GLU B 1836 -38.03 -3.17 4.48
CA GLU B 1836 -36.89 -3.92 4.96
C GLU B 1836 -37.08 -5.42 4.87
N GLY B 1837 -38.32 -5.89 4.65
CA GLY B 1837 -38.57 -7.31 4.47
C GLY B 1837 -37.66 -7.95 3.44
N ASP B 1838 -37.44 -7.25 2.33
CA ASP B 1838 -36.47 -7.67 1.33
C ASP B 1838 -35.20 -6.84 1.48
N LEU B 1839 -34.25 -7.03 0.57
CA LEU B 1839 -33.04 -6.22 0.54
C LEU B 1839 -32.88 -5.48 -0.78
N LEU B 1840 -33.97 -5.25 -1.51
CA LEU B 1840 -33.93 -4.55 -2.78
C LEU B 1840 -35.20 -3.74 -2.94
N VAL B 1841 -35.13 -2.73 -3.80
CA VAL B 1841 -36.30 -1.98 -4.26
C VAL B 1841 -36.49 -2.27 -5.74
N ASN B 1842 -37.74 -2.40 -6.17
CA ASN B 1842 -38.04 -2.84 -7.53
C ASN B 1842 -39.20 -2.05 -8.11
N PRO B 1843 -39.09 -1.58 -9.36
CA PRO B 1843 -40.16 -0.77 -9.96
C PRO B 1843 -41.28 -1.61 -10.53
N ASP B 1844 -42.20 -0.96 -11.24
CA ASP B 1844 -43.26 -1.67 -11.96
C ASP B 1844 -42.68 -2.69 -12.94
N GLN B 1845 -41.56 -2.37 -13.58
CA GLN B 1845 -40.85 -3.33 -14.43
C GLN B 1845 -39.74 -3.98 -13.62
N PRO B 1846 -39.97 -5.18 -13.05
CA PRO B 1846 -39.04 -5.71 -12.05
C PRO B 1846 -37.70 -6.18 -12.59
N ARG B 1847 -37.42 -5.94 -13.88
CA ARG B 1847 -36.10 -6.23 -14.39
C ARG B 1847 -35.04 -5.33 -13.76
N LEU B 1848 -35.45 -4.14 -13.31
CA LEU B 1848 -34.56 -3.21 -12.63
C LEU B 1848 -34.63 -3.45 -11.13
N THR B 1849 -33.52 -3.19 -10.45
CA THR B 1849 -33.48 -3.32 -9.00
C THR B 1849 -32.33 -2.50 -8.47
N ILE B 1850 -32.46 -2.11 -7.19
CA ILE B 1850 -31.42 -1.37 -6.50
C ILE B 1850 -31.32 -1.90 -5.08
N PRO B 1851 -30.13 -2.20 -4.57
CA PRO B 1851 -30.02 -2.61 -3.17
C PRO B 1851 -30.24 -1.43 -2.25
N ILE B 1852 -30.96 -1.67 -1.15
CA ILE B 1852 -31.28 -0.60 -0.21
C ILE B 1852 -30.04 -0.08 0.48
N SER B 1853 -28.91 -0.77 0.36
CA SER B 1853 -27.66 -0.27 0.90
C SER B 1853 -27.23 1.00 0.18
N GLN B 1854 -27.25 0.98 -1.15
CA GLN B 1854 -26.82 2.11 -1.96
C GLN B 1854 -27.87 3.20 -2.06
N ILE B 1855 -28.93 3.14 -1.26
CA ILE B 1855 -29.93 4.19 -1.15
C ILE B 1855 -29.96 4.79 0.25
N ALA B 1856 -30.00 3.94 1.26
CA ALA B 1856 -30.13 4.38 2.65
C ALA B 1856 -29.34 3.44 3.54
N PRO B 1857 -28.02 3.56 3.53
CA PRO B 1857 -27.18 2.61 4.28
C PRO B 1857 -27.22 2.83 5.79
N ASP B 1858 -28.06 3.74 6.27
CA ASP B 1858 -28.26 3.80 7.71
C ASP B 1858 -29.35 2.84 8.18
N LEU B 1859 -30.25 2.42 7.30
CA LEU B 1859 -31.25 1.43 7.67
C LEU B 1859 -30.65 0.03 7.65
N ILE B 1860 -30.24 -0.46 6.48
CA ILE B 1860 -29.43 -1.67 6.46
C ILE B 1860 -28.07 -1.37 7.07
N LEU B 1861 -27.61 -2.26 7.93
CA LEU B 1861 -26.43 -1.98 8.73
C LEU B 1861 -25.19 -1.98 7.85
N ALA B 1862 -25.03 -0.92 7.07
CA ALA B 1862 -23.90 -0.75 6.18
C ALA B 1862 -23.05 0.47 6.53
N ASP B 1863 -23.57 1.40 7.33
CA ASP B 1863 -22.80 2.59 7.67
C ASP B 1863 -21.62 2.25 8.56
N LEU B 1864 -21.70 1.15 9.31
CA LEU B 1864 -20.60 0.75 10.16
C LEU B 1864 -19.42 0.30 9.32
N PRO B 1865 -18.22 0.26 9.90
CA PRO B 1865 -17.13 -0.48 9.25
C PRO B 1865 -17.41 -1.97 9.34
N ARG B 1866 -16.69 -2.74 8.52
CA ARG B 1866 -16.66 -4.20 8.65
C ARG B 1866 -18.08 -4.79 8.52
N ASN B 1867 -18.62 -4.71 7.30
CA ASN B 1867 -19.96 -5.22 6.97
C ASN B 1867 -20.25 -6.51 7.74
N ILE B 1868 -21.39 -6.52 8.43
CA ILE B 1868 -21.57 -7.39 9.58
C ILE B 1868 -22.86 -8.21 9.53
N MET B 1869 -23.66 -8.10 8.47
CA MET B 1869 -24.89 -8.87 8.37
C MET B 1869 -24.61 -10.36 8.52
N LEU B 1870 -25.62 -11.11 8.96
CA LEU B 1870 -25.35 -12.41 9.55
C LEU B 1870 -25.65 -13.59 8.65
N ASN B 1871 -25.91 -13.38 7.37
CA ASN B 1871 -26.11 -14.47 6.40
C ASN B 1871 -27.16 -15.45 6.93
N ASN B 1872 -28.40 -14.97 6.98
CA ASN B 1872 -29.52 -15.60 7.68
C ASN B 1872 -29.73 -17.08 7.35
N ASP B 1873 -29.11 -17.57 6.28
CA ASP B 1873 -29.22 -18.98 5.95
C ASP B 1873 -28.48 -19.85 6.96
N GLU B 1874 -27.45 -19.30 7.62
CA GLU B 1874 -26.61 -20.08 8.53
C GLU B 1874 -26.99 -19.93 10.00
N LEU B 1875 -27.95 -19.09 10.32
CA LEU B 1875 -28.43 -18.97 11.70
C LEU B 1875 -29.51 -20.00 11.98
N GLU B 1876 -29.51 -20.52 13.20
CA GLU B 1876 -30.43 -21.58 13.62
C GLU B 1876 -31.10 -21.20 14.94
N PHE B 1877 -31.62 -19.99 14.99
CA PHE B 1877 -32.16 -19.40 16.20
C PHE B 1877 -33.65 -19.70 16.34
N GLU B 1878 -34.11 -19.83 17.59
CA GLU B 1878 -35.51 -20.07 17.93
C GLU B 1878 -35.89 -19.10 19.04
N GLN B 1879 -36.62 -18.04 18.69
CA GLN B 1879 -36.83 -16.94 19.63
C GLN B 1879 -37.86 -17.31 20.69
N ALA B 1880 -39.08 -17.61 20.27
CA ALA B 1880 -40.23 -17.77 21.17
C ALA B 1880 -39.97 -18.64 22.41
N PRO B 1881 -39.36 -19.83 22.32
CA PRO B 1881 -39.26 -20.66 23.53
C PRO B 1881 -38.35 -20.03 24.55
N GLU B 1882 -38.85 -19.95 25.79
CA GLU B 1882 -37.99 -19.72 26.93
C GLU B 1882 -37.03 -20.88 27.20
N PHE B 1883 -37.19 -21.99 26.49
CA PHE B 1883 -36.27 -23.12 26.42
C PHE B 1883 -34.84 -22.63 26.27
N LEU B 1884 -34.63 -21.60 25.45
CA LEU B 1884 -33.30 -21.23 25.00
C LEU B 1884 -32.90 -19.85 25.46
N LEU B 1885 -33.45 -19.39 26.58
CA LEU B 1885 -32.99 -18.15 27.19
C LEU B 1885 -31.56 -18.32 27.64
N GLY B 1886 -30.71 -17.34 27.28
CA GLY B 1886 -29.30 -17.39 27.68
C GLY B 1886 -29.13 -17.69 29.15
N ASP B 1887 -29.95 -17.08 29.99
CA ASP B 1887 -30.28 -17.44 31.38
C ASP B 1887 -31.31 -16.41 31.84
N GLY B 1888 -31.99 -16.74 32.93
CA GLY B 1888 -32.95 -15.80 33.49
C GLY B 1888 -32.27 -14.52 33.94
N SER B 1889 -32.91 -13.39 33.62
CA SER B 1889 -32.49 -12.05 34.07
C SER B 1889 -31.17 -11.61 33.44
N PHE B 1890 -30.99 -11.92 32.17
CA PHE B 1890 -29.91 -11.35 31.38
C PHE B 1890 -30.45 -10.40 30.31
N GLY B 1891 -31.66 -9.90 30.51
CA GLY B 1891 -32.35 -9.15 29.47
C GLY B 1891 -33.13 -10.09 28.57
N SER B 1892 -33.00 -9.90 27.27
CA SER B 1892 -33.62 -10.77 26.28
C SER B 1892 -32.57 -11.54 25.50
N VAL B 1893 -31.53 -11.98 26.19
CA VAL B 1893 -30.45 -12.74 25.55
C VAL B 1893 -30.87 -14.19 25.46
N TYR B 1894 -30.82 -14.75 24.26
CA TYR B 1894 -31.17 -16.15 24.03
C TYR B 1894 -29.93 -16.92 23.62
N ARG B 1895 -30.13 -18.20 23.31
CA ARG B 1895 -29.07 -19.08 22.88
C ARG B 1895 -29.37 -19.58 21.47
N ALA B 1896 -28.39 -19.50 20.59
CA ALA B 1896 -28.56 -19.94 19.22
C ALA B 1896 -27.26 -20.54 18.73
N ALA B 1897 -27.33 -21.22 17.59
CA ALA B 1897 -26.17 -21.82 16.96
C ALA B 1897 -25.94 -21.17 15.60
N TYR B 1898 -24.83 -20.47 15.46
CA TYR B 1898 -24.51 -19.71 14.26
C TYR B 1898 -23.23 -20.27 13.66
N GLU B 1899 -23.30 -20.65 12.38
CA GLU B 1899 -22.17 -21.22 11.64
C GLU B 1899 -21.61 -22.46 12.34
N GLY B 1900 -22.47 -23.24 12.98
CA GLY B 1900 -22.07 -24.49 13.59
C GLY B 1900 -21.55 -24.37 15.01
N GLU B 1901 -21.57 -23.18 15.60
CA GLU B 1901 -21.12 -22.97 16.97
C GLU B 1901 -22.20 -22.26 17.75
N GLU B 1902 -22.29 -22.60 19.04
CA GLU B 1902 -23.30 -22.00 19.90
C GLU B 1902 -22.95 -20.56 20.21
N VAL B 1903 -23.94 -19.67 20.09
CA VAL B 1903 -23.77 -18.25 20.34
C VAL B 1903 -24.94 -17.72 21.15
N ALA B 1904 -24.74 -16.55 21.75
CA ALA B 1904 -25.77 -15.90 22.54
C ALA B 1904 -26.28 -14.68 21.78
N VAL B 1905 -27.56 -14.69 21.42
CA VAL B 1905 -28.15 -13.68 20.56
C VAL B 1905 -29.12 -12.83 21.35
N LYS B 1906 -28.81 -11.54 21.47
CA LYS B 1906 -29.72 -10.60 22.10
C LYS B 1906 -30.71 -10.10 21.07
N ILE B 1907 -32.01 -10.19 21.40
CA ILE B 1907 -33.06 -9.66 20.54
C ILE B 1907 -33.33 -8.23 20.98
N PHE B 1908 -32.72 -7.27 20.30
CA PHE B 1908 -32.94 -5.85 20.58
C PHE B 1908 -34.17 -5.31 19.89
N ASN B 1909 -34.99 -6.17 19.28
CA ASN B 1909 -36.16 -5.70 18.56
C ASN B 1909 -37.24 -5.24 19.52
N LYS B 1910 -37.86 -4.11 19.20
CA LYS B 1910 -38.95 -3.53 19.98
C LYS B 1910 -39.58 -2.45 19.11
N HIS B 1911 -40.49 -1.67 19.71
CA HIS B 1911 -41.09 -0.53 19.03
C HIS B 1911 -40.07 0.57 18.73
N THR B 1912 -38.96 0.61 19.46
CA THR B 1912 -37.92 1.62 19.25
C THR B 1912 -37.27 1.43 17.88
N SER B 1913 -36.57 2.47 17.42
CA SER B 1913 -35.97 2.46 16.10
C SER B 1913 -34.60 1.80 16.16
N LEU B 1914 -33.83 1.93 15.08
CA LEU B 1914 -32.47 1.40 15.04
C LEU B 1914 -31.47 2.25 15.79
N ARG B 1915 -31.93 3.25 16.55
CA ARG B 1915 -31.03 4.12 17.28
C ARG B 1915 -30.16 3.32 18.25
N LEU B 1916 -30.79 2.56 19.14
CA LEU B 1916 -30.04 1.83 20.17
C LEU B 1916 -29.17 0.74 19.57
N LEU B 1917 -29.70 -0.04 18.62
CA LEU B 1917 -28.91 -1.10 18.01
C LEU B 1917 -27.68 -0.55 17.31
N ARG B 1918 -27.86 0.51 16.51
CA ARG B 1918 -26.73 1.09 15.80
C ARG B 1918 -25.74 1.72 16.76
N GLN B 1919 -26.23 2.31 17.85
CA GLN B 1919 -25.33 2.84 18.87
C GLN B 1919 -24.46 1.74 19.44
N GLU B 1920 -25.08 0.64 19.88
CA GLU B 1920 -24.32 -0.47 20.46
C GLU B 1920 -23.37 -1.08 19.44
N LEU B 1921 -23.80 -1.19 18.18
CA LEU B 1921 -22.93 -1.73 17.15
C LEU B 1921 -21.75 -0.82 16.87
N VAL B 1922 -21.95 0.50 16.91
CA VAL B 1922 -20.84 1.43 16.71
C VAL B 1922 -19.82 1.27 17.83
N VAL B 1923 -20.29 1.22 19.06
CA VAL B 1923 -19.40 1.04 20.21
C VAL B 1923 -18.64 -0.28 20.08
N LEU B 1924 -19.37 -1.36 19.81
CA LEU B 1924 -18.75 -2.68 19.78
C LEU B 1924 -17.88 -2.91 18.55
N CYS B 1925 -18.11 -2.17 17.47
CA CYS B 1925 -17.45 -2.53 16.21
C CYS B 1925 -15.96 -2.27 16.24
N HIS B 1926 -15.49 -1.38 17.11
CA HIS B 1926 -14.05 -1.19 17.30
C HIS B 1926 -13.76 -1.20 18.79
N LEU B 1927 -13.67 -2.40 19.37
CA LEU B 1927 -13.00 -2.58 20.66
C LEU B 1927 -11.89 -3.60 20.59
N HIS B 1928 -12.19 -4.85 20.20
CA HIS B 1928 -11.19 -5.87 19.89
C HIS B 1928 -10.16 -6.06 21.01
N HIS B 1929 -10.65 -6.54 22.14
CA HIS B 1929 -9.76 -6.89 23.24
C HIS B 1929 -10.12 -8.27 23.76
N PRO B 1930 -9.12 -9.08 24.14
CA PRO B 1930 -9.41 -10.44 24.58
C PRO B 1930 -10.18 -10.53 25.88
N SER B 1931 -10.37 -9.43 26.60
CA SER B 1931 -11.14 -9.45 27.83
C SER B 1931 -12.48 -8.75 27.68
N LEU B 1932 -12.89 -8.43 26.47
CA LEU B 1932 -14.20 -7.88 26.18
C LEU B 1932 -14.91 -8.78 25.18
N ILE B 1933 -16.22 -8.98 25.35
CA ILE B 1933 -16.97 -9.87 24.48
C ILE B 1933 -16.88 -9.45 23.02
N SER B 1934 -16.65 -10.42 22.15
CA SER B 1934 -16.39 -10.18 20.75
C SER B 1934 -17.72 -10.18 20.02
N LEU B 1935 -17.78 -9.39 18.95
CA LEU B 1935 -18.99 -9.30 18.14
C LEU B 1935 -18.87 -10.21 16.95
N LEU B 1936 -19.87 -11.07 16.76
CA LEU B 1936 -19.87 -12.02 15.67
C LEU B 1936 -20.67 -11.53 14.47
N ALA B 1937 -21.86 -11.00 14.68
CA ALA B 1937 -22.71 -10.54 13.58
C ALA B 1937 -23.83 -9.69 14.15
N ALA B 1938 -24.69 -9.20 13.25
CA ALA B 1938 -25.86 -8.43 13.60
C ALA B 1938 -26.86 -8.50 12.47
N GLY B 1939 -28.14 -8.48 12.82
CA GLY B 1939 -29.19 -8.65 11.83
C GLY B 1939 -30.36 -7.74 12.07
N ILE B 1940 -31.03 -7.36 10.96
CA ILE B 1940 -32.19 -6.49 11.01
C ILE B 1940 -33.50 -7.26 11.04
N ARG B 1941 -33.48 -8.56 10.73
CA ARG B 1941 -34.70 -9.34 10.61
C ARG B 1941 -34.62 -10.55 11.53
N PRO B 1942 -34.97 -10.40 12.79
CA PRO B 1942 -35.35 -9.16 13.46
C PRO B 1942 -34.10 -8.46 13.94
N ARG B 1943 -34.25 -7.39 14.71
CA ARG B 1943 -33.11 -6.69 15.29
C ARG B 1943 -32.42 -7.59 16.29
N MET B 1944 -31.21 -8.01 15.97
CA MET B 1944 -30.53 -8.95 16.86
C MET B 1944 -29.03 -8.72 16.80
N LEU B 1945 -28.38 -9.13 17.88
CA LEU B 1945 -26.94 -9.09 18.04
C LEU B 1945 -26.47 -10.52 18.19
N VAL B 1946 -25.30 -10.83 17.64
CA VAL B 1946 -24.73 -12.17 17.74
C VAL B 1946 -23.33 -12.04 18.35
N MET B 1947 -23.14 -12.63 19.52
CA MET B 1947 -21.88 -12.56 20.24
C MET B 1947 -21.45 -13.96 20.67
N GLU B 1948 -20.18 -14.07 21.08
CA GLU B 1948 -19.63 -15.34 21.51
C GLU B 1948 -20.33 -15.83 22.77
N LEU B 1949 -20.30 -17.15 22.97
CA LEU B 1949 -20.98 -17.77 24.10
C LEU B 1949 -19.99 -18.11 25.19
N ALA B 1950 -20.20 -17.56 26.38
CA ALA B 1950 -19.43 -17.90 27.56
C ALA B 1950 -20.04 -19.15 28.18
N SER B 1951 -19.34 -20.29 28.03
CA SER B 1951 -19.96 -21.58 28.32
C SER B 1951 -20.27 -21.74 29.80
N LYS B 1952 -19.40 -21.24 30.68
CA LYS B 1952 -19.54 -21.47 32.11
C LYS B 1952 -20.41 -20.42 32.80
N GLY B 1953 -21.12 -19.59 32.05
CA GLY B 1953 -22.04 -18.65 32.65
C GLY B 1953 -21.34 -17.49 33.34
N SER B 1954 -22.16 -16.62 33.92
CA SER B 1954 -21.64 -15.45 34.61
C SER B 1954 -20.99 -15.83 35.92
N LEU B 1955 -20.10 -14.95 36.39
CA LEU B 1955 -19.36 -15.22 37.61
C LEU B 1955 -20.27 -15.31 38.82
N ASP B 1956 -21.38 -14.56 38.79
CA ASP B 1956 -22.31 -14.54 39.92
C ASP B 1956 -22.83 -15.92 40.27
N ARG B 1957 -23.18 -16.72 39.25
CA ARG B 1957 -23.67 -18.07 39.49
C ARG B 1957 -22.60 -18.95 40.12
N LEU B 1958 -21.36 -18.80 39.69
CA LEU B 1958 -20.26 -19.56 40.31
C LEU B 1958 -20.13 -19.22 41.78
N LEU B 1959 -20.18 -17.93 42.12
CA LEU B 1959 -20.15 -17.53 43.53
C LEU B 1959 -21.31 -18.13 44.31
N GLN B 1960 -22.45 -18.35 43.65
CA GLN B 1960 -23.62 -18.89 44.31
C GLN B 1960 -23.58 -20.41 44.38
N GLN B 1961 -23.31 -21.07 43.26
CA GLN B 1961 -23.55 -22.51 43.15
C GLN B 1961 -22.32 -23.34 43.53
N ASP B 1962 -21.23 -23.19 42.81
CA ASP B 1962 -20.04 -24.01 43.01
C ASP B 1962 -18.91 -23.13 43.53
N LYS B 1963 -18.89 -22.91 44.85
CA LYS B 1963 -17.82 -22.11 45.42
C LYS B 1963 -16.50 -22.88 45.47
N ALA B 1964 -16.57 -24.21 45.55
CA ALA B 1964 -15.37 -25.02 45.60
C ALA B 1964 -14.58 -24.99 44.28
N SER B 1965 -15.24 -24.66 43.16
CA SER B 1965 -14.54 -24.61 41.88
C SER B 1965 -13.51 -23.49 41.85
N LEU B 1966 -13.78 -22.39 42.54
CA LEU B 1966 -12.82 -21.28 42.60
C LEU B 1966 -11.66 -21.65 43.50
N THR B 1967 -10.45 -21.60 42.94
CA THR B 1967 -9.21 -21.73 43.70
C THR B 1967 -8.44 -20.43 43.59
N ARG B 1968 -7.32 -20.36 44.31
CA ARG B 1968 -6.56 -19.12 44.35
C ARG B 1968 -6.06 -18.71 42.98
N THR B 1969 -5.62 -19.67 42.17
CA THR B 1969 -5.11 -19.34 40.85
C THR B 1969 -6.23 -18.85 39.93
N LEU B 1970 -7.38 -19.50 39.99
CA LEU B 1970 -8.51 -19.08 39.17
C LEU B 1970 -9.02 -17.70 39.58
N GLN B 1971 -9.13 -17.45 40.88
CA GLN B 1971 -9.55 -16.14 41.35
C GLN B 1971 -8.61 -15.05 40.88
N HIS B 1972 -7.31 -15.30 40.95
CA HIS B 1972 -6.35 -14.31 40.47
C HIS B 1972 -6.51 -14.07 38.97
N ARG B 1973 -6.72 -15.13 38.19
CA ARG B 1973 -6.84 -14.98 36.75
C ARG B 1973 -8.08 -14.18 36.38
N ILE B 1974 -9.18 -14.38 37.10
CA ILE B 1974 -10.40 -13.62 36.83
C ILE B 1974 -10.16 -12.14 37.12
N ALA B 1975 -9.56 -11.84 38.26
CA ALA B 1975 -9.26 -10.45 38.61
C ALA B 1975 -8.33 -9.81 37.60
N LEU B 1976 -7.31 -10.55 37.16
CA LEU B 1976 -6.36 -10.01 36.20
C LEU B 1976 -7.04 -9.69 34.88
N HIS B 1977 -7.92 -10.58 34.41
CA HIS B 1977 -8.56 -10.39 33.12
C HIS B 1977 -9.54 -9.23 33.16
N VAL B 1978 -10.30 -9.09 34.24
CA VAL B 1978 -11.22 -7.97 34.35
C VAL B 1978 -10.47 -6.66 34.48
N ALA B 1979 -9.35 -6.66 35.22
CA ALA B 1979 -8.53 -5.46 35.33
C ALA B 1979 -7.95 -5.07 33.99
N ASP B 1980 -7.52 -6.04 33.20
CA ASP B 1980 -7.02 -5.75 31.86
C ASP B 1980 -8.12 -5.17 30.99
N GLY B 1981 -9.34 -5.71 31.11
CA GLY B 1981 -10.46 -5.16 30.35
C GLY B 1981 -10.73 -3.70 30.69
N LEU B 1982 -10.84 -3.39 31.98
CA LEU B 1982 -11.07 -2.01 32.40
C LEU B 1982 -9.92 -1.10 31.97
N ARG B 1983 -8.69 -1.61 32.02
CA ARG B 1983 -7.55 -0.83 31.59
C ARG B 1983 -7.66 -0.48 30.11
N TYR B 1984 -8.06 -1.44 29.28
CA TYR B 1984 -8.19 -1.16 27.86
C TYR B 1984 -9.32 -0.17 27.59
N LEU B 1985 -10.42 -0.28 28.34
CA LEU B 1985 -11.53 0.65 28.18
C LEU B 1985 -11.09 2.07 28.52
N HIS B 1986 -10.42 2.25 29.65
CA HIS B 1986 -9.97 3.57 30.04
C HIS B 1986 -8.91 4.10 29.08
N SER B 1987 -8.13 3.21 28.47
CA SER B 1987 -7.20 3.64 27.44
C SER B 1987 -7.92 4.18 26.21
N ALA B 1988 -9.19 3.82 26.03
CA ALA B 1988 -10.01 4.35 24.95
C ALA B 1988 -10.97 5.43 25.43
N MET B 1989 -10.79 5.92 26.66
CA MET B 1989 -11.60 6.99 27.25
C MET B 1989 -13.08 6.62 27.28
N ILE B 1990 -13.39 5.44 27.83
CA ILE B 1990 -14.75 4.96 27.97
C ILE B 1990 -14.96 4.57 29.42
N ILE B 1991 -16.13 4.89 29.97
CA ILE B 1991 -16.46 4.61 31.37
C ILE B 1991 -17.49 3.49 31.39
N TYR B 1992 -17.06 2.33 31.90
CA TYR B 1992 -17.94 1.20 32.18
C TYR B 1992 -18.72 1.46 33.46
N ARG B 1993 -19.94 1.97 33.30
CA ARG B 1993 -20.70 2.62 34.38
C ARG B 1993 -20.71 1.80 35.66
N ASP B 1994 -21.30 0.60 35.62
CA ASP B 1994 -21.38 -0.25 36.80
C ASP B 1994 -20.73 -1.58 36.48
N LEU B 1995 -20.12 -2.19 37.50
CA LEU B 1995 -19.43 -3.47 37.33
C LEU B 1995 -19.79 -4.38 38.50
N LYS B 1996 -20.49 -5.46 38.20
CA LYS B 1996 -20.94 -6.44 39.18
C LYS B 1996 -20.49 -7.81 38.71
N PRO B 1997 -20.46 -8.80 39.61
CA PRO B 1997 -20.19 -10.18 39.17
C PRO B 1997 -21.17 -10.67 38.12
N HIS B 1998 -22.37 -10.11 38.07
CA HIS B 1998 -23.35 -10.44 37.04
C HIS B 1998 -22.86 -10.05 35.65
N ASN B 1999 -21.83 -9.20 35.56
CA ASN B 1999 -21.29 -8.71 34.30
C ASN B 1999 -19.94 -9.32 33.97
N VAL B 2000 -19.54 -10.40 34.64
CA VAL B 2000 -18.26 -11.02 34.39
C VAL B 2000 -18.51 -12.45 33.94
N LEU B 2001 -18.30 -12.71 32.65
CA LEU B 2001 -18.56 -14.02 32.09
C LEU B 2001 -17.30 -14.88 32.17
N LEU B 2002 -17.49 -16.18 32.33
CA LEU B 2002 -16.40 -17.12 32.43
C LEU B 2002 -16.44 -18.07 31.26
N PHE B 2003 -15.37 -18.11 30.47
CA PHE B 2003 -15.30 -18.96 29.31
C PHE B 2003 -14.64 -20.30 29.58
N THR B 2004 -14.12 -20.51 30.78
CA THR B 2004 -13.51 -21.77 31.17
C THR B 2004 -13.28 -21.74 32.67
N LEU B 2005 -12.83 -22.87 33.21
CA LEU B 2005 -12.46 -22.98 34.61
C LEU B 2005 -11.06 -23.56 34.77
N TYR B 2006 -10.35 -23.75 33.69
CA TYR B 2006 -8.99 -24.25 33.75
C TYR B 2006 -8.04 -23.11 34.07
N PRO B 2007 -7.24 -23.21 35.14
CA PRO B 2007 -6.43 -22.04 35.56
C PRO B 2007 -5.43 -21.58 34.52
N ASN B 2008 -4.79 -22.50 33.82
CA ASN B 2008 -3.77 -22.13 32.83
C ASN B 2008 -4.38 -21.96 31.44
N ALA B 2009 -5.41 -21.15 31.35
CA ALA B 2009 -6.07 -20.84 30.10
C ALA B 2009 -5.74 -19.41 29.68
N ALA B 2010 -5.67 -19.19 28.38
CA ALA B 2010 -5.36 -17.86 27.88
C ALA B 2010 -6.50 -16.89 28.14
N ILE B 2011 -7.74 -17.34 27.96
CA ILE B 2011 -8.91 -16.48 28.13
C ILE B 2011 -9.86 -17.16 29.10
N ILE B 2012 -10.11 -16.49 30.23
CA ILE B 2012 -10.99 -17.03 31.27
C ILE B 2012 -12.17 -16.11 31.49
N ALA B 2013 -11.91 -14.87 31.90
CA ALA B 2013 -12.96 -13.93 32.24
C ALA B 2013 -13.07 -12.84 31.19
N LYS B 2014 -14.30 -12.37 30.97
CA LYS B 2014 -14.59 -11.26 30.08
C LYS B 2014 -15.60 -10.34 30.76
N ILE B 2015 -15.79 -9.17 30.17
CA ILE B 2015 -16.70 -8.13 30.67
C ILE B 2015 -17.90 -8.03 29.73
N ALA B 2016 -19.06 -7.69 30.30
CA ALA B 2016 -20.25 -7.53 29.48
C ALA B 2016 -21.22 -6.52 30.05
N ASP B 2017 -21.88 -5.77 29.17
CA ASP B 2017 -22.91 -4.82 29.57
C ASP B 2017 -24.16 -5.18 28.81
N TYR B 2018 -25.07 -5.92 29.46
CA TYR B 2018 -26.27 -6.38 28.77
C TYR B 2018 -27.26 -5.26 28.46
N GLY B 2019 -27.05 -4.07 29.01
CA GLY B 2019 -27.89 -2.94 28.72
C GLY B 2019 -29.31 -3.06 29.21
N ILE B 2020 -29.53 -3.83 30.27
CA ILE B 2020 -30.86 -4.01 30.82
C ILE B 2020 -31.37 -2.69 31.41
N GLY B 2034 -26.11 4.05 39.86
CA GLY B 2034 -25.66 2.68 39.79
C GLY B 2034 -26.39 1.77 40.76
N THR B 2035 -26.06 0.47 40.69
CA THR B 2035 -26.67 -0.50 41.59
C THR B 2035 -26.33 -0.16 43.04
N PRO B 2036 -27.31 -0.23 43.95
CA PRO B 2036 -27.05 0.20 45.34
C PRO B 2036 -25.90 -0.51 46.02
N GLY B 2037 -25.80 -1.84 45.88
CA GLY B 2037 -24.78 -2.57 46.60
C GLY B 2037 -23.39 -2.38 46.01
N PHE B 2038 -23.31 -2.06 44.72
CA PHE B 2038 -22.05 -2.06 43.99
C PHE B 2038 -21.76 -0.70 43.39
N ARG B 2039 -21.93 0.37 44.17
CA ARG B 2039 -21.66 1.72 43.70
C ARG B 2039 -20.71 2.42 44.66
N ALA B 2040 -19.93 3.33 44.11
CA ALA B 2040 -19.06 4.15 44.93
C ALA B 2040 -19.88 5.12 45.78
N PRO B 2041 -19.40 5.47 46.97
CA PRO B 2041 -20.15 6.45 47.79
C PRO B 2041 -20.26 7.81 47.13
N GLU B 2042 -19.20 8.26 46.44
CA GLU B 2042 -19.27 9.51 45.70
C GLU B 2042 -20.35 9.46 44.62
N VAL B 2043 -20.57 8.29 44.03
CA VAL B 2043 -21.63 8.14 43.04
C VAL B 2043 -22.98 8.11 43.73
N ALA B 2044 -23.06 7.48 44.91
CA ALA B 2044 -24.33 7.41 45.63
C ALA B 2044 -24.77 8.79 46.10
N ARG B 2045 -23.83 9.69 46.39
CA ARG B 2045 -24.15 11.04 46.84
C ARG B 2045 -24.74 11.91 45.73
N GLY B 2046 -24.83 11.42 44.51
CA GLY B 2046 -25.31 12.24 43.41
C GLY B 2046 -24.37 13.37 43.03
N ASN B 2047 -23.06 13.20 43.24
CA ASN B 2047 -22.16 14.33 43.12
C ASN B 2047 -21.86 14.65 41.67
N VAL B 2048 -21.24 13.73 40.93
CA VAL B 2048 -20.70 14.02 39.62
C VAL B 2048 -20.93 12.82 38.71
N ILE B 2049 -20.44 12.93 37.48
CA ILE B 2049 -20.47 11.82 36.54
C ILE B 2049 -19.57 10.71 37.05
N TYR B 2050 -19.85 9.48 36.60
CA TYR B 2050 -19.18 8.29 37.13
C TYR B 2050 -17.66 8.47 37.14
N ASN B 2051 -17.07 8.72 35.97
CA ASN B 2051 -15.63 8.98 35.84
C ASN B 2051 -14.81 7.70 35.94
N GLN B 2052 -13.58 7.74 35.45
CA GLN B 2052 -12.72 6.56 35.51
C GLN B 2052 -12.36 6.23 36.94
N GLN B 2053 -12.13 7.24 37.76
CA GLN B 2053 -11.59 6.97 39.09
C GLN B 2053 -12.63 6.37 40.04
N ALA B 2054 -13.87 6.17 39.59
CA ALA B 2054 -14.84 5.46 40.42
C ALA B 2054 -14.99 4.00 40.01
N ASP B 2055 -14.70 3.69 38.75
CA ASP B 2055 -14.72 2.30 38.29
C ASP B 2055 -13.74 1.46 39.08
N VAL B 2056 -12.66 2.08 39.56
CA VAL B 2056 -11.69 1.35 40.36
C VAL B 2056 -12.28 0.99 41.71
N TYR B 2057 -13.15 1.84 42.26
CA TYR B 2057 -13.86 1.47 43.49
C TYR B 2057 -14.81 0.30 43.23
N SER B 2058 -15.56 0.35 42.13
CA SER B 2058 -16.42 -0.77 41.78
C SER B 2058 -15.62 -2.04 41.59
N PHE B 2059 -14.43 -1.92 40.98
CA PHE B 2059 -13.59 -3.09 40.79
C PHE B 2059 -13.05 -3.61 42.11
N GLY B 2060 -12.76 -2.72 43.05
CA GLY B 2060 -12.37 -3.16 44.38
C GLY B 2060 -13.48 -3.92 45.08
N LEU B 2061 -14.72 -3.50 44.88
CA LEU B 2061 -15.86 -4.24 45.43
C LEU B 2061 -15.94 -5.62 44.83
N LEU B 2062 -15.77 -5.73 43.51
CA LEU B 2062 -15.76 -7.03 42.85
C LEU B 2062 -14.64 -7.91 43.37
N LEU B 2063 -13.47 -7.32 43.60
CA LEU B 2063 -12.36 -8.08 44.18
C LEU B 2063 -12.69 -8.57 45.58
N TYR B 2064 -13.39 -7.73 46.36
CA TYR B 2064 -13.84 -8.15 47.69
C TYR B 2064 -14.79 -9.34 47.59
N ASP B 2065 -15.66 -9.34 46.58
CA ASP B 2065 -16.61 -10.42 46.44
C ASP B 2065 -15.95 -11.70 45.97
N ILE B 2066 -14.94 -11.58 45.10
CA ILE B 2066 -14.19 -12.74 44.67
C ILE B 2066 -13.40 -13.34 45.83
N LEU B 2067 -12.74 -12.48 46.61
CA LEU B 2067 -11.97 -12.93 47.76
C LEU B 2067 -12.85 -13.65 48.77
N THR B 2068 -13.98 -13.05 49.13
CA THR B 2068 -14.90 -13.63 50.09
C THR B 2068 -15.78 -14.71 49.50
N THR B 2069 -15.61 -15.04 48.22
CA THR B 2069 -16.42 -16.01 47.47
C THR B 2069 -17.92 -15.73 47.65
N GLY B 2070 -18.32 -14.55 47.19
CA GLY B 2070 -19.74 -14.21 47.14
C GLY B 2070 -20.45 -14.18 48.48
N GLY B 2071 -19.72 -14.04 49.57
CA GLY B 2071 -20.34 -14.03 50.88
C GLY B 2071 -21.11 -12.75 51.15
N ARG B 2072 -20.59 -11.60 50.69
CA ARG B 2072 -21.24 -10.33 50.97
C ARG B 2072 -22.54 -10.18 50.21
N ILE B 2073 -22.61 -10.72 49.00
CA ILE B 2073 -23.83 -10.63 48.19
C ILE B 2073 -25.01 -11.26 48.92
N VAL B 2074 -24.79 -12.43 49.52
CA VAL B 2074 -25.83 -13.10 50.27
C VAL B 2074 -25.85 -12.61 51.71
N LYS B 2091 -16.51 1.58 54.54
CA LYS B 2091 -16.96 1.00 55.81
C LYS B 2091 -17.07 -0.51 55.70
N LEU B 2092 -16.25 -1.10 54.82
CA LEU B 2092 -16.33 -2.53 54.57
C LEU B 2092 -15.68 -3.30 55.69
N PRO B 2093 -16.24 -4.45 56.09
CA PRO B 2093 -15.67 -5.22 57.19
C PRO B 2093 -14.33 -5.86 56.84
N ASP B 2094 -13.71 -6.51 57.82
CA ASP B 2094 -12.48 -7.25 57.57
C ASP B 2094 -12.82 -8.53 56.84
N PRO B 2095 -12.26 -8.77 55.64
CA PRO B 2095 -12.63 -9.97 54.88
C PRO B 2095 -12.32 -11.26 55.60
N VAL B 2096 -11.18 -11.33 56.29
CA VAL B 2096 -10.82 -12.56 56.98
C VAL B 2096 -11.70 -12.75 58.22
N LYS B 2097 -12.18 -11.67 58.81
CA LYS B 2097 -12.91 -11.76 60.08
C LYS B 2097 -14.40 -12.01 59.86
N GLU B 2098 -15.06 -11.16 59.08
CA GLU B 2098 -16.51 -11.28 58.90
C GLU B 2098 -16.88 -12.56 58.16
N TYR B 2099 -16.05 -13.02 57.24
CA TYR B 2099 -16.28 -14.26 56.52
C TYR B 2099 -15.02 -15.11 56.60
N GLY B 2100 -15.21 -16.43 56.45
CA GLY B 2100 -14.07 -17.33 56.43
C GLY B 2100 -13.40 -17.37 55.07
N CYS B 2101 -12.10 -17.11 55.05
CA CYS B 2101 -11.29 -17.16 53.85
C CYS B 2101 -9.83 -17.02 54.23
N ALA B 2102 -8.96 -17.59 53.41
CA ALA B 2102 -7.53 -17.45 53.63
C ALA B 2102 -7.13 -15.98 53.40
N PRO B 2103 -6.11 -15.50 54.13
CA PRO B 2103 -5.81 -14.06 54.13
C PRO B 2103 -5.56 -13.42 52.78
N TRP B 2104 -4.56 -13.89 52.03
CA TRP B 2104 -4.14 -13.30 50.75
C TRP B 2104 -3.81 -11.84 50.97
N PRO B 2105 -2.71 -11.53 51.66
CA PRO B 2105 -2.50 -10.16 52.16
C PRO B 2105 -2.26 -9.13 51.07
N MET B 2106 -1.59 -9.49 49.97
CA MET B 2106 -1.33 -8.49 48.93
C MET B 2106 -2.63 -7.98 48.32
N VAL B 2107 -3.62 -8.85 48.17
CA VAL B 2107 -4.91 -8.43 47.61
C VAL B 2107 -5.72 -7.65 48.63
N GLU B 2108 -5.60 -7.99 49.93
CA GLU B 2108 -6.26 -7.19 50.95
C GLU B 2108 -5.74 -5.76 50.95
N LYS B 2109 -4.44 -5.59 50.78
CA LYS B 2109 -3.88 -4.25 50.69
C LYS B 2109 -4.38 -3.56 49.43
N LEU B 2110 -4.47 -4.28 48.31
CA LEU B 2110 -4.98 -3.70 47.08
C LEU B 2110 -6.44 -3.29 47.23
N ILE B 2111 -7.26 -4.14 47.87
CA ILE B 2111 -8.66 -3.79 48.13
C ILE B 2111 -8.73 -2.51 48.96
N LYS B 2112 -8.05 -2.49 50.10
CA LYS B 2112 -8.05 -1.32 50.96
C LYS B 2112 -7.48 -0.08 50.26
N GLN B 2113 -6.70 -0.26 49.21
CA GLN B 2113 -6.21 0.87 48.43
C GLN B 2113 -7.30 1.43 47.53
N CYS B 2114 -7.88 0.60 46.66
CA CYS B 2114 -8.84 1.10 45.68
C CYS B 2114 -10.24 1.31 46.27
N LEU B 2115 -10.39 1.31 47.59
CA LEU B 2115 -11.66 1.61 48.23
C LEU B 2115 -11.57 2.84 49.12
N LYS B 2116 -10.60 3.72 48.88
CA LYS B 2116 -10.43 4.91 49.70
C LYS B 2116 -11.46 5.96 49.31
N GLU B 2117 -11.80 6.82 50.28
CA GLU B 2117 -12.84 7.81 50.05
C GLU B 2117 -12.43 8.86 49.02
N ASN B 2118 -11.26 9.46 49.21
CA ASN B 2118 -10.76 10.47 48.29
C ASN B 2118 -10.42 9.83 46.94
N PRO B 2119 -11.11 10.16 45.86
CA PRO B 2119 -10.86 9.49 44.58
C PRO B 2119 -9.45 9.69 44.04
N GLN B 2120 -8.76 10.75 44.45
CA GLN B 2120 -7.38 10.94 44.02
C GLN B 2120 -6.45 9.89 44.62
N GLU B 2121 -6.87 9.22 45.70
CA GLU B 2121 -6.08 8.18 46.32
C GLU B 2121 -6.28 6.81 45.68
N ARG B 2122 -7.34 6.62 44.91
CA ARG B 2122 -7.55 5.36 44.23
C ARG B 2122 -6.52 5.22 43.11
N PRO B 2123 -5.88 4.06 42.97
CA PRO B 2123 -4.90 3.89 41.90
C PRO B 2123 -5.58 3.86 40.53
N THR B 2124 -4.84 4.29 39.52
CA THR B 2124 -5.37 4.25 38.17
C THR B 2124 -5.38 2.81 37.66
N SER B 2125 -6.26 2.57 36.68
CA SER B 2125 -6.52 1.20 36.22
C SER B 2125 -5.25 0.51 35.75
N ALA B 2126 -4.40 1.22 35.00
CA ALA B 2126 -3.13 0.65 34.57
C ALA B 2126 -2.27 0.23 35.76
N GLN B 2127 -2.28 1.04 36.83
CA GLN B 2127 -1.52 0.67 38.02
C GLN B 2127 -2.13 -0.54 38.72
N VAL B 2128 -3.46 -0.64 38.75
CA VAL B 2128 -4.10 -1.80 39.37
C VAL B 2128 -3.72 -3.07 38.64
N PHE B 2129 -3.75 -3.05 37.31
CA PHE B 2129 -3.33 -4.21 36.54
C PHE B 2129 -1.85 -4.48 36.72
N ASP B 2130 -1.04 -3.43 36.88
CA ASP B 2130 0.39 -3.62 37.01
C ASP B 2130 0.74 -4.31 38.31
N ILE B 2131 0.00 -4.02 39.39
CA ILE B 2131 0.27 -4.70 40.65
C ILE B 2131 -0.51 -6.00 40.80
N LEU B 2132 -1.42 -6.30 39.87
CA LEU B 2132 -2.04 -7.62 39.80
C LEU B 2132 -1.21 -8.58 38.98
N ASN B 2133 -0.06 -8.15 38.49
CA ASN B 2133 0.76 -8.93 37.57
C ASN B 2133 1.93 -9.61 38.25
N SER B 2134 2.00 -9.57 39.58
CA SER B 2134 3.14 -10.08 40.31
C SER B 2134 2.87 -11.49 40.81
N ALA B 2135 3.85 -12.37 40.64
CA ALA B 2135 3.75 -13.70 41.24
C ALA B 2135 3.82 -13.65 42.75
N GLU B 2136 4.38 -12.59 43.32
CA GLU B 2136 4.37 -12.44 44.76
C GLU B 2136 2.98 -12.10 45.29
N LEU B 2137 2.04 -11.73 44.42
CA LEU B 2137 0.65 -11.55 44.84
C LEU B 2137 -0.07 -12.89 44.94
N VAL B 2138 0.22 -13.80 44.01
CA VAL B 2138 -0.40 -15.12 44.03
C VAL B 2138 0.19 -15.98 45.13
N CYS B 2139 1.48 -15.84 45.40
CA CYS B 2139 2.20 -16.81 46.20
C CYS B 2139 2.31 -16.44 47.67
N LEU B 2140 2.30 -15.17 48.01
CA LEU B 2140 2.35 -14.78 49.42
C LEU B 2140 1.03 -15.16 50.07
N THR B 2141 1.09 -15.95 51.13
CA THR B 2141 -0.11 -16.48 51.74
C THR B 2141 -0.44 -15.82 53.07
N ARG B 2142 0.52 -15.74 53.98
CA ARG B 2142 0.30 -15.12 55.27
C ARG B 2142 1.53 -14.29 55.60
N ARG B 2143 1.30 -13.12 56.19
CA ARG B 2143 2.38 -12.23 56.62
C ARG B 2143 2.09 -11.79 58.04
N ILE B 2144 2.82 -12.35 59.00
CA ILE B 2144 2.56 -12.14 60.42
C ILE B 2144 3.67 -11.28 60.99
N LEU B 2145 3.29 -10.23 61.68
CA LEU B 2145 4.23 -9.39 62.40
C LEU B 2145 4.30 -9.87 63.85
N LEU B 2146 5.46 -9.68 64.47
CA LEU B 2146 5.61 -9.96 65.90
C LEU B 2146 5.72 -8.64 66.65
N PRO B 2147 4.76 -8.33 67.53
CA PRO B 2147 4.73 -6.99 68.12
C PRO B 2147 5.92 -6.69 69.02
N LYS B 2148 6.33 -7.66 69.84
CA LYS B 2148 7.47 -7.46 70.74
C LYS B 2148 8.72 -7.06 69.98
N ASN B 2149 8.85 -7.50 68.72
CA ASN B 2149 9.93 -7.10 67.82
C ASN B 2149 11.30 -7.54 68.34
N VAL B 2150 11.33 -8.66 69.05
CA VAL B 2150 12.58 -9.16 69.59
C VAL B 2150 13.43 -9.75 68.47
N ILE B 2151 14.75 -9.67 68.62
CA ILE B 2151 15.68 -10.24 67.65
C ILE B 2151 15.52 -11.77 67.68
N VAL B 2152 14.95 -12.33 66.62
CA VAL B 2152 14.62 -13.75 66.56
C VAL B 2152 15.69 -14.45 65.74
N GLU B 2153 16.45 -15.33 66.40
CA GLU B 2153 17.56 -16.01 65.76
C GLU B 2153 17.12 -17.31 65.10
N CYS B 2154 16.35 -18.14 65.79
CA CYS B 2154 15.99 -19.46 65.30
C CYS B 2154 14.49 -19.65 65.27
N MET B 2155 14.06 -20.75 64.66
CA MET B 2155 12.68 -21.20 64.68
C MET B 2155 12.62 -22.63 64.18
N VAL B 2156 11.59 -23.35 64.62
CA VAL B 2156 11.36 -24.71 64.15
C VAL B 2156 9.84 -24.92 64.02
N ALA B 2157 9.41 -25.43 62.88
CA ALA B 2157 8.01 -25.71 62.66
C ALA B 2157 7.61 -26.96 63.44
N THR B 2158 6.30 -27.16 63.58
CA THR B 2158 5.76 -28.32 64.27
C THR B 2158 5.51 -29.42 63.25
N HIS B 2159 6.27 -30.51 63.35
CA HIS B 2159 6.13 -31.64 62.43
C HIS B 2159 4.78 -32.35 62.55
N HIS B 2160 3.93 -31.95 63.48
CA HIS B 2160 2.60 -32.54 63.62
C HIS B 2160 1.69 -32.00 62.53
N ASN B 2161 1.01 -32.90 61.82
CA ASN B 2161 0.00 -32.54 60.85
C ASN B 2161 -1.36 -32.32 61.47
N SER B 2162 -1.43 -32.14 62.79
CA SER B 2162 -2.70 -31.97 63.49
C SER B 2162 -3.13 -30.51 63.43
N ARG B 2163 -4.18 -30.17 64.18
CA ARG B 2163 -4.69 -28.80 64.24
C ARG B 2163 -3.70 -27.83 64.87
N ASN B 2164 -2.66 -28.33 65.54
CA ASN B 2164 -1.64 -27.48 66.14
C ASN B 2164 -0.60 -27.05 65.11
N ALA B 2165 -1.05 -26.51 63.99
CA ALA B 2165 -0.15 -25.97 62.98
C ALA B 2165 0.45 -24.69 63.55
N SER B 2166 1.66 -24.81 64.08
CA SER B 2166 2.27 -23.72 64.82
C SER B 2166 3.78 -23.76 64.61
N ILE B 2167 4.45 -22.70 65.06
CA ILE B 2167 5.89 -22.61 64.98
C ILE B 2167 6.38 -22.63 66.43
N TRP B 2168 7.69 -22.64 66.64
CA TRP B 2168 8.25 -22.62 67.99
C TRP B 2168 9.40 -21.65 68.10
N LEU B 2169 9.27 -20.46 67.49
CA LEU B 2169 10.33 -19.47 67.35
C LEU B 2169 11.18 -19.34 68.60
N GLY B 2170 12.48 -19.56 68.44
CA GLY B 2170 13.43 -19.31 69.50
C GLY B 2170 14.21 -18.04 69.25
N CYS B 2171 14.47 -17.29 70.32
CA CYS B 2171 15.15 -16.02 70.19
C CYS B 2171 15.96 -15.75 71.45
N GLY B 2172 16.72 -14.65 71.43
CA GLY B 2172 17.52 -14.24 72.55
C GLY B 2172 17.29 -12.78 72.88
N HIS B 2173 16.84 -12.49 74.11
CA HIS B 2173 16.44 -11.14 74.49
C HIS B 2173 17.09 -10.64 75.77
N THR B 2174 17.78 -11.49 76.52
CA THR B 2174 18.33 -11.09 77.81
C THR B 2174 19.53 -11.98 78.11
N ASP B 2175 20.03 -11.88 79.34
CA ASP B 2175 21.04 -12.82 79.81
C ASP B 2175 20.50 -14.25 79.84
N ARG B 2176 19.18 -14.43 79.86
CA ARG B 2176 18.55 -15.72 79.66
C ARG B 2176 17.91 -15.72 78.26
N GLY B 2177 17.24 -16.83 77.91
CA GLY B 2177 16.70 -16.96 76.58
C GLY B 2177 15.31 -16.40 76.46
N GLN B 2178 14.86 -16.27 75.21
CA GLN B 2178 13.50 -15.86 74.92
C GLN B 2178 12.83 -16.94 74.07
N LEU B 2179 11.71 -17.47 74.56
CA LEU B 2179 11.02 -18.60 73.93
C LEU B 2179 9.63 -18.17 73.49
N SER B 2180 9.44 -17.98 72.19
CA SER B 2180 8.12 -17.69 71.66
C SER B 2180 7.41 -18.98 71.29
N PHE B 2181 6.13 -18.86 70.94
CA PHE B 2181 5.37 -19.96 70.37
C PHE B 2181 4.21 -19.33 69.58
N LEU B 2182 4.35 -19.27 68.26
CA LEU B 2182 3.39 -18.59 67.41
C LEU B 2182 2.53 -19.62 66.70
N ASP B 2183 1.22 -19.60 66.97
CA ASP B 2183 0.28 -20.48 66.31
C ASP B 2183 -0.17 -19.85 65.01
N LEU B 2184 -0.30 -20.67 63.96
CA LEU B 2184 -0.65 -20.14 62.65
C LEU B 2184 -2.16 -19.92 62.53
N ASN B 2185 -2.95 -20.91 62.94
CA ASN B 2185 -4.41 -20.81 62.82
C ASN B 2185 -4.97 -19.67 63.66
N THR B 2186 -4.24 -19.21 64.67
CA THR B 2186 -4.67 -18.14 65.56
C THR B 2186 -3.97 -16.82 65.30
N GLU B 2187 -2.74 -16.85 64.79
CA GLU B 2187 -1.88 -15.69 64.53
C GLU B 2187 -1.51 -14.94 65.81
N GLY B 2188 -1.78 -15.51 66.97
CA GLY B 2188 -1.35 -14.97 68.24
C GLY B 2188 -0.27 -15.83 68.84
N TYR B 2189 0.55 -15.28 69.73
CA TYR B 2189 1.73 -15.98 70.21
C TYR B 2189 1.94 -15.74 71.69
N THR B 2190 2.64 -16.67 72.31
CA THR B 2190 3.01 -16.61 73.72
C THR B 2190 4.53 -16.65 73.83
N SER B 2191 5.08 -15.82 74.72
CA SER B 2191 6.52 -15.74 74.92
C SER B 2191 6.88 -16.20 76.33
N GLU B 2192 8.08 -16.76 76.45
CA GLU B 2192 8.56 -17.29 77.73
C GLU B 2192 10.07 -17.20 77.79
N GLU B 2193 10.62 -17.31 79.00
CA GLU B 2193 12.06 -17.39 79.23
C GLU B 2193 12.34 -18.60 80.11
N VAL B 2194 12.59 -19.76 79.50
CA VAL B 2194 12.80 -20.98 80.26
C VAL B 2194 14.21 -21.53 80.10
N ALA B 2195 15.10 -20.80 79.43
CA ALA B 2195 16.51 -21.17 79.38
C ALA B 2195 17.33 -20.25 80.26
N ASP B 2196 18.54 -20.72 80.60
CA ASP B 2196 19.43 -19.95 81.46
C ASP B 2196 20.20 -18.87 80.71
N SER B 2197 20.33 -18.99 79.39
CA SER B 2197 21.01 -18.00 78.58
C SER B 2197 20.52 -18.14 77.15
N ARG B 2198 20.94 -17.20 76.30
CA ARG B 2198 20.44 -17.08 74.93
C ARG B 2198 20.52 -18.41 74.19
N ILE B 2199 19.63 -18.58 73.23
CA ILE B 2199 19.61 -19.79 72.42
C ILE B 2199 20.00 -19.45 71.00
N LEU B 2200 20.66 -20.40 70.35
CA LEU B 2200 21.17 -20.22 69.00
C LEU B 2200 20.57 -21.17 67.98
N CYS B 2201 20.00 -22.30 68.41
CA CYS B 2201 19.49 -23.31 67.51
C CYS B 2201 18.35 -24.07 68.17
N LEU B 2202 17.45 -24.58 67.34
CA LEU B 2202 16.30 -25.34 67.78
C LEU B 2202 16.28 -26.71 67.10
N ALA B 2203 15.41 -27.58 67.61
CA ALA B 2203 15.10 -28.87 66.99
C ALA B 2203 13.90 -29.47 67.69
N LEU B 2204 13.10 -30.21 66.92
CA LEU B 2204 11.93 -30.91 67.44
C LEU B 2204 12.03 -32.36 67.05
N VAL B 2205 11.57 -33.25 67.93
CA VAL B 2205 11.59 -34.69 67.71
C VAL B 2205 10.26 -35.27 68.16
N HIS B 2206 9.64 -36.07 67.31
CA HIS B 2206 8.34 -36.66 67.59
C HIS B 2206 8.42 -38.17 67.44
N LEU B 2207 8.16 -38.89 68.54
CA LEU B 2207 8.14 -40.34 68.53
C LEU B 2207 6.70 -40.82 68.54
N PRO B 2208 6.12 -41.16 67.39
CA PRO B 2208 4.70 -41.58 67.38
C PRO B 2208 4.45 -42.90 68.08
N VAL B 2209 5.46 -43.79 68.13
CA VAL B 2209 5.30 -45.07 68.80
C VAL B 2209 5.03 -44.87 70.29
N GLU B 2210 5.68 -43.87 70.89
CA GLU B 2210 5.45 -43.51 72.28
C GLU B 2210 4.51 -42.34 72.45
N LYS B 2211 4.12 -41.68 71.35
CA LYS B 2211 3.28 -40.47 71.37
C LYS B 2211 3.92 -39.37 72.21
N GLU B 2212 5.24 -39.19 72.03
CA GLU B 2212 6.01 -38.18 72.76
C GLU B 2212 6.68 -37.25 71.76
N SER B 2213 6.59 -35.96 72.03
CA SER B 2213 7.16 -34.95 71.13
C SER B 2213 7.86 -33.90 71.98
N TRP B 2214 9.12 -33.62 71.66
CA TRP B 2214 9.93 -32.71 72.47
C TRP B 2214 10.59 -31.66 71.58
N ILE B 2215 10.82 -30.49 72.17
CA ILE B 2215 11.49 -29.39 71.50
C ILE B 2215 12.81 -29.15 72.23
N VAL B 2216 13.92 -29.44 71.56
CA VAL B 2216 15.24 -29.31 72.14
C VAL B 2216 15.94 -28.11 71.51
N SER B 2217 16.57 -27.30 72.34
CA SER B 2217 17.22 -26.07 71.89
C SER B 2217 18.65 -26.03 72.38
N GLY B 2218 19.47 -25.26 71.67
CA GLY B 2218 20.86 -25.07 72.06
C GLY B 2218 21.09 -23.73 72.72
N THR B 2219 21.39 -23.75 74.01
CA THR B 2219 21.51 -22.53 74.81
C THR B 2219 22.96 -22.09 74.92
N GLN B 2220 23.17 -20.77 74.77
CA GLN B 2220 24.51 -20.19 74.85
C GLN B 2220 25.15 -20.36 76.22
N SER B 2221 24.38 -20.81 77.23
CA SER B 2221 24.98 -21.20 78.49
C SER B 2221 25.98 -22.33 78.31
N GLY B 2222 25.76 -23.18 77.30
CA GLY B 2222 26.59 -24.35 77.08
C GLY B 2222 25.92 -25.62 77.52
N THR B 2223 24.62 -25.75 77.24
CA THR B 2223 23.86 -26.92 77.64
C THR B 2223 22.73 -27.13 76.65
N LEU B 2224 21.97 -28.20 76.87
CA LEU B 2224 20.82 -28.53 76.04
C LEU B 2224 19.62 -28.81 76.93
N LEU B 2225 18.47 -28.26 76.54
CA LEU B 2225 17.25 -28.36 77.33
C LEU B 2225 16.13 -28.99 76.50
N VAL B 2226 15.28 -29.75 77.18
CA VAL B 2226 14.16 -30.44 76.56
C VAL B 2226 12.87 -29.90 77.15
N ILE B 2227 11.89 -29.66 76.29
CA ILE B 2227 10.56 -29.22 76.71
C ILE B 2227 9.53 -30.04 75.95
N ASN B 2228 8.74 -30.83 76.66
CA ASN B 2228 7.73 -31.68 76.06
C ASN B 2228 6.53 -30.82 75.67
N THR B 2229 6.08 -30.96 74.42
CA THR B 2229 4.97 -30.12 73.96
C THR B 2229 3.62 -30.56 74.50
N GLU B 2230 3.53 -31.77 75.06
CA GLU B 2230 2.27 -32.23 75.62
C GLU B 2230 1.99 -31.58 76.97
N ASP B 2231 3.03 -31.29 77.74
CA ASP B 2231 2.88 -30.69 79.07
C ASP B 2231 3.94 -29.62 79.23
N GLY B 2232 3.50 -28.39 79.55
CA GLY B 2232 4.43 -27.29 79.75
C GLY B 2232 5.30 -27.43 80.99
N LYS B 2233 5.04 -28.41 81.84
CA LYS B 2233 5.86 -28.65 83.02
C LYS B 2233 6.88 -29.77 82.83
N LYS B 2234 6.71 -30.61 81.81
CA LYS B 2234 7.61 -31.74 81.56
C LYS B 2234 8.87 -31.20 80.89
N ARG B 2235 9.87 -30.87 81.71
CA ARG B 2235 11.12 -30.32 81.25
C ARG B 2235 12.28 -31.17 81.76
N HIS B 2236 13.39 -31.12 81.03
CA HIS B 2236 14.58 -31.86 81.41
C HIS B 2236 15.81 -31.00 81.15
N THR B 2237 16.97 -31.55 81.46
CA THR B 2237 18.26 -30.95 81.12
C THR B 2237 19.20 -32.06 80.67
N LEU B 2238 20.08 -31.73 79.74
CA LEU B 2238 20.90 -32.72 79.06
C LEU B 2238 22.37 -32.54 79.44
N GLU B 2239 23.21 -33.35 78.82
CA GLU B 2239 24.65 -33.34 79.11
C GLU B 2239 25.28 -32.02 78.67
N LYS B 2240 26.28 -31.58 79.42
CA LYS B 2240 26.87 -30.27 79.23
C LYS B 2240 28.15 -30.37 78.40
N MET B 2241 28.42 -29.31 77.64
CA MET B 2241 29.63 -29.18 76.83
C MET B 2241 30.21 -27.78 77.04
N THR B 2242 31.52 -27.66 76.76
CA THR B 2242 32.26 -26.47 77.16
C THR B 2242 31.84 -25.23 76.37
N ASP B 2243 31.41 -25.39 75.12
CA ASP B 2243 31.02 -24.27 74.30
C ASP B 2243 29.51 -24.27 74.09
N SER B 2244 29.03 -23.28 73.36
CA SER B 2244 27.61 -23.12 73.08
C SER B 2244 27.21 -23.96 71.88
N VAL B 2245 26.06 -24.63 72.00
CA VAL B 2245 25.50 -25.41 70.91
C VAL B 2245 25.10 -24.48 69.78
N THR B 2246 25.56 -24.77 68.58
CA THR B 2246 25.32 -23.90 67.43
C THR B 2246 24.26 -24.43 66.48
N CYS B 2247 24.06 -25.74 66.43
CA CYS B 2247 23.07 -26.31 65.53
C CYS B 2247 22.64 -27.66 66.08
N LEU B 2248 21.41 -28.03 65.74
CA LEU B 2248 20.87 -29.34 66.07
C LEU B 2248 20.13 -29.88 64.86
N TYR B 2249 20.05 -31.21 64.77
CA TYR B 2249 19.29 -31.83 63.70
C TYR B 2249 18.77 -33.17 64.18
N CYS B 2250 17.60 -33.55 63.67
CA CYS B 2250 17.01 -34.86 63.93
C CYS B 2250 16.90 -35.61 62.61
N ASN B 2251 17.41 -36.83 62.58
CA ASN B 2251 17.40 -37.65 61.37
C ASN B 2251 16.31 -38.71 61.49
N SER B 2252 15.41 -38.74 60.52
CA SER B 2252 14.30 -39.69 60.52
C SER B 2252 14.53 -40.80 59.49
N ASN B 2261 16.45 -44.15 64.61
CA ASN B 2261 16.71 -42.73 64.49
C ASN B 2261 17.87 -42.30 65.37
N PHE B 2262 18.18 -41.01 65.34
CA PHE B 2262 19.27 -40.43 66.10
C PHE B 2262 19.12 -38.93 66.11
N LEU B 2263 19.46 -38.30 67.24
CA LEU B 2263 19.45 -36.84 67.35
C LEU B 2263 20.87 -36.33 67.16
N LEU B 2264 21.09 -35.59 66.09
CA LEU B 2264 22.38 -34.99 65.81
C LEU B 2264 22.58 -33.76 66.66
N VAL B 2265 23.80 -33.57 67.16
CA VAL B 2265 24.13 -32.41 67.98
C VAL B 2265 25.36 -31.76 67.37
N GLY B 2266 25.45 -30.43 67.52
CA GLY B 2266 26.59 -29.72 66.98
C GLY B 2266 27.00 -28.53 67.82
N THR B 2267 28.26 -28.48 68.23
CA THR B 2267 28.80 -27.42 69.06
C THR B 2267 29.74 -26.52 68.26
N ALA B 2268 30.32 -25.55 68.96
CA ALA B 2268 31.22 -24.57 68.36
C ALA B 2268 32.69 -24.95 68.46
N ASP B 2269 33.03 -26.02 69.20
CA ASP B 2269 34.39 -26.51 69.25
C ASP B 2269 34.59 -27.75 68.40
N GLY B 2270 33.72 -27.98 67.41
CA GLY B 2270 33.86 -29.14 66.55
C GLY B 2270 33.48 -30.46 67.17
N LYS B 2271 32.43 -30.48 67.99
CA LYS B 2271 31.98 -31.69 68.66
C LYS B 2271 30.70 -32.20 68.00
N LEU B 2272 30.56 -33.52 67.92
CA LEU B 2272 29.43 -34.16 67.23
C LEU B 2272 28.90 -35.28 68.12
N ALA B 2273 27.91 -34.96 68.94
CA ALA B 2273 27.27 -35.94 69.79
C ALA B 2273 26.03 -36.50 69.09
N ILE B 2274 25.78 -37.79 69.30
CA ILE B 2274 24.56 -38.44 68.83
C ILE B 2274 23.71 -38.76 70.05
N PHE B 2275 22.45 -38.38 70.02
CA PHE B 2275 21.51 -38.69 71.08
C PHE B 2275 20.45 -39.63 70.53
N GLU B 2276 20.23 -40.74 71.22
CA GLU B 2276 19.15 -41.62 70.82
C GLU B 2276 17.81 -40.90 70.97
N ASP B 2277 16.92 -41.10 69.99
CA ASP B 2277 15.62 -40.45 70.02
C ASP B 2277 14.82 -40.85 71.25
N LYS B 2278 14.93 -42.10 71.67
CA LYS B 2278 14.16 -42.59 72.81
C LYS B 2278 14.84 -42.30 74.14
N THR B 2279 16.17 -42.30 74.15
CA THR B 2279 16.89 -42.17 75.41
C THR B 2279 16.76 -40.78 76.01
N VAL B 2280 16.46 -39.78 75.18
CA VAL B 2280 16.41 -38.39 75.66
C VAL B 2280 15.09 -38.07 76.34
N LYS B 2281 14.15 -39.01 76.35
CA LYS B 2281 12.89 -38.81 77.06
C LYS B 2281 13.14 -38.55 78.54
N LEU B 2282 14.01 -39.36 79.15
CA LEU B 2282 14.40 -39.10 80.53
C LEU B 2282 15.36 -37.93 80.61
N LYS B 2283 15.39 -37.28 81.77
CA LYS B 2283 16.33 -36.20 81.99
C LYS B 2283 17.75 -36.75 82.10
N GLY B 2284 18.72 -35.88 81.82
CA GLY B 2284 20.13 -36.24 81.90
C GLY B 2284 20.51 -37.44 81.07
N ALA B 2285 20.00 -37.52 79.84
CA ALA B 2285 20.26 -38.66 78.98
C ALA B 2285 21.73 -38.75 78.61
N ALA B 2286 22.10 -39.91 78.05
CA ALA B 2286 23.49 -40.16 77.68
C ALA B 2286 23.66 -40.14 76.16
N PRO B 2287 24.74 -39.54 75.65
CA PRO B 2287 25.01 -39.55 74.22
C PRO B 2287 25.58 -40.90 73.79
N LEU B 2288 24.87 -41.57 72.86
CA LEU B 2288 25.28 -42.91 72.46
C LEU B 2288 26.67 -42.92 71.84
N LYS B 2289 27.05 -41.83 71.19
CA LYS B 2289 28.37 -41.69 70.60
C LYS B 2289 28.68 -40.21 70.45
N ILE B 2290 29.94 -39.86 70.60
CA ILE B 2290 30.40 -38.47 70.49
C ILE B 2290 31.66 -38.45 69.66
N LEU B 2291 31.65 -37.66 68.59
CA LEU B 2291 32.82 -37.45 67.76
C LEU B 2291 33.27 -36.00 67.89
N ASN B 2292 34.58 -35.80 67.81
CA ASN B 2292 35.15 -34.46 67.72
C ASN B 2292 35.63 -34.28 66.29
N ILE B 2293 34.72 -33.84 65.43
CA ILE B 2293 35.05 -33.57 64.03
C ILE B 2293 36.19 -32.56 63.95
N GLY B 2294 36.14 -31.52 64.76
CA GLY B 2294 37.10 -30.43 64.66
C GLY B 2294 37.63 -29.96 65.99
N ASN B 2295 37.89 -28.66 66.09
CA ASN B 2295 38.55 -28.05 67.23
C ASN B 2295 37.84 -26.75 67.58
N VAL B 2296 38.37 -26.05 68.59
CA VAL B 2296 37.69 -24.86 69.08
C VAL B 2296 37.78 -23.72 68.07
N SER B 2297 38.85 -23.67 67.29
CA SER B 2297 39.03 -22.64 66.29
C SER B 2297 38.10 -22.79 65.10
N THR B 2298 37.25 -23.82 65.10
CA THR B 2298 36.37 -24.12 63.98
C THR B 2298 35.02 -24.62 64.48
N PRO B 2299 34.00 -23.77 64.46
CA PRO B 2299 32.66 -24.20 64.85
C PRO B 2299 31.96 -25.02 63.77
N LEU B 2300 31.10 -25.92 64.24
CA LEU B 2300 30.22 -26.73 63.39
C LEU B 2300 28.89 -26.00 63.27
N MET B 2301 28.58 -25.48 62.09
CA MET B 2301 27.44 -24.58 61.90
C MET B 2301 26.21 -25.25 61.31
N CYS B 2302 26.36 -26.12 60.32
CA CYS B 2302 25.21 -26.67 59.61
C CYS B 2302 25.33 -28.17 59.45
N LEU B 2303 24.21 -28.86 59.65
CA LEU B 2303 24.07 -30.28 59.31
C LEU B 2303 22.83 -30.45 58.45
N SER B 2304 22.96 -31.24 57.39
CA SER B 2304 21.87 -31.41 56.43
C SER B 2304 21.78 -32.87 56.03
N GLU B 2305 21.04 -33.13 54.95
CA GLU B 2305 20.84 -34.47 54.42
C GLU B 2305 20.88 -34.40 52.91
N SER B 2306 21.11 -35.56 52.29
CA SER B 2306 21.08 -35.66 50.84
C SER B 2306 19.64 -35.71 50.34
N THR B 2307 19.35 -34.89 49.32
CA THR B 2307 18.00 -34.85 48.77
C THR B 2307 17.67 -36.13 48.00
N ASN B 2308 18.65 -36.67 47.26
CA ASN B 2308 18.41 -37.89 46.51
C ASN B 2308 18.30 -39.08 47.46
N SER B 2309 17.32 -39.96 47.19
CA SER B 2309 17.06 -41.08 48.09
C SER B 2309 18.16 -42.13 48.05
N THR B 2310 18.84 -42.28 46.91
CA THR B 2310 19.92 -43.25 46.81
C THR B 2310 21.07 -42.94 47.75
N GLU B 2311 21.22 -41.67 48.16
CA GLU B 2311 22.23 -41.25 49.11
C GLU B 2311 21.63 -40.89 50.46
N ARG B 2312 20.55 -41.57 50.86
CA ARG B 2312 19.92 -41.30 52.14
C ARG B 2312 20.78 -41.69 53.33
N ASN B 2313 21.91 -42.37 53.12
CA ASN B 2313 22.76 -42.83 54.20
C ASN B 2313 23.99 -41.96 54.38
N VAL B 2314 23.95 -40.69 53.96
CA VAL B 2314 25.07 -39.78 54.19
C VAL B 2314 24.52 -38.48 54.77
N MET B 2315 25.14 -38.01 55.84
CA MET B 2315 24.84 -36.72 56.45
C MET B 2315 26.07 -35.84 56.32
N TRP B 2316 25.86 -34.60 55.93
CA TRP B 2316 26.95 -33.67 55.69
C TRP B 2316 26.92 -32.57 56.72
N GLY B 2317 28.09 -32.05 57.02
CA GLY B 2317 28.23 -31.01 58.03
C GLY B 2317 29.42 -30.13 57.71
N GLY B 2318 29.30 -28.87 58.07
CA GLY B 2318 30.42 -27.97 57.87
C GLY B 2318 31.08 -27.54 59.16
N CYS B 2319 32.27 -28.07 59.45
CA CYS B 2319 33.05 -27.66 60.61
C CYS B 2319 34.06 -26.63 60.12
N GLY B 2320 33.68 -25.36 60.21
CA GLY B 2320 34.58 -24.32 59.73
C GLY B 2320 34.74 -24.38 58.24
N THR B 2321 35.90 -24.82 57.78
CA THR B 2321 36.17 -24.94 56.35
C THR B 2321 36.34 -26.39 55.93
N LYS B 2322 35.81 -27.34 56.69
CA LYS B 2322 35.85 -28.74 56.34
C LYS B 2322 34.43 -29.21 56.04
N ILE B 2323 34.20 -29.66 54.80
CA ILE B 2323 32.91 -30.18 54.37
C ILE B 2323 32.98 -31.69 54.57
N PHE B 2324 32.58 -32.14 55.76
CA PHE B 2324 32.75 -33.54 56.15
C PHE B 2324 31.43 -34.27 56.02
N SER B 2325 31.50 -35.53 55.61
CA SER B 2325 30.34 -36.40 55.53
C SER B 2325 30.59 -37.65 56.35
N PHE B 2326 29.58 -38.07 57.10
CA PHE B 2326 29.66 -39.28 57.89
C PHE B 2326 28.43 -40.14 57.65
N SER B 2327 28.66 -41.44 57.53
CA SER B 2327 27.62 -42.39 57.16
C SER B 2327 26.70 -42.66 58.34
N ASN B 2328 25.76 -43.59 58.16
CA ASN B 2328 24.83 -44.00 59.20
C ASN B 2328 25.52 -44.68 60.38
N ASP B 2329 26.84 -44.88 60.29
CA ASP B 2329 27.63 -45.40 61.38
C ASP B 2329 28.28 -44.31 62.22
N PHE B 2330 28.01 -43.04 61.88
CA PHE B 2330 28.56 -41.87 62.58
C PHE B 2330 30.09 -41.83 62.50
N THR B 2331 30.64 -42.23 61.35
CA THR B 2331 32.07 -42.23 61.09
C THR B 2331 32.31 -41.44 59.81
N ILE B 2332 33.28 -40.53 59.86
CA ILE B 2332 33.55 -39.60 58.77
C ILE B 2332 34.02 -40.36 57.53
N GLN B 2333 33.29 -40.21 56.43
CA GLN B 2333 33.60 -40.92 55.19
C GLN B 2333 34.26 -40.04 54.13
N LYS B 2334 34.27 -38.73 54.32
CA LYS B 2334 34.95 -37.80 53.42
C LYS B 2334 35.27 -36.53 54.17
N LEU B 2335 36.37 -35.88 53.79
CA LEU B 2335 36.81 -34.70 54.51
C LEU B 2335 37.46 -33.75 53.50
N ILE B 2336 36.66 -32.83 52.98
CA ILE B 2336 37.16 -31.85 52.01
C ILE B 2336 37.68 -30.64 52.78
N GLU B 2337 38.59 -29.91 52.17
CA GLU B 2337 39.06 -28.64 52.70
C GLU B 2337 38.48 -27.51 51.87
N THR B 2338 38.11 -26.41 52.52
CA THR B 2338 37.62 -25.24 51.82
C THR B 2338 38.66 -24.14 51.69
N ARG B 2339 39.83 -24.29 52.30
CA ARG B 2339 40.87 -23.28 52.18
C ARG B 2339 41.40 -23.15 50.76
N THR B 2340 41.08 -24.10 49.87
CA THR B 2340 41.45 -24.00 48.47
C THR B 2340 40.65 -22.95 47.71
N SER B 2341 39.58 -22.42 48.32
CA SER B 2341 38.71 -21.49 47.62
C SER B 2341 39.41 -20.15 47.36
N GLN B 2342 40.36 -19.78 48.22
CA GLN B 2342 41.06 -18.51 48.06
C GLN B 2342 41.93 -18.46 46.81
N LEU B 2343 42.24 -19.61 46.22
CA LEU B 2343 43.08 -19.63 45.03
C LEU B 2343 42.34 -19.11 43.80
N PHE B 2344 41.03 -19.27 43.76
CA PHE B 2344 40.21 -18.71 42.68
C PHE B 2344 39.32 -17.56 43.14
N SER B 2345 38.67 -17.70 44.29
CA SER B 2345 37.85 -16.63 44.84
C SER B 2345 38.71 -15.70 45.68
N TYR B 2346 38.10 -14.60 46.11
CA TYR B 2346 38.83 -13.61 46.90
C TYR B 2346 39.18 -14.19 48.27
N ALA B 2347 40.39 -13.90 48.73
CA ALA B 2347 40.84 -14.39 50.03
C ALA B 2347 40.00 -13.82 51.17
N ALA B 2348 39.49 -12.60 51.00
CA ALA B 2348 38.69 -11.97 52.06
C ALA B 2348 37.45 -12.79 52.37
N PHE B 2349 36.73 -13.21 51.34
CA PHE B 2349 35.52 -14.01 51.55
C PHE B 2349 35.84 -15.48 51.74
N SER B 2350 37.06 -15.91 51.42
CA SER B 2350 37.42 -17.32 51.49
C SER B 2350 37.71 -17.76 52.92
N ASP B 2351 38.35 -16.91 53.71
CA ASP B 2351 38.78 -17.24 55.06
C ASP B 2351 37.71 -16.97 56.10
N SER B 2352 36.46 -17.21 55.75
CA SER B 2352 35.37 -17.23 56.71
C SER B 2352 34.99 -18.67 56.96
N ASN B 2353 34.01 -18.89 57.82
CA ASN B 2353 33.56 -20.25 58.02
C ASN B 2353 32.27 -20.49 57.26
N ILE B 2354 32.01 -21.78 57.04
CA ILE B 2354 30.78 -22.26 56.42
C ILE B 2354 29.56 -21.83 57.24
N ILE B 2355 28.53 -21.36 56.53
CA ILE B 2355 27.23 -21.15 57.13
C ILE B 2355 26.30 -22.35 56.96
N THR B 2356 26.05 -22.75 55.71
CA THR B 2356 25.17 -23.86 55.39
C THR B 2356 25.77 -24.77 54.33
N VAL B 2357 25.27 -26.00 54.29
CA VAL B 2357 25.59 -26.98 53.24
C VAL B 2357 24.30 -27.55 52.69
N VAL B 2358 24.08 -27.38 51.40
CA VAL B 2358 22.87 -27.85 50.76
C VAL B 2358 23.25 -29.05 49.91
N VAL B 2359 22.92 -30.24 50.38
CA VAL B 2359 23.36 -31.47 49.73
C VAL B 2359 22.43 -31.77 48.57
N ASP B 2360 23.01 -31.95 47.39
CA ASP B 2360 22.30 -32.43 46.21
C ASP B 2360 23.32 -33.16 45.36
N THR B 2361 23.01 -33.33 44.07
CA THR B 2361 24.02 -33.76 43.10
C THR B 2361 25.31 -32.96 43.24
N ALA B 2362 25.21 -31.69 43.61
CA ALA B 2362 26.37 -30.85 43.89
C ALA B 2362 26.16 -30.17 45.23
N LEU B 2363 27.24 -30.08 46.02
CA LEU B 2363 27.18 -29.40 47.30
C LEU B 2363 27.13 -27.89 47.12
N TYR B 2364 26.20 -27.24 47.81
CA TYR B 2364 26.09 -25.79 47.82
C TYR B 2364 26.54 -25.26 49.16
N ILE B 2365 27.43 -24.26 49.14
CA ILE B 2365 28.13 -23.78 50.32
C ILE B 2365 27.94 -22.28 50.44
N ALA B 2366 27.59 -21.81 51.64
CA ALA B 2366 27.57 -20.40 51.97
C ALA B 2366 28.51 -20.16 53.14
N LYS B 2367 29.36 -19.15 53.03
CA LYS B 2367 30.32 -18.82 54.06
C LYS B 2367 29.99 -17.48 54.68
N GLN B 2368 30.47 -17.26 55.91
CA GLN B 2368 30.05 -16.11 56.70
C GLN B 2368 30.36 -14.80 55.99
N ASN B 2369 29.35 -13.91 55.96
CA ASN B 2369 29.50 -12.55 55.46
C ASN B 2369 30.00 -12.51 54.02
N SER B 2370 29.66 -13.54 53.26
CA SER B 2370 30.14 -13.71 51.90
C SER B 2370 28.99 -13.59 50.91
N PRO B 2371 29.10 -12.73 49.89
CA PRO B 2371 28.06 -12.64 48.86
C PRO B 2371 28.20 -13.64 47.73
N VAL B 2372 29.07 -14.63 47.86
CA VAL B 2372 29.32 -15.60 46.79
C VAL B 2372 29.02 -17.00 47.29
N VAL B 2373 28.38 -17.79 46.44
CA VAL B 2373 27.99 -19.16 46.73
C VAL B 2373 28.93 -20.09 45.97
N GLU B 2374 29.44 -21.10 46.66
CA GLU B 2374 30.37 -22.06 46.07
C GLU B 2374 29.67 -23.40 45.84
N VAL B 2375 29.96 -24.03 44.70
CA VAL B 2375 29.35 -25.28 44.32
C VAL B 2375 30.45 -26.33 44.26
N TRP B 2376 30.26 -27.42 44.99
CA TRP B 2376 31.20 -28.52 45.06
C TRP B 2376 30.54 -29.82 44.61
N ASP B 2377 31.37 -30.79 44.24
CA ASP B 2377 30.90 -32.13 43.93
C ASP B 2377 31.39 -33.09 45.01
N LYS B 2378 30.57 -34.10 45.31
CA LYS B 2378 30.95 -35.09 46.31
C LYS B 2378 32.15 -35.93 45.86
N LYS B 2379 32.16 -36.37 44.60
CA LYS B 2379 33.16 -37.34 44.15
C LYS B 2379 34.55 -36.71 44.06
N THR B 2380 34.72 -35.69 43.23
CA THR B 2380 36.05 -35.14 42.98
C THR B 2380 36.60 -34.32 44.14
N GLU B 2381 35.75 -33.92 45.10
CA GLU B 2381 36.14 -33.11 46.25
C GLU B 2381 36.88 -31.84 45.80
N LYS B 2382 36.25 -31.10 44.88
CA LYS B 2382 36.87 -29.93 44.29
C LYS B 2382 35.80 -28.99 43.79
N LEU B 2383 36.17 -27.71 43.65
CA LEU B 2383 35.25 -26.67 43.21
C LEU B 2383 34.74 -26.94 41.81
N CYS B 2384 33.46 -26.68 41.59
CA CYS B 2384 32.83 -26.85 40.29
C CYS B 2384 32.18 -25.58 39.76
N GLY B 2385 31.69 -24.70 40.62
CA GLY B 2385 31.06 -23.48 40.14
C GLY B 2385 30.92 -22.46 41.24
N LEU B 2386 30.90 -21.19 40.85
CA LEU B 2386 30.72 -20.09 41.77
C LEU B 2386 29.49 -19.29 41.34
N ILE B 2387 28.85 -18.65 42.32
CA ILE B 2387 27.68 -17.82 42.09
C ILE B 2387 27.93 -16.47 42.75
N ASP B 2388 27.94 -15.42 41.95
CA ASP B 2388 28.18 -14.06 42.43
C ASP B 2388 26.85 -13.32 42.51
N CYS B 2389 26.23 -13.39 43.69
CA CYS B 2389 24.92 -12.77 43.90
C CYS B 2389 24.97 -11.26 43.72
N VAL B 2390 26.15 -10.64 43.79
CA VAL B 2390 26.27 -9.20 43.59
C VAL B 2390 25.87 -8.82 42.16
N HIS B 2391 26.14 -9.70 41.20
CA HIS B 2391 25.74 -9.44 39.82
C HIS B 2391 24.22 -9.32 39.70
N PHE B 2392 23.51 -10.33 40.22
CA PHE B 2392 22.05 -10.31 40.19
C PHE B 2392 21.50 -9.11 40.94
N LEU B 2393 22.07 -8.81 42.11
CA LEU B 2393 21.54 -7.73 42.94
C LEU B 2393 21.81 -6.36 42.33
N ARG B 2394 23.04 -6.11 41.88
CA ARG B 2394 23.35 -4.83 41.24
C ARG B 2394 22.62 -4.66 39.91
N GLU B 2395 22.21 -5.76 39.26
CA GLU B 2395 21.38 -5.68 38.08
C GLU B 2395 20.03 -5.03 38.39
N VAL B 2396 19.63 -4.98 39.65
CA VAL B 2396 18.38 -4.34 40.06
C VAL B 2396 18.62 -2.86 40.31
N SER B 2411 24.02 -4.24 50.34
CA SER B 2411 25.09 -5.07 50.87
C SER B 2411 25.16 -6.40 50.14
N GLY B 2412 24.02 -7.07 50.01
CA GLY B 2412 23.95 -8.32 49.30
C GLY B 2412 24.64 -9.48 49.97
N ARG B 2413 24.65 -9.51 51.30
CA ARG B 2413 25.29 -10.61 52.03
C ARG B 2413 24.39 -11.83 52.04
N VAL B 2414 24.97 -12.99 51.79
CA VAL B 2414 24.20 -14.23 51.80
C VAL B 2414 23.95 -14.66 53.24
N LYS B 2415 22.70 -15.01 53.55
CA LYS B 2415 22.30 -15.41 54.90
C LYS B 2415 21.89 -16.87 54.98
N THR B 2416 20.95 -17.32 54.15
CA THR B 2416 20.47 -18.68 54.24
C THR B 2416 20.29 -19.25 52.84
N LEU B 2417 20.40 -20.58 52.75
CA LEU B 2417 20.20 -21.33 51.51
C LEU B 2417 19.15 -22.38 51.75
N CYS B 2418 18.22 -22.50 50.81
CA CYS B 2418 17.24 -23.56 50.85
C CYS B 2418 17.01 -24.09 49.43
N LEU B 2419 16.66 -25.36 49.36
CA LEU B 2419 16.44 -26.04 48.10
C LEU B 2419 15.08 -26.71 48.10
N GLN B 2420 14.43 -26.73 46.94
CA GLN B 2420 13.27 -27.57 46.71
C GLN B 2420 13.57 -28.51 45.57
N LYS B 2421 13.00 -29.72 45.64
CA LYS B 2421 13.24 -30.76 44.63
C LYS B 2421 12.79 -30.36 43.23
N ASN B 2422 12.09 -29.24 43.08
CA ASN B 2422 11.68 -28.68 41.81
C ASN B 2422 12.78 -27.87 41.14
N THR B 2423 14.04 -28.13 41.50
CA THR B 2423 15.22 -27.49 40.91
C THR B 2423 15.16 -25.97 41.02
N ALA B 2424 14.71 -25.47 42.17
CA ALA B 2424 14.77 -24.05 42.48
C ALA B 2424 15.41 -23.86 43.85
N LEU B 2425 16.60 -23.29 43.87
CA LEU B 2425 17.34 -23.06 45.09
C LEU B 2425 17.08 -21.63 45.55
N TRP B 2426 16.49 -21.49 46.74
CA TRP B 2426 16.13 -20.19 47.26
C TRP B 2426 17.31 -19.63 48.06
N ILE B 2427 17.82 -18.49 47.62
CA ILE B 2427 18.97 -17.83 48.24
C ILE B 2427 18.44 -16.63 49.02
N GLY B 2428 18.48 -16.71 50.34
CA GLY B 2428 18.06 -15.61 51.16
C GLY B 2428 19.21 -14.72 51.55
N THR B 2429 19.26 -13.52 50.98
CA THR B 2429 20.37 -12.62 51.20
C THR B 2429 20.07 -11.68 52.35
N GLY B 2430 21.07 -11.50 53.23
CA GLY B 2430 20.97 -10.65 54.39
C GLY B 2430 20.51 -9.23 54.15
N GLY B 2431 20.62 -8.77 52.90
CA GLY B 2431 20.08 -7.49 52.50
C GLY B 2431 18.59 -7.49 52.31
N GLY B 2432 17.91 -8.57 52.67
CA GLY B 2432 16.47 -8.63 52.57
C GLY B 2432 15.93 -8.96 51.20
N HIS B 2433 16.65 -9.78 50.43
CA HIS B 2433 16.21 -10.17 49.10
C HIS B 2433 16.38 -11.67 48.91
N ILE B 2434 15.38 -12.29 48.31
CA ILE B 2434 15.38 -13.72 48.06
C ILE B 2434 15.66 -13.94 46.57
N LEU B 2435 16.58 -14.85 46.27
CA LEU B 2435 16.91 -15.21 44.90
C LEU B 2435 16.36 -16.60 44.59
N LEU B 2436 15.94 -16.78 43.35
CA LEU B 2436 15.43 -18.06 42.86
C LEU B 2436 16.34 -18.53 41.73
N LEU B 2437 17.13 -19.57 41.99
CA LEU B 2437 18.06 -20.11 41.02
C LEU B 2437 17.57 -21.47 40.54
N ASP B 2438 17.61 -21.70 39.23
CA ASP B 2438 17.21 -22.98 38.65
C ASP B 2438 18.43 -23.88 38.51
N LEU B 2439 18.36 -25.08 39.11
CA LEU B 2439 19.54 -25.92 39.19
C LEU B 2439 19.96 -26.50 37.84
N SER B 2440 19.07 -26.50 36.86
CA SER B 2440 19.44 -27.04 35.56
C SER B 2440 20.32 -26.08 34.78
N THR B 2441 20.07 -24.77 34.89
CA THR B 2441 20.86 -23.77 34.18
C THR B 2441 21.66 -22.84 35.08
N ARG B 2442 21.42 -22.85 36.39
CA ARG B 2442 22.10 -21.96 37.34
C ARG B 2442 21.94 -20.49 36.96
N ARG B 2443 20.72 -20.11 36.58
CA ARG B 2443 20.38 -18.75 36.19
C ARG B 2443 19.34 -18.16 37.13
N LEU B 2444 19.12 -16.86 36.99
CA LEU B 2444 18.15 -16.16 37.81
C LEU B 2444 16.74 -16.47 37.31
N ILE B 2445 15.80 -16.54 38.24
CA ILE B 2445 14.38 -16.63 37.93
C ILE B 2445 13.66 -15.32 38.24
N ARG B 2446 13.77 -14.85 39.48
CA ARG B 2446 13.28 -13.54 39.89
C ARG B 2446 13.91 -13.20 41.22
N VAL B 2447 14.02 -11.90 41.50
CA VAL B 2447 14.54 -11.41 42.78
C VAL B 2447 13.35 -10.84 43.57
N ILE B 2448 13.15 -11.37 44.76
CA ILE B 2448 12.02 -10.98 45.61
C ILE B 2448 12.55 -10.04 46.67
N TYR B 2449 11.98 -8.84 46.76
CA TYR B 2449 12.47 -7.85 47.69
C TYR B 2449 11.29 -6.99 48.12
N ASN B 2450 11.58 -5.83 48.74
CA ASN B 2450 10.64 -4.88 49.33
C ASN B 2450 9.52 -5.58 50.11
N PHE B 2451 9.88 -6.60 50.88
CA PHE B 2451 8.97 -7.16 51.86
C PHE B 2451 9.61 -7.30 53.24
N CYS B 2452 10.94 -7.41 53.29
CA CYS B 2452 11.66 -7.24 54.54
C CYS B 2452 13.05 -6.68 54.23
N ASN B 2453 13.73 -6.22 55.28
CA ASN B 2453 15.02 -5.58 55.12
C ASN B 2453 16.19 -6.51 55.36
N SER B 2454 16.00 -7.59 56.11
CA SER B 2454 17.09 -8.52 56.39
C SER B 2454 16.50 -9.90 56.65
N VAL B 2455 16.66 -10.81 55.68
CA VAL B 2455 16.16 -12.16 55.83
C VAL B 2455 17.07 -12.92 56.79
N ARG B 2456 16.48 -13.47 57.84
CA ARG B 2456 17.28 -14.14 58.86
C ARG B 2456 17.40 -15.64 58.61
N VAL B 2457 16.26 -16.35 58.60
CA VAL B 2457 16.22 -17.78 58.35
C VAL B 2457 15.11 -18.07 57.35
N MET B 2458 15.11 -19.29 56.83
CA MET B 2458 14.15 -19.67 55.79
C MET B 2458 13.96 -21.19 55.86
N MET B 2459 12.88 -21.63 56.47
CA MET B 2459 12.56 -23.05 56.60
C MET B 2459 11.54 -23.47 55.55
N THR B 2460 11.56 -24.74 55.20
CA THR B 2460 10.47 -25.38 54.48
C THR B 2460 9.63 -26.17 55.46
N ALA B 2461 8.31 -26.02 55.36
CA ALA B 2461 7.45 -26.64 56.34
C ALA B 2461 6.11 -26.91 55.70
N GLN B 2462 5.35 -27.80 56.35
CA GLN B 2462 4.02 -28.14 55.90
C GLN B 2462 3.02 -27.64 56.94
N LEU B 2463 1.80 -27.36 56.49
CA LEU B 2463 0.75 -26.92 57.38
C LEU B 2463 -0.23 -28.06 57.62
N GLY B 2464 -1.18 -27.82 58.52
CA GLY B 2464 -2.17 -28.84 58.82
C GLY B 2464 -3.08 -29.20 57.66
N SER B 2465 -3.03 -28.44 56.56
CA SER B 2465 -3.76 -28.75 55.35
C SER B 2465 -2.94 -29.58 54.36
N LEU B 2466 -1.87 -30.21 54.83
CA LEU B 2466 -0.95 -31.03 54.04
C LEU B 2466 -0.23 -30.26 52.94
N LYS B 2467 -0.34 -28.93 52.93
CA LYS B 2467 0.31 -28.11 51.91
C LYS B 2467 1.69 -27.67 52.38
N ASN B 2468 2.66 -27.76 51.47
CA ASN B 2468 4.04 -27.39 51.77
C ASN B 2468 4.27 -25.93 51.45
N VAL B 2469 4.85 -25.20 52.42
CA VAL B 2469 5.11 -23.78 52.29
C VAL B 2469 6.55 -23.52 52.69
N MET B 2470 7.02 -22.31 52.41
CA MET B 2470 8.37 -21.91 52.81
C MET B 2470 8.29 -20.67 53.69
N LEU B 2471 8.55 -20.86 54.99
CA LEU B 2471 8.55 -19.74 55.93
C LEU B 2471 9.78 -18.89 55.75
N VAL B 2472 9.60 -17.59 55.66
CA VAL B 2472 10.72 -16.64 55.54
C VAL B 2472 10.61 -15.64 56.68
N LEU B 2473 11.44 -15.82 57.71
CA LEU B 2473 11.47 -14.89 58.83
C LEU B 2473 12.47 -13.79 58.51
N GLY B 2474 11.98 -12.57 58.30
CA GLY B 2474 12.84 -11.47 57.96
C GLY B 2474 12.77 -10.34 58.95
N TYR B 2475 13.78 -9.47 58.93
CA TYR B 2475 13.82 -8.32 59.82
C TYR B 2475 13.15 -7.12 59.17
N ASN B 2476 12.81 -6.15 60.01
CA ASN B 2476 12.24 -4.88 59.54
C ASN B 2476 12.74 -3.79 60.50
N ARG B 2477 13.86 -3.17 60.16
CA ARG B 2477 14.43 -2.11 60.97
C ARG B 2477 14.01 -0.78 60.36
N LYS B 2478 13.04 -0.12 61.00
CA LYS B 2478 12.50 1.13 60.49
C LYS B 2478 13.48 2.29 60.72
N ILE B 2489 13.70 -2.21 64.84
CA ILE B 2489 13.73 -3.63 64.53
C ILE B 2489 12.33 -4.20 64.63
N GLN B 2490 11.95 -5.00 63.64
CA GLN B 2490 10.65 -5.67 63.60
C GLN B 2490 10.83 -6.98 62.85
N SER B 2491 10.19 -8.04 63.32
CA SER B 2491 10.36 -9.37 62.75
C SER B 2491 9.06 -9.79 62.08
N CYS B 2492 9.14 -10.11 60.79
CA CYS B 2492 7.99 -10.49 59.97
C CYS B 2492 8.22 -11.86 59.36
N LEU B 2493 7.20 -12.72 59.45
CA LEU B 2493 7.28 -14.12 59.04
C LEU B 2493 6.34 -14.35 57.86
N THR B 2494 6.85 -14.26 56.65
CA THR B 2494 6.05 -14.47 55.46
C THR B 2494 6.04 -15.94 55.11
N VAL B 2495 4.87 -16.45 54.78
CA VAL B 2495 4.70 -17.85 54.45
C VAL B 2495 4.40 -17.93 52.96
N TRP B 2496 5.41 -18.28 52.16
CA TRP B 2496 5.27 -18.30 50.72
C TRP B 2496 4.74 -19.65 50.25
N ASP B 2497 3.97 -19.61 49.17
CA ASP B 2497 3.60 -20.84 48.49
C ASP B 2497 4.82 -21.45 47.84
N ILE B 2498 5.03 -22.75 48.06
CA ILE B 2498 6.22 -23.44 47.57
C ILE B 2498 6.35 -23.36 46.06
N ASN B 2499 5.28 -23.04 45.35
CA ASN B 2499 5.27 -23.00 43.90
C ASN B 2499 5.61 -21.63 43.36
N LEU B 2500 6.41 -20.85 44.08
CA LEU B 2500 6.76 -19.51 43.60
C LEU B 2500 7.46 -19.52 42.25
N PRO B 2501 8.51 -20.32 42.01
CA PRO B 2501 9.18 -20.23 40.70
C PRO B 2501 8.29 -20.61 39.54
N HIS B 2502 7.55 -21.71 39.66
CA HIS B 2502 6.62 -22.10 38.60
C HIS B 2502 5.59 -21.00 38.35
N GLU B 2503 5.14 -20.33 39.42
CA GLU B 2503 4.18 -19.25 39.25
C GLU B 2503 4.79 -18.09 38.48
N VAL B 2504 6.04 -17.74 38.77
CA VAL B 2504 6.71 -16.67 38.03
C VAL B 2504 6.76 -16.99 36.55
N GLN B 2505 7.24 -18.19 36.22
CA GLN B 2505 7.39 -18.58 34.83
C GLN B 2505 6.04 -18.65 34.12
N ASN B 2506 5.06 -19.30 34.75
CA ASN B 2506 3.75 -19.44 34.12
C ASN B 2506 3.07 -18.11 33.89
N LEU B 2507 3.12 -17.22 34.87
CA LEU B 2507 2.49 -15.92 34.73
C LEU B 2507 3.16 -15.08 33.66
N GLU B 2508 4.48 -15.19 33.54
CA GLU B 2508 5.20 -14.48 32.48
C GLU B 2508 4.73 -14.97 31.12
N LYS B 2509 4.74 -16.29 30.91
CA LYS B 2509 4.29 -16.84 29.65
C LYS B 2509 2.83 -16.51 29.38
N HIS B 2510 2.01 -16.48 30.43
CA HIS B 2510 0.59 -16.25 30.27
C HIS B 2510 0.32 -14.81 29.86
N ILE B 2511 0.98 -13.85 30.51
CA ILE B 2511 0.77 -12.45 30.15
C ILE B 2511 1.37 -12.15 28.77
N GLU B 2512 2.41 -12.89 28.37
CA GLU B 2512 2.97 -12.71 27.03
C GLU B 2512 2.02 -13.23 25.96
N VAL B 2513 1.41 -14.41 26.18
CA VAL B 2513 0.45 -14.96 25.23
C VAL B 2513 -0.73 -14.03 25.07
N ARG B 2514 -1.27 -13.51 26.17
CA ARG B 2514 -2.40 -12.59 26.11
C ARG B 2514 -2.02 -11.32 25.38
N LYS B 2515 -0.79 -10.84 25.59
CA LYS B 2515 -0.33 -9.67 24.86
C LYS B 2515 -0.27 -9.94 23.37
N GLU B 2516 0.19 -11.13 22.98
CA GLU B 2516 0.21 -11.49 21.57
C GLU B 2516 -1.19 -11.55 20.98
N LEU B 2517 -2.14 -12.13 21.72
CA LEU B 2517 -3.52 -12.20 21.25
C LEU B 2517 -4.11 -10.81 21.05
N ALA B 2518 -3.90 -9.92 22.03
CA ALA B 2518 -4.42 -8.56 21.93
C ALA B 2518 -3.78 -7.82 20.75
N GLU B 2519 -2.48 -8.04 20.53
CA GLU B 2519 -1.79 -7.39 19.43
C GLU B 2519 -2.33 -7.86 18.09
N LYS B 2520 -2.48 -9.19 17.93
CA LYS B 2520 -3.02 -9.74 16.69
C LYS B 2520 -4.44 -9.25 16.46
N MET B 2521 -5.24 -9.18 17.52
CA MET B 2521 -6.63 -8.73 17.38
C MET B 2521 -6.68 -7.27 16.96
N ARG B 2522 -5.81 -6.43 17.53
CA ARG B 2522 -5.75 -5.04 17.13
C ARG B 2522 -5.31 -4.89 15.67
N ARG B 2523 -4.39 -5.74 15.22
CA ARG B 2523 -3.91 -5.66 13.84
C ARG B 2523 -4.99 -6.03 12.84
N THR B 2524 -5.68 -7.16 13.07
CA THR B 2524 -6.70 -7.59 12.12
C THR B 2524 -7.91 -6.66 12.12
N SER B 2525 -8.19 -6.01 13.26
CA SER B 2525 -9.29 -5.05 13.29
C SER B 2525 -8.98 -3.82 12.46
N VAL B 2526 -7.74 -3.34 12.53
CA VAL B 2526 -7.35 -2.16 11.78
C VAL B 2526 -7.25 -2.47 10.30
N1 0LI C . 24.95 11.60 -26.78
N3 0LI C . 9.85 17.32 -27.35
C4 0LI C . 21.71 14.94 -25.79
C5 0LI C . 20.69 15.82 -25.23
C6 0LI C . 21.01 16.81 -24.24
C7 0LI C . 19.96 17.65 -23.73
C8 0LI C . 18.63 17.52 -24.22
C10 0LI C . 19.38 15.69 -25.70
C13 0LI C . 14.56 16.47 -25.39
C15 0LI C . 12.31 17.46 -25.59
C17 0LI C . 12.67 15.10 -26.29
C20 0LI C . 10.26 16.21 -26.48
C21 0LI C . 10.08 17.01 -28.79
C22 0LI C . 9.82 18.27 -29.64
C24 0LI C . 8.43 17.67 -27.18
C81 0LI C . 26.14 12.43 -28.84
C82 0LI C . 26.12 13.48 -29.72
C83 0LI C . 25.19 14.53 -29.53
N81 0LI C . 24.28 14.61 -28.56
N82 0LI C . 24.34 13.54 -27.71
C84 0LI C . 25.20 12.43 -27.77
C1 0LI C . 23.93 12.15 -26.08
C2 0LI C . 23.55 13.32 -26.63
C3 0LI C . 22.53 14.14 -26.16
C9 0LI C . 18.34 16.52 -25.21
C11 0LI C . 22.42 16.98 -23.71
C12 0LI C . 16.98 16.28 -25.78
O1 0LI C . 16.89 15.79 -26.89
N2 0LI C . 15.92 16.62 -25.02
C14 0LI C . 13.70 17.57 -25.22
C16 0LI C . 11.77 16.23 -26.12
C18 0LI C . 14.03 15.26 -25.91
C19 0LI C . 12.27 13.73 -26.85
F1 0LI C . 11.28 13.23 -26.16
F2 0LI C . 11.88 13.79 -28.11
F3 0LI C . 13.31 12.90 -26.80
C23 0LI C . 8.06 18.90 -28.06
C25 0LI C . 8.12 19.85 -30.33
N4 0LI C . 8.41 18.68 -29.49
PB GDP D . -22.09 55.97 -20.43
O1B GDP D . -20.74 56.59 -20.36
O2B GDP D . -22.11 54.75 -19.54
O3B GDP D . -22.37 55.59 -21.85
O3A GDP D . -23.14 57.07 -19.96
PA GDP D . -23.12 58.50 -20.68
O1A GDP D . -23.49 58.35 -22.12
O2A GDP D . -21.79 59.14 -20.53
O5' GDP D . -24.23 59.38 -19.92
C5' GDP D . -24.19 60.79 -20.08
C4' GDP D . -25.17 61.49 -19.16
O4' GDP D . -24.48 62.48 -18.40
C3' GDP D . -26.23 62.21 -19.96
O3' GDP D . -27.50 62.00 -19.36
C2' GDP D . -25.87 63.69 -19.87
O2' GDP D . -27.04 64.49 -19.68
C1' GDP D . -24.94 63.80 -18.69
N9 GDP D . -23.78 64.63 -19.04
C8 GDP D . -22.65 64.17 -19.56
N7 GDP D . -21.76 65.18 -19.75
C5 GDP D . -22.33 66.31 -19.34
C6 GDP D . -21.92 67.72 -19.28
O6 GDP D . -20.81 68.06 -19.67
N1 GDP D . -22.78 68.60 -18.79
C2 GDP D . -23.99 68.23 -18.36
N2 GDP D . -24.82 69.19 -17.88
N3 GDP D . -24.43 66.94 -18.40
C4 GDP D . -23.66 65.96 -18.87
N1 0LI E . -22.52 -15.78 26.80
N3 0LI E . -20.31 0.25 27.06
C4 0LI E . -23.73 -11.34 25.69
C5 0LI E . -24.08 -10.06 25.09
C6 0LI E . -25.12 -9.90 24.10
C7 0LI E . -25.39 -8.59 23.59
C8 0LI E . -24.66 -7.47 24.06
C10 0LI E . -23.36 -8.94 25.54
C13 0LI E . -21.79 -4.34 25.18
C15 0LI E . -21.59 -1.89 25.32
C17 0LI E . -19.69 -3.31 26.08
C20 0LI E . -19.53 -0.67 26.22
C21 0LI E . -20.18 -0.07 28.50
C22 0LI E . -21.18 0.79 29.32
C24 0LI E . -19.95 1.67 26.86
C81 0LI E . -23.81 -16.40 28.87
C82 0LI E . -24.71 -15.88 29.76
C83 0LI E . -25.17 -14.55 29.58
N81 0LI E . -24.80 -13.73 28.60
N82 0LI E . -23.89 -14.30 27.75
C84 0LI E . -23.35 -15.59 27.80
C1 0LI E . -22.50 -14.60 26.10
C2 0LI E . -23.32 -13.71 26.69
C3 0LI E . -23.57 -12.43 26.19
C9 0LI E . -23.63 -7.64 25.05
C11 0LI E . -25.92 -11.09 23.57
C12 0LI E . -22.79 -6.55 25.61
O1 0LI E . -22.31 -6.68 26.73
N2 0LI E . -22.57 -5.47 24.83
C14 0LI E . -22.34 -3.05 24.98
C16 0LI E . -20.26 -1.98 25.87
C18 0LI E . -20.48 -4.44 25.73
C19 0LI E . -18.32 -3.61 26.67
F1 0LI E . -17.38 -2.99 25.98
F2 0LI E . -18.19 -3.20 27.92
F3 0LI E . -18.08 -4.92 26.66
C23 0LI E . -20.86 2.59 27.71
C25 0LI E . -21.77 3.03 29.95
N4 0LI E . -20.87 2.21 29.15
PB GDP F . -39.00 46.54 18.70
O1B GDP F . -40.20 45.65 18.65
O2B GDP F . -37.91 45.95 17.85
O3B GDP F . -38.56 46.64 20.14
O3A GDP F . -39.46 47.98 18.19
PA GDP F . -40.74 48.66 18.88
O1A GDP F . -40.45 48.95 20.32
O2A GDP F . -41.94 47.78 18.73
O5' GDP F . -40.97 50.03 18.09
C5' GDP F . -42.24 50.66 18.21
C4' GDP F . -42.37 51.84 17.26
O4' GDP F . -43.56 51.69 16.49
C3' GDP F . -42.53 53.13 18.02
O3' GDP F . -41.71 54.14 17.41
C2' GDP F . -43.98 53.52 17.91
O2' GDP F . -44.13 54.92 17.68
C1' GDP F . -44.51 52.73 16.74
N9 GDP F . -45.81 52.12 17.07
C8 GDP F . -45.94 50.91 17.63
N7 GDP F . -47.25 50.61 17.81
C5 GDP F . -47.96 51.64 17.36
C6 GDP F . -49.40 51.94 17.27
O6 GDP F . -50.24 51.13 17.67
N1 GDP F . -49.76 53.11 16.75
C2 GDP F . -48.85 53.99 16.31
N2 GDP F . -49.29 55.16 15.79
N3 GDP F . -47.51 53.77 16.36
C4 GDP F . -47.01 52.63 16.88
#